data_8DT8
#
_entry.id   8DT8
#
_cell.length_a   1.00
_cell.length_b   1.00
_cell.length_c   1.00
_cell.angle_alpha   90.00
_cell.angle_beta   90.00
_cell.angle_gamma   90.00
#
_symmetry.space_group_name_H-M   'P 1'
#
loop_
_entity.id
_entity.type
_entity.pdbx_description
1 polymer 'Spike glycoprotein'
2 polymer 'LM18 nanobody'
3 polymer 'Nb136 nanobody'
4 non-polymer 2-acetamido-2-deoxy-beta-D-glucopyranose
#
loop_
_entity_poly.entity_id
_entity_poly.type
_entity_poly.pdbx_seq_one_letter_code
_entity_poly.pdbx_strand_id
1 'polypeptide(L)'
;MFVFLVLLPLVSSQCVNLTTRTQLPPAYTNSFTRGVYYPDKVFRSSVLHSTQDLFLPFFSNVTWFHAIHVSGTNGTKRFD
NPVLPFNDGVYFASTEKSNIIRGWIFGTTLDSKTQSLLIVNNATNVVIKVCEFQFCNDPFLGVYYHKNNKSWMESEFRVY
SSANNCTFEYVSQPFLMDLEGKQGNFKNLREFVFKNIDGYFKIYSKHTPINLVRDLPQGFSALEPLVDLPIGINITRFQT
LLALHRSYLTPGDSSSGWTAGAAAYYVGYLQPRTFLLKYNENGTITDAVDCALDPLSETKCTLKSFTVEKGIYQTSNFRV
QPTESIVRFPNITNLCPFGEVFNATRFASVYAWNRKRISNCVADYSVLYNSASFSTFKCYGVSPTKLNDLCFTNVYADSF
VIRGDEVRQIAPGQTGKIADYNYKLPDDFTGCVIAWNSNNLDSKVGGNYNYLYRLFRKSNLKPFERDISTEIYQAGSTPC
NGVEGFNCYFPLQSYGFQPTNGVGYQPYRVVVLSFELLHAPATVCGPKKSTNLVKNKCVNFNFNGLTGTGVLTESNKKFL
PFQQFGRDIADTTDAVRDPQTLEILDITPCSFGGVSVITPGTNTSNQVAVLYQDVNCTEVPVAIHADQLTPTWRVYSTGS
NVFQTRAGCLIGAEHVNNSYECDIPIGAGICASYQTQTNSPGSASSVASQSIIAYTMSLGAENSCAYSNNSIAIPTNFTI
SVTTEILPVSMTKTSVDCTMYICGDSTECSNLLLQYGSFCTQLNRALTGIAVEQDKNTQEVFAQVKQIYKTPPIKDFGGF
NFSQILPDPSKPSKRSPIEDLLFNKVTLADAGFIKQYGDCLGDIAARDLICAQKFNGLTVLPPLLTDEMIAQYTSALLAG
TICSGWTFGAGPALQIPFPMQMAYRFNGIGVTQNVLYENQKLIANQFNSAIGKIQDSLSSTPSALGKLQDVVNQNAQALN
TLVKQLSSNFGAISSVLNDILSRLDPPEAEVQIDRLITGRLQSLQTYVTQQLIRAAEIRASANLAATKMSECVLGQSKRV
DFCGKGYHLMSFPQSAPHGVVFLHVTYVPAQEKNFTTAPAICHDGKAHFPREGVFVSNGTHWFVTQRNFYEPQIITTDNT
FVSGNCDVVIGIVNNTVYDPLQPELDSFKEELDKYFKNHTSPDVDLGDISGINASVVNIQKEIDRLNEVAKNLNESLIDL
QELGKYEQGSGYIPEAPRDGQAYVRKDGEWVLLSTFLGRSLEVLFQGPGSAWSHPQFEKGGGSGGGGSGGSAWSHPQFEK
;
A,C,B
2 'polypeptide(L)'
;EVQLQESGGGLVQPGGSLRLSCAASGFTFSSYALGWYRQAPGKEREWVCAISGSGGSTYYADSVKGRFTCSRDNSKNTLY
LQMNSLKPEDTAVYYCARVYQFYGARDYGYPYDFDYWGQGTQVTVSS
;
H
3 'polypeptide(L)'
;EVQLQESGGGLVQPGGSLRLSCAASGFTFSSYAMGWYRQAPGKEREWVCAISGSGGSTYYADSVKGRFTCSRDNSKNTLY
LQMNSLKPEDTAVYYCARYGGPYDPTDSTYAFDYWGQGTQVTVSS
;
D
#
loop_
_chem_comp.id
_chem_comp.type
_chem_comp.name
_chem_comp.formula
NAG D-saccharide, beta linking 2-acetamido-2-deoxy-beta-D-glucopyranose 'C8 H15 N O6'
#
# COMPACT_ATOMS: atom_id res chain seq x y z
N ALA A 27 20.95 -28.33 44.85
CA ALA A 27 22.25 -28.22 44.19
C ALA A 27 22.07 -27.70 42.76
N TYR A 28 22.25 -26.38 42.59
CA TYR A 28 22.12 -25.74 41.29
C TYR A 28 23.31 -24.81 41.07
N THR A 29 23.67 -24.61 39.80
CA THR A 29 24.71 -23.67 39.40
C THR A 29 24.18 -22.72 38.32
N ASN A 30 25.07 -21.81 37.92
CA ASN A 30 24.79 -20.72 36.98
C ASN A 30 25.33 -21.10 35.60
N SER A 31 24.43 -21.22 34.62
CA SER A 31 24.82 -21.61 33.27
C SER A 31 25.68 -20.57 32.57
N PHE A 32 25.68 -19.31 33.04
CA PHE A 32 26.41 -18.22 32.41
C PHE A 32 26.16 -18.17 30.90
N THR A 33 27.19 -18.36 30.07
CA THR A 33 27.10 -18.26 28.61
C THR A 33 27.34 -19.60 27.92
N ARG A 34 27.20 -20.70 28.66
CA ARG A 34 27.44 -22.04 28.12
C ARG A 34 26.20 -22.55 27.38
N GLY A 35 26.42 -23.58 26.57
CA GLY A 35 25.35 -24.28 25.90
C GLY A 35 25.11 -23.89 24.46
N VAL A 36 25.97 -23.07 23.87
CA VAL A 36 25.87 -22.68 22.47
C VAL A 36 26.63 -23.69 21.63
N TYR A 37 26.04 -24.06 20.49
CA TYR A 37 26.61 -25.00 19.54
C TYR A 37 26.49 -24.39 18.15
N TYR A 38 27.33 -24.86 17.24
CA TYR A 38 27.25 -24.37 15.86
C TYR A 38 25.96 -24.93 15.27
N PRO A 39 24.93 -24.12 14.98
CA PRO A 39 23.65 -24.71 14.56
C PRO A 39 23.68 -25.42 13.22
N ASP A 40 24.70 -25.21 12.38
CA ASP A 40 24.66 -25.79 11.04
C ASP A 40 26.07 -26.05 10.53
N LYS A 41 26.12 -26.60 9.32
CA LYS A 41 27.32 -26.91 8.55
C LYS A 41 27.67 -25.82 7.56
N VAL A 42 27.02 -24.65 7.66
CA VAL A 42 27.24 -23.53 6.76
C VAL A 42 28.12 -22.49 7.45
N PHE A 43 29.30 -22.34 6.88
CA PHE A 43 30.38 -21.49 7.38
C PHE A 43 30.08 -20.00 7.25
N ARG A 44 30.38 -19.26 8.30
CA ARG A 44 30.23 -17.80 8.32
C ARG A 44 31.52 -17.24 8.91
N SER A 45 31.91 -16.03 8.48
CA SER A 45 33.10 -15.41 9.04
C SER A 45 32.98 -13.90 9.17
N SER A 46 33.30 -13.39 10.36
CA SER A 46 33.23 -11.98 10.72
C SER A 46 31.87 -11.35 10.41
N VAL A 47 30.80 -12.10 10.70
CA VAL A 47 29.43 -11.64 10.51
C VAL A 47 28.67 -11.98 11.78
N LEU A 48 27.50 -11.38 11.94
CA LEU A 48 26.57 -11.78 12.99
C LEU A 48 25.43 -12.53 12.33
N HIS A 49 24.84 -13.47 13.05
CA HIS A 49 23.78 -14.29 12.47
C HIS A 49 22.70 -14.53 13.51
N SER A 50 21.45 -14.21 13.16
CA SER A 50 20.30 -14.44 14.03
C SER A 50 19.64 -15.77 13.70
N THR A 51 19.56 -16.66 14.70
CA THR A 51 19.01 -18.00 14.52
C THR A 51 17.96 -18.30 15.58
N GLN A 52 16.90 -19.02 15.16
CA GLN A 52 15.83 -19.46 16.05
C GLN A 52 15.95 -20.97 16.17
N ASP A 53 16.37 -21.45 17.33
CA ASP A 53 16.60 -22.89 17.48
C ASP A 53 16.49 -23.24 18.96
N LEU A 54 16.70 -24.52 19.26
CA LEU A 54 16.65 -25.04 20.62
C LEU A 54 18.00 -24.86 21.30
N PHE A 55 18.07 -23.98 22.30
CA PHE A 55 19.34 -23.66 22.97
C PHE A 55 19.13 -23.57 24.47
N LEU A 56 20.24 -23.66 25.19
CA LEU A 56 20.22 -23.49 26.64
C LEU A 56 20.01 -22.02 26.96
N PRO A 57 19.01 -21.65 27.79
CA PRO A 57 18.90 -20.23 28.17
C PRO A 57 20.12 -19.80 28.96
N PHE A 58 20.49 -18.53 28.82
CA PHE A 58 21.61 -17.99 29.57
C PHE A 58 21.22 -17.71 31.01
N PHE A 59 22.20 -17.91 31.90
CA PHE A 59 22.03 -17.69 33.33
C PHE A 59 20.91 -18.54 33.91
N SER A 60 20.77 -19.76 33.40
CA SER A 60 19.75 -20.69 33.88
C SER A 60 20.27 -21.43 35.10
N ASN A 61 19.35 -22.08 35.82
CA ASN A 61 19.71 -22.89 36.98
C ASN A 61 19.96 -24.33 36.50
N VAL A 62 21.23 -24.74 36.51
CA VAL A 62 21.64 -26.04 36.00
C VAL A 62 21.78 -26.98 37.19
N THR A 63 21.18 -28.16 37.12
CA THR A 63 21.24 -29.04 38.27
C THR A 63 22.66 -29.57 38.41
N TRP A 64 23.21 -29.47 39.62
CA TRP A 64 24.57 -29.91 39.94
C TRP A 64 24.58 -31.26 40.62
N PHE A 65 25.23 -32.25 40.00
CA PHE A 65 25.34 -33.60 40.52
C PHE A 65 26.77 -33.83 40.95
N HIS A 66 26.94 -34.38 42.15
CA HIS A 66 28.24 -34.65 42.74
C HIS A 66 28.14 -35.75 43.78
N PHE A 79 28.99 -41.74 43.08
CA PHE A 79 28.53 -40.57 43.82
C PHE A 79 27.01 -40.32 43.68
N ASP A 80 26.48 -40.32 42.46
CA ASP A 80 25.05 -40.07 42.30
C ASP A 80 24.62 -40.44 40.88
N ASN A 81 23.75 -41.45 40.77
CA ASN A 81 23.30 -42.02 39.50
C ASN A 81 21.79 -41.96 39.30
N PRO A 82 21.19 -40.77 39.31
CA PRO A 82 19.73 -40.68 39.12
C PRO A 82 19.35 -40.83 37.66
N VAL A 83 18.08 -41.17 37.44
CA VAL A 83 17.47 -41.07 36.11
C VAL A 83 16.88 -39.68 36.00
N LEU A 84 17.26 -38.94 34.95
CA LEU A 84 16.82 -37.56 34.79
C LEU A 84 15.86 -37.40 33.61
N PRO A 85 14.96 -36.42 33.63
CA PRO A 85 14.11 -36.17 32.46
C PRO A 85 14.94 -35.65 31.29
N PHE A 86 14.46 -35.92 30.07
CA PHE A 86 15.12 -35.42 28.87
C PHE A 86 14.48 -34.14 28.32
N ASN A 87 13.17 -34.00 28.46
CA ASN A 87 12.38 -32.88 27.93
C ASN A 87 12.61 -32.74 26.43
N ASP A 88 13.03 -31.57 25.92
CA ASP A 88 13.25 -31.33 24.50
C ASP A 88 14.66 -31.69 24.07
N GLY A 89 15.61 -31.55 24.98
CA GLY A 89 17.00 -31.81 24.71
C GLY A 89 17.74 -31.50 26.00
N VAL A 90 18.97 -32.01 26.08
CA VAL A 90 19.74 -31.93 27.31
C VAL A 90 21.11 -31.30 27.07
N TYR A 91 21.45 -30.35 27.94
CA TYR A 91 22.79 -29.79 28.01
C TYR A 91 23.48 -30.53 29.13
N PHE A 92 24.60 -31.17 28.82
CA PHE A 92 25.33 -31.96 29.80
C PHE A 92 26.74 -31.42 29.82
N ALA A 93 27.31 -31.31 31.01
CA ALA A 93 28.72 -30.95 31.11
C ALA A 93 29.27 -31.68 32.30
N SER A 94 30.56 -31.98 32.25
CA SER A 94 31.20 -32.62 33.38
C SER A 94 32.62 -32.14 33.53
N THR A 95 33.13 -32.26 34.76
CA THR A 95 34.48 -31.85 35.09
C THR A 95 35.11 -33.00 35.86
N GLU A 96 36.31 -33.40 35.44
CA GLU A 96 37.00 -34.48 36.13
C GLU A 96 38.41 -34.65 35.57
N LYS A 97 39.23 -35.36 36.35
CA LYS A 97 40.53 -35.86 35.92
C LYS A 97 40.65 -37.37 36.08
N SER A 98 39.62 -38.05 36.59
CA SER A 98 39.66 -39.47 36.88
C SER A 98 38.94 -40.35 35.86
N ASN A 99 38.31 -39.76 34.83
CA ASN A 99 37.56 -40.52 33.83
C ASN A 99 36.50 -41.43 34.46
N ILE A 100 35.81 -40.90 35.47
CA ILE A 100 34.73 -41.64 36.14
C ILE A 100 33.49 -41.67 35.26
N ILE A 101 33.17 -40.56 34.60
CA ILE A 101 31.95 -40.47 33.80
C ILE A 101 32.27 -41.08 32.45
N ARG A 102 31.65 -42.24 32.16
CA ARG A 102 31.95 -43.03 30.98
C ARG A 102 30.81 -43.16 29.98
N GLY A 103 29.56 -42.84 30.31
CA GLY A 103 28.56 -43.05 29.27
C GLY A 103 27.18 -42.57 29.65
N TRP A 104 26.28 -42.78 28.70
CA TRP A 104 24.89 -42.38 28.85
C TRP A 104 24.01 -43.45 28.20
N ILE A 105 22.82 -43.67 28.76
CA ILE A 105 21.81 -44.47 28.07
C ILE A 105 20.50 -43.68 27.98
N PHE A 106 19.97 -43.61 26.76
CA PHE A 106 18.76 -42.91 26.42
C PHE A 106 17.70 -43.95 26.08
N GLY A 107 16.53 -43.80 26.67
CA GLY A 107 15.39 -44.68 26.49
C GLY A 107 14.36 -44.43 27.57
N THR A 108 13.12 -44.88 27.32
CA THR A 108 12.01 -44.59 28.21
C THR A 108 11.45 -45.76 29.00
N THR A 109 11.57 -47.00 28.52
CA THR A 109 10.99 -48.13 29.23
C THR A 109 12.03 -48.98 29.95
N LEU A 110 13.28 -48.94 29.49
CA LEU A 110 14.42 -49.59 30.13
C LEU A 110 14.07 -51.03 30.54
N ASP A 111 13.58 -51.81 29.56
CA ASP A 111 13.26 -53.20 29.82
C ASP A 111 13.39 -54.11 28.59
N SER A 112 14.09 -53.67 27.55
CA SER A 112 14.35 -54.37 26.29
C SER A 112 13.14 -54.37 25.34
N LYS A 113 12.03 -53.70 25.70
CA LYS A 113 10.86 -53.71 24.82
C LYS A 113 11.13 -53.06 23.47
N THR A 114 11.83 -51.93 23.46
CA THR A 114 12.17 -51.20 22.25
C THR A 114 13.64 -50.82 22.28
N GLN A 115 14.35 -51.11 21.19
CA GLN A 115 15.79 -50.84 21.14
C GLN A 115 16.01 -49.32 21.26
N SER A 116 16.96 -48.91 22.11
CA SER A 116 17.28 -47.49 22.28
C SER A 116 18.80 -47.30 22.43
N LEU A 117 19.22 -46.05 22.70
CA LEU A 117 20.64 -45.67 22.61
C LEU A 117 21.48 -45.93 23.86
N LEU A 118 22.62 -46.59 23.67
CA LEU A 118 23.67 -46.76 24.68
C LEU A 118 24.99 -46.23 24.15
N ILE A 119 25.61 -45.30 24.89
CA ILE A 119 26.94 -44.75 24.58
C ILE A 119 27.84 -45.14 25.74
N VAL A 120 28.86 -45.98 25.48
CA VAL A 120 29.79 -46.39 26.55
C VAL A 120 31.25 -46.22 26.10
N ASN A 121 32.03 -45.51 26.91
CA ASN A 121 33.47 -45.33 26.75
C ASN A 121 34.17 -46.40 27.61
N ASN A 122 34.84 -47.35 26.97
CA ASN A 122 35.46 -48.48 27.65
C ASN A 122 36.98 -48.30 27.86
N ALA A 123 37.46 -47.06 27.82
CA ALA A 123 38.85 -46.63 28.03
C ALA A 123 39.74 -46.93 26.84
N THR A 124 39.58 -48.10 26.22
CA THR A 124 40.36 -48.48 25.04
C THR A 124 39.54 -48.35 23.77
N ASN A 125 38.21 -48.22 23.88
CA ASN A 125 37.30 -48.13 22.76
C ASN A 125 36.05 -47.40 23.23
N VAL A 126 35.33 -46.81 22.28
CA VAL A 126 34.03 -46.18 22.52
C VAL A 126 33.03 -46.91 21.64
N VAL A 127 31.97 -47.43 22.25
CA VAL A 127 30.96 -48.22 21.56
C VAL A 127 29.61 -47.52 21.62
N ILE A 128 29.03 -47.30 20.44
CA ILE A 128 27.74 -46.66 20.25
C ILE A 128 26.80 -47.75 19.76
N LYS A 129 25.71 -48.00 20.50
CA LYS A 129 24.73 -49.01 20.11
C LYS A 129 23.33 -48.42 20.26
N VAL A 130 22.44 -48.81 19.36
CA VAL A 130 21.02 -48.46 19.51
C VAL A 130 20.37 -49.75 20.02
N CYS A 131 20.99 -50.39 21.01
CA CYS A 131 20.52 -51.63 21.61
C CYS A 131 20.00 -51.42 23.03
N GLU A 132 18.77 -51.86 23.31
CA GLU A 132 18.15 -51.67 24.62
C GLU A 132 18.37 -52.91 25.47
N PHE A 133 18.56 -52.71 26.76
CA PHE A 133 18.73 -53.80 27.72
C PHE A 133 18.06 -53.45 29.03
N GLN A 134 17.68 -54.49 29.77
CA GLN A 134 17.15 -54.32 31.11
C GLN A 134 18.32 -54.07 32.06
N PHE A 135 18.15 -53.09 32.95
CA PHE A 135 19.24 -52.68 33.83
C PHE A 135 18.71 -52.19 35.18
N CYS A 136 19.35 -52.68 36.23
CA CYS A 136 19.08 -52.31 37.62
C CYS A 136 19.18 -50.81 37.84
N ASN A 137 18.56 -50.37 38.94
CA ASN A 137 18.54 -48.95 39.32
C ASN A 137 19.94 -48.33 39.27
N ASP A 138 20.89 -48.93 40.00
CA ASP A 138 22.30 -48.53 40.08
C ASP A 138 23.16 -49.26 39.04
N PRO A 139 23.37 -48.73 37.80
CA PRO A 139 24.22 -49.45 36.84
C PRO A 139 25.64 -48.91 36.78
N PHE A 140 26.66 -49.77 36.87
CA PHE A 140 28.04 -49.28 36.89
C PHE A 140 28.94 -50.07 35.95
N LEU A 141 29.99 -49.37 35.54
CA LEU A 141 31.14 -49.85 34.81
C LEU A 141 32.30 -49.82 35.80
N GLY A 142 33.24 -50.75 35.72
CA GLY A 142 34.40 -50.71 36.59
C GLY A 142 35.62 -50.15 35.89
N VAL A 143 36.48 -49.47 36.66
CA VAL A 143 37.72 -48.91 36.14
C VAL A 143 38.84 -49.07 37.16
N MET A 153 41.44 -53.22 34.45
CA MET A 153 41.07 -53.28 35.86
C MET A 153 39.58 -52.99 36.04
N GLU A 154 38.74 -53.99 35.81
CA GLU A 154 37.30 -53.87 35.96
C GLU A 154 36.82 -54.92 36.95
N SER A 155 35.96 -54.52 37.88
CA SER A 155 35.40 -55.48 38.82
C SER A 155 34.28 -56.28 38.17
N GLU A 156 33.21 -55.60 37.76
CA GLU A 156 32.13 -56.22 37.02
C GLU A 156 31.45 -55.19 36.13
N PHE A 157 31.02 -55.64 34.96
CA PHE A 157 30.24 -54.84 34.02
C PHE A 157 28.77 -55.12 34.33
N ARG A 158 28.06 -54.15 34.93
CA ARG A 158 26.69 -54.37 35.42
C ARG A 158 25.62 -53.58 34.69
N VAL A 159 25.89 -53.05 33.49
CA VAL A 159 24.81 -52.34 32.81
C VAL A 159 23.87 -53.32 32.11
N TYR A 160 24.41 -54.34 31.43
CA TYR A 160 23.56 -55.31 30.73
C TYR A 160 23.22 -56.50 31.62
N SER A 161 21.94 -56.66 31.94
CA SER A 161 21.52 -57.82 32.71
C SER A 161 21.33 -59.03 31.79
N SER A 162 21.08 -58.78 30.51
CA SER A 162 20.90 -59.80 29.49
C SER A 162 21.20 -59.17 28.13
N ALA A 163 21.52 -60.03 27.15
CA ALA A 163 21.73 -59.58 25.79
C ALA A 163 20.38 -59.34 25.11
N ASN A 164 20.41 -58.52 24.04
CA ASN A 164 19.20 -58.26 23.26
C ASN A 164 19.57 -58.20 21.77
N ASN A 165 18.55 -58.02 20.94
CA ASN A 165 18.74 -57.78 19.51
C ASN A 165 19.13 -56.34 19.27
N CYS A 166 20.19 -56.12 18.50
CA CYS A 166 20.70 -54.79 18.21
C CYS A 166 20.38 -54.41 16.78
N THR A 167 20.16 -53.11 16.55
CA THR A 167 19.90 -52.57 15.22
C THR A 167 21.02 -51.70 14.68
N PHE A 168 21.89 -51.17 15.54
CA PHE A 168 22.99 -50.32 15.12
C PHE A 168 24.18 -50.56 16.05
N GLU A 169 25.37 -50.60 15.46
CA GLU A 169 26.61 -50.65 16.24
C GLU A 169 27.68 -49.87 15.51
N TYR A 170 28.42 -49.05 16.27
CA TYR A 170 29.54 -48.28 15.76
C TYR A 170 30.62 -48.27 16.84
N VAL A 171 31.88 -48.41 16.42
CA VAL A 171 33.02 -48.42 17.33
C VAL A 171 34.01 -47.35 16.88
N SER A 172 34.50 -46.56 17.84
CA SER A 172 35.46 -45.50 17.58
C SER A 172 36.50 -45.51 18.71
N GLN A 173 37.50 -44.58 18.60
CA GLN A 173 38.55 -44.50 19.61
C GLN A 173 38.16 -43.50 20.70
N PRO A 174 38.63 -43.69 21.94
CA PRO A 174 38.38 -42.68 22.98
C PRO A 174 39.24 -41.43 22.83
N PHE A 175 38.63 -40.29 23.12
CA PHE A 175 39.28 -38.99 23.05
C PHE A 175 38.79 -38.10 24.19
N ASN A 185 42.32 -30.61 42.33
CA ASN A 185 41.15 -29.95 41.77
C ASN A 185 40.62 -30.78 40.59
N PHE A 186 40.45 -30.19 39.40
CA PHE A 186 39.97 -30.90 38.22
C PHE A 186 40.86 -30.48 37.05
N LYS A 187 41.03 -31.38 36.07
CA LYS A 187 41.87 -31.06 34.92
C LYS A 187 41.13 -30.76 33.62
N ASN A 188 39.94 -31.31 33.39
CA ASN A 188 39.26 -31.11 32.11
C ASN A 188 37.76 -30.94 32.28
N LEU A 189 37.20 -30.10 31.41
CA LEU A 189 35.75 -29.91 31.28
C LEU A 189 35.32 -30.52 29.95
N ARG A 190 34.26 -31.32 29.96
CA ARG A 190 33.70 -31.96 28.77
C ARG A 190 32.25 -31.55 28.62
N GLU A 191 31.93 -30.77 27.59
CA GLU A 191 30.59 -30.23 27.37
C GLU A 191 29.95 -30.95 26.19
N PHE A 192 28.67 -31.30 26.35
CA PHE A 192 27.89 -31.99 25.33
C PHE A 192 26.48 -31.41 25.25
N VAL A 193 25.93 -31.37 24.05
CA VAL A 193 24.51 -31.09 23.80
C VAL A 193 23.91 -32.29 23.08
N PHE A 194 22.85 -32.85 23.66
CA PHE A 194 22.14 -34.02 23.14
C PHE A 194 20.75 -33.58 22.71
N LYS A 195 20.42 -33.75 21.41
CA LYS A 195 19.11 -33.33 20.93
C LYS A 195 18.53 -34.35 19.97
N ASN A 196 17.19 -34.37 19.88
CA ASN A 196 16.43 -35.18 18.95
C ASN A 196 15.56 -34.27 18.09
N ILE A 197 15.91 -34.12 16.81
CA ILE A 197 15.21 -33.22 15.90
C ILE A 197 14.69 -34.02 14.71
N ASP A 198 13.37 -34.00 14.52
CA ASP A 198 12.67 -34.70 13.44
C ASP A 198 13.04 -36.18 13.36
N GLY A 199 13.23 -36.80 14.51
CA GLY A 199 13.57 -38.21 14.58
C GLY A 199 15.05 -38.52 14.59
N TYR A 200 15.91 -37.55 14.30
CA TYR A 200 17.36 -37.76 14.25
C TYR A 200 18.01 -37.29 15.55
N PHE A 201 18.81 -38.17 16.13
CA PHE A 201 19.55 -37.89 17.35
C PHE A 201 20.90 -37.29 16.99
N LYS A 202 21.22 -36.13 17.57
CA LYS A 202 22.47 -35.45 17.28
C LYS A 202 23.20 -35.13 18.58
N ILE A 203 24.53 -35.16 18.50
CA ILE A 203 25.39 -34.78 19.63
C ILE A 203 26.38 -33.75 19.12
N TYR A 204 26.54 -32.68 19.91
CA TYR A 204 27.53 -31.63 19.73
C TYR A 204 28.42 -31.69 20.95
N SER A 205 29.73 -31.46 20.80
CA SER A 205 30.59 -31.50 21.99
C SER A 205 31.84 -30.65 21.86
N LYS A 206 32.45 -30.37 23.01
CA LYS A 206 33.73 -29.69 23.10
C LYS A 206 34.40 -30.01 24.43
N HIS A 207 35.70 -30.31 24.39
CA HIS A 207 36.49 -30.57 25.59
C HIS A 207 37.52 -29.46 25.76
N THR A 208 37.78 -29.06 27.01
CA THR A 208 38.79 -28.03 27.27
C THR A 208 39.50 -28.17 28.62
N PRO A 209 40.82 -27.98 28.70
CA PRO A 209 41.48 -28.03 30.02
C PRO A 209 41.10 -26.83 30.87
N ILE A 210 40.80 -27.07 32.15
CA ILE A 210 40.46 -25.98 33.07
C ILE A 210 40.42 -26.49 34.51
N ASN A 211 40.96 -25.71 35.43
CA ASN A 211 40.93 -25.98 36.88
C ASN A 211 39.81 -25.18 37.54
N LEU A 212 38.70 -25.85 37.85
CA LEU A 212 37.52 -25.24 38.44
C LEU A 212 37.13 -25.98 39.72
N VAL A 213 36.37 -25.30 40.58
CA VAL A 213 35.81 -25.94 41.78
C VAL A 213 34.30 -25.71 41.82
N ARG A 214 33.55 -26.81 41.93
CA ARG A 214 32.10 -26.86 42.12
C ARG A 214 31.23 -26.30 41.00
N ASP A 215 31.48 -25.05 40.62
CA ASP A 215 30.64 -24.34 39.65
C ASP A 215 31.06 -24.58 38.21
N LEU A 216 30.11 -24.35 37.31
CA LEU A 216 30.42 -24.31 35.88
C LEU A 216 31.37 -23.12 35.68
N PRO A 217 32.46 -23.28 34.93
CA PRO A 217 33.32 -22.11 34.69
C PRO A 217 32.59 -21.05 33.89
N GLN A 218 32.95 -19.79 34.15
CA GLN A 218 32.41 -18.69 33.37
C GLN A 218 33.28 -18.49 32.15
N GLY A 219 32.64 -18.28 31.01
CA GLY A 219 33.35 -18.05 29.77
C GLY A 219 32.43 -18.44 28.63
N PHE A 220 32.97 -18.35 27.42
CA PHE A 220 32.19 -18.68 26.23
C PHE A 220 33.02 -19.49 25.25
N SER A 221 32.38 -20.52 24.71
CA SER A 221 32.89 -21.36 23.64
C SER A 221 31.67 -21.99 23.00
N ALA A 222 31.82 -22.47 21.76
CA ALA A 222 30.73 -23.18 21.10
C ALA A 222 31.12 -24.62 20.83
N LEU A 223 30.11 -25.49 20.91
CA LEU A 223 30.29 -26.92 20.70
C LEU A 223 30.19 -27.24 19.21
N GLU A 224 30.97 -28.26 18.77
CA GLU A 224 30.97 -28.61 17.35
C GLU A 224 30.17 -29.90 17.14
N PRO A 225 29.49 -30.06 16.00
CA PRO A 225 28.76 -31.31 15.74
C PRO A 225 29.64 -32.55 15.87
N LEU A 226 29.11 -33.59 16.51
CA LEU A 226 29.87 -34.83 16.70
C LEU A 226 29.17 -36.00 16.02
N VAL A 227 27.92 -36.32 16.33
CA VAL A 227 27.24 -37.44 15.66
C VAL A 227 25.85 -37.04 15.21
N ASP A 228 25.32 -37.86 14.29
CA ASP A 228 23.96 -37.76 13.76
C ASP A 228 23.47 -39.17 13.45
N LEU A 229 22.57 -39.72 14.27
CA LEU A 229 22.10 -41.10 14.14
C LEU A 229 20.60 -41.14 13.89
N PRO A 230 20.09 -41.90 12.86
CA PRO A 230 18.64 -42.03 12.67
C PRO A 230 17.97 -42.92 13.71
N ILE A 231 18.11 -42.61 15.00
CA ILE A 231 17.55 -43.45 16.04
C ILE A 231 16.02 -43.43 15.98
N GLY A 232 15.42 -42.25 15.92
CA GLY A 232 13.98 -42.12 15.87
C GLY A 232 13.23 -42.83 16.99
N ILE A 233 13.60 -42.53 18.23
CA ILE A 233 12.97 -43.08 19.42
C ILE A 233 12.67 -41.92 20.36
N ASN A 234 11.43 -41.85 20.86
CA ASN A 234 11.02 -40.78 21.75
C ASN A 234 11.72 -40.92 23.09
N ILE A 235 12.71 -40.06 23.35
CA ILE A 235 13.49 -40.09 24.59
C ILE A 235 12.94 -39.02 25.53
N THR A 236 12.42 -39.48 26.68
CA THR A 236 11.85 -38.60 27.69
C THR A 236 12.71 -38.52 28.94
N ARG A 237 13.62 -39.48 29.14
CA ARG A 237 14.48 -39.52 30.30
C ARG A 237 15.73 -40.31 29.93
N PHE A 238 16.80 -40.13 30.71
CA PHE A 238 18.03 -40.86 30.46
C PHE A 238 18.77 -41.11 31.77
N GLN A 239 19.65 -42.11 31.73
CA GLN A 239 20.50 -42.50 32.85
C GLN A 239 21.96 -42.22 32.52
N THR A 240 22.64 -41.51 33.42
CA THR A 240 24.07 -41.25 33.29
C THR A 240 24.80 -42.46 33.86
N LEU A 241 25.81 -42.97 33.12
CA LEU A 241 26.56 -44.15 33.51
C LEU A 241 27.93 -43.70 34.00
N LEU A 242 28.15 -43.87 35.30
CA LEU A 242 29.36 -43.54 36.04
C LEU A 242 30.16 -44.81 36.27
N ALA A 243 31.48 -44.66 36.45
CA ALA A 243 32.32 -45.80 36.76
C ALA A 243 32.72 -45.87 38.24
N LEU A 244 33.01 -47.10 38.67
CA LEU A 244 33.48 -47.42 40.01
C LEU A 244 35.01 -47.47 39.98
N HIS A 245 35.65 -46.66 40.81
CA HIS A 245 37.11 -46.63 40.83
C HIS A 245 37.65 -47.93 41.41
N ARG A 246 38.70 -48.45 40.76
CA ARG A 246 39.38 -49.67 41.20
C ARG A 246 40.89 -49.47 41.08
N SER A 247 41.61 -49.96 42.08
CA SER A 247 43.07 -49.88 42.09
C SER A 247 43.69 -51.17 41.60
N ALA A 263 34.49 -37.17 40.20
CA ALA A 263 33.99 -36.43 39.04
C ALA A 263 32.68 -35.73 39.38
N ALA A 264 32.41 -34.62 38.70
CA ALA A 264 31.19 -33.84 38.92
C ALA A 264 30.54 -33.56 37.58
N TYR A 265 29.21 -33.40 37.57
CA TYR A 265 28.57 -33.06 36.30
C TYR A 265 27.37 -32.17 36.55
N TYR A 266 26.95 -31.50 35.48
CA TYR A 266 25.88 -30.53 35.49
C TYR A 266 24.92 -30.92 34.38
N VAL A 267 23.62 -30.84 34.64
CA VAL A 267 22.60 -31.14 33.64
C VAL A 267 21.61 -29.98 33.55
N GLY A 268 21.46 -29.42 32.35
CA GLY A 268 20.53 -28.35 32.07
C GLY A 268 19.61 -28.81 30.95
N TYR A 269 18.64 -27.95 30.62
CA TYR A 269 17.67 -28.24 29.58
C TYR A 269 17.56 -27.10 28.59
N LEU A 270 17.28 -27.47 27.34
CA LEU A 270 17.17 -26.52 26.25
C LEU A 270 15.74 -26.05 26.11
N GLN A 271 15.58 -24.83 25.62
CA GLN A 271 14.28 -24.23 25.34
C GLN A 271 14.36 -23.57 23.97
N PRO A 272 13.23 -23.45 23.25
CA PRO A 272 13.27 -22.64 22.02
C PRO A 272 13.72 -21.24 22.36
N ARG A 273 14.71 -20.75 21.63
CA ARG A 273 15.23 -19.41 21.85
C ARG A 273 15.78 -18.86 20.55
N THR A 274 15.83 -17.54 20.46
CA THR A 274 16.47 -16.86 19.36
C THR A 274 17.77 -16.29 19.90
N PHE A 275 18.86 -16.56 19.20
CA PHE A 275 20.18 -16.05 19.54
C PHE A 275 20.80 -15.31 18.38
N LEU A 276 21.54 -14.25 18.70
CA LEU A 276 22.39 -13.57 17.74
C LEU A 276 23.81 -14.04 18.05
N LEU A 277 24.45 -14.69 17.09
CA LEU A 277 25.78 -15.26 17.25
C LEU A 277 26.80 -14.40 16.53
N LYS A 278 27.98 -14.24 17.14
CA LYS A 278 29.09 -13.48 16.55
C LYS A 278 30.18 -14.43 16.07
N TYR A 279 30.49 -14.38 14.78
CA TYR A 279 31.51 -15.23 14.16
C TYR A 279 32.85 -14.51 14.08
N ASN A 280 33.93 -15.28 14.22
CA ASN A 280 35.30 -14.80 14.14
C ASN A 280 35.82 -14.79 12.70
N GLU A 281 37.07 -14.34 12.54
CA GLU A 281 37.72 -14.31 11.22
C GLU A 281 37.90 -15.71 10.66
N ASN A 282 37.99 -16.72 11.53
CA ASN A 282 38.15 -18.11 11.13
C ASN A 282 36.84 -18.89 11.28
N GLY A 283 35.74 -18.18 11.50
CA GLY A 283 34.41 -18.72 11.63
C GLY A 283 34.07 -19.36 12.94
N THR A 284 34.81 -19.06 14.00
CA THR A 284 34.44 -19.62 15.29
C THR A 284 33.38 -18.71 15.85
N ILE A 285 32.62 -19.18 16.83
CA ILE A 285 31.67 -18.31 17.51
C ILE A 285 32.38 -17.74 18.73
N THR A 286 32.44 -16.42 18.81
CA THR A 286 33.16 -15.75 19.90
C THR A 286 32.22 -15.23 20.98
N ASP A 287 30.97 -14.95 20.62
CA ASP A 287 29.99 -14.49 21.58
C ASP A 287 28.61 -14.85 21.07
N ALA A 288 27.62 -14.59 21.90
CA ALA A 288 26.22 -14.81 21.56
C ALA A 288 25.39 -14.02 22.55
N VAL A 289 24.23 -13.55 22.09
CA VAL A 289 23.27 -12.90 22.97
C VAL A 289 21.91 -13.61 22.83
N ASP A 290 21.33 -13.93 23.98
CA ASP A 290 20.03 -14.59 24.13
C ASP A 290 18.96 -13.52 24.00
N CYS A 291 18.22 -13.54 22.90
CA CYS A 291 17.31 -12.44 22.58
C CYS A 291 16.12 -12.34 23.54
N ALA A 292 15.90 -13.34 24.40
CA ALA A 292 14.79 -13.33 25.35
C ALA A 292 15.26 -13.13 26.79
N LEU A 293 16.55 -12.89 27.02
CA LEU A 293 17.07 -12.80 28.38
C LEU A 293 16.63 -11.52 29.08
N ASP A 294 16.74 -10.37 28.42
CA ASP A 294 16.38 -9.11 29.06
C ASP A 294 16.12 -8.07 27.97
N PRO A 295 15.54 -6.91 28.33
CA PRO A 295 15.34 -5.83 27.34
C PRO A 295 16.59 -5.39 26.60
N LEU A 296 17.77 -5.45 27.24
CA LEU A 296 18.98 -5.04 26.54
C LEU A 296 19.34 -6.05 25.47
N SER A 297 19.16 -7.34 25.78
CA SER A 297 19.44 -8.36 24.79
C SER A 297 18.46 -8.24 23.64
N GLU A 298 17.20 -7.91 23.94
CA GLU A 298 16.21 -7.70 22.89
C GLU A 298 16.64 -6.55 22.00
N THR A 299 17.17 -5.48 22.60
CA THR A 299 17.61 -4.33 21.82
C THR A 299 18.76 -4.72 20.90
N LYS A 300 19.73 -5.48 21.44
CA LYS A 300 20.86 -5.94 20.63
C LYS A 300 20.38 -6.80 19.47
N CYS A 301 19.42 -7.70 19.72
CA CYS A 301 18.91 -8.54 18.64
C CYS A 301 18.10 -7.74 17.63
N THR A 302 17.41 -6.70 18.08
CA THR A 302 16.65 -5.85 17.17
C THR A 302 17.58 -5.08 16.25
N LEU A 303 18.67 -4.55 16.79
CA LEU A 303 19.62 -3.77 16.01
C LEU A 303 20.71 -4.62 15.36
N LYS A 304 20.80 -5.90 15.72
CA LYS A 304 21.82 -6.81 15.19
C LYS A 304 23.22 -6.27 15.48
N SER A 305 23.43 -5.90 16.74
CA SER A 305 24.71 -5.38 17.19
C SER A 305 24.93 -5.74 18.65
N PHE A 306 26.19 -5.96 19.01
CA PHE A 306 26.55 -6.21 20.40
C PHE A 306 26.90 -4.92 21.14
N THR A 307 26.86 -3.78 20.43
CA THR A 307 27.10 -2.46 20.98
C THR A 307 25.86 -1.64 20.63
N VAL A 308 25.28 -0.98 21.61
CA VAL A 308 24.07 -0.18 21.41
C VAL A 308 24.38 1.26 21.76
N GLU A 309 24.04 2.17 20.84
CA GLU A 309 24.27 3.59 21.02
C GLU A 309 23.21 4.17 21.97
N LYS A 310 23.55 5.30 22.58
CA LYS A 310 22.61 5.98 23.46
C LYS A 310 21.35 6.36 22.71
N GLY A 311 20.20 6.05 23.28
CA GLY A 311 18.93 6.40 22.66
C GLY A 311 17.83 5.45 23.10
N ILE A 312 16.65 5.68 22.53
CA ILE A 312 15.46 4.88 22.81
C ILE A 312 15.11 4.12 21.53
N TYR A 313 14.92 2.80 21.67
CA TYR A 313 14.65 1.92 20.55
C TYR A 313 13.40 1.12 20.83
N GLN A 314 12.58 0.91 19.80
CA GLN A 314 11.41 0.06 19.94
C GLN A 314 11.87 -1.36 19.62
N THR A 315 11.63 -2.30 20.55
CA THR A 315 12.10 -3.67 20.40
C THR A 315 11.02 -4.72 20.37
N SER A 316 9.85 -4.49 20.97
CA SER A 316 8.87 -5.56 21.03
C SER A 316 7.51 -4.94 21.27
N ASN A 317 6.46 -5.75 21.14
CA ASN A 317 5.13 -5.32 21.54
C ASN A 317 4.71 -6.05 22.80
N PHE A 318 3.95 -5.35 23.64
CA PHE A 318 3.31 -5.91 24.81
C PHE A 318 1.88 -6.23 24.43
N ARG A 319 1.43 -7.44 24.67
CA ARG A 319 0.04 -7.78 24.40
C ARG A 319 -0.52 -8.59 25.55
N VAL A 320 -1.70 -8.22 25.99
CA VAL A 320 -2.41 -8.96 27.02
C VAL A 320 -3.01 -10.18 26.34
N GLN A 321 -2.80 -11.37 26.94
CA GLN A 321 -3.32 -12.57 26.32
C GLN A 321 -4.64 -12.97 26.97
N PRO A 322 -5.54 -13.63 26.24
CA PRO A 322 -6.75 -14.13 26.90
C PRO A 322 -6.43 -15.22 27.90
N THR A 323 -7.20 -15.26 28.97
CA THR A 323 -7.03 -16.27 30.01
C THR A 323 -8.09 -17.35 29.94
N GLU A 324 -9.20 -17.09 29.26
CA GLU A 324 -10.27 -18.06 29.16
C GLU A 324 -11.07 -17.76 27.89
N SER A 325 -12.05 -18.61 27.63
CA SER A 325 -12.88 -18.54 26.43
C SER A 325 -14.33 -18.80 26.82
N ILE A 326 -15.23 -17.94 26.34
CA ILE A 326 -16.65 -18.05 26.65
C ILE A 326 -17.44 -18.15 25.36
N VAL A 327 -18.54 -18.90 25.45
CA VAL A 327 -19.48 -19.11 24.36
C VAL A 327 -20.87 -18.82 24.91
N ARG A 328 -21.61 -17.94 24.23
CA ARG A 328 -22.96 -17.59 24.69
C ARG A 328 -23.96 -17.72 23.54
N PHE A 329 -25.02 -18.47 23.81
CA PHE A 329 -26.16 -18.69 22.92
C PHE A 329 -27.46 -18.47 23.68
N PRO A 330 -28.56 -18.20 22.97
CA PRO A 330 -29.85 -18.02 23.65
C PRO A 330 -30.27 -19.28 24.39
N ASN A 331 -31.19 -19.09 25.35
CA ASN A 331 -31.74 -20.21 26.12
C ASN A 331 -32.28 -21.27 25.17
N ILE A 332 -31.94 -22.53 25.45
CA ILE A 332 -32.35 -23.61 24.58
C ILE A 332 -33.78 -24.02 24.93
N THR A 333 -34.67 -23.86 23.95
CA THR A 333 -36.09 -24.16 24.07
C THR A 333 -36.49 -24.77 22.73
N ASN A 334 -37.80 -25.00 22.55
CA ASN A 334 -38.30 -25.59 21.32
C ASN A 334 -37.60 -26.92 21.01
N LEU A 335 -37.53 -27.78 22.02
CA LEU A 335 -36.87 -29.08 21.82
C LEU A 335 -37.75 -29.96 20.96
N CYS A 336 -37.10 -30.80 20.15
CA CYS A 336 -37.82 -31.73 19.32
C CYS A 336 -38.62 -32.73 20.15
N PRO A 337 -39.86 -33.07 19.76
CA PRO A 337 -40.69 -33.96 20.57
C PRO A 337 -40.26 -35.42 20.49
N PHE A 338 -39.05 -35.74 20.98
CA PHE A 338 -38.62 -37.14 20.95
C PHE A 338 -39.29 -37.93 22.06
N GLY A 339 -39.60 -37.29 23.19
CA GLY A 339 -40.22 -38.01 24.28
C GLY A 339 -41.55 -38.60 23.87
N GLU A 340 -42.28 -37.89 23.00
CA GLU A 340 -43.57 -38.35 22.51
C GLU A 340 -43.45 -39.61 21.65
N VAL A 341 -42.26 -39.92 21.15
CA VAL A 341 -42.02 -41.07 20.30
C VAL A 341 -41.56 -42.27 21.11
N PHE A 342 -40.58 -42.06 22.00
CA PHE A 342 -40.05 -43.16 22.78
C PHE A 342 -40.99 -43.51 23.93
N ASN A 343 -41.55 -42.50 24.59
CA ASN A 343 -42.48 -42.69 25.71
C ASN A 343 -43.89 -42.53 25.15
N ALA A 344 -44.53 -43.64 24.83
CA ALA A 344 -45.85 -43.62 24.21
C ALA A 344 -46.62 -44.83 24.69
N THR A 345 -47.95 -44.71 24.75
CA THR A 345 -48.79 -45.80 25.17
C THR A 345 -49.16 -46.75 24.04
N ARG A 346 -49.00 -46.34 22.79
CA ARG A 346 -49.31 -47.19 21.65
C ARG A 346 -48.24 -47.06 20.57
N PHE A 347 -47.77 -48.21 20.08
CA PHE A 347 -46.91 -48.30 18.90
C PHE A 347 -47.66 -49.00 17.79
N ALA A 348 -47.35 -48.62 16.56
CA ALA A 348 -47.99 -49.20 15.39
C ALA A 348 -47.36 -50.55 15.03
N SER A 349 -48.15 -51.36 14.32
CA SER A 349 -47.66 -52.62 13.80
C SER A 349 -46.56 -52.38 12.78
N VAL A 350 -45.69 -53.38 12.61
CA VAL A 350 -44.57 -53.24 11.69
C VAL A 350 -45.02 -53.04 10.25
N TYR A 351 -46.12 -53.67 9.85
CA TYR A 351 -46.57 -53.50 8.47
C TYR A 351 -46.97 -52.04 8.22
N ALA A 352 -47.90 -51.54 9.02
CA ALA A 352 -48.34 -50.15 8.97
C ALA A 352 -47.61 -49.31 10.02
N TRP A 353 -46.32 -49.08 9.82
CA TRP A 353 -45.54 -48.43 10.87
C TRP A 353 -45.88 -46.95 10.95
N ASN A 354 -45.60 -46.32 12.10
CA ASN A 354 -45.89 -44.90 12.29
C ASN A 354 -44.69 -44.01 11.99
N ARG A 355 -44.85 -43.06 11.06
CA ARG A 355 -43.78 -42.12 10.70
C ARG A 355 -44.12 -40.72 11.22
N LYS A 356 -43.35 -40.24 12.20
CA LYS A 356 -43.49 -38.90 12.74
C LYS A 356 -42.44 -37.96 12.13
N ARG A 357 -42.88 -36.92 11.45
CA ARG A 357 -41.96 -35.97 10.81
C ARG A 357 -41.55 -34.91 11.83
N ILE A 358 -40.28 -34.89 12.19
CA ILE A 358 -39.70 -33.98 13.17
C ILE A 358 -38.99 -32.87 12.40
N SER A 359 -39.52 -31.65 12.47
CA SER A 359 -38.93 -30.48 11.83
C SER A 359 -39.08 -29.25 12.72
N ASN A 360 -38.32 -28.20 12.37
CA ASN A 360 -38.40 -26.89 13.01
C ASN A 360 -38.26 -26.94 14.53
N CYS A 361 -37.22 -27.63 15.00
CA CYS A 361 -37.04 -27.83 16.44
C CYS A 361 -35.57 -28.09 16.72
N VAL A 362 -35.23 -28.09 18.02
CA VAL A 362 -33.87 -28.38 18.48
C VAL A 362 -33.84 -29.83 18.92
N ALA A 363 -32.98 -30.63 18.29
CA ALA A 363 -32.96 -32.08 18.50
C ALA A 363 -31.84 -32.46 19.46
N ASP A 364 -32.21 -32.85 20.67
CA ASP A 364 -31.27 -33.27 21.71
C ASP A 364 -31.01 -34.77 21.51
N TYR A 365 -29.83 -35.11 20.98
CA TYR A 365 -29.50 -36.50 20.70
C TYR A 365 -28.60 -37.14 21.74
N SER A 366 -27.87 -36.34 22.53
CA SER A 366 -26.95 -36.95 23.48
C SER A 366 -27.73 -37.62 24.61
N VAL A 367 -28.95 -37.14 24.88
CA VAL A 367 -29.77 -37.77 25.91
C VAL A 367 -30.21 -39.15 25.45
N LEU A 368 -30.50 -39.31 24.16
CA LEU A 368 -30.96 -40.61 23.68
C LEU A 368 -29.84 -41.63 23.73
N TYR A 369 -28.62 -41.21 23.38
CA TYR A 369 -27.48 -42.13 23.42
C TYR A 369 -27.13 -42.47 24.86
N ASN A 370 -27.10 -41.46 25.73
CA ASN A 370 -26.74 -41.67 27.13
C ASN A 370 -27.83 -42.38 27.90
N SER A 371 -29.10 -42.26 27.50
CA SER A 371 -30.17 -42.91 28.24
C SER A 371 -29.99 -44.42 28.28
N ALA A 372 -30.37 -45.00 29.41
CA ALA A 372 -30.31 -46.42 29.72
C ALA A 372 -31.40 -47.24 29.03
N SER A 373 -31.14 -48.54 28.99
CA SER A 373 -32.06 -49.59 28.54
C SER A 373 -32.40 -49.58 27.05
N PHE A 374 -31.51 -49.12 26.17
CA PHE A 374 -31.70 -49.32 24.74
C PHE A 374 -30.95 -50.58 24.35
N SER A 375 -31.68 -51.59 23.86
CA SER A 375 -31.05 -52.87 23.59
C SER A 375 -30.06 -52.79 22.44
N THR A 376 -30.28 -51.86 21.51
CA THR A 376 -29.33 -51.62 20.44
C THR A 376 -29.42 -50.16 20.04
N PHE A 377 -28.29 -49.61 19.62
CA PHE A 377 -28.23 -48.24 19.14
C PHE A 377 -27.11 -48.21 18.11
N LYS A 378 -27.46 -48.34 16.84
CA LYS A 378 -26.46 -48.43 15.76
C LYS A 378 -26.67 -47.30 14.78
N CYS A 379 -25.60 -46.55 14.52
CA CYS A 379 -25.61 -45.41 13.63
C CYS A 379 -24.86 -45.72 12.34
N TYR A 380 -25.47 -45.39 11.22
CA TYR A 380 -24.97 -45.62 9.87
C TYR A 380 -24.77 -44.27 9.22
N GLY A 381 -23.50 -43.89 9.04
CA GLY A 381 -23.11 -42.62 8.46
C GLY A 381 -23.05 -41.46 9.42
N VAL A 382 -23.49 -41.64 10.66
CA VAL A 382 -23.49 -40.61 11.68
C VAL A 382 -22.87 -41.24 12.92
N SER A 383 -22.52 -40.42 13.90
CA SER A 383 -21.93 -40.89 15.14
C SER A 383 -22.47 -40.12 16.34
N PRO A 384 -22.59 -40.78 17.54
CA PRO A 384 -22.97 -40.02 18.75
C PRO A 384 -22.07 -38.84 19.05
N THR A 385 -20.85 -38.83 18.52
CA THR A 385 -19.90 -37.75 18.73
C THR A 385 -19.99 -36.72 17.61
N LYS A 386 -20.85 -36.95 16.62
CA LYS A 386 -21.11 -36.04 15.50
C LYS A 386 -22.51 -35.47 15.54
N LEU A 387 -23.46 -36.20 16.12
CA LEU A 387 -24.83 -35.73 16.26
C LEU A 387 -24.84 -34.62 17.30
N ASN A 388 -26.04 -34.15 17.67
CA ASN A 388 -26.19 -33.04 18.61
C ASN A 388 -25.42 -31.77 18.23
N ASP A 389 -24.92 -31.68 16.99
CA ASP A 389 -24.16 -30.55 16.49
C ASP A 389 -24.58 -30.27 15.05
N LEU A 390 -24.45 -31.28 14.20
CA LEU A 390 -24.79 -31.16 12.80
C LEU A 390 -26.26 -30.78 12.62
N CYS A 391 -26.52 -29.84 11.72
CA CYS A 391 -27.87 -29.38 11.42
C CYS A 391 -28.39 -30.11 10.18
N PHE A 392 -29.67 -30.48 10.24
CA PHE A 392 -30.34 -31.20 9.17
C PHE A 392 -31.64 -30.46 8.83
N THR A 393 -32.15 -30.74 7.63
CA THR A 393 -33.40 -30.12 7.23
C THR A 393 -34.59 -30.80 7.88
N ASN A 394 -34.63 -32.14 7.84
CA ASN A 394 -35.73 -32.88 8.41
C ASN A 394 -35.22 -34.13 9.10
N VAL A 395 -35.96 -34.61 10.09
CA VAL A 395 -35.70 -35.89 10.73
C VAL A 395 -37.00 -36.67 10.71
N TYR A 396 -36.95 -37.92 10.29
CA TYR A 396 -38.13 -38.76 10.23
C TYR A 396 -37.96 -39.90 11.22
N ALA A 397 -38.86 -39.98 12.20
CA ALA A 397 -38.86 -41.06 13.15
C ALA A 397 -39.81 -42.11 12.63
N ASP A 398 -39.39 -43.37 12.61
CA ASP A 398 -40.24 -44.47 12.19
C ASP A 398 -40.31 -45.46 13.33
N SER A 399 -41.53 -45.75 13.80
CA SER A 399 -41.73 -46.61 14.96
C SER A 399 -42.48 -47.88 14.56
N PHE A 400 -41.89 -49.02 14.95
CA PHE A 400 -42.45 -50.35 14.69
C PHE A 400 -42.25 -51.25 15.91
N VAL A 401 -43.17 -52.21 16.08
CA VAL A 401 -43.07 -53.25 17.11
C VAL A 401 -42.74 -54.56 16.39
N ILE A 402 -41.59 -55.15 16.69
CA ILE A 402 -41.14 -56.33 15.95
C ILE A 402 -40.49 -57.36 16.88
N ARG A 403 -40.53 -58.62 16.45
CA ARG A 403 -40.02 -59.68 17.29
C ARG A 403 -38.51 -59.54 17.34
N GLY A 404 -37.92 -59.90 18.48
CA GLY A 404 -36.48 -59.74 18.67
C GLY A 404 -35.62 -60.31 17.56
N ASP A 405 -36.02 -61.46 17.01
CA ASP A 405 -35.23 -62.06 15.94
C ASP A 405 -35.23 -61.24 14.67
N GLU A 406 -36.18 -60.32 14.52
CA GLU A 406 -36.28 -59.52 13.31
C GLU A 406 -35.57 -58.18 13.46
N VAL A 407 -35.00 -57.89 14.64
CA VAL A 407 -34.35 -56.59 14.84
C VAL A 407 -33.17 -56.43 13.89
N ARG A 408 -32.45 -57.51 13.64
CA ARG A 408 -31.30 -57.46 12.73
C ARG A 408 -31.69 -57.09 11.31
N GLN A 409 -32.98 -57.21 10.94
CA GLN A 409 -33.37 -56.92 9.58
C GLN A 409 -33.52 -55.43 9.27
N ILE A 410 -33.63 -54.58 10.29
CA ILE A 410 -33.77 -53.13 10.06
C ILE A 410 -32.37 -52.55 10.09
N ALA A 411 -31.69 -52.61 8.96
CA ALA A 411 -30.32 -52.11 8.82
C ALA A 411 -30.02 -52.03 7.33
N PRO A 412 -29.15 -51.11 6.90
CA PRO A 412 -28.80 -51.07 5.48
C PRO A 412 -28.06 -52.32 5.05
N GLY A 413 -28.32 -52.76 3.81
CA GLY A 413 -27.64 -53.90 3.25
C GLY A 413 -28.16 -55.26 3.67
N GLN A 414 -29.17 -55.33 4.53
CA GLN A 414 -29.70 -56.58 5.05
C GLN A 414 -30.96 -57.01 4.31
N THR A 415 -31.23 -58.30 4.39
CA THR A 415 -32.39 -58.94 3.78
C THR A 415 -33.12 -59.74 4.85
N GLY A 416 -34.32 -60.19 4.49
CA GLY A 416 -35.17 -60.97 5.37
C GLY A 416 -36.62 -60.61 5.16
N LYS A 417 -37.53 -61.33 5.83
CA LYS A 417 -38.95 -61.15 5.58
C LYS A 417 -39.41 -59.74 5.93
N ILE A 418 -38.88 -59.16 7.00
CA ILE A 418 -39.29 -57.82 7.40
C ILE A 418 -38.63 -56.79 6.49
N ALA A 419 -37.33 -56.94 6.27
CA ALA A 419 -36.59 -55.99 5.43
C ALA A 419 -37.18 -55.94 4.02
N ASP A 420 -37.68 -57.07 3.52
CA ASP A 420 -38.21 -57.14 2.17
C ASP A 420 -39.70 -56.83 2.05
N TYR A 421 -40.56 -57.23 3.01
CA TYR A 421 -41.99 -57.05 2.86
C TYR A 421 -42.66 -56.10 3.85
N ASN A 422 -42.00 -55.72 4.93
CA ASN A 422 -42.61 -54.88 5.97
C ASN A 422 -41.95 -53.52 6.14
N TYR A 423 -40.62 -53.45 6.05
CA TYR A 423 -39.93 -52.17 6.20
C TYR A 423 -38.54 -52.27 5.55
N LYS A 424 -38.42 -51.75 4.34
CA LYS A 424 -37.15 -51.79 3.61
C LYS A 424 -36.41 -50.49 3.91
N LEU A 425 -35.17 -50.61 4.40
CA LEU A 425 -34.34 -49.45 4.68
C LEU A 425 -33.32 -49.27 3.55
N PRO A 426 -33.05 -48.05 3.06
CA PRO A 426 -32.10 -47.92 1.95
C PRO A 426 -30.71 -48.42 2.33
N ASP A 427 -29.97 -48.89 1.33
CA ASP A 427 -28.60 -49.29 1.63
C ASP A 427 -27.77 -48.04 1.85
N ASP A 428 -28.05 -46.97 1.11
CA ASP A 428 -27.42 -45.67 1.28
C ASP A 428 -28.24 -44.90 2.32
N PHE A 429 -28.13 -45.35 3.56
CA PHE A 429 -28.90 -44.81 4.67
C PHE A 429 -28.01 -44.01 5.62
N THR A 430 -28.49 -42.83 6.00
CA THR A 430 -27.84 -41.98 6.98
C THR A 430 -28.79 -41.82 8.16
N GLY A 431 -28.36 -42.23 9.35
CA GLY A 431 -29.17 -42.12 10.55
C GLY A 431 -28.89 -43.25 11.52
N CYS A 432 -29.76 -43.37 12.52
CA CYS A 432 -29.56 -44.33 13.60
C CYS A 432 -30.79 -45.21 13.85
N VAL A 433 -30.54 -46.49 14.13
CA VAL A 433 -31.58 -47.45 14.47
C VAL A 433 -31.45 -47.74 15.97
N ILE A 434 -32.49 -47.40 16.72
CA ILE A 434 -32.54 -47.46 18.18
C ILE A 434 -33.64 -48.44 18.56
N ALA A 435 -33.34 -49.41 19.42
CA ALA A 435 -34.40 -50.35 19.81
C ALA A 435 -34.22 -50.80 21.25
N TRP A 436 -35.35 -51.17 21.86
CA TRP A 436 -35.36 -51.63 23.24
C TRP A 436 -36.46 -52.65 23.48
N ASN A 437 -36.25 -53.46 24.52
CA ASN A 437 -37.19 -54.49 24.91
C ASN A 437 -38.47 -53.88 25.49
N SER A 438 -39.62 -54.41 25.05
CA SER A 438 -40.93 -53.99 25.52
C SER A 438 -41.72 -55.16 26.08
N ASN A 439 -41.01 -56.18 26.59
CA ASN A 439 -41.69 -57.37 27.10
C ASN A 439 -42.62 -57.05 28.26
N ASN A 440 -42.34 -56.01 29.02
CA ASN A 440 -43.16 -55.62 30.16
C ASN A 440 -44.24 -54.60 29.78
N LEU A 441 -44.39 -54.31 28.48
CA LEU A 441 -45.36 -53.36 27.96
C LEU A 441 -46.33 -54.01 26.98
N ASP A 442 -45.79 -54.72 25.98
CA ASP A 442 -46.60 -55.29 24.91
C ASP A 442 -47.07 -56.71 25.19
N SER A 443 -46.36 -57.49 25.98
CA SER A 443 -46.81 -58.85 26.24
C SER A 443 -48.04 -58.84 27.14
N LYS A 444 -48.95 -59.79 26.89
CA LYS A 444 -50.19 -59.92 27.63
C LYS A 444 -50.42 -61.39 27.92
N VAL A 445 -51.11 -61.67 29.04
CA VAL A 445 -51.37 -63.06 29.41
C VAL A 445 -52.24 -63.69 28.34
N GLY A 446 -51.81 -64.85 27.86
CA GLY A 446 -52.49 -65.56 26.79
C GLY A 446 -51.87 -65.31 25.43
N GLY A 447 -51.05 -64.26 25.31
CA GLY A 447 -50.36 -63.84 24.11
C GLY A 447 -51.01 -62.57 23.58
N ASN A 448 -50.18 -61.61 23.18
CA ASN A 448 -50.65 -60.37 22.57
C ASN A 448 -50.60 -60.55 21.06
N TYR A 449 -51.77 -60.65 20.43
CA TYR A 449 -51.89 -60.92 19.01
C TYR A 449 -52.28 -59.65 18.25
N ASN A 450 -52.19 -58.49 18.90
CA ASN A 450 -52.62 -57.24 18.28
C ASN A 450 -51.67 -56.76 17.19
N TYR A 451 -50.40 -57.16 17.24
CA TYR A 451 -49.41 -56.69 16.28
C TYR A 451 -49.38 -57.63 15.08
N LEU A 452 -49.45 -57.04 13.88
CA LEU A 452 -49.45 -57.77 12.62
C LEU A 452 -48.18 -57.53 11.82
N TYR A 453 -47.84 -58.53 11.00
CA TYR A 453 -46.72 -58.44 10.06
C TYR A 453 -47.13 -59.13 8.77
N ARG A 454 -46.49 -58.75 7.66
CA ARG A 454 -46.75 -59.37 6.37
C ARG A 454 -45.73 -60.43 6.01
N LEU A 455 -46.22 -61.62 5.63
CA LEU A 455 -45.40 -62.72 5.13
C LEU A 455 -45.48 -62.91 3.62
N PHE A 456 -46.61 -62.55 3.01
CA PHE A 456 -46.89 -62.80 1.60
C PHE A 456 -47.04 -61.49 0.83
N ARG A 457 -46.06 -61.19 -0.03
CA ARG A 457 -46.04 -59.96 -0.81
C ARG A 457 -45.59 -60.29 -2.24
N LYS A 458 -46.22 -59.63 -3.21
CA LYS A 458 -45.93 -59.86 -4.63
C LYS A 458 -44.51 -59.50 -5.01
N SER A 459 -43.95 -58.45 -4.42
CA SER A 459 -42.60 -58.00 -4.77
C SER A 459 -41.97 -57.35 -3.56
N ASN A 460 -40.65 -57.15 -3.63
CA ASN A 460 -39.94 -56.55 -2.51
C ASN A 460 -40.36 -55.10 -2.33
N LEU A 461 -40.43 -54.69 -1.07
CA LEU A 461 -40.81 -53.33 -0.72
C LEU A 461 -39.69 -52.36 -1.04
N LYS A 462 -40.05 -51.20 -1.60
CA LYS A 462 -39.04 -50.19 -1.90
C LYS A 462 -38.58 -49.50 -0.62
N PRO A 463 -37.35 -48.98 -0.59
CA PRO A 463 -36.88 -48.27 0.62
C PRO A 463 -37.83 -47.16 1.06
N PHE A 464 -38.15 -47.15 2.36
CA PHE A 464 -39.08 -46.23 3.00
C PHE A 464 -40.50 -46.28 2.45
N GLU A 465 -40.82 -47.27 1.60
CA GLU A 465 -42.17 -47.40 1.08
C GLU A 465 -43.02 -48.12 2.10
N ARG A 466 -44.24 -47.62 2.32
CA ARG A 466 -45.16 -48.24 3.27
C ARG A 466 -46.32 -48.81 2.49
N ASP A 467 -46.86 -49.92 2.99
CA ASP A 467 -47.97 -50.62 2.36
C ASP A 467 -49.02 -50.97 3.40
N ILE A 468 -50.26 -50.59 3.10
CA ILE A 468 -51.41 -50.83 3.95
C ILE A 468 -52.42 -51.76 3.28
N SER A 469 -52.03 -52.37 2.16
CA SER A 469 -52.91 -53.25 1.40
C SER A 469 -53.25 -54.52 2.16
N THR A 470 -54.49 -54.97 1.97
CA THR A 470 -55.00 -56.22 2.53
C THR A 470 -55.30 -57.22 1.41
N GLU A 471 -54.82 -56.96 0.20
CA GLU A 471 -55.14 -57.81 -0.95
C GLU A 471 -54.50 -59.17 -0.81
N ILE A 472 -55.23 -60.19 -1.26
CA ILE A 472 -54.81 -61.58 -1.12
C ILE A 472 -53.69 -61.90 -2.10
N TYR A 473 -52.66 -62.59 -1.61
CA TYR A 473 -51.51 -63.00 -2.40
C TYR A 473 -51.82 -64.31 -3.12
N GLN A 474 -51.70 -64.31 -4.45
CA GLN A 474 -52.06 -65.45 -5.27
C GLN A 474 -50.91 -66.43 -5.54
N ALA A 475 -49.69 -66.10 -5.13
CA ALA A 475 -48.50 -66.95 -5.25
C ALA A 475 -48.20 -67.41 -6.68
N GLY A 476 -48.76 -66.76 -7.70
CA GLY A 476 -48.42 -67.15 -9.05
C GLY A 476 -48.97 -68.48 -9.53
N SER A 477 -50.02 -69.03 -8.90
CA SER A 477 -50.51 -70.35 -9.27
C SER A 477 -51.84 -70.24 -10.01
N THR A 478 -52.97 -70.18 -9.32
CA THR A 478 -54.29 -70.11 -9.92
C THR A 478 -55.07 -68.92 -9.38
N PRO A 479 -56.13 -68.48 -10.07
CA PRO A 479 -56.95 -67.38 -9.56
C PRO A 479 -57.49 -67.67 -8.17
N CYS A 480 -57.46 -66.65 -7.30
CA CYS A 480 -57.97 -66.81 -5.95
C CYS A 480 -59.48 -66.61 -5.90
N ASN A 481 -59.96 -65.41 -6.27
CA ASN A 481 -61.38 -65.05 -6.14
C ASN A 481 -61.83 -65.24 -4.69
N GLY A 482 -60.98 -64.82 -3.77
CA GLY A 482 -61.18 -64.94 -2.34
C GLY A 482 -60.14 -65.93 -1.85
N VAL A 483 -59.55 -65.64 -0.69
CA VAL A 483 -58.49 -66.50 -0.17
C VAL A 483 -59.01 -67.91 0.11
N GLU A 484 -58.24 -68.90 -0.32
CA GLU A 484 -58.57 -70.30 -0.14
C GLU A 484 -57.26 -71.07 -0.03
N GLY A 485 -57.32 -72.23 0.61
CA GLY A 485 -56.11 -73.00 0.86
C GLY A 485 -55.52 -73.76 -0.32
N PHE A 486 -55.35 -73.09 -1.48
CA PHE A 486 -54.71 -73.68 -2.65
C PHE A 486 -53.70 -72.68 -3.24
N ASN A 487 -52.56 -72.55 -2.56
CA ASN A 487 -51.51 -71.59 -2.92
C ASN A 487 -52.07 -70.18 -3.04
N CYS A 488 -52.87 -69.80 -2.06
CA CYS A 488 -53.47 -68.47 -2.00
C CYS A 488 -53.53 -68.14 -0.50
N TYR A 489 -52.96 -67.00 -0.11
CA TYR A 489 -52.76 -66.66 1.30
C TYR A 489 -53.17 -65.24 1.65
N PHE A 490 -53.67 -65.07 2.88
CA PHE A 490 -53.94 -63.76 3.45
C PHE A 490 -52.61 -63.14 3.87
N PRO A 491 -52.27 -61.93 3.39
CA PRO A 491 -50.90 -61.41 3.61
C PRO A 491 -50.49 -61.11 5.04
N LEU A 492 -51.39 -60.88 6.00
CA LEU A 492 -50.99 -60.46 7.34
C LEU A 492 -51.26 -61.52 8.39
N GLN A 493 -50.26 -61.74 9.25
CA GLN A 493 -50.29 -62.70 10.34
C GLN A 493 -49.96 -61.97 11.65
N SER A 494 -50.43 -62.54 12.76
CA SER A 494 -50.18 -61.96 14.08
C SER A 494 -48.95 -62.56 14.73
N TYR A 495 -48.38 -61.82 15.68
CA TYR A 495 -47.32 -62.31 16.54
C TYR A 495 -47.92 -62.88 17.82
N GLY A 496 -47.22 -63.85 18.40
CA GLY A 496 -47.62 -64.38 19.69
C GLY A 496 -46.65 -63.98 20.79
N PHE A 497 -46.86 -62.83 21.41
CA PHE A 497 -45.95 -62.31 22.42
C PHE A 497 -46.41 -62.80 23.79
N GLN A 498 -45.69 -63.80 24.37
CA GLN A 498 -46.08 -64.37 25.65
C GLN A 498 -45.34 -63.66 26.78
N PRO A 499 -45.94 -63.53 27.99
CA PRO A 499 -45.17 -62.99 29.12
C PRO A 499 -43.87 -63.71 29.37
N THR A 500 -43.85 -65.02 29.19
CA THR A 500 -42.64 -65.84 29.33
C THR A 500 -42.38 -66.46 27.98
N ASN A 501 -41.24 -66.12 27.38
CA ASN A 501 -40.85 -66.65 26.09
C ASN A 501 -39.34 -66.50 25.97
N GLY A 502 -38.79 -66.96 24.85
CA GLY A 502 -37.38 -66.77 24.64
C GLY A 502 -37.10 -65.31 24.37
N VAL A 503 -35.86 -64.87 24.61
CA VAL A 503 -35.54 -63.47 24.42
C VAL A 503 -35.74 -63.08 22.96
N GLY A 504 -35.39 -63.99 22.04
CA GLY A 504 -35.55 -63.71 20.63
C GLY A 504 -36.99 -63.62 20.18
N TYR A 505 -37.94 -64.08 21.00
CA TYR A 505 -39.37 -64.09 20.70
C TYR A 505 -40.16 -63.04 21.46
N GLN A 506 -39.49 -62.16 22.21
CA GLN A 506 -40.17 -61.11 22.94
C GLN A 506 -40.42 -59.92 22.00
N PRO A 507 -41.42 -59.09 22.26
CA PRO A 507 -41.59 -57.90 21.44
C PRO A 507 -40.54 -56.86 21.76
N TYR A 508 -40.11 -56.14 20.73
CA TYR A 508 -39.18 -55.02 20.88
C TYR A 508 -39.72 -53.83 20.13
N ARG A 509 -39.56 -52.65 20.73
CA ARG A 509 -39.96 -51.40 20.11
C ARG A 509 -38.73 -50.82 19.44
N VAL A 510 -38.88 -50.43 18.17
CA VAL A 510 -37.77 -49.95 17.37
C VAL A 510 -38.17 -48.59 16.80
N VAL A 511 -37.25 -47.63 16.93
CA VAL A 511 -37.38 -46.28 16.37
C VAL A 511 -36.17 -46.05 15.48
N VAL A 512 -36.41 -45.72 14.22
CA VAL A 512 -35.36 -45.42 13.25
C VAL A 512 -35.42 -43.92 12.97
N LEU A 513 -34.31 -43.23 13.21
CA LEU A 513 -34.22 -41.80 12.97
C LEU A 513 -33.45 -41.60 11.67
N SER A 514 -34.18 -41.18 10.64
CA SER A 514 -33.66 -40.92 9.30
C SER A 514 -33.40 -39.43 9.16
N PHE A 515 -32.21 -39.06 8.71
CA PHE A 515 -31.81 -37.67 8.60
C PHE A 515 -31.84 -37.26 7.14
N GLU A 516 -32.58 -36.19 6.83
CA GLU A 516 -32.78 -35.74 5.46
C GLU A 516 -32.24 -34.32 5.28
N LEU A 517 -31.42 -34.15 4.24
CA LEU A 517 -30.85 -32.88 3.83
C LEU A 517 -31.43 -32.48 2.49
N LEU A 518 -32.15 -31.36 2.46
CA LEU A 518 -32.75 -30.81 1.26
C LEU A 518 -32.06 -29.50 0.92
N HIS A 519 -32.46 -28.89 -0.19
CA HIS A 519 -31.87 -27.59 -0.52
C HIS A 519 -32.42 -26.46 0.33
N ALA A 520 -33.48 -26.72 1.10
CA ALA A 520 -34.06 -25.70 1.95
C ALA A 520 -33.11 -25.41 3.11
N PRO A 521 -33.15 -24.20 3.68
CA PRO A 521 -32.31 -23.94 4.87
C PRO A 521 -32.58 -24.97 5.96
N ALA A 522 -31.51 -25.42 6.60
CA ALA A 522 -31.69 -26.41 7.67
C ALA A 522 -32.51 -25.81 8.80
N THR A 523 -33.35 -26.65 9.41
CA THR A 523 -34.24 -26.23 10.48
C THR A 523 -34.05 -27.03 11.77
N VAL A 524 -33.41 -28.19 11.72
CA VAL A 524 -33.22 -29.04 12.89
C VAL A 524 -31.74 -29.09 13.21
N CYS A 525 -31.38 -28.54 14.36
CA CYS A 525 -30.00 -28.43 14.83
C CYS A 525 -29.95 -29.00 16.23
N GLY A 526 -28.76 -29.41 16.65
CA GLY A 526 -28.62 -29.88 18.01
C GLY A 526 -28.60 -28.72 18.96
N PRO A 527 -28.56 -29.02 20.26
CA PRO A 527 -28.53 -27.94 21.24
C PRO A 527 -27.19 -27.23 21.18
N LYS A 528 -27.21 -25.97 21.61
CA LYS A 528 -25.99 -25.19 21.78
C LYS A 528 -25.67 -25.14 23.27
N LYS A 529 -24.38 -25.05 23.57
CA LYS A 529 -23.90 -24.95 24.94
C LYS A 529 -23.38 -23.54 25.18
N SER A 530 -23.68 -23.01 26.36
CA SER A 530 -23.21 -21.70 26.77
C SER A 530 -22.35 -21.82 28.02
N THR A 531 -21.45 -20.86 28.19
CA THR A 531 -20.59 -20.74 29.35
C THR A 531 -21.04 -19.55 30.19
N ASN A 532 -20.42 -19.39 31.35
CA ASN A 532 -20.74 -18.23 32.17
C ASN A 532 -20.18 -16.97 31.53
N LEU A 533 -20.85 -15.85 31.74
CA LEU A 533 -20.38 -14.57 31.22
C LEU A 533 -19.27 -14.04 32.13
N VAL A 534 -18.17 -13.60 31.52
CA VAL A 534 -17.01 -13.09 32.25
C VAL A 534 -16.79 -11.64 31.82
N LYS A 535 -16.74 -10.75 32.81
CA LYS A 535 -16.57 -9.31 32.61
C LYS A 535 -15.23 -8.83 33.15
N ASN A 536 -14.77 -7.71 32.59
CA ASN A 536 -13.58 -6.98 33.05
C ASN A 536 -12.30 -7.80 32.96
N LYS A 537 -12.23 -8.77 32.05
CA LYS A 537 -11.02 -9.56 31.83
C LYS A 537 -10.81 -9.68 30.34
N CYS A 538 -9.58 -9.97 29.91
CA CYS A 538 -9.35 -10.23 28.50
C CYS A 538 -9.78 -11.66 28.25
N VAL A 539 -10.87 -11.83 27.49
CA VAL A 539 -11.52 -13.11 27.28
C VAL A 539 -11.81 -13.32 25.80
N ASN A 540 -11.59 -14.53 25.33
CA ASN A 540 -11.99 -14.88 23.97
C ASN A 540 -13.48 -15.14 24.04
N PHE A 541 -14.28 -14.51 23.18
CA PHE A 541 -15.72 -14.68 23.23
C PHE A 541 -16.30 -15.09 21.89
N ASN A 542 -17.44 -15.78 21.98
CA ASN A 542 -18.29 -16.16 20.85
C ASN A 542 -19.75 -15.92 21.20
N PHE A 543 -20.35 -14.87 20.66
CA PHE A 543 -21.75 -14.51 20.88
C PHE A 543 -22.49 -14.84 19.60
N ASN A 544 -23.33 -15.89 19.64
CA ASN A 544 -23.98 -16.41 18.43
C ASN A 544 -22.88 -16.81 17.46
N GLY A 545 -22.76 -16.12 16.32
CA GLY A 545 -21.73 -16.43 15.33
C GLY A 545 -20.65 -15.36 15.27
N LEU A 546 -20.65 -14.41 16.20
CA LEU A 546 -19.74 -13.28 16.23
C LEU A 546 -18.63 -13.63 17.22
N THR A 547 -17.39 -13.67 16.76
CA THR A 547 -16.27 -14.08 17.59
C THR A 547 -15.25 -12.97 17.68
N GLY A 548 -14.42 -13.06 18.71
CA GLY A 548 -13.35 -12.10 18.90
C GLY A 548 -12.75 -12.24 20.27
N THR A 549 -11.79 -11.37 20.56
CA THR A 549 -11.12 -11.35 21.85
C THR A 549 -11.16 -9.94 22.40
N GLY A 550 -11.49 -9.79 23.67
CA GLY A 550 -11.56 -8.45 24.24
C GLY A 550 -12.01 -8.46 25.68
N VAL A 551 -12.27 -7.26 26.19
CA VAL A 551 -12.68 -7.05 27.57
C VAL A 551 -14.14 -6.62 27.55
N LEU A 552 -14.99 -7.37 28.25
CA LEU A 552 -16.42 -7.11 28.28
C LEU A 552 -16.75 -6.28 29.52
N THR A 553 -17.46 -5.18 29.32
CA THR A 553 -17.89 -4.33 30.43
C THR A 553 -19.35 -3.95 30.21
N GLU A 554 -20.03 -3.52 31.26
CA GLU A 554 -21.40 -3.06 31.09
C GLU A 554 -21.39 -1.80 30.24
N SER A 555 -22.35 -1.71 29.32
CA SER A 555 -22.48 -0.56 28.43
C SER A 555 -23.61 0.36 28.85
N ASN A 556 -23.47 1.64 28.52
CA ASN A 556 -24.51 2.63 28.73
C ASN A 556 -25.32 2.90 27.47
N LYS A 557 -25.04 2.18 26.38
CA LYS A 557 -25.75 2.31 25.12
C LYS A 557 -26.98 1.43 25.12
N LYS A 558 -28.01 1.86 24.38
CA LYS A 558 -29.24 1.11 24.23
C LYS A 558 -29.41 0.74 22.76
N PHE A 559 -29.79 -0.52 22.54
CA PHE A 559 -30.01 -1.08 21.21
C PHE A 559 -31.48 -1.39 21.01
N LEU A 560 -31.93 -1.22 19.76
CA LEU A 560 -33.31 -1.55 19.42
C LEU A 560 -33.55 -3.03 19.72
N PRO A 561 -34.81 -3.43 19.99
CA PRO A 561 -35.07 -4.84 20.33
C PRO A 561 -34.50 -5.88 19.37
N PHE A 562 -34.37 -5.58 18.08
CA PHE A 562 -33.87 -6.55 17.11
C PHE A 562 -32.37 -6.47 16.85
N GLN A 563 -31.67 -5.46 17.38
CA GLN A 563 -30.24 -5.32 17.15
C GLN A 563 -29.46 -6.18 18.14
N GLN A 564 -28.49 -6.95 17.64
CA GLN A 564 -27.75 -7.87 18.50
C GLN A 564 -26.35 -7.38 18.84
N PHE A 565 -25.74 -6.56 17.99
CA PHE A 565 -24.40 -6.04 18.22
C PHE A 565 -24.27 -4.73 17.46
N GLY A 566 -23.25 -3.94 17.82
CA GLY A 566 -22.97 -2.69 17.15
C GLY A 566 -21.55 -2.59 16.61
N ARG A 567 -21.32 -1.50 15.87
CA ARG A 567 -20.02 -1.20 15.28
C ARG A 567 -19.70 0.27 15.46
N ASP A 568 -18.40 0.57 15.46
CA ASP A 568 -17.90 1.94 15.54
C ASP A 568 -17.81 2.57 14.15
N ILE A 569 -17.17 3.76 14.09
CA ILE A 569 -17.06 4.54 12.87
C ILE A 569 -16.32 3.83 11.74
N ALA A 570 -15.52 2.80 12.04
CA ALA A 570 -14.75 2.06 11.04
C ALA A 570 -15.22 0.62 10.92
N ASP A 571 -16.48 0.38 11.28
CA ASP A 571 -17.12 -0.93 11.21
C ASP A 571 -16.42 -1.97 12.07
N THR A 572 -15.83 -1.56 13.19
CA THR A 572 -15.21 -2.48 14.13
C THR A 572 -16.26 -2.75 15.21
N THR A 573 -16.45 -4.02 15.56
CA THR A 573 -17.45 -4.35 16.57
C THR A 573 -17.15 -3.61 17.88
N ASP A 574 -18.14 -2.89 18.41
CA ASP A 574 -17.95 -2.14 19.64
C ASP A 574 -18.70 -2.69 20.84
N ALA A 575 -19.83 -3.35 20.61
CA ALA A 575 -20.63 -3.87 21.72
C ALA A 575 -21.50 -5.00 21.20
N VAL A 576 -21.90 -5.88 22.13
CA VAL A 576 -22.82 -6.97 21.82
C VAL A 576 -23.91 -7.02 22.89
N ARG A 577 -25.05 -7.60 22.50
CA ARG A 577 -26.14 -7.87 23.42
C ARG A 577 -26.13 -9.36 23.74
N ASP A 578 -25.91 -9.70 25.01
CA ASP A 578 -25.77 -11.10 25.42
C ASP A 578 -27.01 -11.89 24.98
N PRO A 579 -26.84 -13.02 24.29
CA PRO A 579 -28.01 -13.82 23.87
C PRO A 579 -29.01 -14.21 24.96
N GLN A 580 -28.60 -14.31 26.22
CA GLN A 580 -29.51 -14.72 27.29
C GLN A 580 -29.95 -13.58 28.19
N THR A 581 -29.08 -12.63 28.48
CA THR A 581 -29.38 -11.48 29.33
C THR A 581 -29.47 -10.28 28.39
N LEU A 582 -30.62 -9.64 28.31
CA LEU A 582 -30.79 -8.60 27.29
C LEU A 582 -30.24 -7.29 27.85
N GLU A 583 -28.90 -7.24 27.88
CA GLU A 583 -28.11 -6.12 28.35
C GLU A 583 -27.04 -5.87 27.30
N ILE A 584 -26.54 -4.64 27.23
CA ILE A 584 -25.52 -4.29 26.24
C ILE A 584 -24.16 -4.31 26.94
N LEU A 585 -23.20 -5.01 26.32
CA LEU A 585 -21.84 -5.12 26.81
C LEU A 585 -20.89 -4.44 25.84
N ASP A 586 -20.05 -3.55 26.34
CA ASP A 586 -19.05 -2.91 25.50
C ASP A 586 -17.84 -3.83 25.43
N ILE A 587 -17.17 -3.80 24.29
CA ILE A 587 -15.95 -4.56 24.05
C ILE A 587 -14.80 -3.58 23.93
N THR A 588 -13.83 -3.68 24.84
CA THR A 588 -12.65 -2.87 24.83
C THR A 588 -11.51 -3.75 24.34
N PRO A 589 -10.69 -3.34 23.37
CA PRO A 589 -9.56 -4.20 22.98
C PRO A 589 -8.62 -4.44 24.15
N CYS A 590 -8.01 -5.62 24.14
CA CYS A 590 -7.03 -5.95 25.16
C CYS A 590 -5.77 -5.14 24.84
N SER A 591 -5.14 -4.60 25.88
CA SER A 591 -4.02 -3.68 25.67
C SER A 591 -2.95 -4.33 24.79
N PHE A 592 -2.42 -3.53 23.86
CA PHE A 592 -1.41 -4.00 22.92
C PHE A 592 -0.31 -2.98 22.67
N GLY A 593 0.03 -2.17 23.67
CA GLY A 593 1.00 -1.12 23.44
C GLY A 593 2.39 -1.64 23.15
N GLY A 594 3.15 -0.85 22.41
CA GLY A 594 4.52 -1.20 22.09
C GLY A 594 5.45 -1.08 23.29
N VAL A 595 6.57 -1.78 23.22
CA VAL A 595 7.59 -1.79 24.26
C VAL A 595 8.88 -1.31 23.64
N SER A 596 9.43 -0.26 24.24
CA SER A 596 10.67 0.39 23.83
C SER A 596 11.70 0.30 24.94
N VAL A 597 12.97 0.14 24.58
CA VAL A 597 14.05 0.00 25.55
C VAL A 597 14.89 1.26 25.51
N ILE A 598 15.09 1.85 26.68
CA ILE A 598 15.85 3.08 26.87
C ILE A 598 17.21 2.63 27.33
N THR A 599 18.23 2.88 26.51
CA THR A 599 19.59 2.41 26.77
C THR A 599 20.55 3.59 26.86
N PRO A 600 21.27 3.81 27.98
CA PRO A 600 22.27 4.89 28.02
C PRO A 600 23.42 4.70 27.05
N GLY A 601 23.63 3.48 26.57
CA GLY A 601 24.73 3.13 25.70
C GLY A 601 25.58 2.10 26.42
N THR A 602 26.10 1.12 25.66
CA THR A 602 26.86 0.03 26.26
C THR A 602 28.30 0.40 26.59
N ASN A 603 28.74 1.61 26.25
CA ASN A 603 30.07 2.06 26.62
C ASN A 603 30.07 2.79 27.96
N THR A 604 28.93 2.84 28.65
CA THR A 604 28.76 3.50 29.93
C THR A 604 28.29 2.52 30.99
N SER A 605 27.19 1.80 30.73
CA SER A 605 26.63 0.84 31.68
C SER A 605 25.72 -0.09 30.90
N ASN A 606 25.27 -1.15 31.58
CA ASN A 606 24.32 -2.11 31.02
C ASN A 606 22.94 -2.00 31.67
N GLN A 607 22.63 -0.87 32.29
CA GLN A 607 21.33 -0.65 32.91
C GLN A 607 20.41 -0.07 31.85
N VAL A 608 19.19 -0.60 31.76
CA VAL A 608 18.18 -0.11 30.82
C VAL A 608 16.87 0.12 31.54
N ALA A 609 16.01 0.92 30.89
CA ALA A 609 14.65 1.19 31.34
C ALA A 609 13.71 0.77 30.22
N VAL A 610 12.49 0.38 30.56
CA VAL A 610 11.53 -0.09 29.55
C VAL A 610 10.27 0.77 29.61
N LEU A 611 9.88 1.28 28.44
CA LEU A 611 8.68 2.09 28.28
C LEU A 611 7.60 1.25 27.61
N TYR A 612 6.40 1.22 28.20
CA TYR A 612 5.25 0.54 27.62
C TYR A 612 4.38 1.70 27.15
N GLN A 613 4.39 1.92 25.83
CA GLN A 613 3.90 3.18 25.27
C GLN A 613 2.41 3.44 25.54
N ASP A 614 1.56 2.42 25.40
CA ASP A 614 0.12 2.55 25.60
C ASP A 614 -0.43 1.73 26.76
N VAL A 615 0.40 1.37 27.73
CA VAL A 615 0.00 0.45 28.80
C VAL A 615 -0.04 1.22 30.12
N ASN A 616 -1.14 1.06 30.83
CA ASN A 616 -1.28 1.63 32.17
C ASN A 616 -0.42 0.84 33.14
N CYS A 617 0.16 1.53 34.11
CA CYS A 617 1.01 0.86 35.09
C CYS A 617 0.21 -0.11 35.96
N THR A 618 -1.10 0.07 36.06
CA THR A 618 -1.97 -0.83 36.81
C THR A 618 -1.78 -2.27 36.34
N SER A 640 9.80 -0.84 42.41
CA SER A 640 9.54 0.59 42.36
C SER A 640 9.95 1.14 40.99
N ASN A 641 10.26 2.44 40.93
CA ASN A 641 10.63 3.10 39.67
C ASN A 641 9.58 2.90 38.59
N VAL A 642 8.31 3.04 38.97
CA VAL A 642 7.18 2.93 38.07
C VAL A 642 6.58 4.33 37.91
N PHE A 643 6.74 4.91 36.72
CA PHE A 643 6.28 6.28 36.46
C PHE A 643 5.26 6.26 35.32
N GLN A 644 4.05 6.71 35.60
CA GLN A 644 2.97 6.72 34.62
C GLN A 644 2.93 8.11 33.96
N THR A 645 3.13 8.18 32.64
CA THR A 645 3.04 9.45 31.92
C THR A 645 2.17 9.29 30.69
N ARG A 646 1.96 10.42 30.00
CA ARG A 646 1.12 10.46 28.81
C ARG A 646 1.72 9.59 27.71
N ALA A 647 3.03 9.39 27.74
CA ALA A 647 3.72 8.60 26.74
C ALA A 647 3.76 7.11 27.09
N GLY A 648 3.19 6.71 28.23
CA GLY A 648 3.21 5.33 28.65
C GLY A 648 3.81 5.13 30.03
N CYS A 649 3.74 3.87 30.47
CA CYS A 649 4.26 3.49 31.77
C CYS A 649 5.76 3.22 31.63
N LEU A 650 6.58 3.92 32.40
CA LEU A 650 8.03 3.82 32.36
C LEU A 650 8.51 3.04 33.57
N ILE A 651 9.19 1.92 33.33
CA ILE A 651 9.69 1.02 34.37
C ILE A 651 11.20 1.12 34.39
N GLY A 652 11.76 1.35 35.59
CA GLY A 652 13.19 1.37 35.82
C GLY A 652 13.81 2.76 35.94
N ALA A 653 13.12 3.81 35.52
CA ALA A 653 13.65 5.16 35.65
C ALA A 653 13.19 5.78 36.97
N GLU A 654 14.07 6.56 37.58
CA GLU A 654 13.75 7.30 38.80
C GLU A 654 13.29 8.70 38.42
N HIS A 655 12.05 9.04 38.76
CA HIS A 655 11.54 10.36 38.47
C HIS A 655 12.11 11.38 39.45
N VAL A 656 12.54 12.52 38.92
CA VAL A 656 13.08 13.61 39.73
C VAL A 656 12.34 14.90 39.38
N ASN A 657 12.44 15.88 40.29
CA ASN A 657 11.79 17.17 40.10
C ASN A 657 12.73 18.21 39.50
N ASN A 658 13.94 17.83 39.12
CA ASN A 658 14.92 18.73 38.53
C ASN A 658 14.85 18.62 37.02
N SER A 659 14.72 19.76 36.35
CA SER A 659 14.72 19.76 34.89
C SER A 659 16.16 19.82 34.39
N TYR A 660 16.36 19.34 33.16
CA TYR A 660 17.67 19.37 32.51
C TYR A 660 17.44 19.43 31.01
N GLU A 661 18.53 19.51 30.26
CA GLU A 661 18.43 19.45 28.81
C GLU A 661 17.98 18.05 28.44
N CYS A 662 17.23 17.93 27.35
CA CYS A 662 16.79 16.61 26.92
C CYS A 662 17.95 15.82 26.32
N ASP A 663 17.99 14.53 26.65
CA ASP A 663 19.01 13.61 26.15
C ASP A 663 18.36 12.48 25.36
N ILE A 664 17.63 11.58 26.00
CA ILE A 664 16.90 10.52 25.31
C ILE A 664 15.41 10.85 25.40
N PRO A 665 14.76 11.28 24.32
CA PRO A 665 13.36 11.73 24.46
C PRO A 665 12.43 10.57 24.80
N ILE A 666 11.45 10.84 25.65
CA ILE A 666 10.42 9.88 26.01
C ILE A 666 9.09 10.25 25.37
N GLY A 667 8.68 11.51 25.52
CA GLY A 667 7.44 12.01 24.94
C GLY A 667 6.62 12.83 25.91
N ALA A 668 5.76 13.69 25.35
CA ALA A 668 4.85 14.54 26.12
C ALA A 668 5.61 15.37 27.16
N GLY A 669 6.78 15.87 26.76
CA GLY A 669 7.56 16.72 27.63
C GLY A 669 8.53 15.98 28.52
N ILE A 670 8.44 14.65 28.58
CA ILE A 670 9.30 13.83 29.42
C ILE A 670 10.48 13.34 28.60
N CYS A 671 11.67 13.41 29.20
CA CYS A 671 12.92 12.99 28.59
C CYS A 671 13.70 12.27 29.66
N ALA A 672 14.45 11.24 29.27
CA ALA A 672 15.27 10.46 30.19
C ALA A 672 16.75 10.71 29.98
N SER A 673 17.52 10.50 31.04
CA SER A 673 18.98 10.67 31.00
C SER A 673 19.63 9.79 32.05
N TYR A 674 20.91 9.47 31.84
CA TYR A 674 21.68 8.67 32.79
C TYR A 674 22.51 9.60 33.64
N GLN A 675 22.12 9.76 34.91
CA GLN A 675 22.69 10.74 35.81
C GLN A 675 22.77 10.16 37.23
N THR A 676 23.65 10.77 38.03
CA THR A 676 23.75 10.40 39.45
C THR A 676 22.58 10.97 40.22
N SER A 689 25.48 4.41 42.08
CA SER A 689 26.05 5.68 41.64
C SER A 689 25.16 6.32 40.58
N GLN A 690 25.39 5.99 39.31
CA GLN A 690 24.62 6.56 38.21
C GLN A 690 23.43 5.66 37.88
N SER A 691 22.28 6.28 37.60
CA SER A 691 21.09 5.55 37.24
C SER A 691 20.30 6.32 36.19
N ILE A 692 19.39 5.62 35.52
CA ILE A 692 18.52 6.25 34.54
C ILE A 692 17.43 7.01 35.29
N ILE A 693 17.24 8.27 34.92
CA ILE A 693 16.23 9.13 35.51
C ILE A 693 15.30 9.62 34.40
N ALA A 694 14.12 10.05 34.81
CA ALA A 694 13.11 10.64 33.93
C ALA A 694 12.79 12.02 34.48
N TYR A 695 12.65 12.99 33.59
CA TYR A 695 12.36 14.36 34.02
C TYR A 695 11.65 15.12 32.92
N THR A 696 11.02 16.23 33.30
CA THR A 696 10.48 17.15 32.33
C THR A 696 11.64 17.99 31.84
N MET A 697 11.80 18.11 30.52
CA MET A 697 12.96 18.81 30.01
C MET A 697 12.87 20.31 30.23
N SER A 698 14.04 20.92 30.36
CA SER A 698 14.17 22.37 30.42
C SER A 698 14.04 22.91 29.01
N LEU A 699 13.40 24.06 28.87
CA LEU A 699 13.26 24.65 27.54
C LEU A 699 14.43 25.57 27.23
N GLY A 700 15.06 26.11 28.25
CA GLY A 700 16.17 27.03 28.05
C GLY A 700 16.55 27.68 29.36
N ALA A 701 17.63 28.47 29.28
CA ALA A 701 18.10 29.17 30.46
C ALA A 701 17.14 30.30 30.77
N GLU A 702 16.92 30.56 32.06
CA GLU A 702 16.11 31.72 32.40
C GLU A 702 16.93 32.98 32.08
N ASN A 703 16.30 33.94 31.41
CA ASN A 703 16.95 35.20 31.04
C ASN A 703 15.91 36.29 31.17
N SER A 704 15.97 37.06 32.26
CA SER A 704 14.99 38.11 32.51
C SER A 704 15.51 39.38 31.84
N CYS A 705 14.80 39.84 30.81
CA CYS A 705 15.17 41.03 30.07
C CYS A 705 14.34 42.20 30.59
N ALA A 706 15.00 43.18 31.19
CA ALA A 706 14.30 44.31 31.76
C ALA A 706 13.85 45.25 30.66
N TYR A 707 12.63 45.74 30.76
CA TYR A 707 12.10 46.73 29.83
C TYR A 707 12.06 48.08 30.53
N SER A 708 12.53 49.11 29.84
CA SER A 708 12.49 50.48 30.34
C SER A 708 12.21 51.40 29.16
N ASN A 709 11.50 52.48 29.42
CA ASN A 709 11.16 53.44 28.39
C ASN A 709 12.20 54.55 28.23
N ASN A 710 13.30 54.49 28.99
CA ASN A 710 14.35 55.51 28.90
C ASN A 710 15.75 54.93 29.04
N SER A 711 15.94 53.64 28.75
CA SER A 711 17.25 53.01 28.90
C SER A 711 17.48 52.03 27.76
N ILE A 712 18.69 52.07 27.21
CA ILE A 712 19.09 51.25 26.07
C ILE A 712 20.41 50.58 26.40
N ALA A 713 20.58 49.34 25.94
CA ALA A 713 21.86 48.66 26.04
C ALA A 713 22.53 48.78 24.68
N ILE A 714 23.81 49.17 24.69
CA ILE A 714 24.64 49.31 23.50
C ILE A 714 25.88 48.47 23.71
N PRO A 715 26.30 47.61 22.77
CA PRO A 715 27.53 46.85 22.99
C PRO A 715 28.73 47.76 23.19
N THR A 716 29.60 47.36 24.12
CA THR A 716 30.84 48.06 24.39
C THR A 716 32.05 47.26 23.91
N ASN A 717 31.85 45.98 23.60
CA ASN A 717 32.89 45.11 23.10
C ASN A 717 32.17 44.08 22.24
N PHE A 718 32.96 43.36 21.44
CA PHE A 718 32.42 42.38 20.52
C PHE A 718 33.40 41.24 20.32
N THR A 719 32.88 40.14 19.80
CA THR A 719 33.68 39.00 19.43
C THR A 719 33.33 38.58 18.01
N ILE A 720 34.19 37.73 17.47
CA ILE A 720 34.02 37.12 16.16
C ILE A 720 33.77 35.66 16.44
N SER A 721 32.67 35.13 15.92
CA SER A 721 32.27 33.75 16.14
C SER A 721 32.26 33.03 14.82
N VAL A 722 32.71 31.78 14.84
CA VAL A 722 32.70 30.94 13.65
C VAL A 722 31.88 29.70 14.00
N THR A 723 30.89 29.40 13.18
CA THR A 723 30.06 28.23 13.37
C THR A 723 30.12 27.36 12.11
N THR A 724 29.57 26.16 12.21
CA THR A 724 29.62 25.18 11.14
C THR A 724 28.22 24.72 10.77
N GLU A 725 27.93 24.70 9.48
CA GLU A 725 26.65 24.20 8.95
C GLU A 725 27.00 23.11 7.96
N ILE A 726 26.39 21.94 8.11
CA ILE A 726 26.71 20.78 7.27
C ILE A 726 25.45 20.39 6.51
N LEU A 727 25.55 20.34 5.17
CA LEU A 727 24.41 19.98 4.33
C LEU A 727 24.78 18.84 3.38
N PRO A 728 23.93 17.81 3.24
CA PRO A 728 24.15 16.84 2.16
C PRO A 728 24.00 17.52 0.81
N VAL A 729 24.81 17.08 -0.15
CA VAL A 729 24.74 17.55 -1.53
C VAL A 729 24.39 16.42 -2.49
N SER A 730 24.94 15.23 -2.29
CA SER A 730 24.74 14.14 -3.23
C SER A 730 24.51 12.84 -2.49
N MET A 731 23.86 11.92 -3.20
CA MET A 731 23.49 10.59 -2.72
C MET A 731 24.27 9.57 -3.54
N THR A 732 24.54 8.42 -2.95
CA THR A 732 25.23 7.36 -3.69
C THR A 732 24.41 7.01 -4.93
N LYS A 733 25.09 6.95 -6.07
CA LYS A 733 24.43 6.66 -7.36
C LYS A 733 24.40 5.16 -7.60
N THR A 734 23.33 4.51 -7.18
CA THR A 734 23.25 3.07 -7.32
C THR A 734 22.65 2.73 -8.69
N SER A 735 22.82 1.47 -9.09
CA SER A 735 22.23 0.95 -10.32
C SER A 735 21.84 -0.48 -10.07
N VAL A 736 20.59 -0.82 -10.34
CA VAL A 736 20.04 -2.15 -10.08
C VAL A 736 19.61 -2.76 -11.40
N ASP A 737 20.14 -3.95 -11.69
CA ASP A 737 19.74 -4.68 -12.89
C ASP A 737 18.49 -5.47 -12.53
N CYS A 738 17.35 -4.99 -13.03
CA CYS A 738 16.06 -5.59 -12.70
C CYS A 738 16.03 -7.09 -13.01
N THR A 739 16.46 -7.47 -14.22
CA THR A 739 16.44 -8.87 -14.61
C THR A 739 17.36 -9.71 -13.74
N MET A 740 18.59 -9.24 -13.51
CA MET A 740 19.53 -10.02 -12.72
C MET A 740 19.04 -10.19 -11.29
N TYR A 741 18.47 -9.14 -10.71
CA TYR A 741 17.96 -9.23 -9.34
C TYR A 741 16.80 -10.20 -9.26
N ILE A 742 15.82 -10.05 -10.15
CA ILE A 742 14.63 -10.89 -10.10
C ILE A 742 14.94 -12.28 -10.61
N CYS A 743 15.60 -12.37 -11.75
CA CYS A 743 15.88 -13.60 -12.47
C CYS A 743 17.39 -13.84 -12.54
N GLY A 744 17.89 -14.70 -11.66
CA GLY A 744 19.32 -14.92 -11.58
C GLY A 744 19.91 -15.79 -12.67
N ASP A 745 20.01 -15.23 -13.88
CA ASP A 745 20.62 -15.89 -15.03
C ASP A 745 19.99 -17.26 -15.36
N SER A 746 18.67 -17.28 -15.54
CA SER A 746 17.97 -18.51 -15.87
C SER A 746 16.88 -18.19 -16.88
N THR A 747 16.81 -19.01 -17.93
CA THR A 747 15.87 -18.76 -19.03
C THR A 747 14.42 -18.75 -18.57
N GLU A 748 14.02 -19.68 -17.69
CA GLU A 748 12.62 -19.78 -17.33
C GLU A 748 12.12 -18.54 -16.59
N CYS A 749 12.90 -18.04 -15.63
CA CYS A 749 12.45 -16.84 -14.94
C CYS A 749 12.50 -15.61 -15.84
N SER A 750 13.39 -15.61 -16.83
CA SER A 750 13.44 -14.49 -17.75
C SER A 750 12.18 -14.47 -18.61
N ASN A 751 11.81 -15.64 -19.14
CA ASN A 751 10.65 -15.72 -20.01
C ASN A 751 9.37 -15.45 -19.23
N LEU A 752 9.35 -15.76 -17.94
CA LEU A 752 8.16 -15.44 -17.14
C LEU A 752 8.15 -13.97 -16.75
N LEU A 753 9.34 -13.39 -16.52
CA LEU A 753 9.40 -11.97 -16.20
C LEU A 753 8.92 -11.15 -17.38
N LEU A 754 9.14 -11.64 -18.60
CA LEU A 754 8.69 -10.92 -19.79
C LEU A 754 7.17 -10.97 -19.96
N GLN A 755 6.44 -11.66 -19.08
CA GLN A 755 4.98 -11.68 -19.17
C GLN A 755 4.37 -10.47 -18.47
N TYR A 756 5.19 -9.69 -17.78
CA TYR A 756 4.82 -8.48 -17.06
C TYR A 756 5.16 -7.31 -17.96
N GLY A 757 4.55 -6.17 -17.71
CA GLY A 757 4.87 -5.03 -18.55
C GLY A 757 6.27 -4.54 -18.22
N SER A 758 6.61 -3.38 -18.79
CA SER A 758 7.99 -2.92 -18.68
C SER A 758 8.28 -2.29 -17.31
N PHE A 759 8.17 -3.13 -16.27
CA PHE A 759 8.48 -2.65 -14.93
C PHE A 759 9.97 -2.39 -14.80
N CYS A 760 10.78 -3.22 -15.44
CA CYS A 760 12.23 -3.07 -15.40
C CYS A 760 12.67 -1.80 -16.08
N THR A 761 11.98 -1.39 -17.14
CA THR A 761 12.35 -0.15 -17.80
C THR A 761 12.06 1.02 -16.88
N GLN A 762 10.91 1.01 -16.20
CA GLN A 762 10.57 2.10 -15.31
C GLN A 762 11.55 2.18 -14.15
N LEU A 763 11.96 1.02 -13.63
CA LEU A 763 12.89 1.00 -12.51
C LEU A 763 14.27 1.52 -12.94
N ASN A 764 14.70 1.13 -14.15
CA ASN A 764 15.99 1.60 -14.64
C ASN A 764 15.96 3.09 -14.94
N ARG A 765 14.83 3.59 -15.45
CA ARG A 765 14.73 5.02 -15.74
C ARG A 765 14.72 5.80 -14.45
N ALA A 766 14.04 5.30 -13.42
CA ALA A 766 14.00 6.01 -12.14
C ALA A 766 15.39 6.09 -11.52
N LEU A 767 16.14 4.99 -11.57
CA LEU A 767 17.46 5.03 -10.96
C LEU A 767 18.43 5.85 -11.79
N THR A 768 18.28 5.84 -13.12
CA THR A 768 19.15 6.67 -13.95
C THR A 768 18.86 8.14 -13.64
N GLY A 769 17.57 8.47 -13.56
CA GLY A 769 17.18 9.84 -13.27
C GLY A 769 17.76 10.31 -11.96
N ILE A 770 17.78 9.42 -10.96
CA ILE A 770 18.38 9.78 -9.67
C ILE A 770 19.87 10.04 -9.85
N ALA A 771 20.58 9.15 -10.54
CA ALA A 771 22.03 9.34 -10.71
C ALA A 771 22.33 10.67 -11.40
N VAL A 772 21.53 11.01 -12.41
CA VAL A 772 21.74 12.26 -13.12
C VAL A 772 21.45 13.43 -12.19
N GLU A 773 20.38 13.32 -11.41
CA GLU A 773 20.05 14.36 -10.45
C GLU A 773 21.18 14.58 -9.46
N GLN A 774 21.86 13.51 -9.04
CA GLN A 774 22.94 13.69 -8.07
C GLN A 774 24.11 14.43 -8.70
N ASP A 775 24.41 14.13 -9.97
CA ASP A 775 25.45 14.89 -10.65
C ASP A 775 25.05 16.35 -10.81
N LYS A 776 23.77 16.58 -11.09
CA LYS A 776 23.28 17.94 -11.25
C LYS A 776 23.38 18.71 -9.95
N ASN A 777 23.04 18.06 -8.84
CA ASN A 777 23.11 18.72 -7.53
C ASN A 777 24.53 19.10 -7.21
N THR A 778 25.48 18.21 -7.53
CA THR A 778 26.88 18.51 -7.23
C THR A 778 27.35 19.69 -8.07
N GLN A 779 26.96 19.72 -9.34
CA GLN A 779 27.36 20.82 -10.20
C GLN A 779 26.75 22.14 -9.72
N GLU A 780 25.49 22.10 -9.29
CA GLU A 780 24.83 23.32 -8.82
C GLU A 780 25.47 23.86 -7.55
N VAL A 781 25.91 22.98 -6.65
CA VAL A 781 26.51 23.45 -5.40
C VAL A 781 27.94 23.92 -5.60
N PHE A 782 28.77 23.16 -6.32
CA PHE A 782 30.20 23.49 -6.38
C PHE A 782 30.67 24.20 -7.64
N ALA A 783 29.92 24.20 -8.73
CA ALA A 783 30.39 24.75 -10.00
C ALA A 783 29.67 26.05 -10.36
N GLN A 784 29.33 26.85 -9.35
CA GLN A 784 28.63 28.11 -9.61
C GLN A 784 29.54 29.11 -10.32
N VAL A 785 30.83 29.10 -9.99
CA VAL A 785 31.83 30.00 -10.56
C VAL A 785 32.82 29.14 -11.33
N LYS A 786 32.99 29.45 -12.61
CA LYS A 786 33.87 28.65 -13.45
C LYS A 786 35.31 29.13 -13.45
N GLN A 787 35.58 30.41 -13.15
CA GLN A 787 36.97 30.86 -13.15
C GLN A 787 37.69 30.18 -11.99
N ILE A 788 38.87 29.66 -12.24
CA ILE A 788 39.66 28.96 -11.24
C ILE A 788 40.75 29.89 -10.73
N TYR A 789 40.67 30.23 -9.44
CA TYR A 789 41.58 31.16 -8.80
C TYR A 789 42.63 30.36 -8.05
N LYS A 790 43.83 30.90 -7.95
CA LYS A 790 44.92 30.25 -7.25
C LYS A 790 45.13 30.89 -5.88
N THR A 791 45.54 30.08 -4.92
CA THR A 791 45.87 30.61 -3.61
C THR A 791 47.06 31.55 -3.77
N PRO A 792 46.99 32.80 -3.31
CA PRO A 792 48.14 33.70 -3.47
C PRO A 792 49.37 33.15 -2.74
N PRO A 793 50.57 33.35 -3.29
CA PRO A 793 51.78 33.01 -2.49
C PRO A 793 51.89 33.86 -1.24
N ILE A 794 51.27 35.03 -1.23
CA ILE A 794 51.32 35.94 -0.10
C ILE A 794 50.40 35.42 0.99
N LYS A 795 50.93 35.31 2.21
CA LYS A 795 50.19 34.87 3.38
C LYS A 795 49.98 36.02 4.36
N ASP A 796 50.35 37.25 3.99
CA ASP A 796 50.17 38.43 4.80
C ASP A 796 48.82 39.04 4.45
N PHE A 797 47.81 38.75 5.26
CA PHE A 797 46.45 39.21 5.07
C PHE A 797 46.01 40.07 6.26
N GLY A 798 46.93 40.82 6.83
CA GLY A 798 46.60 41.69 7.93
C GLY A 798 46.39 40.97 9.23
N GLY A 799 47.00 39.80 9.42
CA GLY A 799 46.85 39.01 10.62
C GLY A 799 45.93 37.82 10.47
N PHE A 800 45.17 37.73 9.38
CA PHE A 800 44.26 36.61 9.15
C PHE A 800 45.06 35.46 8.54
N ASN A 801 45.05 34.31 9.22
CA ASN A 801 45.90 33.19 8.85
C ASN A 801 45.37 32.40 7.66
N PHE A 802 44.15 31.87 7.77
CA PHE A 802 43.50 31.03 6.75
C PHE A 802 44.23 29.72 6.45
N SER A 803 45.23 29.34 7.24
CA SER A 803 45.96 28.12 6.92
C SER A 803 45.13 26.85 7.08
N GLN A 804 44.02 26.91 7.81
CA GLN A 804 43.21 25.71 8.04
C GLN A 804 42.12 25.52 6.99
N ILE A 805 41.86 26.52 6.15
CA ILE A 805 40.83 26.44 5.13
C ILE A 805 41.42 26.30 3.73
N LEU A 806 42.60 26.86 3.49
CA LEU A 806 43.28 26.79 2.21
C LEU A 806 43.93 25.41 2.03
N PRO A 807 44.10 24.94 0.80
CA PRO A 807 44.69 23.61 0.60
C PRO A 807 46.11 23.56 1.13
N ASP A 808 46.46 22.41 1.73
CA ASP A 808 47.79 22.19 2.26
C ASP A 808 48.63 21.56 1.14
N PRO A 809 49.61 22.28 0.56
CA PRO A 809 50.31 21.73 -0.62
C PRO A 809 51.13 20.48 -0.34
N SER A 810 51.42 20.17 0.92
CA SER A 810 52.26 19.02 1.27
C SER A 810 51.48 17.71 1.37
N LYS A 811 50.16 17.75 1.37
CA LYS A 811 49.39 16.52 1.52
C LYS A 811 49.26 15.81 0.16
N PRO A 812 49.13 14.48 0.15
CA PRO A 812 48.88 13.77 -1.13
C PRO A 812 47.73 14.35 -1.93
N SER A 813 46.68 14.81 -1.26
CA SER A 813 45.52 15.43 -1.87
C SER A 813 45.50 16.88 -1.42
N LYS A 814 45.17 17.79 -2.35
CA LYS A 814 45.20 19.22 -2.03
C LYS A 814 43.94 19.59 -1.26
N ARG A 815 43.89 19.11 -0.02
CA ARG A 815 42.78 19.30 0.90
C ARG A 815 43.24 20.19 2.03
N SER A 816 42.31 20.97 2.58
CA SER A 816 42.66 21.78 3.73
C SER A 816 42.74 20.89 4.96
N PRO A 817 43.42 21.34 6.03
CA PRO A 817 43.37 20.60 7.29
C PRO A 817 41.96 20.25 7.75
N ILE A 818 41.02 21.18 7.56
CA ILE A 818 39.64 20.92 7.92
C ILE A 818 39.03 19.91 6.96
N GLU A 819 39.27 20.06 5.65
CA GLU A 819 38.73 19.10 4.71
C GLU A 819 39.33 17.72 4.96
N ASP A 820 40.64 17.67 5.22
CA ASP A 820 41.30 16.42 5.56
C ASP A 820 40.58 15.75 6.73
N LEU A 821 40.29 16.53 7.78
CA LEU A 821 39.60 15.99 8.94
C LEU A 821 38.21 15.48 8.56
N LEU A 822 37.48 16.26 7.76
CA LEU A 822 36.12 15.88 7.39
C LEU A 822 36.11 14.57 6.61
N PHE A 823 37.08 14.38 5.71
CA PHE A 823 37.14 13.14 4.95
C PHE A 823 37.57 11.97 5.82
N ASN A 824 38.51 12.20 6.75
CA ASN A 824 38.95 11.10 7.61
C ASN A 824 37.86 10.67 8.58
N LYS A 825 37.03 11.61 9.05
CA LYS A 825 35.96 11.24 9.96
C LYS A 825 34.85 10.48 9.24
N VAL A 826 34.54 10.86 8.00
CA VAL A 826 33.55 10.17 7.19
C VAL A 826 34.22 9.76 5.88
N GLN A 853 31.11 -3.81 -0.67
CA GLN A 853 30.74 -5.17 -1.06
C GLN A 853 30.36 -5.24 -2.54
N LYS A 854 30.70 -6.35 -3.18
CA LYS A 854 30.31 -6.62 -4.56
C LYS A 854 29.05 -7.48 -4.54
N PHE A 855 28.01 -7.03 -5.24
CA PHE A 855 26.73 -7.71 -5.32
C PHE A 855 26.43 -8.09 -6.77
N ASN A 856 25.66 -9.15 -6.93
CA ASN A 856 25.21 -9.60 -8.25
C ASN A 856 23.94 -8.87 -8.65
N GLY A 857 24.06 -7.89 -9.56
CA GLY A 857 22.96 -7.08 -10.02
C GLY A 857 22.86 -5.70 -9.40
N LEU A 858 23.54 -5.46 -8.28
CA LEU A 858 23.53 -4.17 -7.60
C LEU A 858 24.93 -3.57 -7.71
N THR A 859 25.06 -2.43 -8.37
CA THR A 859 26.35 -1.78 -8.53
C THR A 859 26.22 -0.32 -8.13
N VAL A 860 27.35 0.38 -8.13
CA VAL A 860 27.44 1.79 -7.76
C VAL A 860 28.16 2.53 -8.86
N LEU A 861 27.61 3.67 -9.29
CA LEU A 861 28.23 4.46 -10.33
C LEU A 861 29.11 5.53 -9.68
N PRO A 862 30.29 5.84 -10.20
CA PRO A 862 31.11 6.89 -9.59
C PRO A 862 30.55 8.28 -9.85
N PRO A 863 30.86 9.26 -9.01
CA PRO A 863 30.43 10.63 -9.28
C PRO A 863 31.17 11.18 -10.49
N LEU A 864 30.53 12.13 -11.17
CA LEU A 864 31.18 12.78 -12.29
C LEU A 864 32.35 13.65 -11.81
N LEU A 865 32.17 14.40 -10.73
CA LEU A 865 33.23 15.23 -10.17
C LEU A 865 33.88 14.46 -9.03
N THR A 866 35.18 14.23 -9.15
CA THR A 866 35.92 13.49 -8.14
C THR A 866 36.19 14.41 -6.94
N ASP A 867 36.65 13.80 -5.84
CA ASP A 867 36.94 14.57 -4.65
C ASP A 867 37.99 15.63 -4.93
N GLU A 868 38.95 15.34 -5.81
CA GLU A 868 39.95 16.34 -6.14
C GLU A 868 39.32 17.51 -6.88
N MET A 869 38.38 17.26 -7.78
CA MET A 869 37.74 18.34 -8.52
C MET A 869 36.88 19.19 -7.61
N ILE A 870 36.24 18.57 -6.62
CA ILE A 870 35.43 19.33 -5.67
C ILE A 870 36.36 20.19 -4.82
N ALA A 871 37.48 19.61 -4.38
CA ALA A 871 38.45 20.36 -3.61
C ALA A 871 38.97 21.55 -4.40
N GLN A 872 39.17 21.37 -5.71
CA GLN A 872 39.64 22.47 -6.55
C GLN A 872 38.58 23.55 -6.66
N TYR A 873 37.30 23.18 -6.76
CA TYR A 873 36.28 24.21 -6.80
C TYR A 873 36.24 24.98 -5.47
N THR A 874 36.38 24.26 -4.37
CA THR A 874 36.35 24.91 -3.06
C THR A 874 37.54 25.85 -2.93
N SER A 875 38.72 25.40 -3.36
CA SER A 875 39.91 26.24 -3.28
C SER A 875 39.74 27.49 -4.14
N ALA A 876 39.19 27.33 -5.35
CA ALA A 876 38.98 28.47 -6.21
C ALA A 876 38.03 29.47 -5.55
N LEU A 877 36.99 28.99 -4.89
CA LEU A 877 36.06 29.88 -4.22
C LEU A 877 36.74 30.61 -3.05
N LEU A 878 37.60 29.91 -2.32
CA LEU A 878 38.28 30.56 -1.20
C LEU A 878 39.27 31.61 -1.71
N ALA A 879 40.00 31.29 -2.77
CA ALA A 879 40.94 32.26 -3.31
C ALA A 879 40.21 33.46 -3.86
N GLY A 880 39.08 33.23 -4.52
CA GLY A 880 38.31 34.35 -5.06
C GLY A 880 37.80 35.25 -3.97
N THR A 881 37.27 34.66 -2.89
CA THR A 881 36.72 35.45 -1.80
C THR A 881 37.83 36.25 -1.11
N ILE A 882 38.95 35.60 -0.81
CA ILE A 882 40.04 36.29 -0.11
C ILE A 882 40.63 37.40 -0.96
N CYS A 883 40.88 37.13 -2.25
CA CYS A 883 41.47 38.14 -3.12
C CYS A 883 40.52 39.29 -3.43
N SER A 884 39.24 38.99 -3.71
CA SER A 884 38.31 40.00 -4.22
C SER A 884 36.97 40.07 -3.49
N GLY A 885 36.80 39.37 -2.38
CA GLY A 885 35.54 39.43 -1.65
C GLY A 885 34.37 38.91 -2.47
N TRP A 886 33.30 39.69 -2.53
CA TRP A 886 32.11 39.27 -3.28
C TRP A 886 32.11 39.70 -4.73
N THR A 887 33.12 40.46 -5.18
CA THR A 887 33.04 41.01 -6.53
C THR A 887 33.20 39.92 -7.59
N PHE A 888 33.91 38.83 -7.29
CA PHE A 888 34.12 37.80 -8.30
C PHE A 888 32.85 37.01 -8.58
N GLY A 889 31.86 37.06 -7.69
CA GLY A 889 30.64 36.31 -7.88
C GLY A 889 29.56 37.07 -8.60
N ALA A 890 29.81 38.32 -8.96
CA ALA A 890 28.82 39.16 -9.62
C ALA A 890 29.54 40.05 -10.64
N GLY A 891 30.36 39.45 -11.49
CA GLY A 891 31.15 40.17 -12.45
C GLY A 891 32.63 39.80 -12.36
N PRO A 892 33.51 40.64 -12.89
CA PRO A 892 34.95 40.35 -12.80
C PRO A 892 35.43 40.38 -11.35
N ALA A 893 36.50 39.64 -11.08
CA ALA A 893 37.10 39.67 -9.75
C ALA A 893 38.02 40.87 -9.63
N LEU A 894 37.73 41.74 -8.67
CA LEU A 894 38.49 42.96 -8.42
C LEU A 894 39.28 42.79 -7.12
N GLN A 895 40.61 42.79 -7.22
CA GLN A 895 41.41 42.53 -6.03
C GLN A 895 41.24 43.65 -5.01
N ILE A 896 41.20 43.28 -3.74
CA ILE A 896 41.13 44.26 -2.65
C ILE A 896 41.98 43.81 -1.47
N PRO A 897 42.66 44.69 -0.73
CA PRO A 897 43.32 44.23 0.50
C PRO A 897 42.30 43.62 1.44
N PHE A 898 42.67 42.52 2.09
CA PHE A 898 41.70 41.84 2.96
C PHE A 898 41.11 42.76 4.01
N PRO A 899 41.89 43.49 4.83
CA PRO A 899 41.27 44.32 5.88
C PRO A 899 40.26 45.32 5.34
N MET A 900 40.36 45.69 4.05
CA MET A 900 39.41 46.64 3.50
C MET A 900 38.14 45.90 3.10
N GLN A 901 38.29 44.63 2.75
CA GLN A 901 37.13 43.81 2.46
C GLN A 901 36.33 43.67 3.74
N MET A 902 37.06 43.44 4.84
CA MET A 902 36.41 43.31 6.13
C MET A 902 35.79 44.64 6.53
N ALA A 903 36.44 45.75 6.21
CA ALA A 903 35.87 47.06 6.54
C ALA A 903 34.52 47.23 5.87
N TYR A 904 34.41 46.75 4.63
CA TYR A 904 33.13 46.90 3.93
C TYR A 904 32.12 45.94 4.54
N ARG A 905 32.57 44.76 4.94
CA ARG A 905 31.68 43.80 5.58
C ARG A 905 31.17 44.32 6.92
N PHE A 906 32.00 45.09 7.63
CA PHE A 906 31.54 45.72 8.87
C PHE A 906 30.52 46.79 8.57
N ASN A 907 30.76 47.59 7.51
CA ASN A 907 29.76 48.59 7.14
C ASN A 907 28.44 47.91 6.79
N GLY A 908 28.51 46.72 6.20
CA GLY A 908 27.33 45.98 5.81
C GLY A 908 26.45 45.55 6.96
N ILE A 909 26.98 45.60 8.19
CA ILE A 909 26.25 45.23 9.40
C ILE A 909 26.03 46.43 10.33
N GLY A 910 26.25 47.65 9.84
CA GLY A 910 26.04 48.83 10.64
C GLY A 910 27.16 49.24 11.55
N VAL A 911 28.41 48.84 11.26
CA VAL A 911 29.56 49.19 12.07
C VAL A 911 30.51 49.98 11.18
N THR A 912 31.03 51.09 11.71
CA THR A 912 31.91 51.95 10.95
C THR A 912 33.29 51.30 10.72
N GLN A 913 34.01 51.84 9.74
CA GLN A 913 35.30 51.29 9.35
C GLN A 913 36.36 51.50 10.44
N ASN A 914 36.22 52.55 11.24
CA ASN A 914 37.20 52.80 12.29
C ASN A 914 37.23 51.68 13.31
N VAL A 915 36.12 50.94 13.46
CA VAL A 915 36.10 49.90 14.48
C VAL A 915 37.06 48.80 14.05
N LEU A 916 37.00 48.42 12.77
CA LEU A 916 37.87 47.36 12.28
C LEU A 916 39.31 47.82 12.25
N TYR A 917 39.57 49.07 11.85
CA TYR A 917 40.97 49.46 11.72
C TYR A 917 41.61 49.69 13.08
N GLU A 918 40.86 50.19 14.06
CA GLU A 918 41.44 50.39 15.37
C GLU A 918 41.66 49.07 16.10
N ASN A 919 40.77 48.10 15.89
CA ASN A 919 40.82 46.78 16.53
C ASN A 919 41.23 45.66 15.58
N GLN A 920 41.93 45.99 14.49
CA GLN A 920 42.31 44.98 13.50
C GLN A 920 43.07 43.80 14.12
N LYS A 921 43.99 44.08 15.04
CA LYS A 921 44.77 42.99 15.64
C LYS A 921 43.88 42.07 16.47
N LEU A 922 42.93 42.65 17.22
CA LEU A 922 42.05 41.85 18.04
C LEU A 922 41.13 41.00 17.17
N ILE A 923 40.60 41.59 16.11
CA ILE A 923 39.68 40.88 15.23
C ILE A 923 40.41 39.74 14.53
N ALA A 924 41.61 39.99 14.04
CA ALA A 924 42.38 38.93 13.39
C ALA A 924 42.70 37.80 14.38
N ASN A 925 43.00 38.15 15.64
CA ASN A 925 43.31 37.10 16.61
C ASN A 925 42.06 36.29 16.94
N GLN A 926 40.91 36.96 17.05
CA GLN A 926 39.68 36.25 17.35
C GLN A 926 39.32 35.33 16.20
N PHE A 927 39.55 35.78 14.96
CA PHE A 927 39.27 34.95 13.80
C PHE A 927 40.13 33.70 13.81
N ASN A 928 41.45 33.86 14.02
CA ASN A 928 42.33 32.71 13.97
C ASN A 928 42.02 31.73 15.10
N SER A 929 41.66 32.27 16.28
CA SER A 929 41.33 31.39 17.39
C SER A 929 40.04 30.64 17.11
N ALA A 930 39.06 31.34 16.52
CA ALA A 930 37.79 30.68 16.20
C ALA A 930 38.00 29.55 15.20
N ILE A 931 38.89 29.75 14.22
CA ILE A 931 39.13 28.69 13.24
C ILE A 931 39.76 27.49 13.94
N GLY A 932 40.74 27.75 14.82
CA GLY A 932 41.35 26.63 15.54
C GLY A 932 40.31 25.90 16.34
N LYS A 933 39.37 26.65 16.94
CA LYS A 933 38.29 26.02 17.71
C LYS A 933 37.42 25.17 16.80
N ILE A 934 37.24 25.59 15.53
CA ILE A 934 36.42 24.78 14.63
C ILE A 934 37.09 23.43 14.41
N GLN A 935 38.40 23.46 14.18
CA GLN A 935 39.09 22.19 13.93
C GLN A 935 39.01 21.30 15.17
N ASP A 936 39.18 21.90 16.35
CA ASP A 936 39.13 21.10 17.57
C ASP A 936 37.72 20.56 17.82
N SER A 937 36.70 21.37 17.54
CA SER A 937 35.32 20.96 17.74
C SER A 937 34.96 19.80 16.83
N LEU A 938 35.32 19.88 15.55
CA LEU A 938 35.00 18.80 14.63
C LEU A 938 35.76 17.53 14.99
N SER A 939 37.02 17.66 15.41
CA SER A 939 37.80 16.48 15.76
C SER A 939 37.27 15.81 17.02
N SER A 940 36.97 16.61 18.04
CA SER A 940 36.53 16.10 19.34
C SER A 940 35.16 15.43 19.30
N THR A 941 34.17 16.02 18.62
CA THR A 941 32.82 15.47 18.68
C THR A 941 32.51 14.56 17.50
N PRO A 942 32.42 13.23 17.68
CA PRO A 942 32.24 12.34 16.51
C PRO A 942 30.88 12.50 15.82
N SER A 943 29.88 13.04 16.52
CA SER A 943 28.54 13.22 15.97
C SER A 943 28.40 14.47 15.12
N ALA A 944 29.44 15.31 15.06
CA ALA A 944 29.35 16.59 14.37
C ALA A 944 28.98 16.41 12.90
N LEU A 945 29.43 15.31 12.28
CA LEU A 945 29.18 15.07 10.86
C LEU A 945 28.07 14.05 10.66
N GLY A 946 27.26 13.80 11.70
CA GLY A 946 26.22 12.80 11.63
C GLY A 946 25.26 12.93 10.47
N LYS A 947 24.98 14.18 10.05
CA LYS A 947 24.06 14.37 8.94
C LYS A 947 24.55 13.69 7.68
N LEU A 948 25.86 13.66 7.45
CA LEU A 948 26.32 13.04 6.22
C LEU A 948 26.44 11.54 6.43
N GLN A 949 26.82 11.14 7.65
CA GLN A 949 26.96 9.71 7.90
C GLN A 949 25.60 9.04 7.87
N ASP A 950 24.58 9.77 8.31
CA ASP A 950 23.23 9.22 8.32
C ASP A 950 22.76 8.90 6.92
N VAL A 951 23.00 9.81 5.95
CA VAL A 951 22.53 9.44 4.60
C VAL A 951 23.29 8.23 4.10
N VAL A 952 24.58 8.14 4.44
CA VAL A 952 25.36 6.99 4.02
C VAL A 952 24.76 5.74 4.64
N ASN A 953 24.43 5.83 5.93
CA ASN A 953 23.89 4.66 6.61
C ASN A 953 22.55 4.27 6.00
N GLN A 954 21.74 5.26 5.61
CA GLN A 954 20.45 4.93 5.05
C GLN A 954 20.62 4.23 3.72
N ASN A 955 21.61 4.65 2.93
CA ASN A 955 21.81 4.00 1.65
C ASN A 955 22.26 2.56 1.87
N ALA A 956 23.09 2.34 2.89
CA ALA A 956 23.53 0.98 3.15
C ALA A 956 22.34 0.12 3.55
N GLN A 957 21.44 0.68 4.36
CA GLN A 957 20.29 -0.11 4.77
C GLN A 957 19.42 -0.40 3.57
N ALA A 958 19.28 0.59 2.69
CA ALA A 958 18.43 0.41 1.52
C ALA A 958 18.97 -0.72 0.66
N LEU A 959 20.29 -0.78 0.49
CA LEU A 959 20.83 -1.86 -0.32
C LEU A 959 20.81 -3.18 0.45
N ASN A 960 21.10 -3.14 1.76
CA ASN A 960 21.17 -4.42 2.46
C ASN A 960 19.82 -5.08 2.58
N THR A 961 18.77 -4.29 2.76
CA THR A 961 17.44 -4.87 2.84
C THR A 961 17.11 -5.49 1.50
N LEU A 962 17.45 -4.79 0.42
CA LEU A 962 17.18 -5.29 -0.92
C LEU A 962 17.86 -6.62 -1.12
N VAL A 963 19.09 -6.77 -0.61
CA VAL A 963 19.78 -8.05 -0.71
C VAL A 963 19.08 -9.10 0.14
N LYS A 964 18.70 -8.74 1.37
CA LYS A 964 18.07 -9.70 2.27
C LYS A 964 16.78 -10.26 1.68
N GLN A 965 16.04 -9.46 0.91
CA GLN A 965 14.80 -9.93 0.31
C GLN A 965 15.02 -11.12 -0.61
N LEU A 966 16.24 -11.28 -1.15
CA LEU A 966 16.45 -12.40 -2.06
C LEU A 966 16.41 -13.74 -1.33
N SER A 967 16.56 -13.74 0.00
CA SER A 967 16.54 -14.97 0.76
C SER A 967 15.14 -15.42 1.15
N SER A 968 14.12 -14.60 0.89
CA SER A 968 12.76 -14.94 1.25
C SER A 968 12.13 -15.91 0.25
N ASN A 969 11.26 -16.77 0.75
CA ASN A 969 10.54 -17.71 -0.10
C ASN A 969 9.33 -17.08 -0.77
N PHE A 970 8.66 -16.14 -0.09
CA PHE A 970 7.43 -15.52 -0.60
C PHE A 970 6.35 -16.56 -0.89
N GLY A 971 6.40 -17.68 -0.16
CA GLY A 971 5.45 -18.76 -0.30
C GLY A 971 5.93 -19.89 -1.18
N ALA A 972 7.08 -19.71 -1.85
CA ALA A 972 7.64 -20.75 -2.70
C ALA A 972 8.29 -21.83 -1.86
N ILE A 973 8.48 -23.00 -2.49
CA ILE A 973 9.16 -24.12 -1.83
C ILE A 973 10.63 -23.81 -1.54
N SER A 974 11.20 -22.81 -2.21
CA SER A 974 12.59 -22.44 -1.96
C SER A 974 12.84 -21.00 -2.41
N SER A 975 13.83 -20.37 -1.78
CA SER A 975 14.28 -19.05 -2.16
C SER A 975 15.24 -19.05 -3.35
N VAL A 976 15.73 -20.22 -3.77
CA VAL A 976 16.72 -20.34 -4.84
C VAL A 976 16.01 -20.87 -6.08
N LEU A 977 16.10 -20.12 -7.18
CA LEU A 977 15.45 -20.49 -8.43
C LEU A 977 16.02 -21.79 -9.00
N ASN A 978 17.33 -22.01 -8.85
CA ASN A 978 17.93 -23.20 -9.40
C ASN A 978 17.43 -24.44 -8.67
N ASP A 979 17.11 -24.32 -7.39
CA ASP A 979 16.64 -25.49 -6.65
C ASP A 979 15.21 -25.80 -7.07
N ILE A 980 14.41 -24.76 -7.32
CA ILE A 980 13.04 -24.98 -7.77
C ILE A 980 13.06 -25.68 -9.12
N LEU A 981 13.90 -25.20 -10.04
CA LEU A 981 13.96 -25.79 -11.37
C LEU A 981 14.50 -27.22 -11.34
N SER A 982 15.48 -27.51 -10.49
CA SER A 982 16.00 -28.87 -10.42
C SER A 982 15.08 -29.83 -9.67
N ARG A 983 14.34 -29.34 -8.68
CA ARG A 983 13.47 -30.17 -7.86
C ARG A 983 12.06 -30.38 -8.41
N LEU A 984 11.49 -29.38 -9.08
CA LEU A 984 10.09 -29.39 -9.47
C LEU A 984 9.92 -29.30 -10.98
N ASP A 985 9.05 -30.15 -11.50
CA ASP A 985 8.73 -30.21 -12.93
C ASP A 985 8.29 -28.83 -13.43
N PRO A 986 8.67 -28.45 -14.67
CA PRO A 986 8.37 -27.09 -15.22
C PRO A 986 6.99 -26.54 -14.87
N PRO A 987 5.88 -27.27 -15.11
CA PRO A 987 4.55 -26.66 -14.87
C PRO A 987 4.38 -26.04 -13.48
N GLU A 988 4.63 -26.80 -12.42
CA GLU A 988 4.54 -26.29 -11.05
C GLU A 988 5.65 -25.28 -10.78
N ALA A 989 6.81 -25.49 -11.41
CA ALA A 989 7.93 -24.57 -11.23
C ALA A 989 7.54 -23.18 -11.70
N GLU A 990 6.77 -23.10 -12.79
CA GLU A 990 6.32 -21.79 -13.26
C GLU A 990 5.58 -21.05 -12.16
N VAL A 991 4.74 -21.76 -11.39
CA VAL A 991 4.00 -21.14 -10.30
C VAL A 991 4.96 -20.67 -9.21
N GLN A 992 5.92 -21.54 -8.86
CA GLN A 992 6.85 -21.19 -7.77
C GLN A 992 7.70 -19.99 -8.18
N ILE A 993 8.09 -19.95 -9.46
CA ILE A 993 8.91 -18.88 -9.97
C ILE A 993 8.10 -17.60 -9.99
N ASP A 994 6.84 -17.67 -10.43
CA ASP A 994 6.01 -16.48 -10.47
C ASP A 994 5.84 -15.90 -9.06
N ARG A 995 5.76 -16.77 -8.04
CA ARG A 995 5.71 -16.27 -6.67
C ARG A 995 6.99 -15.51 -6.32
N LEU A 996 8.14 -16.05 -6.71
CA LEU A 996 9.39 -15.35 -6.41
C LEU A 996 9.49 -14.06 -7.22
N ILE A 997 9.01 -14.06 -8.46
CA ILE A 997 9.06 -12.85 -9.29
C ILE A 997 8.21 -11.78 -8.64
N THR A 998 7.03 -12.14 -8.15
CA THR A 998 6.17 -11.16 -7.50
C THR A 998 6.87 -10.56 -6.29
N GLY A 999 7.49 -11.42 -5.47
CA GLY A 999 8.17 -10.91 -4.28
C GLY A 999 9.33 -9.98 -4.62
N ARG A 1000 10.12 -10.34 -5.63
CA ARG A 1000 11.25 -9.50 -6.00
C ARG A 1000 10.80 -8.19 -6.65
N LEU A 1001 9.73 -8.24 -7.46
CA LEU A 1001 9.21 -7.00 -8.03
C LEU A 1001 8.71 -6.07 -6.94
N GLN A 1002 8.05 -6.62 -5.91
CA GLN A 1002 7.58 -5.77 -4.83
C GLN A 1002 8.76 -5.16 -4.09
N SER A 1003 9.81 -5.95 -3.91
CA SER A 1003 11.02 -5.46 -3.24
C SER A 1003 11.67 -4.33 -4.03
N LEU A 1004 11.80 -4.50 -5.34
CA LEU A 1004 12.41 -3.47 -6.16
C LEU A 1004 11.56 -2.21 -6.22
N GLN A 1005 10.23 -2.36 -6.29
CA GLN A 1005 9.41 -1.16 -6.36
C GLN A 1005 9.47 -0.40 -5.04
N THR A 1006 9.53 -1.12 -3.92
CA THR A 1006 9.64 -0.47 -2.63
C THR A 1006 10.99 0.27 -2.53
N TYR A 1007 12.07 -0.41 -2.95
CA TYR A 1007 13.38 0.20 -2.92
C TYR A 1007 13.42 1.47 -3.77
N VAL A 1008 12.93 1.40 -5.01
CA VAL A 1008 12.98 2.56 -5.88
C VAL A 1008 12.12 3.69 -5.32
N THR A 1009 10.93 3.37 -4.80
CA THR A 1009 10.08 4.42 -4.24
C THR A 1009 10.81 5.14 -3.10
N GLN A 1010 11.46 4.37 -2.22
CA GLN A 1010 12.19 5.00 -1.12
C GLN A 1010 13.35 5.81 -1.65
N GLN A 1011 14.04 5.32 -2.69
CA GLN A 1011 15.14 6.07 -3.25
C GLN A 1011 14.68 7.37 -3.89
N LEU A 1012 13.50 7.37 -4.51
CA LEU A 1012 12.98 8.60 -5.11
C LEU A 1012 12.61 9.61 -4.04
N ILE A 1013 12.02 9.15 -2.93
CA ILE A 1013 11.66 10.09 -1.87
C ILE A 1013 12.92 10.64 -1.22
N ARG A 1014 13.89 9.77 -0.93
CA ARG A 1014 15.14 10.22 -0.36
C ARG A 1014 15.86 11.15 -1.33
N ALA A 1015 15.80 10.85 -2.62
CA ALA A 1015 16.44 11.70 -3.61
C ALA A 1015 15.81 13.08 -3.60
N ALA A 1016 14.48 13.15 -3.43
CA ALA A 1016 13.83 14.46 -3.38
C ALA A 1016 14.32 15.24 -2.15
N GLU A 1017 14.49 14.53 -1.03
CA GLU A 1017 15.01 15.18 0.17
C GLU A 1017 16.42 15.70 -0.07
N ILE A 1018 17.26 14.91 -0.71
CA ILE A 1018 18.63 15.33 -1.00
C ILE A 1018 18.62 16.49 -1.99
N ARG A 1019 17.73 16.46 -2.99
CA ARG A 1019 17.65 17.57 -3.92
C ARG A 1019 17.31 18.86 -3.18
N ALA A 1020 16.36 18.80 -2.25
CA ALA A 1020 16.03 20.00 -1.48
C ALA A 1020 17.23 20.47 -0.67
N SER A 1021 17.97 19.52 -0.10
CA SER A 1021 19.17 19.89 0.66
C SER A 1021 20.21 20.53 -0.25
N ALA A 1022 20.43 19.95 -1.43
CA ALA A 1022 21.39 20.51 -2.37
C ALA A 1022 20.98 21.90 -2.83
N ASN A 1023 19.67 22.12 -3.01
CA ASN A 1023 19.20 23.43 -3.43
C ASN A 1023 19.45 24.44 -2.32
N LEU A 1024 19.28 24.01 -1.07
CA LEU A 1024 19.57 24.91 0.05
C LEU A 1024 21.06 25.22 0.10
N ALA A 1025 21.89 24.19 -0.10
CA ALA A 1025 23.33 24.38 -0.06
C ALA A 1025 23.78 25.32 -1.18
N ALA A 1026 23.19 25.19 -2.38
CA ALA A 1026 23.55 26.08 -3.47
C ALA A 1026 23.11 27.51 -3.18
N THR A 1027 21.95 27.65 -2.55
CA THR A 1027 21.44 28.97 -2.20
C THR A 1027 22.39 29.62 -1.21
N LYS A 1028 22.81 28.86 -0.20
CA LYS A 1028 23.75 29.37 0.79
C LYS A 1028 25.09 29.65 0.16
N MET A 1029 25.53 28.83 -0.79
CA MET A 1029 26.80 29.09 -1.45
C MET A 1029 26.78 30.44 -2.15
N SER A 1030 25.69 30.71 -2.86
CA SER A 1030 25.60 31.99 -3.57
C SER A 1030 25.43 33.17 -2.62
N GLU A 1031 24.57 33.06 -1.60
CA GLU A 1031 24.26 34.19 -0.73
C GLU A 1031 25.21 34.38 0.46
N CYS A 1032 25.89 33.34 0.92
CA CYS A 1032 26.78 33.42 2.07
C CYS A 1032 28.25 33.51 1.68
N VAL A 1033 28.67 32.75 0.68
CA VAL A 1033 30.08 32.71 0.27
C VAL A 1033 30.38 33.77 -0.77
N LEU A 1034 29.52 33.94 -1.77
CA LEU A 1034 29.78 34.91 -2.83
C LEU A 1034 29.22 36.28 -2.51
N GLY A 1035 28.76 36.49 -1.27
CA GLY A 1035 28.18 37.75 -0.87
C GLY A 1035 28.13 37.86 0.63
N GLN A 1036 27.38 38.85 1.10
CA GLN A 1036 27.15 39.09 2.52
C GLN A 1036 25.64 39.13 2.67
N SER A 1037 25.12 38.29 3.56
CA SER A 1037 23.68 38.13 3.72
C SER A 1037 23.16 38.92 4.91
N LYS A 1038 21.94 39.43 4.74
CA LYS A 1038 21.20 40.14 5.77
C LYS A 1038 20.04 39.30 6.29
N ARG A 1039 19.99 38.02 5.92
CA ARG A 1039 18.94 37.11 6.36
C ARG A 1039 19.38 36.51 7.69
N VAL A 1040 18.58 36.75 8.73
CA VAL A 1040 18.93 36.33 10.09
C VAL A 1040 18.95 34.81 10.18
N ASP A 1041 20.02 34.28 10.75
CA ASP A 1041 20.29 32.85 10.94
C ASP A 1041 20.43 32.08 9.63
N PHE A 1042 20.46 32.76 8.49
CA PHE A 1042 20.63 32.03 7.24
C PHE A 1042 22.07 31.56 7.08
N CYS A 1043 23.01 32.42 7.46
CA CYS A 1043 24.43 32.16 7.31
C CYS A 1043 25.06 32.13 8.70
N GLY A 1044 24.42 31.41 9.63
CA GLY A 1044 24.93 31.26 10.99
C GLY A 1044 24.32 32.27 11.96
N LYS A 1045 24.64 32.08 13.24
CA LYS A 1045 24.14 32.96 14.28
C LYS A 1045 25.04 34.17 14.41
N GLY A 1046 24.42 35.34 14.55
CA GLY A 1046 25.11 36.59 14.66
C GLY A 1046 24.95 37.38 13.38
N TYR A 1047 25.67 38.48 13.27
CA TYR A 1047 25.59 39.33 12.09
C TYR A 1047 26.61 38.74 11.14
N HIS A 1048 26.19 38.46 9.91
CA HIS A 1048 27.06 37.76 8.98
C HIS A 1048 28.14 38.66 8.40
N LEU A 1049 29.37 38.13 8.39
CA LEU A 1049 30.53 38.77 7.79
C LEU A 1049 31.01 37.99 6.56
N MET A 1050 31.39 36.72 6.76
CA MET A 1050 31.96 35.93 5.66
C MET A 1050 31.63 34.47 5.84
N SER A 1051 31.64 33.73 4.73
CA SER A 1051 31.48 32.30 4.77
C SER A 1051 32.58 31.66 3.94
N PHE A 1052 32.98 30.45 4.34
CA PHE A 1052 34.01 29.69 3.63
C PHE A 1052 33.53 28.28 3.37
N PRO A 1053 33.46 27.82 2.11
CA PRO A 1053 33.06 26.43 1.88
C PRO A 1053 34.20 25.47 2.18
N GLN A 1054 33.82 24.26 2.58
CA GLN A 1054 34.74 23.14 2.70
C GLN A 1054 33.99 21.93 2.14
N SER A 1055 34.69 21.07 1.42
CA SER A 1055 34.01 19.90 0.91
C SER A 1055 33.98 18.82 1.98
N ALA A 1056 33.07 17.86 1.83
CA ALA A 1056 32.98 16.73 2.73
C ALA A 1056 32.42 15.57 1.93
N PRO A 1057 32.61 14.32 2.39
CA PRO A 1057 32.02 13.19 1.67
C PRO A 1057 30.52 13.40 1.50
N HIS A 1058 30.09 13.33 0.25
CA HIS A 1058 28.69 13.45 -0.11
C HIS A 1058 28.05 14.69 0.50
N GLY A 1059 28.79 15.80 0.57
CA GLY A 1059 28.17 17.01 1.07
C GLY A 1059 29.13 18.17 1.17
N VAL A 1060 28.59 19.28 1.71
CA VAL A 1060 29.33 20.53 1.85
C VAL A 1060 29.20 21.03 3.28
N VAL A 1061 30.30 21.55 3.81
CA VAL A 1061 30.37 22.13 5.14
C VAL A 1061 30.70 23.61 4.97
N PHE A 1062 29.89 24.48 5.56
CA PHE A 1062 30.11 25.91 5.49
C PHE A 1062 30.59 26.39 6.84
N LEU A 1063 31.65 27.19 6.83
CA LEU A 1063 32.15 27.85 8.03
C LEU A 1063 31.66 29.29 7.96
N HIS A 1064 30.81 29.68 8.90
CA HIS A 1064 30.19 31.00 8.87
C HIS A 1064 30.83 31.87 9.93
N VAL A 1065 31.39 33.00 9.49
CA VAL A 1065 32.11 33.95 10.33
C VAL A 1065 31.15 35.11 10.55
N THR A 1066 30.79 35.35 11.82
CA THR A 1066 29.83 36.37 12.19
C THR A 1066 30.36 37.27 13.29
N TYR A 1067 29.77 38.46 13.36
CA TYR A 1067 30.04 39.47 14.37
C TYR A 1067 28.99 39.31 15.47
N VAL A 1068 29.43 39.14 16.73
CA VAL A 1068 28.52 38.94 17.84
C VAL A 1068 28.86 39.93 18.97
N PRO A 1069 27.92 40.76 19.43
CA PRO A 1069 28.20 41.63 20.58
C PRO A 1069 28.68 40.82 21.77
N ALA A 1070 29.72 41.31 22.45
CA ALA A 1070 30.35 40.58 23.54
C ALA A 1070 30.12 41.21 24.91
N GLN A 1071 30.10 42.54 25.00
CA GLN A 1071 29.94 43.21 26.29
C GLN A 1071 28.92 44.33 26.13
N GLU A 1072 28.17 44.61 27.20
CA GLU A 1072 27.14 45.64 27.16
C GLU A 1072 27.25 46.56 28.37
N LYS A 1073 26.80 47.81 28.18
CA LYS A 1073 26.64 48.78 29.24
C LYS A 1073 25.28 49.42 29.11
N ASN A 1074 24.62 49.71 30.23
CA ASN A 1074 23.32 50.37 30.22
C ASN A 1074 23.50 51.90 30.24
N PHE A 1075 22.79 52.59 29.35
CA PHE A 1075 22.83 54.05 29.28
C PHE A 1075 21.41 54.59 29.26
N THR A 1076 21.24 55.83 29.71
CA THR A 1076 19.91 56.44 29.62
C THR A 1076 19.81 56.96 28.19
N THR A 1077 18.64 56.87 27.55
CA THR A 1077 18.51 57.35 26.17
C THR A 1077 17.31 58.27 25.98
N ALA A 1078 17.23 58.83 24.76
CA ALA A 1078 16.10 59.69 24.41
C ALA A 1078 15.90 59.68 22.89
N PRO A 1079 14.67 59.84 22.42
CA PRO A 1079 14.44 59.91 20.96
C PRO A 1079 14.95 61.17 20.29
N ALA A 1080 15.13 62.27 21.01
CA ALA A 1080 15.55 63.52 20.38
C ALA A 1080 16.10 64.45 21.43
N ILE A 1081 16.88 65.45 20.98
CA ILE A 1081 17.38 66.51 21.83
C ILE A 1081 16.63 67.80 21.50
N CYS A 1082 16.14 68.47 22.53
CA CYS A 1082 15.48 69.76 22.40
C CYS A 1082 16.50 70.88 22.64
N HIS A 1083 16.74 71.72 21.63
CA HIS A 1083 17.75 72.77 21.77
C HIS A 1083 17.15 74.15 21.99
N ASP A 1084 16.72 74.82 20.93
CA ASP A 1084 16.12 76.14 20.98
C ASP A 1084 14.64 76.09 20.62
N GLY A 1085 14.01 74.94 20.84
CA GLY A 1085 12.62 74.71 20.52
C GLY A 1085 12.44 73.76 19.36
N LYS A 1086 13.51 73.51 18.61
CA LYS A 1086 13.52 72.55 17.52
C LYS A 1086 13.92 71.18 18.06
N ALA A 1087 13.39 70.13 17.44
CA ALA A 1087 13.70 68.75 17.81
C ALA A 1087 14.78 68.18 16.89
N HIS A 1088 15.86 67.69 17.49
CA HIS A 1088 16.99 67.12 16.78
C HIS A 1088 16.98 65.61 16.90
N PHE A 1089 17.10 64.91 15.77
CA PHE A 1089 17.10 63.46 15.71
C PHE A 1089 18.45 63.00 15.15
N PRO A 1090 18.95 61.82 15.52
CA PRO A 1090 20.21 61.37 14.94
C PRO A 1090 20.07 61.08 13.45
N ARG A 1091 21.11 61.39 12.67
CA ARG A 1091 21.10 60.95 11.27
C ARG A 1091 21.36 59.46 11.24
N GLU A 1092 22.27 59.02 12.10
CA GLU A 1092 22.64 57.64 12.32
C GLU A 1092 22.88 57.55 13.82
N GLY A 1093 22.69 56.38 14.40
CA GLY A 1093 23.01 56.22 15.80
C GLY A 1093 21.83 56.54 16.68
N VAL A 1094 22.11 56.60 17.98
CA VAL A 1094 21.11 56.81 19.01
C VAL A 1094 21.66 57.80 20.03
N PHE A 1095 20.76 58.59 20.63
CA PHE A 1095 21.15 59.52 21.70
C PHE A 1095 21.11 58.81 23.04
N VAL A 1096 22.26 58.75 23.70
CA VAL A 1096 22.40 58.12 25.01
C VAL A 1096 23.23 59.04 25.91
N SER A 1097 23.15 58.75 27.20
CA SER A 1097 23.81 59.53 28.24
C SER A 1097 24.44 58.61 29.25
N ASN A 1098 25.71 58.86 29.53
CA ASN A 1098 26.52 58.15 30.52
C ASN A 1098 26.19 58.62 31.94
N GLY A 1099 25.14 59.43 32.11
CA GLY A 1099 24.80 60.03 33.39
C GLY A 1099 24.75 61.55 33.34
N THR A 1100 25.89 62.22 33.49
CA THR A 1100 25.91 63.68 33.40
C THR A 1100 25.88 64.29 31.99
N HIS A 1101 26.29 63.58 30.92
CA HIS A 1101 26.35 64.17 29.57
C HIS A 1101 25.73 63.28 28.50
N TRP A 1102 25.06 63.93 27.55
CA TRP A 1102 24.45 63.29 26.38
C TRP A 1102 25.40 63.25 25.19
N PHE A 1103 25.47 62.08 24.54
CA PHE A 1103 26.30 61.82 23.39
C PHE A 1103 25.45 61.05 22.38
N VAL A 1104 25.85 61.08 21.11
CA VAL A 1104 25.21 60.29 20.06
C VAL A 1104 26.22 59.24 19.59
N THR A 1105 25.80 57.98 19.63
CA THR A 1105 26.69 56.86 19.36
C THR A 1105 26.10 55.94 18.29
N GLN A 1106 26.98 55.20 17.62
CA GLN A 1106 26.50 54.19 16.67
C GLN A 1106 25.62 53.18 17.42
N ARG A 1107 24.88 52.37 16.67
CA ARG A 1107 23.93 51.50 17.33
C ARG A 1107 24.46 50.11 17.66
N ASN A 1108 25.48 49.63 16.94
CA ASN A 1108 26.03 48.30 17.14
C ASN A 1108 27.42 48.34 17.77
N PHE A 1109 27.85 49.48 18.30
CA PHE A 1109 29.14 49.58 18.98
C PHE A 1109 29.22 50.89 19.74
N TYR A 1110 29.46 50.86 21.05
CA TYR A 1110 29.45 52.10 21.81
C TYR A 1110 30.69 52.91 21.50
N GLU A 1111 30.47 54.07 20.88
CA GLU A 1111 31.53 54.99 20.49
C GLU A 1111 30.98 56.40 20.62
N PRO A 1112 30.96 56.96 21.82
CA PRO A 1112 30.26 58.24 22.02
C PRO A 1112 30.96 59.38 21.30
N GLN A 1113 30.15 60.24 20.69
CA GLN A 1113 30.61 61.45 20.03
C GLN A 1113 29.78 62.64 20.47
N ILE A 1114 30.39 63.82 20.38
CA ILE A 1114 29.69 65.05 20.74
C ILE A 1114 28.54 65.25 19.77
N ILE A 1115 27.40 65.66 20.31
CA ILE A 1115 26.21 65.91 19.49
C ILE A 1115 26.40 67.26 18.80
N THR A 1116 26.39 67.25 17.46
CA THR A 1116 26.63 68.42 16.65
C THR A 1116 25.55 68.51 15.58
N THR A 1117 25.55 69.64 14.86
CA THR A 1117 24.60 69.83 13.77
C THR A 1117 24.91 68.97 12.55
N ASP A 1118 26.06 68.30 12.52
CA ASP A 1118 26.38 67.39 11.42
C ASP A 1118 25.90 65.98 11.69
N ASN A 1119 25.85 65.58 12.96
CA ASN A 1119 25.42 64.22 13.30
C ASN A 1119 23.91 64.09 13.31
N THR A 1120 23.18 65.18 13.57
CA THR A 1120 21.73 65.18 13.67
C THR A 1120 21.09 65.92 12.51
N PHE A 1121 19.77 65.75 12.42
CA PHE A 1121 18.91 66.48 11.50
C PHE A 1121 17.75 67.04 12.33
N VAL A 1122 17.12 68.09 11.84
CA VAL A 1122 16.04 68.78 12.56
C VAL A 1122 14.73 68.62 11.81
N SER A 1123 13.69 68.21 12.54
CA SER A 1123 12.35 68.09 11.98
C SER A 1123 11.33 68.26 13.10
N GLY A 1124 10.49 69.30 13.02
CA GLY A 1124 9.49 69.54 14.03
C GLY A 1124 10.01 70.29 15.24
N ASN A 1125 9.07 70.64 16.13
CA ASN A 1125 9.37 71.35 17.36
C ASN A 1125 9.59 70.37 18.51
N CYS A 1126 9.91 70.90 19.69
CA CYS A 1126 10.10 70.06 20.86
C CYS A 1126 8.80 69.47 21.42
N ASP A 1127 7.68 70.16 21.23
CA ASP A 1127 6.41 69.71 21.82
C ASP A 1127 5.88 68.42 21.19
N VAL A 1128 6.10 68.22 19.90
CA VAL A 1128 5.53 67.05 19.23
C VAL A 1128 6.19 65.73 19.64
N VAL A 1129 7.48 65.72 19.96
CA VAL A 1129 8.17 64.48 20.29
C VAL A 1129 7.94 64.13 21.75
N ILE A 1130 7.43 62.92 21.99
CA ILE A 1130 7.16 62.44 23.34
C ILE A 1130 8.48 61.98 23.94
N GLY A 1131 8.84 62.51 25.11
CA GLY A 1131 10.06 62.12 25.77
C GLY A 1131 11.32 62.87 25.37
N ILE A 1132 11.18 64.00 24.66
CA ILE A 1132 12.36 64.76 24.26
C ILE A 1132 13.04 65.35 25.48
N VAL A 1133 14.38 65.34 25.47
CA VAL A 1133 15.19 65.85 26.56
C VAL A 1133 15.90 67.13 26.12
N ASN A 1134 15.95 68.10 27.02
CA ASN A 1134 16.61 69.39 26.75
C ASN A 1134 18.13 69.28 26.83
N ASN A 1135 18.82 69.77 25.82
CA ASN A 1135 20.28 69.79 25.80
C ASN A 1135 20.76 70.80 24.76
N THR A 1136 22.08 70.91 24.63
CA THR A 1136 22.73 71.83 23.70
C THR A 1136 23.37 71.05 22.57
N VAL A 1137 23.06 71.44 21.34
CA VAL A 1137 23.62 70.84 20.13
C VAL A 1137 24.76 71.75 19.66
N TYR A 1138 25.94 71.17 19.53
CA TYR A 1138 27.14 71.93 19.17
C TYR A 1138 27.06 72.38 17.72
N ASP A 1139 27.43 73.64 17.48
CA ASP A 1139 27.46 74.23 16.15
C ASP A 1139 28.92 74.42 15.73
N PRO A 1140 29.44 73.62 14.80
CA PRO A 1140 30.87 73.73 14.43
C PRO A 1140 31.31 75.08 13.89
N LEU A 1141 30.39 75.96 13.47
CA LEU A 1141 30.82 77.24 12.91
C LEU A 1141 31.09 78.31 13.96
N GLN A 1142 30.47 78.21 15.15
CA GLN A 1142 30.59 79.30 16.11
C GLN A 1142 32.02 79.56 16.59
N PRO A 1143 32.89 78.57 16.77
CA PRO A 1143 34.29 78.90 17.16
C PRO A 1143 35.04 79.73 16.13
N GLU A 1144 34.61 79.74 14.87
CA GLU A 1144 35.30 80.54 13.86
C GLU A 1144 34.87 81.99 13.87
N LEU A 1145 33.61 82.25 14.20
CA LEU A 1145 33.07 83.60 14.25
C LEU A 1145 33.04 84.12 15.68
N VAL B 2 -12.86 -63.00 7.54
CA VAL B 2 -12.76 -63.87 8.75
C VAL B 2 -13.37 -65.24 8.43
N GLN B 3 -12.84 -66.29 9.06
CA GLN B 3 -13.21 -67.65 8.75
C GLN B 3 -13.62 -68.40 10.01
N LEU B 4 -14.50 -69.39 9.81
CA LEU B 4 -15.01 -70.24 10.87
C LEU B 4 -14.15 -71.51 10.99
N GLN B 5 -14.53 -72.41 11.90
CA GLN B 5 -13.79 -73.62 12.19
C GLN B 5 -14.76 -74.62 12.78
N GLU B 6 -14.35 -75.90 12.84
CA GLU B 6 -15.12 -76.93 13.52
C GLU B 6 -14.22 -77.91 14.26
N SER B 7 -14.50 -78.08 15.56
CA SER B 7 -13.77 -79.00 16.43
C SER B 7 -14.75 -79.65 17.41
N GLY B 8 -14.51 -80.92 17.73
CA GLY B 8 -15.35 -81.64 18.68
C GLY B 8 -16.59 -82.27 18.09
N GLY B 9 -17.49 -82.63 18.98
CA GLY B 9 -18.72 -83.37 18.69
C GLY B 9 -18.59 -84.81 19.16
N GLY B 10 -19.63 -85.61 18.83
CA GLY B 10 -19.65 -87.00 19.23
C GLY B 10 -20.92 -87.60 19.82
N LEU B 11 -20.87 -88.91 20.01
CA LEU B 11 -21.95 -89.71 20.56
C LEU B 11 -21.59 -90.06 21.99
N VAL B 12 -22.50 -89.80 22.94
CA VAL B 12 -22.26 -90.12 24.35
C VAL B 12 -23.44 -90.90 24.93
N GLN B 13 -23.21 -91.51 26.08
CA GLN B 13 -24.31 -92.11 26.82
C GLN B 13 -25.11 -91.01 27.50
N PRO B 14 -26.42 -91.20 27.71
CA PRO B 14 -27.18 -90.15 28.41
C PRO B 14 -26.62 -89.99 29.81
N GLY B 15 -26.49 -88.74 30.26
CA GLY B 15 -25.92 -88.45 31.55
C GLY B 15 -24.43 -88.17 31.50
N GLY B 16 -23.80 -88.43 30.35
CA GLY B 16 -22.38 -88.20 30.16
C GLY B 16 -22.12 -86.78 29.69
N SER B 17 -20.89 -86.55 29.23
CA SER B 17 -20.49 -85.21 28.81
C SER B 17 -19.51 -85.27 27.66
N LEU B 18 -19.45 -84.16 26.93
CA LEU B 18 -18.53 -84.02 25.79
C LEU B 18 -17.99 -82.60 25.78
N ARG B 19 -16.89 -82.39 25.03
CA ARG B 19 -16.32 -81.06 24.90
C ARG B 19 -16.56 -80.57 23.47
N LEU B 20 -16.89 -79.29 23.33
CA LEU B 20 -17.04 -78.60 22.06
C LEU B 20 -16.09 -77.42 21.99
N SER B 21 -15.82 -76.97 20.77
CA SER B 21 -15.11 -75.71 20.53
C SER B 21 -14.96 -75.48 19.03
N CYS B 22 -14.51 -74.28 18.68
CA CYS B 22 -14.21 -73.91 17.29
C CYS B 22 -13.22 -72.77 17.27
N ALA B 23 -11.97 -73.06 16.92
CA ALA B 23 -10.90 -72.07 16.93
C ALA B 23 -11.31 -70.83 16.13
N ALA B 24 -10.77 -69.68 16.49
CA ALA B 24 -11.00 -68.47 15.71
C ALA B 24 -10.05 -68.46 14.52
N SER B 25 -10.58 -68.20 13.32
CA SER B 25 -9.76 -68.12 12.12
C SER B 25 -9.98 -66.78 11.44
N GLY B 26 -8.96 -66.37 10.69
CA GLY B 26 -8.96 -65.14 9.91
C GLY B 26 -8.08 -64.08 10.55
N PHE B 27 -7.31 -63.38 9.70
CA PHE B 27 -6.40 -62.35 10.19
C PHE B 27 -7.13 -61.13 10.75
N THR B 28 -8.42 -60.97 10.45
CA THR B 28 -9.20 -59.82 10.89
C THR B 28 -9.90 -60.03 12.23
N PHE B 29 -9.80 -61.21 12.84
CA PHE B 29 -10.44 -61.42 14.13
C PHE B 29 -9.66 -60.71 15.22
N SER B 30 -10.36 -59.91 16.03
CA SER B 30 -9.73 -59.19 17.15
C SER B 30 -10.76 -59.02 18.26
N SER B 31 -10.86 -60.02 19.12
CA SER B 31 -11.76 -60.03 20.28
C SER B 31 -13.22 -59.66 19.95
N TYR B 32 -13.76 -60.24 18.88
CA TYR B 32 -15.16 -60.01 18.55
C TYR B 32 -16.02 -60.99 19.35
N ALA B 33 -17.23 -60.58 19.70
CA ALA B 33 -18.12 -61.45 20.45
C ALA B 33 -18.42 -62.72 19.64
N LEU B 34 -18.34 -63.87 20.29
CA LEU B 34 -18.59 -65.16 19.65
C LEU B 34 -19.62 -65.95 20.46
N GLY B 35 -20.30 -66.89 19.80
CA GLY B 35 -21.21 -67.72 20.56
C GLY B 35 -21.60 -69.01 19.86
N TRP B 36 -22.50 -69.73 20.52
CA TRP B 36 -22.87 -71.09 20.13
C TRP B 36 -24.33 -71.19 19.73
N TYR B 37 -24.56 -71.77 18.57
CA TYR B 37 -25.86 -71.89 17.92
C TYR B 37 -26.29 -73.36 17.99
N ARG B 38 -27.57 -73.62 18.27
CA ARG B 38 -28.13 -74.97 18.32
C ARG B 38 -29.22 -75.12 17.27
N GLN B 39 -29.10 -76.15 16.42
CA GLN B 39 -30.08 -76.41 15.37
C GLN B 39 -30.41 -77.89 15.26
N ALA B 40 -31.68 -78.19 14.97
CA ALA B 40 -32.14 -79.57 14.79
C ALA B 40 -33.24 -79.55 13.74
N PRO B 41 -33.42 -80.65 12.97
CA PRO B 41 -34.48 -80.67 11.95
C PRO B 41 -35.89 -80.31 12.43
N GLY B 42 -36.24 -80.64 13.66
CA GLY B 42 -37.57 -80.36 14.20
C GLY B 42 -37.69 -79.22 15.18
N LYS B 43 -36.65 -78.40 15.34
CA LYS B 43 -36.63 -77.33 16.33
C LYS B 43 -36.41 -75.97 15.68
N GLU B 44 -36.85 -74.94 16.40
CA GLU B 44 -36.60 -73.58 15.99
C GLU B 44 -35.13 -73.26 16.22
N ARG B 45 -34.63 -72.23 15.53
CA ARG B 45 -33.23 -71.89 15.71
C ARG B 45 -33.01 -71.46 17.16
N GLU B 46 -32.03 -72.06 17.83
CA GLU B 46 -31.76 -71.80 19.24
C GLU B 46 -30.33 -71.33 19.49
N TRP B 47 -30.21 -70.24 20.25
CA TRP B 47 -28.94 -69.68 20.68
C TRP B 47 -28.53 -70.27 22.03
N VAL B 48 -27.33 -70.85 22.07
CA VAL B 48 -26.86 -71.52 23.28
C VAL B 48 -26.23 -70.52 24.24
N CYS B 49 -25.26 -69.73 23.76
CA CYS B 49 -24.61 -68.74 24.59
C CYS B 49 -23.89 -67.74 23.70
N ALA B 50 -23.46 -66.63 24.31
CA ALA B 50 -22.61 -65.67 23.61
C ALA B 50 -21.69 -64.98 24.62
N ILE B 51 -20.43 -64.78 24.22
CA ILE B 51 -19.41 -64.16 25.06
C ILE B 51 -18.86 -62.91 24.37
N SER B 52 -18.81 -61.80 25.12
CA SER B 52 -18.24 -60.53 24.66
C SER B 52 -16.73 -60.55 24.86
N GLY B 53 -15.97 -60.53 23.77
CA GLY B 53 -14.52 -60.64 23.86
C GLY B 53 -13.85 -59.54 24.66
N SER B 54 -14.38 -58.32 24.59
CA SER B 54 -13.77 -57.17 25.26
C SER B 54 -14.16 -57.00 26.73
N GLY B 55 -15.10 -57.80 27.25
CA GLY B 55 -15.56 -57.61 28.63
C GLY B 55 -15.78 -58.87 29.42
N GLY B 56 -16.08 -59.97 28.72
CA GLY B 56 -16.37 -61.24 29.35
C GLY B 56 -17.83 -61.47 29.68
N SER B 57 -18.69 -60.47 29.49
CA SER B 57 -20.10 -60.62 29.77
C SER B 57 -20.63 -61.77 28.92
N THR B 58 -21.37 -62.69 29.54
CA THR B 58 -21.84 -63.87 28.82
C THR B 58 -23.33 -64.11 28.98
N TYR B 59 -23.99 -64.31 27.84
CA TYR B 59 -25.40 -64.67 27.77
C TYR B 59 -25.51 -66.18 27.76
N TYR B 60 -26.47 -66.70 28.53
CA TYR B 60 -26.84 -68.11 28.55
C TYR B 60 -28.34 -68.27 28.38
N ALA B 61 -28.73 -69.32 27.64
CA ALA B 61 -30.13 -69.70 27.51
C ALA B 61 -30.57 -70.47 28.75
N ASP B 62 -31.88 -70.43 29.03
CA ASP B 62 -32.42 -71.09 30.22
C ASP B 62 -32.10 -72.58 30.25
N SER B 63 -32.07 -73.23 29.08
CA SER B 63 -31.77 -74.65 29.03
C SER B 63 -30.27 -74.93 29.09
N VAL B 64 -29.44 -73.89 29.05
CA VAL B 64 -28.00 -74.00 29.00
C VAL B 64 -27.37 -73.66 30.35
N LYS B 65 -27.90 -72.65 31.05
CA LYS B 65 -27.38 -72.20 32.34
C LYS B 65 -27.18 -73.37 33.29
N GLY B 66 -25.99 -73.42 33.91
CA GLY B 66 -25.72 -74.46 34.88
C GLY B 66 -25.32 -75.78 34.27
N ARG B 67 -26.19 -76.33 33.42
CA ARG B 67 -25.95 -77.62 32.79
C ARG B 67 -24.71 -77.61 31.92
N PHE B 68 -24.52 -76.58 31.09
CA PHE B 68 -23.38 -76.47 30.18
C PHE B 68 -22.52 -75.29 30.62
N THR B 69 -21.21 -75.38 30.35
CA THR B 69 -20.29 -74.27 30.65
C THR B 69 -19.81 -73.64 29.36
N CYS B 70 -20.04 -72.34 29.19
CA CYS B 70 -19.66 -71.57 28.00
C CYS B 70 -18.50 -70.64 28.37
N SER B 71 -17.38 -70.74 27.66
CA SER B 71 -16.21 -69.91 27.95
C SER B 71 -15.42 -69.65 26.68
N ARG B 72 -14.53 -68.66 26.74
CA ARG B 72 -13.65 -68.34 25.63
C ARG B 72 -12.30 -67.89 26.14
N ASP B 73 -11.24 -68.37 25.47
CA ASP B 73 -9.86 -68.01 25.79
C ASP B 73 -9.38 -67.01 24.75
N ASN B 74 -9.24 -65.75 25.18
CA ASN B 74 -8.85 -64.67 24.27
C ASN B 74 -7.37 -64.68 23.95
N SER B 75 -6.54 -65.47 24.66
CA SER B 75 -5.13 -65.52 24.34
C SER B 75 -4.88 -66.52 23.24
N LYS B 76 -5.65 -67.59 23.23
CA LYS B 76 -5.62 -68.63 22.21
C LYS B 76 -6.63 -68.36 21.11
N ASN B 77 -7.49 -67.34 21.32
CA ASN B 77 -8.60 -67.02 20.42
C ASN B 77 -9.37 -68.28 20.08
N THR B 78 -9.76 -69.02 21.12
CA THR B 78 -10.58 -70.21 20.97
C THR B 78 -11.85 -70.08 21.79
N LEU B 79 -12.95 -70.59 21.24
CA LEU B 79 -14.26 -70.56 21.87
C LEU B 79 -14.58 -71.99 22.27
N TYR B 80 -14.87 -72.20 23.55
CA TYR B 80 -15.01 -73.53 24.13
C TYR B 80 -16.31 -73.63 24.90
N LEU B 81 -16.99 -74.76 24.76
CA LEU B 81 -18.15 -75.03 25.59
C LEU B 81 -18.12 -76.49 26.01
N GLN B 82 -18.39 -76.75 27.28
CA GLN B 82 -18.40 -78.11 27.80
C GLN B 82 -19.84 -78.55 28.04
N MET B 83 -20.24 -79.59 27.30
CA MET B 83 -21.59 -80.16 27.28
C MET B 83 -21.73 -81.18 28.39
N ASN B 84 -21.82 -80.68 29.62
CA ASN B 84 -21.96 -81.56 30.77
C ASN B 84 -23.41 -82.04 30.86
N SER B 85 -23.57 -83.28 31.35
CA SER B 85 -24.87 -83.89 31.61
C SER B 85 -25.83 -83.78 30.43
N LEU B 86 -25.35 -84.19 29.25
CA LEU B 86 -26.19 -84.10 28.05
C LEU B 86 -27.43 -84.97 28.19
N LYS B 87 -28.62 -84.39 27.89
CA LYS B 87 -29.89 -85.09 27.95
C LYS B 87 -30.33 -85.52 26.55
N PRO B 88 -31.14 -86.60 26.41
CA PRO B 88 -31.71 -86.92 25.10
C PRO B 88 -32.42 -85.77 24.42
N GLU B 89 -33.09 -84.92 25.21
CA GLU B 89 -33.82 -83.78 24.67
C GLU B 89 -32.90 -82.71 24.10
N ASP B 90 -31.60 -82.75 24.43
CA ASP B 90 -30.66 -81.72 24.01
C ASP B 90 -29.86 -82.11 22.77
N THR B 91 -30.18 -83.25 22.14
CA THR B 91 -29.41 -83.65 20.97
C THR B 91 -29.74 -82.73 19.80
N ALA B 92 -28.70 -82.31 19.09
CA ALA B 92 -28.83 -81.36 18.00
C ALA B 92 -27.47 -81.22 17.35
N VAL B 93 -27.43 -80.49 16.25
CA VAL B 93 -26.17 -80.08 15.65
C VAL B 93 -25.81 -78.74 16.27
N TYR B 94 -24.57 -78.64 16.75
CA TYR B 94 -24.06 -77.44 17.41
C TYR B 94 -23.08 -76.69 16.51
N TYR B 95 -23.36 -75.42 16.27
CA TYR B 95 -22.62 -74.55 15.36
C TYR B 95 -21.95 -73.41 16.13
N CYS B 96 -20.84 -72.93 15.56
CA CYS B 96 -20.01 -71.87 16.12
C CYS B 96 -20.12 -70.63 15.25
N ALA B 97 -20.83 -69.62 15.74
CA ALA B 97 -21.07 -68.38 15.02
C ALA B 97 -20.41 -67.22 15.76
N ARG B 98 -20.26 -66.10 15.06
CA ARG B 98 -19.65 -64.91 15.65
C ARG B 98 -20.72 -63.83 15.77
N VAL B 99 -20.87 -63.34 17.00
CA VAL B 99 -21.94 -62.43 17.36
C VAL B 99 -21.53 -60.99 17.04
N TYR B 100 -22.36 -60.30 16.25
CA TYR B 100 -22.09 -58.91 15.93
C TYR B 100 -22.37 -58.02 17.14
N GLN B 101 -23.53 -58.21 17.78
CA GLN B 101 -23.92 -57.45 18.95
C GLN B 101 -24.85 -58.31 19.79
N PHE B 102 -24.85 -58.09 21.11
CA PHE B 102 -25.78 -58.82 21.96
C PHE B 102 -26.15 -58.21 23.31
N TYR B 103 -25.65 -57.03 23.67
CA TYR B 103 -26.02 -56.52 24.99
C TYR B 103 -25.86 -55.01 25.16
N GLY B 104 -26.87 -54.25 24.74
CA GLY B 104 -26.92 -52.83 24.99
C GLY B 104 -27.81 -52.42 26.15
N ALA B 105 -28.48 -53.38 26.80
CA ALA B 105 -29.44 -53.07 27.84
C ALA B 105 -29.50 -54.20 28.85
N ARG B 106 -30.05 -53.87 30.02
CA ARG B 106 -30.28 -54.87 31.07
C ARG B 106 -31.36 -55.84 30.59
N ASP B 107 -31.47 -56.98 31.26
CA ASP B 107 -32.52 -57.95 30.92
C ASP B 107 -32.38 -58.39 29.47
N TYR B 108 -31.13 -58.57 29.04
CA TYR B 108 -30.81 -58.93 27.67
C TYR B 108 -29.42 -59.60 27.67
N GLY B 109 -28.94 -59.98 26.48
CA GLY B 109 -27.71 -60.72 26.27
C GLY B 109 -27.87 -61.63 25.06
N TYR B 110 -29.11 -61.95 24.68
CA TYR B 110 -29.36 -62.76 23.49
C TYR B 110 -28.76 -62.08 22.25
N PRO B 111 -28.05 -62.80 21.37
CA PRO B 111 -27.50 -62.17 20.15
C PRO B 111 -28.53 -61.71 19.13
N TYR B 112 -28.29 -60.51 18.56
CA TYR B 112 -29.18 -59.95 17.53
C TYR B 112 -28.75 -60.32 16.12
N ASP B 113 -27.48 -60.09 15.77
CA ASP B 113 -27.01 -60.26 14.39
C ASP B 113 -25.75 -61.11 14.37
N PHE B 114 -25.60 -61.85 13.26
CA PHE B 114 -24.49 -62.75 13.04
C PHE B 114 -24.31 -62.92 11.54
N ASP B 115 -23.19 -63.54 11.13
CA ASP B 115 -22.83 -63.62 9.71
C ASP B 115 -22.61 -65.01 9.12
N TYR B 116 -21.70 -65.81 9.69
CA TYR B 116 -21.29 -67.09 9.12
C TYR B 116 -21.65 -68.22 10.06
N TRP B 117 -22.30 -69.26 9.52
CA TRP B 117 -22.87 -70.30 10.37
C TRP B 117 -21.93 -71.50 10.43
N GLY B 118 -21.97 -72.22 11.55
CA GLY B 118 -21.16 -73.41 11.77
C GLY B 118 -21.28 -74.47 10.69
N GLN B 119 -20.19 -75.12 10.31
CA GLN B 119 -20.27 -76.08 9.21
C GLN B 119 -21.08 -77.31 9.62
N GLY B 120 -20.53 -78.13 10.52
CA GLY B 120 -21.20 -79.36 10.93
C GLY B 120 -20.59 -80.08 12.13
N THR B 121 -21.29 -80.15 13.26
CA THR B 121 -20.81 -80.89 14.43
C THR B 121 -21.98 -81.68 15.03
N GLN B 122 -22.04 -82.98 14.73
CA GLN B 122 -23.15 -83.82 15.16
C GLN B 122 -22.94 -84.28 16.60
N VAL B 123 -23.81 -83.86 17.52
CA VAL B 123 -23.77 -84.28 18.93
C VAL B 123 -25.02 -85.13 19.19
N THR B 124 -24.82 -86.40 19.55
CA THR B 124 -25.92 -87.34 19.75
C THR B 124 -25.74 -88.15 21.05
N VAL B 125 -26.79 -88.89 21.41
CA VAL B 125 -26.76 -89.80 22.53
C VAL B 125 -27.22 -91.19 22.10
N SER B 126 -26.81 -92.19 22.87
CA SER B 126 -27.25 -93.58 22.73
C SER B 126 -27.68 -94.09 24.09
N SER B 127 -28.97 -94.34 24.26
CA SER B 127 -29.51 -94.78 25.55
C SER B 127 -29.06 -96.20 25.86
N VAL C 2 -61.76 -42.68 17.98
CA VAL C 2 -60.85 -42.73 19.18
C VAL C 2 -60.95 -44.10 19.85
N GLN C 3 -62.13 -44.71 19.81
CA GLN C 3 -62.36 -46.00 20.43
C GLN C 3 -63.35 -46.78 19.59
N LEU C 4 -63.28 -48.11 19.71
CA LEU C 4 -64.21 -49.03 19.07
C LEU C 4 -65.01 -49.79 20.11
N GLN C 5 -66.31 -49.98 19.84
CA GLN C 5 -67.20 -50.76 20.69
C GLN C 5 -67.92 -51.82 19.85
N GLU C 6 -67.79 -53.08 20.27
CA GLU C 6 -68.43 -54.22 19.63
C GLU C 6 -69.78 -54.51 20.28
N SER C 7 -70.70 -55.08 19.51
CA SER C 7 -71.98 -55.52 20.04
C SER C 7 -72.48 -56.73 19.25
N GLY C 8 -73.71 -57.13 19.57
CA GLY C 8 -74.33 -58.32 19.01
C GLY C 8 -73.81 -59.55 19.73
N GLY C 9 -73.95 -60.71 19.11
CA GLY C 9 -73.54 -61.97 19.71
C GLY C 9 -74.74 -62.71 20.28
N GLY C 10 -74.46 -63.83 20.96
CA GLY C 10 -75.53 -64.64 21.51
C GLY C 10 -75.35 -66.13 21.26
N LEU C 11 -76.33 -66.88 21.75
CA LEU C 11 -76.40 -68.34 21.66
C LEU C 11 -77.45 -68.72 20.63
N VAL C 12 -77.06 -69.62 19.69
CA VAL C 12 -77.97 -70.16 18.70
C VAL C 12 -77.87 -71.68 18.66
N GLN C 13 -78.87 -72.28 18.05
CA GLN C 13 -78.87 -73.71 17.77
C GLN C 13 -78.10 -73.94 16.47
N PRO C 14 -77.53 -75.12 16.24
CA PRO C 14 -76.89 -75.40 14.95
C PRO C 14 -77.84 -75.12 13.79
N GLY C 15 -77.33 -74.44 12.77
CA GLY C 15 -78.11 -74.05 11.62
C GLY C 15 -78.66 -72.64 11.69
N GLY C 16 -78.57 -71.99 12.86
CA GLY C 16 -79.09 -70.65 13.06
C GLY C 16 -78.14 -69.59 12.53
N SER C 17 -78.47 -68.34 12.86
CA SER C 17 -77.70 -67.19 12.37
C SER C 17 -77.65 -66.10 13.42
N LEU C 18 -76.61 -65.28 13.33
CA LEU C 18 -76.41 -64.14 14.23
C LEU C 18 -75.88 -62.95 13.46
N ARG C 19 -76.42 -61.77 13.74
CA ARG C 19 -75.89 -60.53 13.18
C ARG C 19 -75.04 -59.84 14.25
N LEU C 20 -73.75 -59.73 13.98
CA LEU C 20 -72.77 -59.13 14.88
C LEU C 20 -72.49 -57.74 14.33
N SER C 21 -72.09 -56.81 15.20
CA SER C 21 -71.73 -55.50 14.68
C SER C 21 -70.74 -54.80 15.60
N CYS C 22 -70.06 -53.81 15.05
CA CYS C 22 -69.19 -52.97 15.87
C CYS C 22 -69.14 -51.59 15.22
N ALA C 23 -68.73 -50.60 16.01
CA ALA C 23 -68.65 -49.22 15.51
C ALA C 23 -67.55 -48.48 16.26
N ALA C 24 -67.07 -47.40 15.64
CA ALA C 24 -66.00 -46.60 16.22
C ALA C 24 -66.25 -45.11 16.00
N SER C 25 -65.77 -44.32 16.95
CA SER C 25 -65.89 -42.86 16.94
C SER C 25 -64.90 -42.22 15.97
N GLY C 26 -65.34 -41.10 15.39
CA GLY C 26 -64.47 -40.31 14.52
C GLY C 26 -64.09 -41.02 13.23
N PHE C 27 -62.97 -40.58 12.66
CA PHE C 27 -62.49 -41.15 11.40
C PHE C 27 -61.64 -42.39 11.69
N THR C 28 -62.36 -43.44 12.11
CA THR C 28 -61.79 -44.76 12.31
C THR C 28 -62.06 -45.64 11.09
N PHE C 29 -63.32 -45.78 10.70
CA PHE C 29 -63.68 -46.67 9.61
C PHE C 29 -63.67 -46.02 8.23
N SER C 30 -64.11 -44.78 8.11
CA SER C 30 -64.14 -44.16 6.78
C SER C 30 -62.72 -43.99 6.25
N SER C 31 -62.51 -44.44 5.01
CA SER C 31 -61.23 -44.45 4.31
C SER C 31 -60.21 -45.40 4.93
N TYR C 32 -60.66 -46.40 5.71
CA TYR C 32 -59.78 -47.41 6.28
C TYR C 32 -60.36 -48.80 6.00
N ALA C 33 -59.48 -49.80 5.94
CA ALA C 33 -59.92 -51.19 5.90
C ALA C 33 -60.19 -51.69 7.33
N MET C 34 -61.18 -52.57 7.46
CA MET C 34 -61.48 -53.17 8.76
C MET C 34 -61.95 -54.60 8.54
N GLY C 35 -61.73 -55.46 9.54
CA GLY C 35 -62.16 -56.85 9.40
C GLY C 35 -62.45 -57.54 10.72
N TRP C 36 -62.65 -58.86 10.67
CA TRP C 36 -63.00 -59.67 11.82
C TRP C 36 -62.03 -60.83 12.02
N TYR C 37 -61.86 -61.17 13.29
CA TYR C 37 -61.01 -62.23 13.82
C TYR C 37 -61.84 -63.02 14.83
N ARG C 38 -61.45 -64.28 15.07
CA ARG C 38 -62.15 -65.09 16.06
C ARG C 38 -61.12 -65.83 16.90
N GLN C 39 -61.51 -66.14 18.14
CA GLN C 39 -60.70 -66.95 19.05
C GLN C 39 -61.57 -67.94 19.79
N ALA C 40 -61.42 -69.22 19.48
CA ALA C 40 -62.16 -70.26 20.17
C ALA C 40 -61.66 -70.31 21.61
N PRO C 41 -62.48 -70.74 22.56
CA PRO C 41 -62.02 -70.74 23.97
C PRO C 41 -60.75 -71.55 24.20
N GLY C 42 -60.46 -72.56 23.38
CA GLY C 42 -59.26 -73.36 23.50
C GLY C 42 -58.20 -73.11 22.46
N LYS C 43 -58.34 -72.07 21.63
CA LYS C 43 -57.44 -71.80 20.50
C LYS C 43 -56.95 -70.37 20.53
N GLU C 44 -55.91 -70.13 19.73
CA GLU C 44 -55.39 -68.80 19.49
C GLU C 44 -56.33 -68.04 18.56
N ARG C 45 -56.26 -66.72 18.63
CA ARG C 45 -57.10 -65.89 17.76
C ARG C 45 -56.64 -66.01 16.31
N GLU C 46 -57.62 -66.12 15.40
CA GLU C 46 -57.37 -66.27 13.98
C GLU C 46 -58.28 -65.36 13.15
N TRP C 47 -57.82 -65.05 11.95
CA TRP C 47 -58.54 -64.19 11.02
C TRP C 47 -59.81 -64.83 10.48
N VAL C 48 -60.89 -64.03 10.42
CA VAL C 48 -62.18 -64.46 9.89
C VAL C 48 -62.47 -63.84 8.53
N CYS C 49 -62.38 -62.51 8.42
CA CYS C 49 -62.72 -61.84 7.15
C CYS C 49 -62.16 -60.43 7.19
N ALA C 50 -62.10 -59.79 6.02
CA ALA C 50 -61.74 -58.38 5.98
C ALA C 50 -62.41 -57.68 4.81
N ILE C 51 -62.89 -56.46 5.06
CA ILE C 51 -63.55 -55.62 4.07
C ILE C 51 -62.86 -54.25 4.02
N SER C 52 -62.60 -53.77 2.82
CA SER C 52 -62.01 -52.46 2.62
C SER C 52 -63.15 -51.44 2.70
N GLY C 53 -63.04 -50.47 3.61
CA GLY C 53 -64.13 -49.51 3.77
C GLY C 53 -64.47 -48.78 2.48
N SER C 54 -63.47 -48.16 1.85
CA SER C 54 -63.73 -47.45 0.61
C SER C 54 -63.90 -48.41 -0.56
N GLY C 55 -63.17 -49.53 -0.55
CA GLY C 55 -63.26 -50.48 -1.64
C GLY C 55 -64.61 -51.17 -1.72
N GLY C 56 -65.04 -51.74 -0.59
CA GLY C 56 -66.30 -52.44 -0.50
C GLY C 56 -66.22 -53.95 -0.71
N SER C 57 -65.12 -54.45 -1.25
CA SER C 57 -64.99 -55.88 -1.46
C SER C 57 -64.58 -56.54 -0.14
N THR C 58 -64.92 -57.82 0.02
CA THR C 58 -64.58 -58.56 1.22
C THR C 58 -63.90 -59.87 0.88
N TYR C 59 -62.83 -60.17 1.63
CA TYR C 59 -62.13 -61.45 1.55
C TYR C 59 -62.55 -62.27 2.76
N TYR C 60 -62.69 -63.58 2.55
CA TYR C 60 -63.12 -64.49 3.60
C TYR C 60 -62.17 -65.68 3.73
N ALA C 61 -62.01 -66.15 4.97
CA ALA C 61 -61.25 -67.35 5.26
C ALA C 61 -61.93 -68.58 4.67
N ASP C 62 -61.14 -69.65 4.50
CA ASP C 62 -61.67 -70.88 3.90
C ASP C 62 -62.86 -71.40 4.68
N SER C 63 -62.87 -71.22 6.00
CA SER C 63 -63.96 -71.66 6.85
C SER C 63 -65.12 -70.66 6.85
N VAL C 64 -64.94 -69.52 6.19
CA VAL C 64 -65.91 -68.43 6.17
C VAL C 64 -66.55 -68.29 4.80
N LYS C 65 -65.75 -68.35 3.74
CA LYS C 65 -66.22 -68.13 2.37
C LYS C 65 -67.44 -68.98 2.05
N GLY C 66 -68.46 -68.34 1.50
CA GLY C 66 -69.68 -69.04 1.14
C GLY C 66 -70.70 -69.20 2.24
N ARG C 67 -70.30 -69.81 3.36
CA ARG C 67 -71.24 -70.04 4.46
C ARG C 67 -71.83 -68.74 5.02
N PHE C 68 -70.99 -67.75 5.30
CA PHE C 68 -71.48 -66.51 5.90
C PHE C 68 -70.68 -65.32 5.41
N THR C 69 -71.29 -64.12 5.50
CA THR C 69 -70.68 -62.90 4.99
C THR C 69 -70.44 -61.81 6.03
N CYS C 70 -69.60 -60.86 5.63
CA CYS C 70 -69.22 -59.68 6.40
C CYS C 70 -69.45 -58.45 5.53
N SER C 71 -70.00 -57.38 6.09
CA SER C 71 -70.31 -56.17 5.33
C SER C 71 -70.00 -54.93 6.17
N ARG C 72 -70.42 -53.77 5.66
CA ARG C 72 -70.12 -52.50 6.30
C ARG C 72 -71.12 -51.44 5.86
N ASP C 73 -71.17 -50.34 6.63
CA ASP C 73 -71.90 -49.13 6.28
C ASP C 73 -70.98 -47.94 6.50
N ASN C 74 -70.53 -47.35 5.39
CA ASN C 74 -69.59 -46.23 5.36
C ASN C 74 -70.19 -44.92 5.88
N SER C 75 -71.51 -44.79 5.90
CA SER C 75 -72.11 -43.54 6.36
C SER C 75 -72.22 -43.51 7.87
N LYS C 76 -72.42 -44.67 8.48
CA LYS C 76 -72.52 -44.81 9.92
C LYS C 76 -71.21 -45.34 10.50
N ASN C 77 -70.22 -45.65 9.66
CA ASN C 77 -68.92 -46.15 10.11
C ASN C 77 -69.12 -47.37 10.99
N THR C 78 -70.04 -48.23 10.58
CA THR C 78 -70.42 -49.41 11.35
C THR C 78 -70.16 -50.67 10.54
N LEU C 79 -69.53 -51.65 11.17
CA LEU C 79 -69.18 -52.91 10.54
C LEU C 79 -70.20 -53.96 10.98
N TYR C 80 -70.60 -54.81 10.04
CA TYR C 80 -71.56 -55.87 10.30
C TYR C 80 -71.00 -57.20 9.87
N LEU C 81 -71.41 -58.27 10.55
CA LEU C 81 -71.11 -59.63 10.15
C LEU C 81 -72.41 -60.41 10.25
N GLN C 82 -72.81 -61.06 9.16
CA GLN C 82 -74.02 -61.85 9.12
C GLN C 82 -73.61 -63.31 9.04
N MET C 83 -73.64 -63.97 10.20
CA MET C 83 -73.16 -65.33 10.39
C MET C 83 -74.35 -66.26 10.21
N ASN C 84 -74.14 -67.38 9.51
CA ASN C 84 -75.21 -68.33 9.25
C ASN C 84 -74.62 -69.73 9.30
N SER C 85 -75.51 -70.72 9.16
CA SER C 85 -75.15 -72.15 9.12
C SER C 85 -74.13 -72.51 10.20
N LEU C 86 -74.42 -72.09 11.44
CA LEU C 86 -73.44 -72.26 12.48
C LEU C 86 -73.35 -73.73 12.90
N LYS C 87 -72.16 -74.12 13.34
CA LYS C 87 -71.84 -75.45 13.82
C LYS C 87 -71.22 -75.35 15.21
N PRO C 88 -71.26 -76.43 16.01
CA PRO C 88 -70.60 -76.38 17.33
C PRO C 88 -69.16 -75.89 17.29
N GLU C 89 -68.44 -76.16 16.20
CA GLU C 89 -67.07 -75.72 16.04
C GLU C 89 -66.94 -74.20 15.94
N ASP C 90 -68.04 -73.50 15.68
CA ASP C 90 -68.01 -72.05 15.50
C ASP C 90 -68.04 -71.29 16.82
N THR C 91 -68.27 -71.94 17.96
CA THR C 91 -68.31 -71.23 19.23
C THR C 91 -66.97 -70.55 19.45
N ALA C 92 -67.00 -69.23 19.68
CA ALA C 92 -65.78 -68.47 19.86
C ALA C 92 -66.15 -67.05 20.28
N VAL C 93 -65.14 -66.30 20.72
CA VAL C 93 -65.29 -64.86 20.90
C VAL C 93 -64.75 -64.19 19.65
N TYR C 94 -65.57 -63.36 19.03
CA TYR C 94 -65.26 -62.67 17.78
C TYR C 94 -64.85 -61.24 18.07
N TYR C 95 -63.89 -60.74 17.31
CA TYR C 95 -63.37 -59.39 17.45
C TYR C 95 -63.38 -58.77 16.07
N CYS C 96 -63.49 -57.44 16.02
CA CYS C 96 -63.25 -56.71 14.79
C CYS C 96 -62.07 -55.79 15.06
N ALA C 97 -61.33 -55.46 14.00
CA ALA C 97 -60.18 -54.58 14.14
C ALA C 97 -59.89 -53.86 12.84
N ARG C 98 -59.26 -52.69 12.98
CA ARG C 98 -58.93 -51.85 11.85
C ARG C 98 -57.47 -52.02 11.44
N TYR C 99 -57.23 -52.05 10.14
CA TYR C 99 -55.88 -52.18 9.61
C TYR C 99 -55.30 -50.77 9.53
N GLY C 100 -53.98 -50.65 9.61
CA GLY C 100 -53.39 -49.33 9.52
C GLY C 100 -53.71 -48.68 8.19
N GLY C 101 -53.82 -47.36 8.21
CA GLY C 101 -54.19 -46.60 7.04
C GLY C 101 -53.14 -45.68 6.46
N PRO C 102 -53.57 -44.80 5.56
CA PRO C 102 -52.63 -43.86 4.92
C PRO C 102 -52.19 -42.76 5.88
N TYR C 103 -51.06 -42.15 5.55
CA TYR C 103 -50.54 -41.06 6.35
C TYR C 103 -51.54 -39.91 6.37
N ASP C 104 -51.76 -39.33 7.55
CA ASP C 104 -52.66 -38.20 7.75
C ASP C 104 -51.83 -37.07 8.34
N PRO C 105 -51.60 -35.96 7.61
CA PRO C 105 -50.76 -34.87 8.17
C PRO C 105 -51.20 -34.29 9.50
N THR C 106 -52.46 -34.43 9.92
CA THR C 106 -52.85 -33.84 11.19
C THR C 106 -52.57 -34.82 12.33
N ASP C 107 -52.92 -34.41 13.54
CA ASP C 107 -52.69 -35.24 14.72
C ASP C 107 -53.67 -36.40 14.68
N SER C 108 -53.17 -37.61 14.45
CA SER C 108 -54.04 -38.75 14.23
C SER C 108 -53.36 -40.04 14.68
N THR C 109 -54.16 -41.10 14.71
CA THR C 109 -53.74 -42.44 15.09
C THR C 109 -53.93 -43.42 13.94
N TYR C 110 -53.72 -42.94 12.71
CA TYR C 110 -53.91 -43.74 11.50
C TYR C 110 -53.20 -45.09 11.53
N ALA C 111 -52.03 -45.18 12.17
CA ALA C 111 -51.27 -46.42 12.13
C ALA C 111 -51.66 -47.46 13.17
N PHE C 112 -52.62 -47.17 14.05
CA PHE C 112 -52.94 -48.08 15.16
C PHE C 112 -54.04 -49.05 14.74
N ASP C 113 -54.16 -50.16 15.48
CA ASP C 113 -55.17 -51.17 15.17
C ASP C 113 -56.51 -51.07 15.92
N TYR C 114 -56.54 -50.57 17.17
CA TYR C 114 -57.79 -50.41 17.91
C TYR C 114 -58.63 -51.70 17.96
N TRP C 115 -58.10 -52.69 18.67
CA TRP C 115 -58.79 -53.96 18.83
C TRP C 115 -59.95 -53.80 19.80
N GLY C 116 -61.07 -54.47 19.50
CA GLY C 116 -62.26 -54.40 20.33
C GLY C 116 -62.26 -55.29 21.56
N GLN C 117 -63.42 -55.28 22.24
CA GLN C 117 -63.58 -55.97 23.52
C GLN C 117 -63.90 -57.46 23.38
N GLY C 118 -64.57 -57.87 22.29
CA GLY C 118 -64.97 -59.25 22.11
C GLY C 118 -66.46 -59.54 22.27
N THR C 119 -67.03 -60.20 21.26
CA THR C 119 -68.43 -60.56 21.17
C THR C 119 -68.53 -62.08 21.21
N GLN C 120 -69.23 -62.62 22.21
CA GLN C 120 -69.31 -64.07 22.38
C GLN C 120 -70.43 -64.68 21.53
N VAL C 121 -70.07 -65.67 20.71
CA VAL C 121 -71.01 -66.39 19.86
C VAL C 121 -70.91 -67.86 20.29
N THR C 122 -72.05 -68.44 20.68
CA THR C 122 -72.12 -69.81 21.16
C THR C 122 -73.12 -70.62 20.36
N VAL C 123 -72.76 -71.86 20.07
CA VAL C 123 -73.60 -72.81 19.34
C VAL C 123 -73.81 -74.03 20.22
N SER C 124 -75.07 -74.39 20.44
CA SER C 124 -75.41 -75.53 21.28
C SER C 124 -76.86 -75.93 21.10
N TYR D 28 30.86 -16.18 -52.07
CA TYR D 28 29.99 -15.68 -51.01
C TYR D 28 29.88 -14.16 -51.09
N THR D 29 29.06 -13.58 -50.22
CA THR D 29 28.82 -12.14 -50.16
C THR D 29 27.95 -11.88 -48.94
N ASN D 30 27.40 -10.67 -48.85
CA ASN D 30 26.65 -10.21 -47.69
C ASN D 30 25.20 -9.93 -48.06
N SER D 31 24.32 -10.13 -47.08
CA SER D 31 22.90 -9.84 -47.25
C SER D 31 22.59 -8.35 -47.26
N PHE D 32 23.51 -7.50 -46.80
CA PHE D 32 23.29 -6.06 -46.69
C PHE D 32 22.00 -5.76 -45.93
N THR D 33 21.00 -5.11 -46.57
CA THR D 33 19.77 -4.72 -45.89
C THR D 33 18.56 -5.53 -46.33
N ARG D 34 18.77 -6.65 -47.02
CA ARG D 34 17.68 -7.50 -47.48
C ARG D 34 17.33 -8.51 -46.39
N GLY D 35 16.13 -9.06 -46.46
CA GLY D 35 15.69 -10.09 -45.56
C GLY D 35 14.64 -9.70 -44.54
N VAL D 36 13.93 -8.60 -44.74
CA VAL D 36 12.86 -8.15 -43.85
C VAL D 36 11.53 -8.38 -44.54
N TYR D 37 10.54 -8.84 -43.76
CA TYR D 37 9.22 -9.18 -44.24
C TYR D 37 8.20 -8.70 -43.23
N TYR D 38 7.01 -8.34 -43.70
CA TYR D 38 5.98 -7.84 -42.81
C TYR D 38 5.62 -8.94 -41.82
N PRO D 39 5.85 -8.77 -40.51
CA PRO D 39 5.62 -9.88 -39.58
C PRO D 39 4.15 -10.18 -39.32
N ASP D 40 3.25 -9.27 -39.70
CA ASP D 40 1.84 -9.43 -39.36
C ASP D 40 1.00 -8.76 -40.45
N LYS D 41 -0.31 -8.84 -40.28
CA LYS D 41 -1.32 -8.29 -41.17
C LYS D 41 -1.97 -7.08 -40.52
N VAL D 42 -1.18 -6.30 -39.80
CA VAL D 42 -1.64 -5.14 -39.03
C VAL D 42 -1.05 -3.87 -39.62
N PHE D 43 -1.93 -2.91 -39.90
CA PHE D 43 -1.57 -1.60 -40.44
C PHE D 43 -1.10 -0.67 -39.34
N ARG D 44 0.04 -0.02 -39.57
CA ARG D 44 0.56 0.98 -38.65
C ARG D 44 1.01 2.18 -39.46
N SER D 45 0.71 3.38 -38.94
CA SER D 45 1.04 4.63 -39.63
C SER D 45 2.00 5.45 -38.78
N SER D 46 3.22 5.63 -39.28
CA SER D 46 4.28 6.37 -38.59
C SER D 46 4.52 5.85 -37.17
N VAL D 47 4.59 4.53 -37.02
CA VAL D 47 4.82 3.89 -35.73
C VAL D 47 6.16 3.17 -35.80
N LEU D 48 6.95 3.29 -34.75
CA LEU D 48 8.24 2.61 -34.68
C LEU D 48 8.07 1.24 -34.01
N HIS D 49 7.22 0.42 -34.62
CA HIS D 49 6.94 -0.90 -34.08
C HIS D 49 8.19 -1.77 -34.10
N SER D 50 8.33 -2.61 -33.09
CA SER D 50 9.43 -3.56 -32.98
C SER D 50 8.86 -4.97 -32.85
N THR D 51 9.75 -5.96 -32.91
CA THR D 51 9.33 -7.35 -32.84
C THR D 51 10.51 -8.33 -32.83
N GLN D 52 10.31 -9.48 -32.16
CA GLN D 52 11.28 -10.56 -32.05
C GLN D 52 10.79 -11.77 -32.84
N ASP D 53 11.46 -12.06 -33.95
CA ASP D 53 11.02 -13.14 -34.83
C ASP D 53 12.23 -13.61 -35.62
N LEU D 54 12.04 -14.59 -36.49
CA LEU D 54 13.12 -15.09 -37.33
C LEU D 54 13.29 -14.19 -38.55
N PHE D 55 14.41 -13.47 -38.60
CA PHE D 55 14.75 -12.59 -39.70
C PHE D 55 16.20 -12.83 -40.11
N LEU D 56 16.51 -12.47 -41.35
CA LEU D 56 17.88 -12.56 -41.80
C LEU D 56 18.65 -11.40 -41.17
N PRO D 57 19.76 -11.65 -40.46
CA PRO D 57 20.50 -10.52 -39.88
C PRO D 57 21.05 -9.63 -40.99
N PHE D 58 21.16 -8.33 -40.71
CA PHE D 58 21.69 -7.44 -41.71
C PHE D 58 23.18 -7.70 -41.88
N PHE D 59 23.65 -7.60 -43.12
CA PHE D 59 25.05 -7.83 -43.48
C PHE D 59 25.50 -9.26 -43.15
N SER D 60 24.54 -10.17 -43.00
CA SER D 60 24.84 -11.58 -42.80
C SER D 60 25.44 -12.18 -44.04
N ASN D 61 26.30 -13.18 -43.88
CA ASN D 61 26.84 -13.84 -45.03
C ASN D 61 25.73 -14.62 -45.73
N VAL D 62 25.68 -14.49 -47.05
CA VAL D 62 24.70 -15.15 -47.90
C VAL D 62 25.50 -15.86 -48.99
N THR D 63 25.00 -17.01 -49.45
CA THR D 63 25.72 -17.76 -50.47
C THR D 63 25.09 -17.51 -51.85
N TRP D 64 25.96 -17.21 -52.81
CA TRP D 64 25.62 -16.80 -54.17
C TRP D 64 25.82 -17.96 -55.15
N PHE D 65 24.75 -18.34 -55.86
CA PHE D 65 24.78 -19.48 -56.77
C PHE D 65 24.30 -19.04 -58.15
N HIS D 66 24.92 -19.61 -59.18
CA HIS D 66 24.57 -19.36 -60.57
C HIS D 66 25.41 -20.26 -61.48
N PHE D 79 23.21 -21.88 -63.17
CA PHE D 79 23.84 -23.09 -63.71
C PHE D 79 24.35 -23.99 -62.59
N ASP D 80 23.65 -23.99 -61.47
CA ASP D 80 24.03 -24.81 -60.32
C ASP D 80 22.78 -25.10 -59.50
N ASN D 81 22.86 -26.16 -58.67
CA ASN D 81 21.74 -26.50 -57.80
C ASN D 81 22.13 -27.53 -56.75
N PRO D 82 22.97 -27.16 -55.79
CA PRO D 82 23.38 -28.10 -54.74
C PRO D 82 22.27 -28.30 -53.72
N VAL D 83 22.38 -29.37 -52.96
CA VAL D 83 21.47 -29.60 -51.84
C VAL D 83 21.91 -28.73 -50.67
N LEU D 84 20.98 -27.95 -50.13
CA LEU D 84 21.21 -27.03 -49.02
C LEU D 84 20.34 -27.37 -47.80
N PRO D 85 20.79 -27.05 -46.58
CA PRO D 85 19.93 -27.22 -45.41
C PRO D 85 18.81 -26.19 -45.37
N PHE D 86 17.76 -26.50 -44.61
CA PHE D 86 16.69 -25.53 -44.36
C PHE D 86 16.89 -24.76 -43.06
N ASN D 87 17.43 -25.40 -42.03
CA ASN D 87 17.62 -24.82 -40.70
C ASN D 87 16.32 -24.25 -40.13
N ASP D 88 16.29 -22.94 -39.80
CA ASP D 88 15.11 -22.30 -39.20
C ASP D 88 14.15 -21.77 -40.26
N GLY D 89 14.67 -21.40 -41.41
CA GLY D 89 13.90 -20.89 -42.53
C GLY D 89 14.88 -20.41 -43.56
N VAL D 90 14.45 -20.19 -44.81
CA VAL D 90 15.35 -19.84 -45.90
C VAL D 90 14.94 -18.52 -46.55
N TYR D 91 15.91 -17.63 -46.66
CA TYR D 91 15.77 -16.41 -47.43
C TYR D 91 16.30 -16.75 -48.82
N PHE D 92 15.51 -16.45 -49.84
CA PHE D 92 15.87 -16.77 -51.22
C PHE D 92 15.63 -15.54 -52.07
N ALA D 93 16.52 -15.30 -53.02
CA ALA D 93 16.29 -14.23 -53.97
C ALA D 93 16.70 -14.73 -55.35
N SER D 94 15.95 -14.28 -56.35
CA SER D 94 16.20 -14.61 -57.75
C SER D 94 16.38 -13.33 -58.55
N THR D 95 17.54 -13.17 -59.16
CA THR D 95 17.85 -11.99 -59.94
C THR D 95 17.94 -12.47 -61.39
N GLU D 96 16.96 -12.12 -62.22
CA GLU D 96 16.96 -12.65 -63.57
C GLU D 96 16.10 -11.79 -64.48
N LYS D 97 16.35 -11.90 -65.78
CA LYS D 97 15.53 -11.29 -66.82
C LYS D 97 14.77 -12.30 -67.68
N SER D 98 15.30 -13.51 -67.83
CA SER D 98 14.73 -14.56 -68.68
C SER D 98 13.81 -15.52 -67.93
N ASN D 99 13.65 -15.37 -66.61
CA ASN D 99 12.83 -16.26 -65.80
C ASN D 99 13.26 -17.73 -65.95
N ILE D 100 14.58 -17.95 -65.91
CA ILE D 100 15.10 -19.31 -66.03
C ILE D 100 14.79 -20.13 -64.78
N ILE D 101 14.76 -19.48 -63.62
CA ILE D 101 14.45 -20.13 -62.35
C ILE D 101 12.93 -20.28 -62.27
N ARG D 102 12.46 -21.51 -62.07
CA ARG D 102 11.03 -21.82 -62.13
C ARG D 102 10.39 -22.21 -60.80
N GLY D 103 11.13 -22.78 -59.86
CA GLY D 103 10.44 -23.24 -58.67
C GLY D 103 11.37 -23.71 -57.57
N TRP D 104 10.74 -24.37 -56.60
CA TRP D 104 11.41 -24.85 -55.38
C TRP D 104 10.83 -26.20 -55.00
N ILE D 105 11.64 -26.99 -54.29
CA ILE D 105 11.19 -28.24 -53.68
C ILE D 105 11.65 -28.22 -52.23
N PHE D 106 10.72 -28.44 -51.30
CA PHE D 106 11.00 -28.41 -49.86
C PHE D 106 10.54 -29.71 -49.21
N GLY D 107 11.28 -30.19 -48.21
CA GLY D 107 10.82 -31.34 -47.46
C GLY D 107 11.81 -31.78 -46.41
N THR D 108 11.40 -32.80 -45.66
CA THR D 108 12.22 -33.35 -44.59
C THR D 108 13.45 -34.10 -45.11
N THR D 109 13.29 -34.88 -46.18
CA THR D 109 14.39 -35.68 -46.73
C THR D 109 14.61 -35.46 -48.22
N LEU D 110 13.52 -35.21 -48.96
CA LEU D 110 13.58 -35.12 -50.42
C LEU D 110 14.18 -36.37 -51.06
N ASP D 111 13.78 -37.54 -50.55
CA ASP D 111 14.23 -38.82 -51.10
C ASP D 111 13.09 -39.81 -51.35
N SER D 112 11.84 -39.34 -51.39
CA SER D 112 10.60 -40.10 -51.59
C SER D 112 10.03 -40.64 -50.28
N LYS D 113 10.71 -40.47 -49.15
CA LYS D 113 10.20 -40.92 -47.86
C LYS D 113 9.08 -40.04 -47.29
N THR D 114 9.02 -38.77 -47.66
CA THR D 114 8.03 -37.85 -47.10
C THR D 114 7.26 -37.11 -48.20
N GLN D 115 6.22 -36.40 -47.75
CA GLN D 115 5.30 -35.66 -48.61
C GLN D 115 5.87 -34.27 -48.87
N SER D 116 6.86 -34.23 -49.77
CA SER D 116 7.51 -32.95 -50.03
C SER D 116 6.60 -32.00 -50.80
N LEU D 117 6.94 -30.71 -50.71
CA LEU D 117 6.23 -29.59 -51.32
C LEU D 117 6.96 -29.15 -52.58
N LEU D 118 6.33 -29.36 -53.74
CA LEU D 118 6.88 -29.02 -55.04
C LEU D 118 6.12 -27.82 -55.58
N ILE D 119 6.82 -26.70 -55.76
CA ILE D 119 6.25 -25.46 -56.26
C ILE D 119 6.94 -25.23 -57.59
N VAL D 120 6.20 -25.26 -58.70
CA VAL D 120 6.81 -25.07 -60.01
C VAL D 120 6.05 -24.07 -60.87
N ASN D 121 6.81 -23.44 -61.78
CA ASN D 121 6.29 -22.56 -62.81
C ASN D 121 6.51 -23.30 -64.13
N ASN D 122 5.42 -23.76 -64.75
CA ASN D 122 5.47 -24.60 -65.93
C ASN D 122 5.43 -23.80 -67.22
N ALA D 123 5.41 -22.47 -67.14
CA ALA D 123 5.26 -21.53 -68.26
C ALA D 123 3.90 -21.66 -68.93
N THR D 124 2.96 -22.33 -68.26
CA THR D 124 1.56 -22.44 -68.67
C THR D 124 0.68 -22.05 -67.47
N ASN D 125 1.15 -22.40 -66.27
CA ASN D 125 0.45 -22.20 -65.01
C ASN D 125 1.51 -22.24 -63.90
N VAL D 126 1.06 -22.05 -62.67
CA VAL D 126 1.88 -22.25 -61.47
C VAL D 126 1.20 -23.33 -60.66
N VAL D 127 1.95 -24.38 -60.32
CA VAL D 127 1.40 -25.57 -59.66
C VAL D 127 2.12 -25.80 -58.35
N ILE D 128 1.34 -25.97 -57.28
CA ILE D 128 1.85 -26.28 -55.95
C ILE D 128 1.28 -27.63 -55.57
N LYS D 129 2.14 -28.59 -55.27
CA LYS D 129 1.76 -29.94 -54.90
C LYS D 129 2.48 -30.39 -53.64
N VAL D 130 1.78 -31.11 -52.77
CA VAL D 130 2.38 -31.72 -51.60
C VAL D 130 2.08 -33.21 -51.74
N CYS D 131 3.13 -33.98 -52.03
CA CYS D 131 3.04 -35.39 -52.41
C CYS D 131 4.39 -36.02 -52.13
N GLU D 132 4.41 -37.35 -52.02
CA GLU D 132 5.70 -38.04 -52.11
C GLU D 132 6.12 -38.00 -53.57
N PHE D 133 7.38 -37.65 -53.85
CA PHE D 133 7.87 -37.60 -55.21
C PHE D 133 9.09 -38.48 -55.40
N GLN D 134 9.28 -38.96 -56.63
CA GLN D 134 10.49 -39.69 -56.97
C GLN D 134 11.54 -38.65 -57.33
N PHE D 135 12.69 -38.71 -56.65
CA PHE D 135 13.76 -37.75 -56.87
C PHE D 135 14.87 -38.27 -57.75
N CYS D 136 15.49 -37.33 -58.48
CA CYS D 136 16.69 -37.54 -59.27
C CYS D 136 17.73 -36.54 -58.78
N ASN D 137 19.00 -36.88 -58.96
CA ASN D 137 20.06 -35.99 -58.48
C ASN D 137 20.24 -34.74 -59.36
N ASP D 138 19.89 -34.81 -60.64
CA ASP D 138 20.08 -33.69 -61.57
C ASP D 138 18.81 -33.39 -62.37
N PRO D 139 17.75 -32.92 -61.69
CA PRO D 139 16.53 -32.58 -62.44
C PRO D 139 16.73 -31.33 -63.29
N PHE D 140 16.12 -31.33 -64.47
CA PHE D 140 16.09 -30.16 -65.34
C PHE D 140 14.69 -29.98 -65.90
N LEU D 141 14.26 -28.74 -66.01
CA LEU D 141 12.99 -28.38 -66.65
C LEU D 141 13.27 -27.87 -68.06
N GLY D 142 12.29 -28.01 -68.94
CA GLY D 142 12.42 -27.53 -70.30
C GLY D 142 12.14 -26.04 -70.42
N VAL D 143 12.20 -25.55 -71.65
CA VAL D 143 11.97 -24.14 -71.96
C VAL D 143 11.19 -24.08 -73.27
N MET D 153 6.15 -25.26 -73.93
CA MET D 153 7.33 -25.55 -74.75
C MET D 153 8.41 -26.28 -73.95
N GLU D 154 8.02 -26.90 -72.84
CA GLU D 154 8.96 -27.61 -71.98
C GLU D 154 9.08 -29.05 -72.45
N SER D 155 10.20 -29.37 -73.09
CA SER D 155 10.39 -30.71 -73.64
C SER D 155 10.65 -31.75 -72.55
N GLU D 156 11.11 -31.33 -71.38
CA GLU D 156 11.36 -32.24 -70.27
C GLU D 156 10.83 -31.64 -68.98
N PHE D 157 10.57 -32.53 -68.02
CA PHE D 157 10.14 -32.14 -66.69
C PHE D 157 10.47 -33.33 -65.80
N ARG D 158 11.01 -33.06 -64.60
CA ARG D 158 11.45 -34.12 -63.70
C ARG D 158 10.81 -33.98 -62.33
N VAL D 159 10.75 -35.11 -61.62
CA VAL D 159 10.21 -35.27 -60.26
C VAL D 159 8.69 -35.21 -60.30
N TYR D 160 8.15 -34.12 -60.85
CA TYR D 160 6.71 -33.92 -61.00
C TYR D 160 6.00 -35.11 -61.62
N SER D 161 6.59 -35.70 -62.66
CA SER D 161 5.98 -36.77 -63.43
C SER D 161 5.81 -38.08 -62.68
N SER D 162 6.45 -38.29 -61.53
CA SER D 162 6.33 -39.53 -60.78
C SER D 162 6.16 -39.24 -59.30
N ALA D 163 5.00 -39.62 -58.76
CA ALA D 163 4.67 -39.30 -57.37
C ALA D 163 3.67 -40.31 -56.83
N ASN D 164 3.61 -40.38 -55.50
CA ASN D 164 2.63 -41.19 -54.77
C ASN D 164 1.36 -40.34 -54.62
N ASN D 165 0.34 -40.89 -53.97
CA ASN D 165 -0.90 -40.13 -53.81
C ASN D 165 -0.64 -38.84 -53.05
N CYS D 166 -1.15 -37.75 -53.60
CA CYS D 166 -0.94 -36.42 -53.04
C CYS D 166 -1.85 -36.09 -51.87
N THR D 167 -1.31 -35.32 -50.93
CA THR D 167 -2.09 -34.80 -49.82
C THR D 167 -2.65 -33.42 -50.14
N PHE D 168 -1.96 -32.61 -50.94
CA PHE D 168 -2.45 -31.27 -51.28
C PHE D 168 -2.09 -30.93 -52.71
N GLU D 169 -3.01 -30.26 -53.42
CA GLU D 169 -2.72 -29.74 -54.75
C GLU D 169 -3.48 -28.44 -54.98
N TYR D 170 -2.79 -27.47 -55.58
CA TYR D 170 -3.35 -26.18 -55.97
C TYR D 170 -2.77 -25.79 -57.33
N VAL D 171 -3.62 -25.29 -58.23
CA VAL D 171 -3.21 -24.81 -59.54
C VAL D 171 -3.71 -23.38 -59.73
N SER D 172 -2.80 -22.49 -60.12
CA SER D 172 -3.12 -21.09 -60.38
C SER D 172 -3.61 -20.88 -61.80
N GLN D 173 -4.14 -19.67 -62.04
CA GLN D 173 -4.62 -19.26 -63.36
C GLN D 173 -3.52 -19.42 -64.42
N PRO D 174 -3.89 -19.48 -65.70
CA PRO D 174 -2.87 -19.56 -66.75
C PRO D 174 -1.90 -18.38 -66.73
N PHE D 175 -0.64 -18.68 -67.08
CA PHE D 175 0.42 -17.68 -67.16
C PHE D 175 1.25 -17.91 -68.42
N ASN D 185 22.46 -6.27 -67.92
CA ASN D 185 21.75 -6.05 -66.66
C ASN D 185 20.55 -6.98 -66.54
N PHE D 186 20.19 -7.28 -65.29
CA PHE D 186 19.01 -8.08 -65.00
C PHE D 186 17.84 -7.13 -64.81
N LYS D 187 16.63 -7.61 -65.12
CA LYS D 187 15.45 -6.76 -65.07
C LYS D 187 14.47 -7.06 -63.94
N ASN D 188 14.40 -8.29 -63.43
CA ASN D 188 13.40 -8.65 -62.41
C ASN D 188 14.02 -9.33 -61.21
N LEU D 189 13.86 -8.73 -60.02
CA LEU D 189 14.31 -9.35 -58.77
C LEU D 189 13.07 -9.88 -58.06
N ARG D 190 13.09 -11.18 -57.75
CA ARG D 190 12.00 -11.85 -57.05
C ARG D 190 12.52 -12.36 -55.71
N GLU D 191 12.28 -11.60 -54.64
CA GLU D 191 12.74 -11.96 -53.31
C GLU D 191 11.65 -12.79 -52.64
N PHE D 192 12.06 -13.86 -51.95
CA PHE D 192 11.15 -14.72 -51.22
C PHE D 192 11.74 -15.07 -49.86
N VAL D 193 10.87 -15.31 -48.89
CA VAL D 193 11.26 -15.95 -47.63
C VAL D 193 10.30 -17.10 -47.39
N PHE D 194 10.85 -18.25 -47.03
CA PHE D 194 10.13 -19.49 -46.76
C PHE D 194 10.36 -19.91 -45.31
N LYS D 195 9.29 -19.97 -44.51
CA LYS D 195 9.43 -20.42 -43.12
C LYS D 195 8.32 -21.39 -42.77
N ASN D 196 8.63 -22.34 -41.87
CA ASN D 196 7.70 -23.36 -41.42
C ASN D 196 7.44 -23.13 -39.92
N ILE D 197 6.31 -22.53 -39.60
CA ILE D 197 5.98 -22.12 -38.23
C ILE D 197 4.78 -22.94 -37.75
N ASP D 198 5.02 -23.79 -36.75
CA ASP D 198 3.99 -24.63 -36.12
C ASP D 198 3.17 -25.43 -37.14
N GLY D 199 3.84 -25.96 -38.15
CA GLY D 199 3.15 -26.75 -39.15
C GLY D 199 2.58 -25.97 -40.32
N TYR D 200 2.69 -24.65 -40.31
CA TYR D 200 2.19 -23.80 -41.38
C TYR D 200 3.38 -23.34 -42.21
N PHE D 201 3.30 -23.51 -43.53
CA PHE D 201 4.35 -23.06 -44.42
C PHE D 201 3.96 -21.69 -44.93
N LYS D 202 4.72 -20.69 -44.50
CA LYS D 202 4.46 -19.29 -44.78
C LYS D 202 5.45 -18.80 -45.82
N ILE D 203 4.93 -18.26 -46.92
CA ILE D 203 5.74 -17.77 -48.03
C ILE D 203 5.42 -16.29 -48.17
N TYR D 204 6.46 -15.45 -48.16
CA TYR D 204 6.33 -14.01 -48.36
C TYR D 204 7.22 -13.67 -49.55
N SER D 205 6.87 -12.62 -50.30
CA SER D 205 7.74 -12.22 -51.41
C SER D 205 7.60 -10.76 -51.77
N LYS D 206 8.55 -10.29 -52.57
CA LYS D 206 8.52 -8.96 -53.17
C LYS D 206 9.10 -9.05 -54.58
N HIS D 207 8.37 -8.53 -55.56
CA HIS D 207 8.81 -8.46 -56.96
C HIS D 207 9.16 -7.01 -57.27
N THR D 208 10.41 -6.74 -57.69
CA THR D 208 10.83 -5.37 -58.00
C THR D 208 11.67 -5.19 -59.27
N PRO D 209 11.48 -4.10 -60.02
CA PRO D 209 12.39 -3.80 -61.13
C PRO D 209 13.81 -3.57 -60.63
N ILE D 210 14.78 -4.08 -61.39
CA ILE D 210 16.20 -3.94 -61.08
C ILE D 210 17.02 -3.51 -62.31
N ASN D 211 18.25 -3.09 -62.02
CA ASN D 211 19.26 -2.73 -63.03
C ASN D 211 20.67 -3.12 -62.61
N LEU D 212 20.94 -4.41 -62.33
CA LEU D 212 22.26 -4.85 -61.85
C LEU D 212 22.82 -5.98 -62.69
N VAL D 213 24.15 -6.09 -62.67
CA VAL D 213 24.86 -7.13 -63.41
C VAL D 213 25.28 -8.31 -62.52
N ARG D 214 25.73 -8.05 -61.27
CA ARG D 214 26.25 -9.12 -60.41
C ARG D 214 25.71 -9.31 -58.99
N ASP D 215 26.24 -8.55 -58.02
CA ASP D 215 25.99 -8.85 -56.61
C ASP D 215 24.63 -8.32 -56.18
N LEU D 216 24.26 -8.56 -54.93
CA LEU D 216 22.95 -8.12 -54.45
C LEU D 216 22.83 -6.60 -54.48
N PRO D 217 21.69 -6.05 -54.93
CA PRO D 217 21.51 -4.60 -54.86
C PRO D 217 21.25 -4.19 -53.42
N GLN D 218 21.64 -2.97 -53.08
CA GLN D 218 21.36 -2.45 -51.75
C GLN D 218 20.13 -1.55 -51.80
N GLY D 219 19.51 -1.41 -50.63
CA GLY D 219 18.32 -0.58 -50.48
C GLY D 219 17.42 -1.34 -49.53
N PHE D 220 16.33 -0.73 -49.06
CA PHE D 220 15.42 -1.39 -48.13
C PHE D 220 14.12 -1.74 -48.84
N SER D 221 13.63 -2.94 -48.55
CA SER D 221 12.36 -3.43 -49.06
C SER D 221 11.80 -4.39 -48.01
N ALA D 222 10.50 -4.69 -48.11
CA ALA D 222 9.89 -5.68 -47.25
C ALA D 222 9.00 -6.63 -48.06
N LEU D 223 9.09 -7.91 -47.72
CA LEU D 223 8.36 -8.96 -48.42
C LEU D 223 6.92 -9.04 -47.90
N GLU D 224 5.94 -9.18 -48.85
CA GLU D 224 4.55 -9.24 -48.46
C GLU D 224 4.08 -10.70 -48.43
N PRO D 225 3.18 -11.09 -47.52
CA PRO D 225 2.74 -12.49 -47.50
C PRO D 225 1.99 -12.91 -48.75
N LEU D 226 2.25 -14.14 -49.19
CA LEU D 226 1.53 -14.75 -50.31
C LEU D 226 0.80 -16.01 -49.89
N VAL D 227 1.47 -16.91 -49.17
CA VAL D 227 0.91 -18.22 -48.85
C VAL D 227 1.05 -18.48 -47.35
N ASP D 228 0.01 -19.08 -46.77
CA ASP D 228 0.00 -19.54 -45.38
C ASP D 228 -0.72 -20.88 -45.46
N LEU D 229 0.04 -21.93 -45.77
CA LEU D 229 -0.50 -23.25 -46.09
C LEU D 229 -0.41 -24.18 -44.90
N PRO D 230 -1.52 -24.72 -44.35
CA PRO D 230 -1.38 -25.66 -43.22
C PRO D 230 -0.92 -27.03 -43.71
N ILE D 231 0.31 -27.06 -44.21
CA ILE D 231 0.85 -28.27 -44.82
C ILE D 231 1.06 -29.36 -43.77
N GLY D 232 1.46 -29.00 -42.55
CA GLY D 232 1.61 -30.00 -41.51
C GLY D 232 2.78 -30.93 -41.63
N ILE D 233 3.86 -30.52 -42.31
CA ILE D 233 5.04 -31.35 -42.53
C ILE D 233 6.26 -30.59 -42.04
N ASN D 234 7.34 -31.34 -41.78
CA ASN D 234 8.61 -30.72 -41.42
C ASN D 234 9.42 -30.52 -42.68
N ILE D 235 10.21 -29.44 -42.70
CA ILE D 235 11.13 -29.14 -43.78
C ILE D 235 12.54 -28.99 -43.20
N THR D 236 13.47 -29.77 -43.73
CA THR D 236 14.85 -29.80 -43.26
C THR D 236 15.87 -29.55 -44.37
N ARG D 237 15.51 -29.78 -45.63
CA ARG D 237 16.42 -29.67 -46.77
C ARG D 237 15.77 -28.80 -47.83
N PHE D 238 16.60 -28.00 -48.54
CA PHE D 238 16.12 -27.10 -49.59
C PHE D 238 16.92 -27.25 -50.87
N GLN D 239 16.21 -27.34 -51.99
CA GLN D 239 16.79 -27.38 -53.33
C GLN D 239 15.98 -26.45 -54.23
N THR D 240 16.63 -25.91 -55.27
CA THR D 240 15.97 -25.03 -56.22
C THR D 240 15.69 -25.76 -57.52
N LEU D 241 14.81 -25.17 -58.34
CA LEU D 241 14.44 -25.70 -59.64
C LEU D 241 14.72 -24.69 -60.74
N LEU D 242 15.61 -25.05 -61.66
CA LEU D 242 16.01 -24.19 -62.76
C LEU D 242 15.70 -24.91 -64.07
N ALA D 243 15.37 -24.12 -65.10
CA ALA D 243 15.13 -24.64 -66.43
C ALA D 243 16.41 -24.73 -67.24
N LEU D 244 16.47 -25.73 -68.12
CA LEU D 244 17.59 -25.92 -69.03
C LEU D 244 17.12 -25.44 -70.41
N HIS D 245 17.79 -24.43 -70.95
CA HIS D 245 17.35 -23.77 -72.19
C HIS D 245 17.77 -24.59 -73.41
N ARG D 246 17.00 -25.64 -73.68
CA ARG D 246 17.16 -26.45 -74.89
C ARG D 246 16.18 -25.91 -75.92
N SER D 247 16.69 -25.17 -76.89
CA SER D 247 15.84 -24.50 -77.88
C SER D 247 15.27 -25.52 -78.86
N ALA D 264 20.92 -15.81 -61.76
CA ALA D 264 21.58 -16.07 -60.49
C ALA D 264 20.58 -16.02 -59.35
N TYR D 265 20.93 -16.66 -58.23
CA TYR D 265 20.10 -16.65 -57.04
C TYR D 265 20.98 -16.63 -55.81
N TYR D 266 20.40 -16.18 -54.70
CA TYR D 266 21.10 -16.07 -53.42
C TYR D 266 20.28 -16.81 -52.39
N VAL D 267 20.98 -17.50 -51.48
CA VAL D 267 20.36 -18.23 -50.37
C VAL D 267 20.99 -17.82 -49.05
N GLY D 268 20.14 -17.40 -48.10
CA GLY D 268 20.58 -17.04 -46.77
C GLY D 268 19.68 -17.73 -45.77
N TYR D 269 20.03 -17.63 -44.49
CA TYR D 269 19.28 -18.29 -43.42
C TYR D 269 18.78 -17.32 -42.35
N LEU D 270 17.59 -17.60 -41.84
CA LEU D 270 16.95 -16.76 -40.83
C LEU D 270 17.49 -17.10 -39.45
N GLN D 271 17.55 -16.10 -38.58
CA GLN D 271 17.98 -16.27 -37.20
C GLN D 271 17.02 -15.53 -36.28
N PRO D 272 16.88 -15.94 -35.03
CA PRO D 272 16.08 -15.15 -34.08
C PRO D 272 16.71 -13.79 -33.90
N ARG D 273 15.96 -12.74 -34.26
CA ARG D 273 16.44 -11.38 -34.15
C ARG D 273 15.29 -10.46 -33.80
N THR D 274 15.61 -9.42 -33.03
CA THR D 274 14.66 -8.35 -32.76
C THR D 274 14.95 -7.24 -33.76
N PHE D 275 13.92 -6.79 -34.45
CA PHE D 275 14.00 -5.66 -35.37
C PHE D 275 13.05 -4.55 -34.98
N LEU D 276 13.53 -3.31 -35.11
CA LEU D 276 12.69 -2.12 -34.95
C LEU D 276 12.27 -1.73 -36.35
N LEU D 277 10.97 -1.81 -36.64
CA LEU D 277 10.44 -1.56 -37.98
C LEU D 277 9.76 -0.20 -38.07
N LYS D 278 10.17 0.61 -39.04
CA LYS D 278 9.59 1.94 -39.25
C LYS D 278 8.52 1.89 -40.32
N TYR D 279 7.28 2.20 -39.95
CA TYR D 279 6.17 2.23 -40.89
C TYR D 279 5.98 3.66 -41.39
N ASN D 280 5.59 3.78 -42.66
CA ASN D 280 5.29 5.09 -43.24
C ASN D 280 3.80 5.41 -43.13
N GLU D 281 3.43 6.57 -43.72
CA GLU D 281 2.06 7.04 -43.67
C GLU D 281 1.09 6.07 -44.34
N ASN D 282 1.54 5.38 -45.40
CA ASN D 282 0.67 4.49 -46.17
C ASN D 282 0.73 3.03 -45.71
N GLY D 283 1.35 2.75 -44.56
CA GLY D 283 1.35 1.41 -43.99
C GLY D 283 2.48 0.50 -44.42
N THR D 284 3.44 0.96 -45.21
CA THR D 284 4.53 0.09 -45.62
C THR D 284 5.69 0.29 -44.66
N ILE D 285 6.62 -0.66 -44.67
CA ILE D 285 7.84 -0.55 -43.89
C ILE D 285 8.91 0.04 -44.81
N THR D 286 9.54 1.13 -44.37
CA THR D 286 10.55 1.82 -45.16
C THR D 286 11.95 1.73 -44.58
N ASP D 287 12.10 1.33 -43.32
CA ASP D 287 13.42 1.17 -42.73
C ASP D 287 13.31 0.19 -41.56
N ALA D 288 14.47 -0.32 -41.15
CA ALA D 288 14.50 -1.21 -40.00
C ALA D 288 15.88 -1.18 -39.36
N VAL D 289 15.90 -1.42 -38.05
CA VAL D 289 17.13 -1.53 -37.26
C VAL D 289 17.26 -2.96 -36.76
N ASP D 290 18.40 -3.58 -37.09
CA ASP D 290 18.76 -4.92 -36.61
C ASP D 290 19.38 -4.73 -35.23
N CYS D 291 18.65 -5.10 -34.19
CA CYS D 291 19.05 -4.74 -32.83
C CYS D 291 20.33 -5.41 -32.36
N ALA D 292 20.82 -6.43 -33.07
CA ALA D 292 22.04 -7.14 -32.68
C ALA D 292 23.21 -6.84 -33.62
N LEU D 293 23.05 -5.91 -34.55
CA LEU D 293 24.07 -5.65 -35.55
C LEU D 293 25.22 -4.80 -35.01
N ASP D 294 24.92 -3.83 -34.16
CA ASP D 294 25.92 -2.84 -33.75
C ASP D 294 25.43 -2.16 -32.47
N PRO D 295 26.33 -1.78 -31.56
CA PRO D 295 25.91 -1.00 -30.38
C PRO D 295 25.04 0.21 -30.72
N LEU D 296 25.25 0.86 -31.86
CA LEU D 296 24.40 1.98 -32.21
C LEU D 296 23.00 1.49 -32.57
N SER D 297 22.92 0.36 -33.28
CA SER D 297 21.61 -0.18 -33.63
C SER D 297 20.90 -0.62 -32.36
N GLU D 298 21.66 -1.18 -31.42
CA GLU D 298 21.11 -1.60 -30.14
C GLU D 298 20.54 -0.40 -29.40
N THR D 299 21.28 0.71 -29.39
CA THR D 299 20.80 1.91 -28.73
C THR D 299 19.51 2.38 -29.38
N LYS D 300 19.49 2.39 -30.72
CA LYS D 300 18.28 2.78 -31.44
C LYS D 300 17.10 1.91 -31.01
N CYS D 301 17.35 0.61 -30.80
CA CYS D 301 16.29 -0.30 -30.38
C CYS D 301 15.87 -0.10 -28.93
N THR D 302 16.73 0.49 -28.09
CA THR D 302 16.33 0.75 -26.71
C THR D 302 15.67 2.11 -26.56
N LEU D 303 15.94 3.03 -27.47
CA LEU D 303 15.32 4.35 -27.47
C LEU D 303 14.06 4.39 -28.32
N LYS D 304 13.89 3.42 -29.23
CA LYS D 304 12.78 3.36 -30.16
C LYS D 304 12.80 4.60 -31.04
N SER D 305 13.97 4.87 -31.62
CA SER D 305 14.18 6.00 -32.51
C SER D 305 15.27 5.66 -33.51
N PHE D 306 15.14 6.21 -34.72
CA PHE D 306 16.17 6.08 -35.75
C PHE D 306 17.16 7.23 -35.70
N THR D 307 16.97 8.18 -34.78
CA THR D 307 17.87 9.30 -34.55
C THR D 307 18.23 9.23 -33.08
N VAL D 308 19.52 9.30 -32.77
CA VAL D 308 20.00 9.24 -31.39
C VAL D 308 20.69 10.56 -31.07
N GLU D 309 20.27 11.18 -29.97
CA GLU D 309 20.83 12.45 -29.56
C GLU D 309 22.18 12.23 -28.88
N LYS D 310 23.01 13.27 -28.90
CA LYS D 310 24.31 13.21 -28.25
C LYS D 310 24.16 12.87 -26.78
N GLY D 311 24.92 11.89 -26.32
CA GLY D 311 24.88 11.48 -24.93
C GLY D 311 25.31 10.04 -24.79
N ILE D 312 25.26 9.56 -23.55
CA ILE D 312 25.63 8.20 -23.18
C ILE D 312 24.37 7.47 -22.73
N TYR D 313 24.12 6.29 -23.30
CA TYR D 313 22.93 5.52 -23.00
C TYR D 313 23.30 4.10 -22.59
N GLN D 314 22.62 3.58 -21.56
CA GLN D 314 22.79 2.20 -21.14
C GLN D 314 21.79 1.34 -21.92
N THR D 315 22.27 0.29 -22.60
CA THR D 315 21.41 -0.53 -23.44
C THR D 315 21.35 -2.01 -23.07
N SER D 316 22.40 -2.57 -22.47
CA SER D 316 22.45 -3.99 -22.19
C SER D 316 23.53 -4.24 -21.15
N ASN D 317 23.60 -5.48 -20.67
CA ASN D 317 24.64 -5.88 -19.75
C ASN D 317 25.59 -6.88 -20.39
N PHE D 318 26.86 -6.79 -19.98
CA PHE D 318 27.92 -7.70 -20.37
C PHE D 318 27.98 -8.81 -19.34
N ARG D 319 27.98 -10.07 -19.80
CA ARG D 319 28.10 -11.22 -18.92
C ARG D 319 28.95 -12.30 -19.56
N VAL D 320 29.89 -12.83 -18.77
CA VAL D 320 30.72 -13.95 -19.20
C VAL D 320 29.89 -15.23 -19.06
N GLN D 321 29.85 -16.06 -20.14
CA GLN D 321 29.04 -17.27 -20.13
C GLN D 321 29.84 -18.49 -19.66
N PRO D 322 29.20 -19.48 -19.02
CA PRO D 322 29.93 -20.69 -18.64
C PRO D 322 30.32 -21.50 -19.87
N THR D 323 31.45 -22.20 -19.76
CA THR D 323 31.95 -23.03 -20.86
C THR D 323 31.77 -24.52 -20.68
N GLU D 324 31.57 -25.02 -19.46
CA GLU D 324 31.45 -26.46 -19.26
C GLU D 324 30.61 -26.76 -18.02
N SER D 325 30.09 -27.99 -17.98
CA SER D 325 29.30 -28.49 -16.86
C SER D 325 30.15 -29.42 -15.99
N ILE D 326 30.37 -29.02 -14.74
CA ILE D 326 31.21 -29.75 -13.78
C ILE D 326 30.34 -30.27 -12.65
N VAL D 327 30.35 -31.59 -12.45
CA VAL D 327 29.52 -32.27 -11.46
C VAL D 327 30.48 -33.03 -10.54
N ARG D 328 30.37 -32.79 -9.23
CA ARG D 328 31.25 -33.38 -8.23
C ARG D 328 30.46 -34.12 -7.16
N PHE D 329 30.95 -35.29 -6.76
CA PHE D 329 30.37 -36.13 -5.72
C PHE D 329 31.47 -36.60 -4.78
N PRO D 330 31.12 -36.98 -3.54
CA PRO D 330 32.14 -37.49 -2.61
C PRO D 330 32.92 -38.68 -3.16
N ASN D 331 34.19 -38.73 -2.82
CA ASN D 331 35.07 -39.83 -3.21
C ASN D 331 34.72 -41.10 -2.43
N LYS D 529 29.09 -40.47 -12.76
CA LYS D 529 28.39 -39.19 -12.74
C LYS D 529 29.31 -38.04 -12.34
N SER D 530 30.47 -38.36 -11.77
CA SER D 530 31.43 -37.34 -11.36
C SER D 530 32.29 -36.90 -12.55
N THR D 531 32.71 -35.64 -12.51
CA THR D 531 33.64 -35.05 -13.48
C THR D 531 34.85 -34.48 -12.75
N ASN D 532 35.80 -33.96 -13.53
CA ASN D 532 37.00 -33.35 -12.98
C ASN D 532 36.70 -31.94 -12.48
N LEU D 533 37.52 -31.48 -11.53
CA LEU D 533 37.40 -30.12 -11.02
C LEU D 533 38.12 -29.14 -11.93
N VAL D 534 37.46 -28.02 -12.22
CA VAL D 534 38.00 -26.96 -13.06
C VAL D 534 38.15 -25.69 -12.24
N LYS D 535 39.35 -25.10 -12.26
CA LYS D 535 39.66 -23.87 -11.55
C LYS D 535 39.93 -22.71 -12.50
N ASN D 536 39.69 -21.50 -12.00
CA ASN D 536 39.97 -20.24 -12.69
C ASN D 536 39.24 -20.07 -14.03
N LYS D 537 38.03 -20.59 -14.12
CA LYS D 537 37.21 -20.43 -15.32
C LYS D 537 35.78 -20.15 -14.88
N CYS D 538 34.97 -19.57 -15.76
CA CYS D 538 33.55 -19.44 -15.46
C CYS D 538 32.94 -20.80 -15.76
N VAL D 539 32.43 -21.47 -14.73
CA VAL D 539 31.98 -22.84 -14.81
C VAL D 539 30.57 -22.98 -14.24
N ASN D 540 29.76 -23.79 -14.91
CA ASN D 540 28.44 -24.16 -14.43
C ASN D 540 28.69 -25.41 -13.58
N PHE D 541 28.60 -25.26 -12.26
CA PHE D 541 28.98 -26.33 -11.34
C PHE D 541 27.79 -26.83 -10.53
N ASN D 542 27.92 -28.09 -10.11
CA ASN D 542 26.94 -28.76 -9.24
C ASN D 542 27.69 -29.59 -8.20
N PHE D 543 27.85 -29.05 -6.99
CA PHE D 543 28.53 -29.75 -5.91
C PHE D 543 27.43 -30.37 -5.04
N ASN D 544 27.18 -31.66 -5.23
CA ASN D 544 26.02 -32.32 -4.63
C ASN D 544 24.77 -31.51 -5.00
N GLY D 545 24.09 -30.91 -4.01
CA GLY D 545 22.88 -30.16 -4.27
C GLY D 545 23.11 -28.67 -4.48
N LEU D 546 24.36 -28.21 -4.47
CA LEU D 546 24.70 -26.80 -4.65
C LEU D 546 24.93 -26.59 -6.14
N THR D 547 23.96 -25.97 -6.82
CA THR D 547 23.98 -25.81 -8.26
C THR D 547 24.01 -24.33 -8.60
N GLY D 548 24.92 -23.95 -9.51
CA GLY D 548 25.04 -22.55 -9.86
C GLY D 548 26.17 -22.36 -10.85
N THR D 549 26.43 -21.09 -11.17
CA THR D 549 27.46 -20.70 -12.12
C THR D 549 28.41 -19.72 -11.43
N GLY D 550 29.70 -19.93 -11.63
CA GLY D 550 30.68 -19.04 -11.02
C GLY D 550 32.09 -19.48 -11.32
N VAL D 551 33.05 -18.80 -10.71
CA VAL D 551 34.48 -19.05 -10.91
C VAL D 551 35.02 -19.66 -9.63
N LEU D 552 35.60 -20.86 -9.75
CA LEU D 552 36.11 -21.61 -8.61
C LEU D 552 37.60 -21.30 -8.47
N THR D 553 37.99 -20.75 -7.32
CA THR D 553 39.39 -20.38 -7.09
C THR D 553 39.82 -20.87 -5.72
N GLU D 554 41.12 -20.92 -5.48
CA GLU D 554 41.59 -21.26 -4.14
C GLU D 554 41.19 -20.16 -3.17
N SER D 555 40.72 -20.56 -2.00
CA SER D 555 40.30 -19.62 -0.96
C SER D 555 41.42 -19.30 0.01
N ASN D 556 41.36 -18.09 0.57
CA ASN D 556 42.24 -17.66 1.65
C ASN D 556 41.55 -17.79 3.00
N LYS D 557 40.34 -18.34 3.04
CA LYS D 557 39.55 -18.52 4.25
C LYS D 557 39.88 -19.87 4.87
N LYS D 558 39.68 -19.98 6.19
CA LYS D 558 39.85 -21.23 6.91
C LYS D 558 38.48 -21.68 7.41
N PHE D 559 38.13 -22.93 7.11
CA PHE D 559 36.85 -23.52 7.47
C PHE D 559 37.03 -24.47 8.64
N LEU D 560 36.06 -24.49 9.55
CA LEU D 560 36.14 -25.44 10.65
C LEU D 560 36.09 -26.85 10.05
N PRO D 561 36.67 -27.85 10.72
CA PRO D 561 36.67 -29.22 10.15
C PRO D 561 35.32 -29.77 9.69
N PHE D 562 34.21 -29.37 10.31
CA PHE D 562 32.90 -29.91 9.92
C PHE D 562 32.19 -29.14 8.81
N GLN D 563 32.58 -27.89 8.54
CA GLN D 563 31.79 -27.06 7.64
C GLN D 563 32.04 -27.46 6.18
N GLN D 564 30.95 -27.51 5.41
CA GLN D 564 30.97 -27.89 4.00
C GLN D 564 30.68 -26.74 3.05
N PHE D 565 29.93 -25.74 3.49
CA PHE D 565 29.51 -24.61 2.67
C PHE D 565 29.76 -23.35 3.48
N GLY D 566 29.85 -22.19 2.79
CA GLY D 566 29.93 -20.93 3.47
C GLY D 566 28.90 -19.91 2.97
N ARG D 567 28.81 -18.82 3.73
CA ARG D 567 27.97 -17.67 3.39
C ARG D 567 28.66 -16.37 3.75
N ASP D 568 28.46 -15.37 2.91
CA ASP D 568 28.94 -14.01 3.12
C ASP D 568 27.89 -13.26 3.94
N ILE D 569 28.16 -11.99 4.22
CA ILE D 569 27.19 -11.15 4.94
C ILE D 569 25.91 -11.01 4.10
N ALA D 570 26.02 -11.15 2.79
CA ALA D 570 24.90 -11.06 1.87
C ALA D 570 24.11 -12.37 1.77
N ASP D 571 24.51 -13.40 2.53
CA ASP D 571 23.89 -14.72 2.48
C ASP D 571 23.95 -15.36 1.09
N THR D 572 25.09 -15.17 0.42
CA THR D 572 25.33 -15.75 -0.89
C THR D 572 26.27 -16.95 -0.74
N THR D 573 26.24 -17.86 -1.71
CA THR D 573 27.06 -19.07 -1.68
C THR D 573 28.45 -18.75 -2.23
N ASP D 574 29.24 -18.07 -1.41
CA ASP D 574 30.54 -17.56 -1.83
C ASP D 574 31.69 -18.52 -1.59
N ALA D 575 31.44 -19.73 -1.09
CA ALA D 575 32.53 -20.67 -0.86
C ALA D 575 31.99 -22.09 -0.83
N VAL D 576 32.84 -23.05 -1.19
CA VAL D 576 32.48 -24.46 -1.14
C VAL D 576 33.75 -25.29 -0.99
N ARG D 577 33.64 -26.42 -0.29
CA ARG D 577 34.72 -27.40 -0.22
C ARG D 577 34.42 -28.51 -1.23
N ASP D 578 35.43 -28.88 -2.02
CA ASP D 578 35.23 -29.89 -3.06
C ASP D 578 34.99 -31.26 -2.43
N PRO D 579 33.91 -31.98 -2.81
CA PRO D 579 33.63 -33.28 -2.16
C PRO D 579 34.67 -34.38 -2.35
N GLN D 580 35.56 -34.28 -3.35
CA GLN D 580 36.59 -35.31 -3.50
C GLN D 580 37.80 -35.03 -2.61
N THR D 581 38.27 -33.79 -2.59
CA THR D 581 39.36 -33.33 -1.73
C THR D 581 38.79 -32.12 -1.02
N LEU D 582 38.77 -32.13 0.31
CA LEU D 582 38.13 -31.04 1.03
C LEU D 582 39.03 -29.81 1.19
N GLU D 583 39.44 -29.27 0.05
CA GLU D 583 40.15 -28.01 -0.03
C GLU D 583 39.07 -26.93 0.00
N ILE D 584 39.43 -25.73 0.43
CA ILE D 584 38.43 -24.66 0.52
C ILE D 584 38.56 -23.83 -0.75
N LEU D 585 37.47 -23.75 -1.51
CA LEU D 585 37.39 -22.97 -2.73
C LEU D 585 36.48 -21.77 -2.52
N ASP D 586 36.82 -20.65 -3.14
CA ASP D 586 35.94 -19.50 -3.19
C ASP D 586 35.17 -19.59 -4.51
N ILE D 587 33.97 -19.02 -4.50
CA ILE D 587 33.15 -18.89 -5.69
C ILE D 587 33.01 -17.39 -5.98
N THR D 588 33.68 -16.96 -7.01
CA THR D 588 33.70 -15.57 -7.44
C THR D 588 32.66 -15.44 -8.54
N PRO D 589 31.79 -14.43 -8.57
CA PRO D 589 30.83 -14.38 -9.68
C PRO D 589 31.55 -14.15 -11.00
N CYS D 590 30.96 -14.68 -12.07
CA CYS D 590 31.53 -14.47 -13.40
C CYS D 590 31.34 -13.00 -13.72
N SER D 591 32.36 -12.41 -14.37
CA SER D 591 32.36 -10.96 -14.61
C SER D 591 31.07 -10.53 -15.27
N PHE D 592 30.49 -9.47 -14.70
CA PHE D 592 29.19 -8.96 -15.13
C PHE D 592 29.14 -7.46 -14.88
N GLY D 593 28.54 -6.73 -15.80
CA GLY D 593 28.37 -5.31 -15.58
C GLY D 593 27.58 -4.66 -16.69
N GLY D 594 27.27 -3.38 -16.50
CA GLY D 594 26.48 -2.68 -17.48
C GLY D 594 27.32 -2.27 -18.68
N VAL D 595 26.66 -2.04 -19.80
CA VAL D 595 27.29 -1.58 -21.03
C VAL D 595 26.57 -0.31 -21.46
N SER D 596 27.33 0.76 -21.67
CA SER D 596 26.79 2.04 -22.11
C SER D 596 27.37 2.38 -23.48
N VAL D 597 26.56 3.02 -24.32
CA VAL D 597 26.98 3.40 -25.66
C VAL D 597 27.11 4.92 -25.69
N ILE D 598 28.27 5.39 -26.13
CA ILE D 598 28.61 6.80 -26.20
C ILE D 598 28.45 7.19 -27.67
N THR D 599 27.45 8.02 -27.95
CA THR D 599 27.08 8.35 -29.31
C THR D 599 27.28 9.84 -29.57
N PRO D 600 28.07 10.24 -30.59
CA PRO D 600 28.18 11.68 -30.92
C PRO D 600 26.89 12.33 -31.38
N GLY D 601 25.92 11.54 -31.79
CA GLY D 601 24.66 12.01 -32.33
C GLY D 601 24.61 11.63 -33.80
N THR D 602 23.50 11.04 -34.23
CA THR D 602 23.40 10.53 -35.60
C THR D 602 23.29 11.63 -36.65
N ASN D 603 23.15 12.89 -36.24
CA ASN D 603 23.15 14.00 -37.19
C ASN D 603 24.55 14.53 -37.45
N THR D 604 25.57 13.92 -36.82
CA THR D 604 26.97 14.30 -36.95
C THR D 604 27.81 13.13 -37.44
N SER D 605 27.75 11.99 -36.75
CA SER D 605 28.55 10.81 -37.06
C SER D 605 27.84 9.59 -36.50
N ASN D 606 28.03 8.45 -37.17
CA ASN D 606 27.43 7.19 -36.75
C ASN D 606 28.41 6.24 -36.05
N GLN D 607 29.61 6.70 -35.68
CA GLN D 607 30.53 5.86 -34.92
C GLN D 607 30.19 6.02 -33.44
N VAL D 608 30.40 4.96 -32.66
CA VAL D 608 30.17 5.01 -31.22
C VAL D 608 31.33 4.38 -30.46
N ALA D 609 31.41 4.74 -29.18
CA ALA D 609 32.33 4.14 -28.21
C ALA D 609 31.50 3.34 -27.23
N VAL D 610 32.07 2.26 -26.68
CA VAL D 610 31.35 1.40 -25.73
C VAL D 610 32.08 1.37 -24.40
N LEU D 611 31.35 1.66 -23.33
CA LEU D 611 31.86 1.66 -21.97
C LEU D 611 31.34 0.44 -21.22
N TYR D 612 32.25 -0.33 -20.61
CA TYR D 612 31.90 -1.45 -19.76
C TYR D 612 32.07 -0.91 -18.34
N GLN D 613 30.94 -0.70 -17.66
CA GLN D 613 30.87 0.16 -16.48
C GLN D 613 31.74 -0.26 -15.30
N ASP D 614 31.84 -1.56 -14.98
CA ASP D 614 32.63 -1.94 -13.80
C ASP D 614 33.48 -3.19 -13.99
N VAL D 615 34.05 -3.40 -15.18
CA VAL D 615 34.86 -4.58 -15.45
C VAL D 615 36.24 -4.15 -15.93
N ASN D 616 37.18 -5.08 -15.86
CA ASN D 616 38.54 -4.87 -16.34
C ASN D 616 38.61 -5.04 -17.86
N CYS D 617 39.48 -4.26 -18.49
CA CYS D 617 39.67 -4.36 -19.93
C CYS D 617 40.24 -5.71 -20.35
N THR D 618 40.86 -6.46 -19.44
CA THR D 618 41.40 -7.77 -19.78
C THR D 618 40.33 -8.86 -19.74
N GLU D 619 39.16 -8.58 -19.16
CA GLU D 619 38.06 -9.53 -19.11
C GLU D 619 37.12 -9.38 -20.31
N VAL D 620 36.99 -8.18 -20.83
CA VAL D 620 36.12 -7.93 -21.98
C VAL D 620 36.75 -8.59 -23.20
N SER D 640 42.73 -1.40 -30.64
CA SER D 640 43.34 -0.49 -29.66
C SER D 640 42.27 0.45 -29.10
N ASN D 641 42.68 1.65 -28.65
CA ASN D 641 41.77 2.62 -28.06
C ASN D 641 41.00 2.03 -26.88
N VAL D 642 41.71 1.29 -26.04
CA VAL D 642 41.15 0.68 -24.83
C VAL D 642 41.72 1.45 -23.64
N PHE D 643 40.86 2.18 -22.94
CA PHE D 643 41.25 3.05 -21.83
C PHE D 643 40.54 2.60 -20.55
N GLN D 644 41.33 2.13 -19.57
CA GLN D 644 40.77 1.67 -18.30
C GLN D 644 40.70 2.86 -17.35
N THR D 645 39.50 3.15 -16.84
CA THR D 645 39.28 4.26 -15.92
C THR D 645 38.55 3.77 -14.68
N ARG D 646 38.43 4.67 -13.69
CA ARG D 646 37.67 4.36 -12.50
C ARG D 646 36.21 4.11 -12.82
N ALA D 647 35.73 4.61 -13.96
CA ALA D 647 34.34 4.48 -14.36
C ALA D 647 34.11 3.26 -15.23
N GLY D 648 35.15 2.47 -15.52
CA GLY D 648 35.01 1.30 -16.38
C GLY D 648 36.01 1.29 -17.51
N CYS D 649 35.87 0.28 -18.37
CA CYS D 649 36.72 0.11 -19.53
C CYS D 649 36.06 0.74 -20.76
N LEU D 650 36.69 1.77 -21.31
CA LEU D 650 36.16 2.51 -22.45
C LEU D 650 36.89 2.09 -23.71
N ILE D 651 36.16 1.52 -24.67
CA ILE D 651 36.71 0.99 -25.90
C ILE D 651 36.16 1.80 -27.07
N GLY D 652 37.05 2.32 -27.90
CA GLY D 652 36.75 3.10 -29.07
C GLY D 652 37.04 4.58 -28.94
N ALA D 653 37.23 5.08 -27.73
CA ALA D 653 37.60 6.48 -27.52
C ALA D 653 39.12 6.62 -27.56
N GLU D 654 39.58 7.75 -28.09
CA GLU D 654 41.01 8.05 -28.14
C GLU D 654 41.35 8.98 -26.97
N HIS D 655 42.19 8.50 -26.06
CA HIS D 655 42.57 9.31 -24.90
C HIS D 655 43.64 10.31 -25.28
N VAL D 656 43.46 11.56 -24.82
CA VAL D 656 44.42 12.64 -25.05
C VAL D 656 44.75 13.25 -23.69
N ASN D 657 45.85 13.98 -23.64
CA ASN D 657 46.30 14.63 -22.41
C ASN D 657 45.79 16.06 -22.29
N ASN D 658 44.96 16.51 -23.24
CA ASN D 658 44.39 17.86 -23.23
C ASN D 658 43.04 17.85 -22.53
N SER D 659 42.87 18.74 -21.56
CA SER D 659 41.58 18.87 -20.90
C SER D 659 40.69 19.82 -21.71
N TYR D 660 39.38 19.69 -21.52
CA TYR D 660 38.41 20.53 -22.20
C TYR D 660 37.15 20.61 -21.37
N GLU D 661 36.19 21.39 -21.85
CA GLU D 661 34.88 21.45 -21.22
C GLU D 661 34.18 20.12 -21.45
N CYS D 662 33.37 19.70 -20.50
CA CYS D 662 32.68 18.42 -20.61
C CYS D 662 31.54 18.49 -21.62
N ASP D 663 31.42 17.41 -22.39
CA ASP D 663 30.40 17.24 -23.41
C ASP D 663 29.51 16.06 -23.06
N ILE D 664 30.00 14.83 -23.23
CA ILE D 664 29.26 13.63 -22.86
C ILE D 664 29.92 13.06 -21.61
N PRO D 665 29.31 13.18 -20.43
CA PRO D 665 30.03 12.75 -19.21
C PRO D 665 30.20 11.24 -19.19
N ILE D 666 31.35 10.79 -18.69
CA ILE D 666 31.63 9.37 -18.51
C ILE D 666 31.60 9.00 -17.03
N GLY D 667 32.32 9.74 -16.21
CA GLY D 667 32.37 9.51 -14.78
C GLY D 667 33.79 9.57 -14.23
N ALA D 668 33.87 9.82 -12.92
CA ALA D 668 35.13 9.84 -12.18
C ALA D 668 36.14 10.79 -12.81
N GLY D 669 35.67 11.96 -13.24
CA GLY D 669 36.55 12.96 -13.78
C GLY D 669 36.76 12.87 -15.28
N ILE D 670 36.27 11.80 -15.93
CA ILE D 670 36.46 11.60 -17.36
C ILE D 670 35.17 11.93 -18.10
N CYS D 671 35.33 12.64 -19.22
CA CYS D 671 34.23 13.06 -20.07
C CYS D 671 34.67 12.82 -21.52
N ALA D 672 33.72 12.49 -22.39
CA ALA D 672 33.99 12.26 -23.80
C ALA D 672 33.31 13.30 -24.67
N SER D 673 33.93 13.55 -25.83
CA SER D 673 33.39 14.48 -26.82
C SER D 673 33.81 14.00 -28.20
N TYR D 674 33.22 14.60 -29.23
CA TYR D 674 33.53 14.25 -30.62
C TYR D 674 34.36 15.40 -31.19
N GLN D 675 35.61 15.09 -31.60
CA GLN D 675 36.55 16.11 -32.04
C GLN D 675 37.28 15.69 -33.30
N THR D 676 37.74 16.69 -34.04
CA THR D 676 38.54 16.46 -35.23
C THR D 676 39.90 15.88 -34.82
N SER D 689 38.02 13.66 -40.75
CA SER D 689 38.96 13.02 -39.83
C SER D 689 38.57 13.34 -38.39
N GLN D 690 37.41 12.82 -37.96
CA GLN D 690 36.89 13.04 -36.62
C GLN D 690 36.84 11.71 -35.86
N SER D 691 36.94 11.80 -34.54
CA SER D 691 36.87 10.64 -33.67
C SER D 691 36.34 11.06 -32.31
N ILE D 692 35.99 10.06 -31.51
CA ILE D 692 35.53 10.30 -30.14
C ILE D 692 36.77 10.37 -29.25
N ILE D 693 36.89 11.45 -28.49
CA ILE D 693 38.03 11.72 -27.64
C ILE D 693 37.60 11.61 -26.19
N ALA D 694 38.37 10.86 -25.41
CA ALA D 694 38.18 10.72 -23.97
C ALA D 694 39.17 11.66 -23.31
N TYR D 695 38.71 12.46 -22.35
CA TYR D 695 39.62 13.40 -21.70
C TYR D 695 39.19 13.69 -20.28
N THR D 696 40.13 14.22 -19.51
CA THR D 696 39.85 14.68 -18.17
C THR D 696 39.16 16.03 -18.30
N MET D 697 38.11 16.22 -17.52
CA MET D 697 37.37 17.47 -17.59
C MET D 697 38.16 18.65 -17.06
N SER D 698 37.99 19.78 -17.73
CA SER D 698 38.53 21.05 -17.28
C SER D 698 37.51 21.66 -16.34
N LEU D 699 37.99 22.37 -15.33
CA LEU D 699 37.07 22.99 -14.39
C LEU D 699 36.60 24.33 -14.92
N GLY D 700 37.42 25.00 -15.70
CA GLY D 700 37.09 26.30 -16.24
C GLY D 700 38.36 27.02 -16.62
N ALA D 701 38.18 28.23 -17.16
CA ALA D 701 39.34 29.01 -17.56
C ALA D 701 40.10 29.43 -16.31
N GLU D 702 41.43 29.43 -16.40
CA GLU D 702 42.22 29.92 -15.29
C GLU D 702 42.17 31.44 -15.26
N ASN D 703 42.03 32.00 -14.06
CA ASN D 703 42.01 33.44 -13.86
C ASN D 703 42.82 33.73 -12.60
N SER D 704 44.05 34.18 -12.78
CA SER D 704 44.95 34.45 -11.66
C SER D 704 44.71 35.90 -11.22
N CYS D 705 44.09 36.07 -10.06
CA CYS D 705 43.77 37.40 -9.53
C CYS D 705 44.81 37.72 -8.48
N ALA D 706 45.65 38.72 -8.75
CA ALA D 706 46.75 39.04 -7.86
C ALA D 706 46.22 39.61 -6.55
N TYR D 707 46.84 39.23 -5.45
CA TYR D 707 46.59 39.83 -4.15
C TYR D 707 47.71 40.82 -3.88
N SER D 708 47.34 42.00 -3.39
CA SER D 708 48.33 43.01 -3.05
C SER D 708 47.75 43.93 -2.00
N ASN D 709 48.60 44.36 -1.07
CA ASN D 709 48.20 45.30 -0.04
C ASN D 709 48.27 46.71 -0.60
N ASN D 710 47.32 47.54 -0.17
CA ASN D 710 47.24 48.94 -0.58
C ASN D 710 47.12 49.05 -2.11
N SER D 711 46.38 48.12 -2.70
CA SER D 711 46.12 48.13 -4.14
C SER D 711 44.71 47.58 -4.34
N ILE D 712 43.86 48.36 -5.01
CA ILE D 712 42.46 48.02 -5.21
C ILE D 712 42.06 48.26 -6.66
N ALA D 713 41.21 47.40 -7.19
CA ALA D 713 40.60 47.61 -8.49
C ALA D 713 39.23 48.22 -8.26
N ILE D 714 38.89 49.22 -9.06
CA ILE D 714 37.58 49.89 -9.02
C ILE D 714 37.04 49.91 -10.44
N PRO D 715 35.78 49.54 -10.69
CA PRO D 715 35.28 49.60 -12.06
C PRO D 715 35.34 51.00 -12.63
N THR D 716 35.71 51.08 -13.92
CA THR D 716 35.71 52.34 -14.65
C THR D 716 34.59 52.41 -15.67
N ASN D 717 34.03 51.27 -16.06
CA ASN D 717 32.93 51.19 -17.00
C ASN D 717 32.07 50.02 -16.55
N PHE D 718 30.87 49.95 -17.12
CA PHE D 718 29.91 48.93 -16.75
C PHE D 718 29.04 48.55 -17.93
N THR D 719 28.39 47.40 -17.80
CA THR D 719 27.45 46.89 -18.78
C THR D 719 26.17 46.46 -18.07
N ILE D 720 25.07 46.58 -18.80
CA ILE D 720 23.77 46.12 -18.33
C ILE D 720 23.54 44.79 -19.00
N SER D 721 23.44 43.73 -18.20
CA SER D 721 23.29 42.38 -18.69
C SER D 721 21.87 41.91 -18.45
N VAL D 722 21.34 41.14 -19.39
CA VAL D 722 20.04 40.52 -19.26
C VAL D 722 20.22 39.02 -19.43
N THR D 723 19.72 38.26 -18.47
CA THR D 723 19.78 36.80 -18.53
C THR D 723 18.37 36.24 -18.42
N THR D 724 18.23 34.94 -18.67
CA THR D 724 16.94 34.28 -18.70
C THR D 724 16.95 33.09 -17.75
N GLU D 725 15.91 32.98 -16.93
CA GLU D 725 15.72 31.85 -16.04
C GLU D 725 14.40 31.18 -16.38
N ILE D 726 14.43 29.85 -16.54
CA ILE D 726 13.26 29.07 -16.92
C ILE D 726 12.82 28.24 -15.72
N LEU D 727 11.55 28.36 -15.32
CA LEU D 727 11.05 27.52 -14.23
C LEU D 727 9.72 26.85 -14.58
N PRO D 728 9.56 25.55 -14.30
CA PRO D 728 8.22 24.95 -14.37
C PRO D 728 7.31 25.53 -13.31
N VAL D 729 6.02 25.68 -13.65
CA VAL D 729 4.99 26.11 -12.71
C VAL D 729 3.93 25.04 -12.52
N SER D 730 3.52 24.36 -13.59
CA SER D 730 2.42 23.41 -13.53
C SER D 730 2.69 22.25 -14.47
N MET D 731 1.92 21.18 -14.30
CA MET D 731 1.97 20.02 -15.17
C MET D 731 0.54 19.61 -15.54
N THR D 732 0.45 18.75 -16.54
CA THR D 732 -0.83 18.27 -17.08
C THR D 732 -1.73 17.72 -15.98
N LYS D 733 -2.99 18.19 -15.97
CA LYS D 733 -3.99 17.79 -14.98
C LYS D 733 -4.63 16.47 -15.41
N THR D 734 -3.88 15.39 -15.20
CA THR D 734 -4.32 14.06 -15.61
C THR D 734 -5.25 13.42 -14.58
N SER D 735 -6.32 12.79 -15.07
CA SER D 735 -7.29 12.05 -14.27
C SER D 735 -7.46 10.69 -14.93
N VAL D 736 -7.34 9.62 -14.13
CA VAL D 736 -7.41 8.25 -14.63
C VAL D 736 -8.61 7.57 -13.99
N ASP D 737 -9.45 6.97 -14.83
CA ASP D 737 -10.62 6.24 -14.37
C ASP D 737 -10.14 4.84 -13.97
N CYS D 738 -10.02 4.63 -12.65
CA CYS D 738 -9.47 3.38 -12.13
C CYS D 738 -10.23 2.16 -12.63
N THR D 739 -11.56 2.17 -12.49
CA THR D 739 -12.34 1.01 -12.90
C THR D 739 -12.24 0.77 -14.40
N MET D 740 -12.36 1.83 -15.21
CA MET D 740 -12.31 1.62 -16.66
C MET D 740 -10.93 1.11 -17.07
N TYR D 741 -9.87 1.62 -16.44
CA TYR D 741 -8.52 1.16 -16.76
C TYR D 741 -8.37 -0.32 -16.43
N ILE D 742 -8.76 -0.71 -15.22
CA ILE D 742 -8.56 -2.09 -14.79
C ILE D 742 -9.58 -3.01 -15.46
N CYS D 743 -10.86 -2.62 -15.41
CA CYS D 743 -11.96 -3.44 -15.87
C CYS D 743 -12.82 -2.77 -16.93
N GLY D 744 -12.23 -2.27 -18.01
CA GLY D 744 -13.04 -1.59 -19.00
C GLY D 744 -14.08 -2.46 -19.67
N ASP D 745 -15.32 -1.97 -19.66
CA ASP D 745 -16.47 -2.63 -20.29
C ASP D 745 -16.61 -4.10 -19.89
N SER D 746 -16.35 -4.42 -18.62
CA SER D 746 -16.46 -5.80 -18.13
C SER D 746 -17.15 -5.84 -16.78
N THR D 747 -18.37 -6.40 -16.74
CA THR D 747 -19.13 -6.47 -15.49
C THR D 747 -18.46 -7.43 -14.51
N GLU D 748 -18.02 -8.59 -15.00
CA GLU D 748 -17.41 -9.60 -14.13
C GLU D 748 -16.13 -9.10 -13.50
N CYS D 749 -15.31 -8.39 -14.28
CA CYS D 749 -14.08 -7.84 -13.74
C CYS D 749 -14.41 -6.80 -12.68
N SER D 750 -15.38 -5.92 -12.96
CA SER D 750 -15.74 -4.91 -11.98
C SER D 750 -16.21 -5.57 -10.68
N ASN D 751 -17.01 -6.63 -10.80
CA ASN D 751 -17.52 -7.33 -9.63
C ASN D 751 -16.37 -7.94 -8.83
N LEU D 752 -15.30 -8.36 -9.51
CA LEU D 752 -14.15 -8.88 -8.78
C LEU D 752 -13.35 -7.73 -8.17
N LEU D 753 -13.29 -6.60 -8.88
CA LEU D 753 -12.56 -5.44 -8.40
C LEU D 753 -13.20 -4.91 -7.11
N LEU D 754 -14.52 -5.09 -6.97
CA LEU D 754 -15.20 -4.66 -5.76
C LEU D 754 -14.83 -5.52 -4.55
N GLN D 755 -14.12 -6.64 -4.75
CA GLN D 755 -13.71 -7.46 -3.63
C GLN D 755 -12.45 -6.89 -2.97
N TYR D 756 -11.78 -5.95 -3.64
CA TYR D 756 -10.59 -5.28 -3.17
C TYR D 756 -11.04 -4.05 -2.40
N GLY D 757 -10.17 -3.52 -1.58
CA GLY D 757 -10.53 -2.36 -0.79
C GLY D 757 -10.58 -1.11 -1.63
N SER D 758 -10.62 0.03 -0.96
CA SER D 758 -10.85 1.31 -1.62
C SER D 758 -9.58 1.84 -2.29
N PHE D 759 -9.04 1.04 -3.21
CA PHE D 759 -7.83 1.47 -3.91
C PHE D 759 -8.15 2.50 -4.98
N CYS D 760 -9.25 2.30 -5.70
CA CYS D 760 -9.63 3.25 -6.74
C CYS D 760 -9.99 4.60 -6.15
N THR D 761 -10.58 4.61 -4.96
CA THR D 761 -10.92 5.87 -4.31
C THR D 761 -9.65 6.63 -3.96
N GLN D 762 -8.66 5.93 -3.40
CA GLN D 762 -7.42 6.59 -3.03
C GLN D 762 -6.69 7.10 -4.28
N LEU D 763 -6.71 6.33 -5.36
CA LEU D 763 -6.02 6.76 -6.57
C LEU D 763 -6.70 7.98 -7.18
N ASN D 764 -8.04 8.00 -7.16
CA ASN D 764 -8.77 9.13 -7.71
C ASN D 764 -8.56 10.37 -6.84
N ARG D 765 -8.47 10.18 -5.52
CA ARG D 765 -8.25 11.32 -4.65
C ARG D 765 -6.86 11.89 -4.86
N ALA D 766 -5.86 11.00 -5.05
CA ALA D 766 -4.51 11.47 -5.28
C ALA D 766 -4.41 12.27 -6.57
N LEU D 767 -5.06 11.80 -7.64
CA LEU D 767 -4.96 12.55 -8.89
C LEU D 767 -5.76 13.84 -8.83
N THR D 768 -6.89 13.85 -8.12
CA THR D 768 -7.66 15.07 -7.98
C THR D 768 -6.84 16.09 -7.21
N GLY D 769 -6.21 15.64 -6.13
CA GLY D 769 -5.39 16.52 -5.32
C GLY D 769 -4.25 17.11 -6.13
N ILE D 770 -3.66 16.30 -7.02
CA ILE D 770 -2.58 16.82 -7.85
C ILE D 770 -3.12 17.91 -8.78
N ALA D 771 -4.26 17.65 -9.44
CA ALA D 771 -4.79 18.65 -10.38
C ALA D 771 -5.09 19.96 -9.66
N VAL D 772 -5.63 19.86 -8.44
CA VAL D 772 -5.93 21.06 -7.67
C VAL D 772 -4.64 21.78 -7.34
N GLU D 773 -3.62 21.03 -6.92
CA GLU D 773 -2.33 21.65 -6.61
C GLU D 773 -1.78 22.38 -7.83
N GLN D 774 -1.98 21.81 -9.03
CA GLN D 774 -1.44 22.46 -10.23
C GLN D 774 -2.14 23.78 -10.48
N ASP D 775 -3.43 23.88 -10.14
CA ASP D 775 -4.07 25.17 -10.33
C ASP D 775 -3.65 26.14 -9.23
N LYS D 776 -3.42 25.63 -8.02
CA LYS D 776 -2.94 26.51 -6.96
C LYS D 776 -1.56 27.04 -7.33
N ASN D 777 -0.73 26.19 -7.93
CA ASN D 777 0.62 26.59 -8.31
C ASN D 777 0.58 27.70 -9.35
N THR D 778 -0.32 27.55 -10.33
CA THR D 778 -0.41 28.57 -11.37
C THR D 778 -0.87 29.89 -10.77
N GLN D 779 -1.88 29.85 -9.90
CA GLN D 779 -2.35 31.11 -9.32
C GLN D 779 -1.31 31.74 -8.41
N GLU D 780 -0.61 30.93 -7.61
CA GLU D 780 0.39 31.48 -6.71
C GLU D 780 1.56 32.11 -7.47
N VAL D 781 1.94 31.54 -8.59
CA VAL D 781 3.05 32.13 -9.35
C VAL D 781 2.60 33.38 -10.09
N PHE D 782 1.45 33.33 -10.77
CA PHE D 782 1.03 34.45 -11.61
C PHE D 782 0.00 35.37 -10.97
N ALA D 783 -0.93 34.85 -10.17
CA ALA D 783 -1.99 35.71 -9.62
C ALA D 783 -1.57 36.31 -8.28
N GLN D 784 -0.46 37.04 -8.29
CA GLN D 784 0.05 37.65 -7.08
C GLN D 784 -0.51 39.04 -6.85
N VAL D 785 -0.94 39.71 -7.92
CA VAL D 785 -1.49 41.05 -7.90
C VAL D 785 -2.91 40.92 -8.45
N LYS D 786 -3.89 41.41 -7.68
CA LYS D 786 -5.30 41.26 -8.04
C LYS D 786 -5.86 42.49 -8.71
N GLN D 787 -5.00 43.41 -9.15
CA GLN D 787 -5.39 44.61 -9.87
C GLN D 787 -4.67 44.56 -11.22
N ILE D 788 -5.41 44.82 -12.30
CA ILE D 788 -4.88 44.74 -13.66
C ILE D 788 -4.51 46.14 -14.13
N TYR D 789 -3.25 46.32 -14.51
CA TYR D 789 -2.74 47.58 -15.00
C TYR D 789 -2.70 47.54 -16.52
N LYS D 790 -3.05 48.65 -17.16
CA LYS D 790 -3.05 48.71 -18.61
C LYS D 790 -1.66 49.00 -19.16
N THR D 791 -1.38 48.45 -20.33
CA THR D 791 -0.13 48.74 -21.02
C THR D 791 -0.15 50.23 -21.39
N PRO D 792 0.91 51.00 -21.09
CA PRO D 792 0.92 52.40 -21.51
C PRO D 792 0.85 52.53 -23.02
N PRO D 793 0.39 53.67 -23.55
CA PRO D 793 0.29 53.82 -25.01
C PRO D 793 1.62 53.88 -25.75
N ILE D 794 2.75 54.00 -25.06
CA ILE D 794 4.06 54.13 -25.70
C ILE D 794 5.00 53.02 -25.23
N LYS D 795 6.07 52.83 -26.00
CA LYS D 795 7.13 51.89 -25.68
C LYS D 795 8.44 52.56 -25.25
N ASP D 796 8.64 53.82 -25.61
CA ASP D 796 9.87 54.58 -25.30
C ASP D 796 9.73 55.31 -23.98
N PHE D 797 10.19 54.67 -22.90
CA PHE D 797 10.06 55.21 -21.54
C PHE D 797 11.46 55.65 -21.16
N GLY D 798 11.77 56.93 -21.42
CA GLY D 798 13.10 57.40 -21.12
C GLY D 798 14.15 56.90 -22.07
N GLY D 799 13.76 56.35 -23.22
CA GLY D 799 14.68 55.77 -24.17
C GLY D 799 14.77 54.25 -24.10
N PHE D 800 14.14 53.64 -23.10
CA PHE D 800 14.14 52.19 -22.92
C PHE D 800 13.02 51.57 -23.76
N ASN D 801 13.39 50.66 -24.66
CA ASN D 801 12.46 50.04 -25.60
C ASN D 801 12.00 48.70 -25.03
N PHE D 802 10.71 48.60 -24.70
CA PHE D 802 10.11 47.40 -24.10
C PHE D 802 9.23 46.65 -25.11
N SER D 803 9.41 46.90 -26.40
CA SER D 803 8.56 46.29 -27.42
C SER D 803 8.66 44.77 -27.46
N GLN D 804 9.74 44.17 -26.97
CA GLN D 804 9.88 42.73 -27.02
C GLN D 804 9.29 42.00 -25.82
N ILE D 805 8.92 42.73 -24.76
CA ILE D 805 8.37 42.13 -23.56
C ILE D 805 6.88 42.41 -23.38
N LEU D 806 6.40 43.55 -23.86
CA LEU D 806 5.00 43.93 -23.75
C LEU D 806 4.16 43.26 -24.83
N PRO D 807 2.87 43.02 -24.57
CA PRO D 807 2.02 42.37 -25.59
C PRO D 807 1.99 43.15 -26.89
N ASP D 808 1.96 42.41 -28.01
CA ASP D 808 1.86 43.01 -29.34
C ASP D 808 0.37 43.05 -29.71
N PRO D 809 -0.28 44.21 -29.72
CA PRO D 809 -1.74 44.22 -29.95
C PRO D 809 -2.15 43.86 -31.37
N SER D 810 -1.22 43.86 -32.34
CA SER D 810 -1.55 43.62 -33.73
C SER D 810 -1.69 42.15 -34.09
N LYS D 811 -1.34 41.21 -33.17
CA LYS D 811 -1.40 39.78 -33.45
C LYS D 811 -2.65 39.17 -32.81
N PRO D 812 -3.26 38.14 -33.42
CA PRO D 812 -4.39 37.46 -32.76
C PRO D 812 -4.10 37.01 -31.33
N SER D 813 -2.86 36.58 -31.06
CA SER D 813 -2.44 36.18 -29.73
C SER D 813 -1.80 37.38 -29.06
N LYS D 814 -2.42 37.85 -27.97
CA LYS D 814 -1.94 39.06 -27.30
C LYS D 814 -0.75 38.69 -26.41
N ARG D 815 0.35 38.37 -27.08
CA ARG D 815 1.57 37.89 -26.47
C ARG D 815 2.73 38.75 -26.94
N SER D 816 3.77 38.83 -26.12
CA SER D 816 4.95 39.58 -26.53
C SER D 816 5.71 38.77 -27.58
N PRO D 817 6.57 39.41 -28.37
CA PRO D 817 7.46 38.64 -29.26
C PRO D 817 8.22 37.54 -28.55
N ILE D 818 8.65 37.80 -27.32
CA ILE D 818 9.35 36.76 -26.56
C ILE D 818 8.37 35.69 -26.13
N GLU D 819 7.18 36.07 -25.64
CA GLU D 819 6.20 35.06 -25.26
C GLU D 819 5.78 34.25 -26.49
N ASP D 820 5.63 34.92 -27.63
CA ASP D 820 5.25 34.21 -28.84
C ASP D 820 6.29 33.17 -29.20
N LEU D 821 7.56 33.53 -29.07
CA LEU D 821 8.64 32.57 -29.32
C LEU D 821 8.60 31.43 -28.31
N LEU D 822 8.39 31.74 -27.03
CA LEU D 822 8.38 30.70 -26.01
C LEU D 822 7.27 29.70 -26.25
N PHE D 823 6.09 30.18 -26.66
CA PHE D 823 4.97 29.29 -26.95
C PHE D 823 5.20 28.50 -28.24
N ASN D 824 5.86 29.10 -29.23
CA ASN D 824 6.13 28.39 -30.47
C ASN D 824 7.20 27.32 -30.32
N LYS D 825 8.16 27.50 -29.41
CA LYS D 825 9.23 26.51 -29.27
C LYS D 825 8.79 25.27 -28.51
N VAL D 826 7.96 25.41 -27.49
CA VAL D 826 7.52 24.28 -26.68
C VAL D 826 6.25 23.70 -27.29
N THR D 827 6.23 22.38 -27.47
CA THR D 827 5.11 21.66 -28.08
C THR D 827 4.76 20.42 -27.28
N ASN D 856 -9.52 3.82 -22.61
CA ASN D 856 -8.52 3.52 -21.60
C ASN D 856 -8.79 4.22 -20.27
N GLY D 857 -9.72 5.17 -20.27
CA GLY D 857 -10.08 5.88 -19.06
C GLY D 857 -9.16 7.03 -18.69
N LEU D 858 -8.42 7.57 -19.65
CA LEU D 858 -7.47 8.65 -19.42
C LEU D 858 -8.08 9.96 -19.90
N THR D 859 -8.24 10.91 -18.98
CA THR D 859 -8.83 12.20 -19.26
C THR D 859 -7.83 13.27 -18.83
N VAL D 860 -7.67 14.29 -19.65
CA VAL D 860 -6.82 15.43 -19.34
C VAL D 860 -7.73 16.62 -19.11
N LEU D 861 -7.59 17.24 -17.94
CA LEU D 861 -8.45 18.35 -17.56
C LEU D 861 -7.81 19.66 -18.04
N PRO D 862 -8.59 20.67 -18.43
CA PRO D 862 -7.98 21.94 -18.80
C PRO D 862 -7.53 22.70 -17.57
N PRO D 863 -6.58 23.62 -17.70
CA PRO D 863 -6.25 24.50 -16.58
C PRO D 863 -7.38 25.48 -16.33
N LEU D 864 -7.46 25.97 -15.10
CA LEU D 864 -8.44 27.01 -14.81
C LEU D 864 -8.08 28.32 -15.51
N LEU D 865 -6.81 28.69 -15.50
CA LEU D 865 -6.36 29.92 -16.14
C LEU D 865 -5.81 29.57 -17.51
N THR D 866 -6.40 30.15 -18.54
CA THR D 866 -5.98 29.89 -19.91
C THR D 866 -4.69 30.64 -20.21
N ASP D 867 -4.08 30.31 -21.34
CA ASP D 867 -2.82 30.98 -21.70
C ASP D 867 -3.04 32.48 -21.85
N GLU D 868 -4.22 32.88 -22.33
CA GLU D 868 -4.50 34.30 -22.47
C GLU D 868 -4.58 34.97 -21.11
N MET D 869 -5.20 34.31 -20.13
CA MET D 869 -5.30 34.88 -18.79
C MET D 869 -3.91 35.00 -18.15
N ILE D 870 -3.04 34.04 -18.40
CA ILE D 870 -1.69 34.12 -17.86
C ILE D 870 -0.95 35.27 -18.52
N ALA D 871 -1.11 35.41 -19.84
CA ALA D 871 -0.48 36.52 -20.54
C ALA D 871 -0.99 37.85 -20.00
N GLN D 872 -2.28 37.92 -19.67
CA GLN D 872 -2.85 39.15 -19.12
C GLN D 872 -2.26 39.46 -17.75
N TYR D 873 -2.03 38.43 -16.92
CA TYR D 873 -1.39 38.70 -15.64
C TYR D 873 0.03 39.17 -15.85
N THR D 874 0.73 38.57 -16.80
CA THR D 874 2.11 38.96 -17.06
C THR D 874 2.15 40.41 -17.54
N SER D 875 1.23 40.76 -18.44
CA SER D 875 1.17 42.13 -18.95
C SER D 875 0.89 43.11 -17.83
N ALA D 876 -0.04 42.78 -16.93
CA ALA D 876 -0.34 43.66 -15.81
C ALA D 876 0.89 43.86 -14.94
N LEU D 877 1.65 42.78 -14.72
CA LEU D 877 2.86 42.89 -13.92
C LEU D 877 3.90 43.77 -14.62
N LEU D 878 4.02 43.66 -15.94
CA LEU D 878 4.96 44.49 -16.66
C LEU D 878 4.56 45.95 -16.64
N ALA D 879 3.26 46.23 -16.79
CA ALA D 879 2.80 47.61 -16.78
C ALA D 879 3.03 48.22 -15.41
N GLY D 880 2.76 47.45 -14.35
CA GLY D 880 2.97 47.96 -13.01
C GLY D 880 4.44 48.22 -12.76
N THR D 881 5.30 47.30 -13.20
CA THR D 881 6.73 47.47 -12.99
C THR D 881 7.24 48.70 -13.71
N ILE D 882 6.81 48.89 -14.96
CA ILE D 882 7.28 50.01 -15.78
C ILE D 882 6.83 51.36 -15.21
N CYS D 883 5.57 51.50 -14.81
CA CYS D 883 5.12 52.82 -14.33
C CYS D 883 5.17 53.02 -12.82
N SER D 884 5.29 51.97 -12.02
CA SER D 884 5.30 52.09 -10.56
C SER D 884 6.50 51.46 -9.88
N GLY D 885 7.38 50.80 -10.61
CA GLY D 885 8.51 50.13 -9.98
C GLY D 885 8.06 49.04 -9.04
N TRP D 886 8.65 49.00 -7.85
CA TRP D 886 8.27 47.98 -6.88
C TRP D 886 7.12 48.43 -5.98
N THR D 887 6.69 49.69 -6.12
CA THR D 887 5.71 50.25 -5.21
C THR D 887 4.38 49.54 -5.31
N PHE D 888 3.96 49.19 -6.53
CA PHE D 888 2.64 48.58 -6.71
C PHE D 888 2.53 47.20 -6.06
N GLY D 889 3.65 46.55 -5.76
CA GLY D 889 3.60 45.24 -5.15
C GLY D 889 3.59 45.24 -3.65
N ALA D 890 3.64 46.41 -3.01
CA ALA D 890 3.68 46.53 -1.56
C ALA D 890 2.86 47.75 -1.12
N GLY D 891 1.62 47.82 -1.59
CA GLY D 891 0.74 48.94 -1.32
C GLY D 891 0.13 49.46 -2.61
N PRO D 892 -0.37 50.69 -2.60
CA PRO D 892 -0.95 51.24 -3.83
C PRO D 892 0.15 51.56 -4.82
N ALA D 893 -0.19 51.53 -6.11
CA ALA D 893 0.77 51.90 -7.13
C ALA D 893 0.96 53.41 -7.19
N LEU D 894 2.23 53.84 -7.21
CA LEU D 894 2.60 55.24 -7.29
C LEU D 894 3.40 55.48 -8.57
N GLN D 895 2.86 56.30 -9.48
CA GLN D 895 3.53 56.56 -10.74
C GLN D 895 4.91 57.19 -10.50
N ILE D 896 5.89 56.79 -11.30
CA ILE D 896 7.22 57.39 -11.26
C ILE D 896 7.82 57.40 -12.66
N PRO D 897 8.56 58.45 -13.08
CA PRO D 897 9.26 58.37 -14.36
C PRO D 897 10.23 57.19 -14.38
N PHE D 898 10.29 56.49 -15.52
CA PHE D 898 11.14 55.30 -15.58
C PHE D 898 12.60 55.61 -15.27
N PRO D 899 13.24 56.64 -15.83
CA PRO D 899 14.65 56.90 -15.47
C PRO D 899 14.85 57.13 -13.98
N MET D 900 13.82 57.56 -13.25
CA MET D 900 13.97 57.77 -11.82
C MET D 900 13.81 56.43 -11.10
N GLN D 901 12.96 55.56 -11.66
CA GLN D 901 12.82 54.22 -11.12
C GLN D 901 14.17 53.52 -11.22
N MET D 902 14.84 53.71 -12.36
CA MET D 902 16.15 53.14 -12.54
C MET D 902 17.15 53.80 -11.61
N ALA D 903 17.01 55.11 -11.37
CA ALA D 903 17.93 55.78 -10.45
C ALA D 903 17.82 55.17 -9.07
N TYR D 904 16.61 54.80 -8.66
CA TYR D 904 16.43 54.19 -7.36
C TYR D 904 17.04 52.80 -7.36
N ARG D 905 16.87 52.08 -8.47
CA ARG D 905 17.44 50.75 -8.60
C ARG D 905 18.96 50.79 -8.59
N PHE D 906 19.56 51.83 -9.16
CA PHE D 906 21.02 51.99 -9.10
C PHE D 906 21.47 52.31 -7.67
N ASN D 907 20.72 53.17 -6.97
CA ASN D 907 21.07 53.44 -5.59
C ASN D 907 20.98 52.17 -4.76
N GLY D 908 20.05 51.28 -5.09
CA GLY D 908 19.88 50.04 -4.37
C GLY D 908 21.08 49.10 -4.45
N ILE D 909 21.99 49.34 -5.40
CA ILE D 909 23.19 48.54 -5.59
C ILE D 909 24.46 49.32 -5.26
N GLY D 910 24.35 50.48 -4.61
CA GLY D 910 25.51 51.26 -4.25
C GLY D 910 26.09 52.16 -5.33
N VAL D 911 25.28 52.56 -6.31
CA VAL D 911 25.74 53.45 -7.39
C VAL D 911 24.91 54.71 -7.31
N THR D 912 25.56 55.85 -7.46
CA THR D 912 24.90 57.14 -7.36
C THR D 912 23.98 57.40 -8.56
N GLN D 913 23.12 58.40 -8.38
CA GLN D 913 22.14 58.76 -9.40
C GLN D 913 22.80 59.42 -10.61
N ASN D 914 23.90 60.15 -10.37
CA ASN D 914 24.59 60.82 -11.46
C ASN D 914 25.09 59.83 -12.49
N VAL D 915 25.39 58.60 -12.09
CA VAL D 915 25.93 57.65 -13.05
C VAL D 915 24.83 57.32 -14.06
N LEU D 916 23.62 57.07 -13.57
CA LEU D 916 22.52 56.74 -14.46
C LEU D 916 22.15 57.90 -15.36
N TYR D 917 22.09 59.12 -14.79
CA TYR D 917 21.61 60.22 -15.61
C TYR D 917 22.66 60.63 -16.64
N GLU D 918 23.93 60.64 -16.24
CA GLU D 918 24.96 61.05 -17.20
C GLU D 918 25.12 60.02 -18.31
N ASN D 919 24.89 58.74 -18.02
CA ASN D 919 24.99 57.64 -18.97
C ASN D 919 23.63 57.09 -19.39
N GLN D 920 22.55 57.87 -19.25
CA GLN D 920 21.22 57.36 -19.55
C GLN D 920 21.09 56.81 -20.97
N LYS D 921 21.69 57.48 -21.96
CA LYS D 921 21.57 56.98 -23.33
C LYS D 921 22.34 55.67 -23.50
N LEU D 922 23.53 55.58 -22.90
CA LEU D 922 24.32 54.36 -22.99
C LEU D 922 23.58 53.21 -22.33
N ILE D 923 22.99 53.47 -21.16
CA ILE D 923 22.30 52.43 -20.42
C ILE D 923 21.07 51.96 -21.20
N ALA D 924 20.30 52.89 -21.76
CA ALA D 924 19.14 52.50 -22.55
C ALA D 924 19.56 51.67 -23.77
N ASN D 925 20.67 52.04 -24.40
CA ASN D 925 21.11 51.30 -25.58
C ASN D 925 21.57 49.90 -25.19
N GLN D 926 22.33 49.77 -24.10
CA GLN D 926 22.75 48.45 -23.65
C GLN D 926 21.53 47.60 -23.33
N PHE D 927 20.53 48.19 -22.68
CA PHE D 927 19.34 47.42 -22.31
C PHE D 927 18.63 46.92 -23.56
N ASN D 928 18.41 47.80 -24.53
CA ASN D 928 17.68 47.41 -25.74
C ASN D 928 18.44 46.32 -26.50
N SER D 929 19.77 46.44 -26.54
CA SER D 929 20.57 45.43 -27.22
C SER D 929 20.50 44.11 -26.47
N ALA D 930 20.55 44.16 -25.14
CA ALA D 930 20.49 42.93 -24.35
C ALA D 930 19.17 42.21 -24.59
N ILE D 931 18.07 42.97 -24.70
CA ILE D 931 16.78 42.31 -24.93
C ILE D 931 16.79 41.66 -26.30
N GLY D 932 17.30 42.36 -27.31
CA GLY D 932 17.36 41.75 -28.64
C GLY D 932 18.19 40.47 -28.59
N LYS D 933 19.27 40.49 -27.80
CA LYS D 933 20.09 39.30 -27.64
C LYS D 933 19.30 38.18 -26.99
N ILE D 934 18.39 38.51 -26.07
CA ILE D 934 17.59 37.45 -25.44
C ILE D 934 16.72 36.79 -26.50
N GLN D 935 16.11 37.60 -27.36
CA GLN D 935 15.24 37.03 -28.39
C GLN D 935 16.05 36.12 -29.32
N ASP D 936 17.26 36.54 -29.67
CA ASP D 936 18.08 35.72 -30.56
C ASP D 936 18.58 34.48 -29.84
N SER D 937 18.95 34.60 -28.56
CA SER D 937 19.45 33.47 -27.81
C SER D 937 18.38 32.39 -27.68
N LEU D 938 17.16 32.80 -27.32
CA LEU D 938 16.09 31.82 -27.17
C LEU D 938 15.76 31.16 -28.50
N SER D 939 15.74 31.94 -29.58
CA SER D 939 15.44 31.35 -30.88
C SER D 939 16.52 30.36 -31.31
N SER D 940 17.79 30.74 -31.14
CA SER D 940 18.93 29.94 -31.59
C SER D 940 19.10 28.60 -30.88
N THR D 941 18.95 28.53 -29.55
CA THR D 941 19.27 27.30 -28.84
C THR D 941 18.07 26.39 -28.57
N PRO D 942 17.99 25.19 -29.17
CA PRO D 942 16.85 24.29 -28.90
C PRO D 942 16.64 23.93 -27.43
N SER D 943 17.72 23.87 -26.65
CA SER D 943 17.69 23.47 -25.26
C SER D 943 17.36 24.59 -24.28
N ALA D 944 17.17 25.82 -24.76
CA ALA D 944 16.96 26.96 -23.86
C ALA D 944 15.75 26.71 -22.96
N LEU D 945 14.73 26.03 -23.47
CA LEU D 945 13.50 25.72 -22.76
C LEU D 945 13.40 24.23 -22.45
N GLY D 946 14.56 23.58 -22.29
CA GLY D 946 14.59 22.16 -22.02
C GLY D 946 13.84 21.73 -20.78
N LYS D 947 13.84 22.55 -19.72
CA LYS D 947 13.15 22.16 -18.49
C LYS D 947 11.66 21.90 -18.72
N LEU D 948 11.02 22.71 -19.58
CA LEU D 948 9.59 22.54 -19.77
C LEU D 948 9.33 21.36 -20.69
N GLN D 949 10.19 21.17 -21.69
CA GLN D 949 9.98 20.04 -22.58
C GLN D 949 10.23 18.76 -21.81
N ASP D 950 11.19 18.78 -20.87
CA ASP D 950 11.47 17.59 -20.08
C ASP D 950 10.27 17.23 -19.21
N VAL D 951 9.59 18.23 -18.64
CA VAL D 951 8.40 17.93 -17.85
C VAL D 951 7.33 17.30 -18.72
N VAL D 952 7.13 17.88 -19.91
CA VAL D 952 6.12 17.35 -20.84
C VAL D 952 6.48 15.93 -21.25
N ASN D 953 7.75 15.70 -21.58
CA ASN D 953 8.17 14.39 -22.05
C ASN D 953 8.08 13.35 -20.94
N GLN D 954 8.38 13.73 -19.70
CA GLN D 954 8.29 12.75 -18.62
C GLN D 954 6.84 12.35 -18.41
N ASN D 955 5.91 13.30 -18.50
CA ASN D 955 4.52 12.91 -18.30
C ASN D 955 4.01 12.11 -19.49
N ALA D 956 4.50 12.43 -20.70
CA ALA D 956 4.09 11.64 -21.86
C ALA D 956 4.59 10.21 -21.72
N GLN D 957 5.82 10.03 -21.22
CA GLN D 957 6.34 8.69 -21.03
C GLN D 957 5.54 7.95 -19.98
N ALA D 958 5.15 8.66 -18.91
CA ALA D 958 4.39 8.02 -17.84
C ALA D 958 3.07 7.50 -18.37
N LEU D 959 2.41 8.27 -19.24
CA LEU D 959 1.14 7.79 -19.78
C LEU D 959 1.32 6.74 -20.87
N ASN D 960 2.38 6.84 -21.69
CA ASN D 960 2.54 5.82 -22.71
C ASN D 960 2.87 4.49 -22.04
N THR D 961 3.62 4.54 -20.93
CA THR D 961 3.95 3.32 -20.21
C THR D 961 2.68 2.75 -19.58
N LEU D 962 1.88 3.62 -18.96
CA LEU D 962 0.66 3.16 -18.29
C LEU D 962 -0.28 2.48 -19.28
N VAL D 963 -0.39 3.04 -20.49
CA VAL D 963 -1.23 2.42 -21.50
C VAL D 963 -0.62 1.10 -21.97
N LYS D 964 0.70 1.08 -22.18
CA LYS D 964 1.37 -0.14 -22.64
C LYS D 964 1.21 -1.27 -21.62
N GLN D 965 1.10 -0.95 -20.33
CA GLN D 965 0.92 -2.00 -19.33
C GLN D 965 -0.34 -2.82 -19.56
N LEU D 966 -1.34 -2.28 -20.26
CA LEU D 966 -2.59 -3.01 -20.48
C LEU D 966 -2.42 -4.19 -21.43
N SER D 967 -1.33 -4.22 -22.21
CA SER D 967 -1.11 -5.29 -23.18
C SER D 967 -0.40 -6.49 -22.58
N SER D 968 0.03 -6.42 -21.32
CA SER D 968 0.76 -7.54 -20.72
C SER D 968 -0.20 -8.59 -20.18
N ASN D 969 0.27 -9.83 -20.16
CA ASN D 969 -0.51 -10.94 -19.64
C ASN D 969 -0.49 -11.00 -18.11
N PHE D 970 0.64 -10.67 -17.49
CA PHE D 970 0.82 -10.78 -16.04
C PHE D 970 0.58 -12.21 -15.57
N GLY D 971 0.83 -13.19 -16.44
CA GLY D 971 0.64 -14.58 -16.16
C GLY D 971 -0.71 -15.11 -16.57
N ALA D 972 -1.61 -14.24 -17.03
CA ALA D 972 -2.94 -14.63 -17.45
C ALA D 972 -2.89 -15.37 -18.78
N ILE D 973 -3.97 -16.13 -19.04
CA ILE D 973 -4.09 -16.84 -20.30
C ILE D 973 -4.09 -15.89 -21.49
N SER D 974 -4.52 -14.64 -21.29
CA SER D 974 -4.54 -13.66 -22.35
C SER D 974 -4.58 -12.25 -21.75
N SER D 975 -3.91 -11.32 -22.43
CA SER D 975 -3.93 -9.92 -22.03
C SER D 975 -5.26 -9.23 -22.30
N VAL D 976 -6.13 -9.82 -23.12
CA VAL D 976 -7.42 -9.22 -23.47
C VAL D 976 -8.48 -9.82 -22.56
N LEU D 977 -9.14 -8.94 -21.81
CA LEU D 977 -10.13 -9.36 -20.83
C LEU D 977 -11.32 -10.06 -21.50
N ASN D 978 -11.70 -9.61 -22.69
CA ASN D 978 -12.82 -10.21 -23.39
C ASN D 978 -12.48 -11.62 -23.87
N ASP D 979 -11.20 -11.93 -24.08
CA ASP D 979 -10.86 -13.27 -24.50
C ASP D 979 -10.99 -14.20 -23.32
N ILE D 980 -10.63 -13.72 -22.12
CA ILE D 980 -10.76 -14.54 -20.92
C ILE D 980 -12.23 -14.83 -20.67
N LEU D 981 -13.06 -13.80 -20.80
CA LEU D 981 -14.49 -13.96 -20.54
C LEU D 981 -15.15 -14.89 -21.55
N SER D 982 -14.77 -14.81 -22.83
CA SER D 982 -15.39 -15.67 -23.82
C SER D 982 -14.80 -17.09 -23.87
N ARG D 983 -13.53 -17.27 -23.48
CA ARG D 983 -12.91 -18.59 -23.56
C ARG D 983 -13.05 -19.46 -22.33
N LEU D 984 -13.09 -18.88 -21.13
CA LEU D 984 -13.12 -19.67 -19.88
C LEU D 984 -14.41 -19.52 -19.10
N ASP D 985 -14.80 -20.63 -18.49
CA ASP D 985 -15.92 -20.67 -17.56
C ASP D 985 -15.59 -19.83 -16.31
N PRO D 986 -16.59 -19.18 -15.69
CA PRO D 986 -16.36 -18.35 -14.48
C PRO D 986 -15.39 -18.92 -13.45
N PRO D 987 -15.44 -20.23 -13.13
CA PRO D 987 -14.49 -20.74 -12.10
C PRO D 987 -13.02 -20.56 -12.46
N GLU D 988 -12.69 -20.41 -13.73
CA GLU D 988 -11.31 -20.20 -14.18
C GLU D 988 -11.13 -18.77 -14.66
N ALA D 989 -12.19 -18.20 -15.23
CA ALA D 989 -12.11 -16.85 -15.73
C ALA D 989 -11.85 -15.91 -14.58
N GLU D 990 -12.41 -16.19 -13.40
CA GLU D 990 -12.16 -15.30 -12.27
C GLU D 990 -10.70 -15.31 -11.89
N VAL D 991 -10.02 -16.44 -12.07
CA VAL D 991 -8.61 -16.52 -11.70
C VAL D 991 -7.79 -15.70 -12.68
N GLN D 992 -8.08 -15.84 -13.98
CA GLN D 992 -7.29 -15.12 -14.97
C GLN D 992 -7.57 -13.61 -14.86
N ILE D 993 -8.80 -13.26 -14.51
CA ILE D 993 -9.15 -11.86 -14.33
C ILE D 993 -8.44 -11.32 -13.11
N ASP D 994 -8.40 -12.09 -12.03
CA ASP D 994 -7.73 -11.61 -10.82
C ASP D 994 -6.26 -11.35 -11.10
N ARG D 995 -5.65 -12.17 -11.97
CA ARG D 995 -4.26 -11.89 -12.35
C ARG D 995 -4.16 -10.56 -13.09
N LEU D 996 -5.12 -10.29 -14.00
CA LEU D 996 -5.06 -9.02 -14.71
C LEU D 996 -5.35 -7.85 -13.78
N ILE D 997 -6.24 -8.05 -12.81
CA ILE D 997 -6.56 -6.98 -11.87
C ILE D 997 -5.32 -6.65 -11.05
N THR D 998 -4.60 -7.68 -10.58
CA THR D 998 -3.40 -7.42 -9.81
C THR D 998 -2.39 -6.64 -10.64
N GLY D 999 -2.19 -7.05 -11.90
CA GLY D 999 -1.22 -6.35 -12.74
C GLY D 999 -1.60 -4.90 -13.01
N ARG D 1000 -2.86 -4.64 -13.33
CA ARG D 1000 -3.28 -3.28 -13.62
C ARG D 1000 -3.32 -2.42 -12.37
N LEU D 1001 -3.75 -2.99 -11.25
CA LEU D 1001 -3.78 -2.21 -10.02
C LEU D 1001 -2.38 -1.82 -9.60
N GLN D 1002 -1.42 -2.75 -9.71
CA GLN D 1002 -0.05 -2.43 -9.37
C GLN D 1002 0.48 -1.34 -10.30
N SER D 1003 0.10 -1.40 -11.58
CA SER D 1003 0.56 -0.39 -12.53
C SER D 1003 -0.01 0.98 -12.19
N LEU D 1004 -1.30 1.05 -11.80
CA LEU D 1004 -1.88 2.33 -11.41
C LEU D 1004 -1.24 2.86 -10.13
N GLN D 1005 -0.95 1.98 -9.16
CA GLN D 1005 -0.35 2.47 -7.93
C GLN D 1005 1.04 3.03 -8.22
N THR D 1006 1.78 2.38 -9.13
CA THR D 1006 3.10 2.87 -9.49
C THR D 1006 2.99 4.22 -10.19
N TYR D 1007 2.05 4.33 -11.14
CA TYR D 1007 1.84 5.58 -11.85
C TYR D 1007 1.49 6.72 -10.91
N VAL D 1008 0.52 6.49 -10.01
CA VAL D 1008 0.11 7.56 -9.10
C VAL D 1008 1.26 7.94 -8.18
N THR D 1009 2.01 6.95 -7.67
CA THR D 1009 3.14 7.28 -6.80
C THR D 1009 4.13 8.17 -7.54
N GLN D 1010 4.44 7.83 -8.80
CA GLN D 1010 5.38 8.64 -9.55
C GLN D 1010 4.81 10.03 -9.80
N GLN D 1011 3.50 10.12 -10.02
CA GLN D 1011 2.87 11.41 -10.23
C GLN D 1011 2.91 12.25 -8.96
N LEU D 1012 2.76 11.62 -7.79
CA LEU D 1012 2.83 12.37 -6.54
C LEU D 1012 4.25 12.91 -6.33
N ILE D 1013 5.26 12.11 -6.65
CA ILE D 1013 6.63 12.58 -6.49
C ILE D 1013 6.92 13.72 -7.47
N ARG D 1014 6.48 13.57 -8.72
CA ARG D 1014 6.70 14.63 -9.70
C ARG D 1014 5.90 15.87 -9.30
N ALA D 1015 4.70 15.68 -8.76
CA ALA D 1015 3.90 16.82 -8.33
C ALA D 1015 4.61 17.57 -7.23
N ALA D 1016 5.25 16.86 -6.30
CA ALA D 1016 5.99 17.53 -5.24
C ALA D 1016 7.16 18.34 -5.84
N GLU D 1017 7.82 17.78 -6.84
CA GLU D 1017 8.91 18.50 -7.49
C GLU D 1017 8.40 19.77 -8.18
N ILE D 1018 7.26 19.65 -8.87
CA ILE D 1018 6.66 20.80 -9.54
C ILE D 1018 6.22 21.83 -8.50
N ARG D 1019 5.67 21.38 -7.38
CA ARG D 1019 5.25 22.31 -6.34
C ARG D 1019 6.45 23.08 -5.82
N ALA D 1020 7.58 22.40 -5.61
CA ALA D 1020 8.77 23.09 -5.15
C ALA D 1020 9.22 24.12 -6.18
N SER D 1021 9.13 23.76 -7.46
CA SER D 1021 9.49 24.71 -8.52
C SER D 1021 8.55 25.90 -8.55
N ALA D 1022 7.24 25.65 -8.41
CA ALA D 1022 6.27 26.74 -8.40
C ALA D 1022 6.50 27.66 -7.22
N ASN D 1023 6.88 27.10 -6.07
CA ASN D 1023 7.13 27.91 -4.89
C ASN D 1023 8.35 28.79 -5.11
N LEU D 1024 9.37 28.23 -5.78
CA LEU D 1024 10.55 29.03 -6.07
C LEU D 1024 10.22 30.12 -7.07
N ALA D 1025 9.42 29.80 -8.10
CA ALA D 1025 9.04 30.79 -9.08
C ALA D 1025 8.22 31.91 -8.45
N ALA D 1026 7.32 31.56 -7.52
CA ALA D 1026 6.52 32.59 -6.85
C ALA D 1026 7.40 33.47 -5.99
N THR D 1027 8.41 32.87 -5.35
CA THR D 1027 9.32 33.65 -4.52
C THR D 1027 10.12 34.62 -5.38
N LYS D 1028 10.62 34.13 -6.52
CA LYS D 1028 11.38 35.00 -7.42
C LYS D 1028 10.49 36.10 -7.99
N MET D 1029 9.23 35.77 -8.28
CA MET D 1029 8.29 36.75 -8.80
C MET D 1029 8.09 37.87 -7.79
N SER D 1030 7.81 37.51 -6.55
CA SER D 1030 7.53 38.54 -5.57
C SER D 1030 8.78 39.29 -5.09
N GLU D 1031 9.96 38.67 -5.13
CA GLU D 1031 11.17 39.32 -4.66
C GLU D 1031 11.93 40.11 -5.73
N CYS D 1032 11.83 39.73 -7.01
CA CYS D 1032 12.60 40.36 -8.08
C CYS D 1032 11.74 41.11 -9.08
N VAL D 1033 10.52 40.67 -9.35
CA VAL D 1033 9.65 41.41 -10.25
C VAL D 1033 8.97 42.53 -9.48
N LEU D 1034 8.52 42.25 -8.26
CA LEU D 1034 7.84 43.22 -7.42
C LEU D 1034 8.80 43.86 -6.42
N GLY D 1035 10.11 43.76 -6.66
CA GLY D 1035 11.09 44.33 -5.78
C GLY D 1035 12.47 44.18 -6.36
N GLN D 1036 13.45 44.75 -5.65
CA GLN D 1036 14.85 44.68 -6.02
C GLN D 1036 15.55 43.83 -4.96
N SER D 1037 16.07 42.68 -5.36
CA SER D 1037 16.68 41.74 -4.44
C SER D 1037 18.17 41.97 -4.32
N LYS D 1038 18.68 41.78 -3.10
CA LYS D 1038 20.10 41.87 -2.79
C LYS D 1038 20.72 40.50 -2.59
N ARG D 1039 19.98 39.44 -2.89
CA ARG D 1039 20.46 38.07 -2.73
C ARG D 1039 21.32 37.73 -3.93
N VAL D 1040 22.57 37.34 -3.69
CA VAL D 1040 23.52 37.11 -4.77
C VAL D 1040 23.09 35.89 -5.60
N ASP D 1041 23.05 36.08 -6.92
CA ASP D 1041 22.68 35.07 -7.91
C ASP D 1041 21.26 34.53 -7.71
N PHE D 1042 20.43 35.20 -6.92
CA PHE D 1042 19.04 34.75 -6.79
C PHE D 1042 18.28 35.00 -8.08
N CYS D 1043 18.54 36.15 -8.72
CA CYS D 1043 17.86 36.57 -9.94
C CYS D 1043 18.91 37.06 -10.95
N GLY D 1044 19.68 36.12 -11.48
CA GLY D 1044 20.69 36.42 -12.47
C GLY D 1044 22.04 36.74 -11.87
N LYS D 1045 23.06 36.69 -12.73
CA LYS D 1045 24.41 37.03 -12.32
C LYS D 1045 24.59 38.54 -12.39
N GLY D 1046 25.31 39.08 -11.41
CA GLY D 1046 25.57 40.50 -11.34
C GLY D 1046 24.72 41.11 -10.23
N TYR D 1047 24.71 42.43 -10.20
CA TYR D 1047 23.96 43.14 -9.17
C TYR D 1047 22.57 43.34 -9.75
N HIS D 1048 21.56 42.90 -9.02
CA HIS D 1048 20.22 42.92 -9.58
C HIS D 1048 19.65 44.33 -9.65
N LEU D 1049 19.07 44.66 -10.80
CA LEU D 1049 18.36 45.91 -11.03
C LEU D 1049 16.87 45.72 -11.12
N MET D 1050 16.41 44.77 -11.95
CA MET D 1050 14.97 44.59 -12.15
C MET D 1050 14.73 43.27 -12.85
N SER D 1051 13.48 42.81 -12.83
CA SER D 1051 13.11 41.60 -13.55
C SER D 1051 11.79 41.80 -14.27
N PHE D 1052 11.60 41.01 -15.34
CA PHE D 1052 10.38 41.03 -16.14
C PHE D 1052 9.85 39.61 -16.34
N PRO D 1053 8.61 39.30 -15.94
CA PRO D 1053 8.08 37.96 -16.21
C PRO D 1053 7.64 37.79 -17.66
N GLN D 1054 7.70 36.55 -18.13
CA GLN D 1054 7.11 36.16 -19.40
C GLN D 1054 6.41 34.82 -19.19
N SER D 1055 5.23 34.69 -19.78
CA SER D 1055 4.49 33.44 -19.73
C SER D 1055 5.13 32.40 -20.65
N ALA D 1056 5.08 31.13 -20.24
CA ALA D 1056 5.55 30.05 -21.10
C ALA D 1056 4.64 28.87 -20.84
N PRO D 1057 4.54 27.93 -21.80
CA PRO D 1057 3.71 26.74 -21.56
C PRO D 1057 4.13 26.01 -20.30
N HIS D 1058 3.16 25.78 -19.42
CA HIS D 1058 3.39 25.09 -18.16
C HIS D 1058 4.53 25.71 -17.34
N GLY D 1059 4.75 27.02 -17.47
CA GLY D 1059 5.84 27.60 -16.71
C GLY D 1059 5.99 29.09 -16.90
N VAL D 1060 7.07 29.60 -16.29
CA VAL D 1060 7.38 31.02 -16.29
C VAL D 1060 8.84 31.22 -16.68
N VAL D 1061 9.08 32.29 -17.42
CA VAL D 1061 10.41 32.72 -17.84
C VAL D 1061 10.67 34.08 -17.23
N PHE D 1062 11.79 34.25 -16.54
CA PHE D 1062 12.13 35.53 -15.95
C PHE D 1062 13.29 36.11 -16.71
N LEU D 1063 13.19 37.39 -17.05
CA LEU D 1063 14.28 38.13 -17.67
C LEU D 1063 14.87 38.98 -16.56
N HIS D 1064 16.12 38.72 -16.20
CA HIS D 1064 16.74 39.39 -15.07
C HIS D 1064 17.72 40.43 -15.62
N VAL D 1065 17.51 41.68 -15.25
CA VAL D 1065 18.31 42.81 -15.70
C VAL D 1065 19.23 43.14 -14.53
N THR D 1066 20.54 43.04 -14.77
CA THR D 1066 21.55 43.25 -13.75
C THR D 1066 22.64 44.21 -14.22
N TYR D 1067 23.29 44.81 -13.24
CA TYR D 1067 24.43 45.71 -13.43
C TYR D 1067 25.69 44.88 -13.25
N VAL D 1068 26.59 44.91 -14.24
CA VAL D 1068 27.83 44.14 -14.16
C VAL D 1068 29.02 45.06 -14.45
N PRO D 1069 30.04 45.14 -13.58
CA PRO D 1069 31.23 45.93 -13.92
C PRO D 1069 31.84 45.45 -15.23
N ALA D 1070 32.23 46.40 -16.09
CA ALA D 1070 32.74 46.08 -17.41
C ALA D 1070 34.23 46.36 -17.57
N GLN D 1071 34.74 47.44 -16.97
CA GLN D 1071 36.15 47.77 -17.13
C GLN D 1071 36.71 48.17 -15.78
N GLU D 1072 37.98 47.85 -15.54
CA GLU D 1072 38.65 48.15 -14.28
C GLU D 1072 40.03 48.74 -14.52
N LYS D 1073 40.49 49.52 -13.56
CA LYS D 1073 41.85 50.03 -13.51
C LYS D 1073 42.39 49.75 -12.12
N ASN D 1074 43.70 49.46 -12.02
CA ASN D 1074 44.33 49.23 -10.73
C ASN D 1074 44.81 50.54 -10.13
N PHE D 1075 44.48 50.76 -8.86
CA PHE D 1075 44.88 51.96 -8.14
C PHE D 1075 45.52 51.59 -6.81
N THR D 1076 46.38 52.48 -6.31
CA THR D 1076 46.93 52.31 -4.98
C THR D 1076 45.85 52.86 -4.04
N THR D 1077 45.69 52.25 -2.87
CA THR D 1077 44.70 52.71 -1.90
C THR D 1077 45.28 52.82 -0.50
N ALA D 1078 44.43 53.31 0.41
CA ALA D 1078 44.81 53.41 1.82
C ALA D 1078 43.53 53.37 2.67
N PRO D 1079 43.60 52.80 3.88
CA PRO D 1079 42.41 52.80 4.75
C PRO D 1079 42.01 54.15 5.31
N ALA D 1080 42.93 55.12 5.40
CA ALA D 1080 42.59 56.40 6.00
C ALA D 1080 43.63 57.42 5.57
N ILE D 1081 43.28 58.70 5.72
CA ILE D 1081 44.20 59.80 5.49
C ILE D 1081 44.58 60.46 6.81
N CYS D 1082 45.88 60.65 7.01
CA CYS D 1082 46.43 61.37 8.15
C CYS D 1082 46.70 62.82 7.72
N HIS D 1083 46.13 63.79 8.45
CA HIS D 1083 46.30 65.19 8.06
C HIS D 1083 46.80 66.06 9.21
N ASP D 1084 45.94 66.34 10.19
CA ASP D 1084 46.27 67.21 11.32
C ASP D 1084 46.50 66.41 12.59
N GLY D 1085 46.94 65.16 12.45
CA GLY D 1085 47.19 64.27 13.55
C GLY D 1085 46.05 63.30 13.80
N LYS D 1086 44.93 63.48 13.10
CA LYS D 1086 43.74 62.66 13.21
C LYS D 1086 43.64 61.74 12.00
N ALA D 1087 42.91 60.65 12.15
CA ALA D 1087 42.68 59.68 11.08
C ALA D 1087 41.33 59.95 10.41
N HIS D 1088 41.35 60.17 9.11
CA HIS D 1088 40.17 60.48 8.31
C HIS D 1088 39.78 59.26 7.49
N PHE D 1089 38.51 58.85 7.60
CA PHE D 1089 37.98 57.69 6.91
C PHE D 1089 36.90 58.14 5.95
N PRO D 1090 36.64 57.42 4.85
CA PRO D 1090 35.55 57.83 3.97
C PRO D 1090 34.20 57.67 4.64
N ARG D 1091 33.27 58.58 4.35
CA ARG D 1091 31.91 58.35 4.82
C ARG D 1091 31.31 57.24 3.97
N GLU D 1092 31.59 57.31 2.68
CA GLU D 1092 31.18 56.35 1.66
C GLU D 1092 32.38 56.27 0.74
N GLY D 1093 32.60 55.12 0.12
CA GLY D 1093 33.69 55.01 -0.82
C GLY D 1093 34.99 54.51 -0.24
N VAL D 1094 36.04 54.67 -1.04
CA VAL D 1094 37.38 54.20 -0.74
C VAL D 1094 38.40 55.25 -1.16
N PHE D 1095 39.50 55.37 -0.39
CA PHE D 1095 40.59 56.28 -0.75
C PHE D 1095 41.57 55.58 -1.67
N VAL D 1096 41.70 56.10 -2.90
CA VAL D 1096 42.62 55.61 -3.91
C VAL D 1096 43.45 56.79 -4.38
N SER D 1097 44.46 56.50 -5.21
CA SER D 1097 45.33 57.53 -5.75
C SER D 1097 45.53 57.34 -7.24
N ASN D 1098 45.70 58.47 -7.94
CA ASN D 1098 45.97 58.45 -9.38
C ASN D 1098 47.50 58.54 -9.60
N GLY D 1099 48.26 58.08 -8.60
CA GLY D 1099 49.70 58.18 -8.59
C GLY D 1099 50.20 59.33 -7.74
N THR D 1100 50.35 60.52 -8.33
CA THR D 1100 50.71 61.71 -7.56
C THR D 1100 49.60 62.30 -6.69
N HIS D 1101 48.31 61.96 -6.89
CA HIS D 1101 47.22 62.58 -6.13
C HIS D 1101 46.26 61.54 -5.59
N TRP D 1102 45.79 61.78 -4.35
CA TRP D 1102 44.78 60.97 -3.69
C TRP D 1102 43.37 61.53 -3.88
N PHE D 1103 42.44 60.62 -4.16
CA PHE D 1103 41.02 60.92 -4.36
C PHE D 1103 40.22 59.87 -3.61
N VAL D 1104 38.96 60.19 -3.34
CA VAL D 1104 38.01 59.23 -2.75
C VAL D 1104 36.95 58.96 -3.82
N THR D 1105 36.65 57.67 -4.03
CA THR D 1105 35.71 57.24 -5.03
C THR D 1105 34.61 56.38 -4.44
N GLN D 1106 33.48 56.31 -5.12
CA GLN D 1106 32.45 55.36 -4.74
C GLN D 1106 33.00 53.96 -5.03
N ARG D 1107 32.51 52.97 -4.27
CA ARG D 1107 33.10 51.65 -4.36
C ARG D 1107 32.79 50.91 -5.65
N ASN D 1108 31.60 51.11 -6.25
CA ASN D 1108 31.21 50.35 -7.43
C ASN D 1108 31.40 51.10 -8.74
N PHE D 1109 32.03 52.28 -8.73
CA PHE D 1109 32.21 53.04 -9.96
C PHE D 1109 33.32 54.05 -9.73
N TYR D 1110 34.26 54.15 -10.67
CA TYR D 1110 35.38 55.07 -10.49
C TYR D 1110 34.93 56.49 -10.82
N GLU D 1111 34.94 57.35 -9.81
CA GLU D 1111 34.53 58.75 -9.94
C GLU D 1111 35.34 59.56 -8.96
N PRO D 1112 36.58 59.95 -9.32
CA PRO D 1112 37.43 60.62 -8.33
C PRO D 1112 36.91 62.00 -7.95
N GLN D 1113 36.96 62.26 -6.64
CA GLN D 1113 36.59 63.53 -6.06
C GLN D 1113 37.67 63.98 -5.09
N ILE D 1114 37.74 65.28 -4.88
CA ILE D 1114 38.69 65.84 -3.93
C ILE D 1114 38.31 65.35 -2.53
N ILE D 1115 39.32 64.96 -1.75
CA ILE D 1115 39.09 64.49 -0.39
C ILE D 1115 38.84 65.73 0.48
N THR D 1116 37.68 65.77 1.12
CA THR D 1116 37.24 66.92 1.90
C THR D 1116 36.67 66.46 3.23
N THR D 1117 36.40 67.44 4.10
CA THR D 1117 35.81 67.15 5.41
C THR D 1117 34.35 66.73 5.35
N ASP D 1118 33.63 67.06 4.28
CA ASP D 1118 32.26 66.57 4.13
C ASP D 1118 32.19 65.18 3.51
N ASN D 1119 33.24 64.74 2.81
CA ASN D 1119 33.26 63.41 2.24
C ASN D 1119 33.73 62.37 3.25
N THR D 1120 34.55 62.78 4.22
CA THR D 1120 35.14 61.92 5.23
C THR D 1120 34.59 62.23 6.62
N PHE D 1121 34.90 61.31 7.55
CA PHE D 1121 34.61 61.47 8.97
C PHE D 1121 35.92 61.22 9.70
N VAL D 1122 36.03 61.73 10.92
CA VAL D 1122 37.26 61.63 11.71
C VAL D 1122 37.00 60.79 12.96
N SER D 1123 37.87 59.80 13.18
CA SER D 1123 37.80 58.96 14.36
C SER D 1123 39.19 58.43 14.70
N GLY D 1124 39.72 58.82 15.86
CA GLY D 1124 41.04 58.38 16.27
C GLY D 1124 42.19 59.21 15.71
N ASN D 1125 43.40 58.86 16.17
CA ASN D 1125 44.62 59.53 15.77
C ASN D 1125 45.28 58.81 14.60
N CYS D 1126 46.40 59.36 14.12
CA CYS D 1126 47.15 58.76 13.01
C CYS D 1126 47.97 57.54 13.39
N ASP D 1127 48.08 57.19 14.68
CA ASP D 1127 48.95 56.08 15.08
C ASP D 1127 48.24 54.73 15.13
N VAL D 1128 46.95 54.71 15.45
CA VAL D 1128 46.23 53.47 15.62
C VAL D 1128 45.96 52.74 14.30
N VAL D 1129 45.71 53.47 13.21
CA VAL D 1129 45.38 52.83 11.94
C VAL D 1129 46.65 52.37 11.23
N ILE D 1130 46.64 51.11 10.78
CA ILE D 1130 47.74 50.52 10.05
C ILE D 1130 47.69 50.96 8.60
N GLY D 1131 48.80 51.50 8.09
CA GLY D 1131 48.87 51.93 6.70
C GLY D 1131 48.27 53.28 6.37
N ILE D 1132 48.17 54.19 7.34
CA ILE D 1132 47.61 55.51 7.07
C ILE D 1132 48.65 56.33 6.30
N VAL D 1133 48.17 57.17 5.37
CA VAL D 1133 49.07 57.99 4.56
C VAL D 1133 48.84 59.48 4.81
N ASN D 1134 49.91 60.25 4.59
CA ASN D 1134 49.97 61.68 4.89
C ASN D 1134 49.49 62.53 3.71
N ASN D 1135 48.18 62.53 3.47
CA ASN D 1135 47.61 63.38 2.43
C ASN D 1135 47.06 64.66 3.07
N THR D 1136 46.52 65.54 2.22
CA THR D 1136 45.90 66.78 2.63
C THR D 1136 44.39 66.65 2.46
N VAL D 1137 43.65 67.07 3.49
CA VAL D 1137 42.19 67.06 3.49
C VAL D 1137 41.71 68.50 3.34
N TYR D 1138 40.98 68.77 2.27
CA TYR D 1138 40.55 70.12 1.94
C TYR D 1138 39.35 70.52 2.78
N ASP D 1139 39.43 71.68 3.41
CA ASP D 1139 38.35 72.22 4.22
C ASP D 1139 37.53 73.19 3.37
N PRO D 1140 36.28 72.86 2.98
CA PRO D 1140 35.53 73.75 2.09
C PRO D 1140 35.20 75.10 2.69
N LEU D 1141 35.36 75.28 4.01
CA LEU D 1141 35.07 76.55 4.63
C LEU D 1141 36.21 77.55 4.47
N GLN D 1142 37.44 77.06 4.29
CA GLN D 1142 38.62 77.92 4.24
C GLN D 1142 38.50 79.09 3.25
N PRO D 1143 38.02 78.92 2.02
CA PRO D 1143 37.94 80.08 1.11
C PRO D 1143 37.06 81.20 1.63
N GLU D 1144 36.14 80.91 2.55
CA GLU D 1144 35.25 81.92 3.11
C GLU D 1144 35.88 82.64 4.29
N LEU D 1145 36.71 81.95 5.08
CA LEU D 1145 37.33 82.57 6.24
C LEU D 1145 38.30 83.66 5.82
N ASP D 1146 38.94 83.50 4.67
CA ASP D 1146 39.86 84.52 4.17
C ASP D 1146 39.14 85.80 3.77
N SER D 1147 37.82 85.75 3.56
CA SER D 1147 37.05 86.90 3.10
C SER D 1147 36.49 87.67 4.29
N THR E 22 -68.74 -3.22 -10.34
CA THR E 22 -67.89 -2.05 -10.19
C THR E 22 -66.54 -2.34 -10.82
N GLN E 23 -66.33 -1.81 -12.03
CA GLN E 23 -65.07 -1.95 -12.75
C GLN E 23 -64.21 -0.73 -12.42
N LEU E 24 -63.00 -0.98 -11.83
CA LEU E 24 -62.09 0.10 -11.45
C LEU E 24 -60.98 0.25 -12.49
N PRO E 25 -60.47 1.47 -12.73
CA PRO E 25 -59.28 1.60 -13.59
C PRO E 25 -58.01 1.32 -12.83
N PRO E 26 -56.90 1.02 -13.52
CA PRO E 26 -55.59 1.07 -12.87
C PRO E 26 -55.26 2.48 -12.39
N ALA E 27 -54.48 2.55 -11.31
CA ALA E 27 -54.03 3.83 -10.76
C ALA E 27 -52.65 3.64 -10.15
N TYR E 28 -51.87 4.72 -10.16
CA TYR E 28 -50.50 4.70 -9.67
C TYR E 28 -50.23 5.95 -8.84
N THR E 29 -49.27 5.85 -7.92
CA THR E 29 -48.80 6.99 -7.15
C THR E 29 -47.28 6.88 -6.99
N ASN E 30 -46.72 7.73 -6.13
CA ASN E 30 -45.28 7.77 -5.88
C ASN E 30 -44.96 7.23 -4.49
N SER E 31 -43.79 6.59 -4.38
CA SER E 31 -43.27 6.08 -3.12
C SER E 31 -42.73 7.16 -2.19
N PHE E 32 -42.42 8.35 -2.70
CA PHE E 32 -41.84 9.42 -1.89
C PHE E 32 -40.56 8.94 -1.19
N THR E 33 -40.51 8.84 0.15
CA THR E 33 -39.32 8.42 0.88
C THR E 33 -39.54 7.13 1.67
N ARG E 34 -40.59 6.37 1.36
CA ARG E 34 -40.88 5.13 2.06
C ARG E 34 -40.20 3.95 1.38
N GLY E 35 -40.07 2.86 2.12
CA GLY E 35 -39.52 1.62 1.62
C GLY E 35 -38.15 1.30 2.16
N VAL E 36 -37.60 2.13 3.08
CA VAL E 36 -36.33 1.89 3.72
C VAL E 36 -36.57 1.00 4.94
N TYR E 37 -35.67 0.05 5.15
CA TYR E 37 -35.74 -0.90 6.24
C TYR E 37 -34.33 -1.13 6.76
N TYR E 38 -34.23 -1.63 7.98
CA TYR E 38 -32.91 -1.90 8.54
C TYR E 38 -32.30 -3.07 7.78
N PRO E 39 -31.21 -2.90 7.03
CA PRO E 39 -30.71 -4.03 6.23
C PRO E 39 -30.06 -5.12 7.06
N ASP E 40 -29.72 -4.83 8.31
CA ASP E 40 -29.02 -5.77 9.17
C ASP E 40 -29.41 -5.47 10.61
N LYS E 41 -28.85 -6.24 11.53
CA LYS E 41 -29.12 -6.15 12.96
C LYS E 41 -27.93 -5.52 13.68
N VAL E 42 -27.22 -4.63 12.99
CA VAL E 42 -26.06 -3.95 13.52
C VAL E 42 -26.50 -2.61 14.10
N PHE E 43 -26.04 -2.32 15.31
CA PHE E 43 -26.28 -1.04 15.97
C PHE E 43 -25.22 -0.02 15.60
N ARG E 44 -25.66 1.17 15.19
CA ARG E 44 -24.77 2.25 14.83
C ARG E 44 -25.28 3.48 15.54
N SER E 45 -24.40 4.45 15.82
CA SER E 45 -24.82 5.67 16.51
C SER E 45 -24.20 6.92 15.92
N SER E 46 -25.08 7.83 15.47
CA SER E 46 -24.69 9.11 14.87
C SER E 46 -23.69 8.97 13.72
N VAL E 47 -23.96 8.03 12.81
CA VAL E 47 -23.11 7.83 11.64
C VAL E 47 -23.98 7.79 10.40
N LEU E 48 -23.34 7.98 9.26
CA LEU E 48 -23.96 7.79 7.95
C LEU E 48 -23.35 6.53 7.35
N HIS E 49 -24.17 5.53 7.06
CA HIS E 49 -23.69 4.24 6.58
C HIS E 49 -24.18 3.99 5.15
N SER E 50 -23.24 3.74 4.25
CA SER E 50 -23.53 3.47 2.86
C SER E 50 -23.68 1.96 2.68
N THR E 51 -24.82 1.51 2.18
CA THR E 51 -25.09 0.08 2.02
C THR E 51 -25.78 -0.17 0.69
N GLN E 52 -25.55 -1.37 0.14
CA GLN E 52 -26.18 -1.81 -1.09
C GLN E 52 -27.08 -2.99 -0.79
N ASP E 53 -28.36 -2.86 -1.14
CA ASP E 53 -29.33 -3.92 -0.87
C ASP E 53 -30.50 -3.69 -1.81
N LEU E 54 -31.52 -4.55 -1.71
CA LEU E 54 -32.73 -4.37 -2.48
C LEU E 54 -33.64 -3.41 -1.74
N PHE E 55 -33.89 -2.25 -2.36
CA PHE E 55 -34.69 -1.19 -1.77
C PHE E 55 -35.66 -0.62 -2.78
N LEU E 56 -36.80 -0.16 -2.30
CA LEU E 56 -37.74 0.52 -3.16
C LEU E 56 -37.13 1.86 -3.53
N PRO E 57 -36.97 2.22 -4.81
CA PRO E 57 -36.39 3.53 -5.12
C PRO E 57 -37.29 4.65 -4.62
N PHE E 58 -36.68 5.78 -4.27
CA PHE E 58 -37.46 6.93 -3.83
C PHE E 58 -38.24 7.50 -5.00
N PHE E 59 -39.48 7.89 -4.74
CA PHE E 59 -40.41 8.44 -5.73
C PHE E 59 -40.72 7.42 -6.84
N SER E 60 -40.47 6.13 -6.57
CA SER E 60 -40.79 5.08 -7.53
C SER E 60 -42.29 5.01 -7.75
N ASN E 61 -42.68 4.58 -8.94
CA ASN E 61 -44.09 4.41 -9.24
C ASN E 61 -44.61 3.17 -8.50
N VAL E 62 -45.63 3.36 -7.67
CA VAL E 62 -46.22 2.33 -6.84
C VAL E 62 -47.66 2.13 -7.30
N THR E 63 -48.05 0.88 -7.57
CA THR E 63 -49.39 0.63 -8.07
C THR E 63 -50.40 0.67 -6.92
N TRP E 64 -51.49 1.41 -7.13
CA TRP E 64 -52.55 1.59 -6.15
C TRP E 64 -53.76 0.71 -6.45
N PHE E 65 -54.10 -0.18 -5.51
CA PHE E 65 -55.23 -1.09 -5.61
C PHE E 65 -56.24 -0.75 -4.52
N HIS E 66 -57.49 -1.18 -4.74
CA HIS E 66 -58.58 -0.92 -3.81
C HIS E 66 -59.85 -1.58 -4.31
N PHE E 79 -62.34 -4.11 -3.86
CA PHE E 79 -62.76 -4.79 -5.08
C PHE E 79 -61.57 -5.27 -5.91
N ASP E 80 -60.39 -5.38 -5.29
CA ASP E 80 -59.16 -5.74 -5.99
C ASP E 80 -58.40 -6.82 -5.24
N ASN E 81 -58.29 -8.01 -5.85
CA ASN E 81 -57.48 -9.09 -5.31
C ASN E 81 -56.68 -9.77 -6.43
N PRO E 82 -55.94 -9.03 -7.25
CA PRO E 82 -55.21 -9.66 -8.35
C PRO E 82 -53.98 -10.41 -7.88
N VAL E 83 -53.51 -11.31 -8.74
CA VAL E 83 -52.23 -11.98 -8.54
C VAL E 83 -51.17 -11.12 -9.20
N LEU E 84 -50.14 -10.74 -8.44
CA LEU E 84 -49.07 -9.87 -8.87
C LEU E 84 -47.73 -10.61 -8.90
N PRO E 85 -46.78 -10.18 -9.71
CA PRO E 85 -45.44 -10.81 -9.67
C PRO E 85 -44.72 -10.44 -8.38
N PHE E 86 -43.78 -11.29 -7.98
CA PHE E 86 -42.94 -11.03 -6.81
C PHE E 86 -41.61 -10.39 -7.18
N ASN E 87 -41.03 -10.74 -8.32
CA ASN E 87 -39.73 -10.27 -8.78
C ASN E 87 -38.62 -10.48 -7.74
N ASP E 88 -37.93 -9.41 -7.31
CA ASP E 88 -36.81 -9.51 -6.37
C ASP E 88 -37.27 -9.44 -4.92
N GLY E 89 -38.39 -8.75 -4.67
CA GLY E 89 -38.96 -8.58 -3.35
C GLY E 89 -40.10 -7.61 -3.51
N VAL E 90 -40.98 -7.52 -2.52
CA VAL E 90 -42.18 -6.69 -2.63
C VAL E 90 -42.30 -5.73 -1.47
N TYR E 91 -42.61 -4.47 -1.78
CA TYR E 91 -42.97 -3.47 -0.80
C TYR E 91 -44.49 -3.41 -0.83
N PHE E 92 -45.11 -3.61 0.31
CA PHE E 92 -46.56 -3.64 0.43
C PHE E 92 -46.96 -2.65 1.51
N ALA E 93 -48.01 -1.89 1.26
CA ALA E 93 -48.50 -0.97 2.29
C ALA E 93 -50.01 -0.87 2.18
N SER E 94 -50.64 -0.55 3.31
CA SER E 94 -52.07 -0.32 3.32
C SER E 94 -52.40 0.80 4.30
N THR E 95 -53.52 1.47 4.03
CA THR E 95 -54.00 2.59 4.84
C THR E 95 -55.44 2.25 5.19
N GLU E 96 -55.67 1.64 6.35
CA GLU E 96 -56.99 1.17 6.71
C GLU E 96 -57.32 1.42 8.17
N LYS E 97 -58.62 1.57 8.43
CA LYS E 97 -59.17 1.68 9.76
C LYS E 97 -60.17 0.57 10.06
N SER E 98 -60.48 -0.28 9.07
CA SER E 98 -61.52 -1.30 9.16
C SER E 98 -61.00 -2.74 9.17
N ASN E 99 -59.69 -2.98 9.28
CA ASN E 99 -59.12 -4.33 9.36
C ASN E 99 -59.58 -5.24 8.21
N ILE E 100 -59.53 -4.73 6.98
CA ILE E 100 -59.96 -5.51 5.81
C ILE E 100 -58.82 -6.36 5.24
N ILE E 101 -57.61 -5.84 5.10
CA ILE E 101 -56.52 -6.65 4.56
C ILE E 101 -55.99 -7.53 5.69
N ARG E 102 -56.03 -8.85 5.49
CA ARG E 102 -55.64 -9.80 6.50
C ARG E 102 -54.52 -10.77 6.13
N GLY E 103 -54.08 -10.84 4.88
CA GLY E 103 -53.03 -11.83 4.65
C GLY E 103 -52.52 -11.87 3.23
N TRP E 104 -51.58 -12.77 3.01
CA TRP E 104 -50.93 -12.93 1.72
C TRP E 104 -50.71 -14.41 1.38
N ILE E 105 -50.72 -14.67 0.07
CA ILE E 105 -50.35 -15.95 -0.52
C ILE E 105 -49.10 -15.70 -1.34
N PHE E 106 -48.03 -16.46 -1.11
CA PHE E 106 -46.81 -16.35 -1.90
C PHE E 106 -46.49 -17.70 -2.52
N GLY E 107 -46.01 -17.71 -3.76
CA GLY E 107 -45.60 -18.97 -4.35
C GLY E 107 -45.18 -18.83 -5.79
N THR E 108 -44.86 -19.98 -6.40
CA THR E 108 -44.43 -20.03 -7.80
C THR E 108 -45.60 -20.16 -8.76
N THR E 109 -46.54 -21.09 -8.49
CA THR E 109 -47.69 -21.33 -9.35
C THR E 109 -49.02 -21.23 -8.63
N LEU E 110 -49.07 -21.55 -7.33
CA LEU E 110 -50.31 -21.55 -6.56
C LEU E 110 -51.35 -22.54 -7.10
N ASP E 111 -50.90 -23.60 -7.79
CA ASP E 111 -51.81 -24.57 -8.41
C ASP E 111 -51.74 -25.97 -7.81
N SER E 112 -51.25 -26.13 -6.58
CA SER E 112 -51.11 -27.40 -5.87
C SER E 112 -49.96 -28.27 -6.38
N LYS E 113 -49.24 -27.86 -7.43
CA LYS E 113 -48.17 -28.66 -7.98
C LYS E 113 -46.85 -28.42 -7.26
N THR E 114 -46.68 -27.26 -6.63
CA THR E 114 -45.48 -26.92 -5.89
C THR E 114 -45.90 -26.22 -4.61
N GLN E 115 -44.92 -25.96 -3.74
CA GLN E 115 -45.20 -25.42 -2.42
C GLN E 115 -45.43 -23.90 -2.47
N SER E 116 -46.34 -23.45 -1.60
CA SER E 116 -46.65 -22.05 -1.42
C SER E 116 -46.75 -21.72 0.07
N LEU E 117 -46.45 -20.47 0.39
CA LEU E 117 -46.48 -19.93 1.75
C LEU E 117 -47.75 -19.12 1.98
N LEU E 118 -48.57 -19.54 2.94
CA LEU E 118 -49.83 -18.88 3.27
C LEU E 118 -49.68 -18.20 4.63
N ILE E 119 -49.83 -16.86 4.66
CA ILE E 119 -49.73 -16.06 5.89
C ILE E 119 -51.08 -15.38 6.06
N VAL E 120 -51.89 -15.82 7.04
CA VAL E 120 -53.22 -15.24 7.21
C VAL E 120 -53.50 -14.88 8.66
N ASN E 121 -53.99 -13.67 8.88
CA ASN E 121 -54.48 -13.20 10.17
C ASN E 121 -55.97 -13.53 10.20
N ASN E 122 -56.37 -14.46 11.08
CA ASN E 122 -57.73 -14.94 11.14
C ASN E 122 -58.60 -14.20 12.16
N ALA E 123 -58.09 -13.11 12.74
CA ALA E 123 -58.75 -12.33 13.78
C ALA E 123 -58.93 -13.12 15.07
N THR E 124 -58.27 -14.27 15.19
CA THR E 124 -58.26 -15.15 16.34
C THR E 124 -56.78 -15.33 16.67
N ASN E 125 -56.03 -15.74 15.64
CA ASN E 125 -54.60 -15.99 15.69
C ASN E 125 -54.04 -15.66 14.31
N VAL E 126 -52.72 -15.82 14.17
CA VAL E 126 -52.05 -15.62 12.89
C VAL E 126 -51.43 -16.96 12.53
N VAL E 127 -51.74 -17.47 11.34
CA VAL E 127 -51.30 -18.77 10.88
C VAL E 127 -50.38 -18.61 9.68
N ILE E 128 -49.20 -19.20 9.78
CA ILE E 128 -48.19 -19.23 8.72
C ILE E 128 -47.93 -20.70 8.43
N LYS E 129 -48.16 -21.13 7.20
CA LYS E 129 -47.89 -22.52 6.84
C LYS E 129 -47.48 -22.62 5.39
N VAL E 130 -46.67 -23.63 5.08
CA VAL E 130 -46.19 -23.87 3.72
C VAL E 130 -46.64 -25.24 3.24
N CYS E 131 -47.42 -25.26 2.16
CA CYS E 131 -48.03 -26.46 1.60
C CYS E 131 -48.25 -26.32 0.11
N GLU E 132 -48.46 -27.47 -0.53
CA GLU E 132 -48.86 -27.56 -1.94
C GLU E 132 -50.38 -27.42 -2.03
N PHE E 133 -50.87 -26.22 -1.74
CA PHE E 133 -52.30 -25.97 -1.70
C PHE E 133 -52.87 -25.73 -3.09
N GLN E 134 -54.11 -26.15 -3.29
CA GLN E 134 -54.85 -25.85 -4.50
C GLN E 134 -55.63 -24.60 -4.13
N PHE E 135 -55.21 -23.45 -4.63
CA PHE E 135 -55.84 -22.21 -4.23
C PHE E 135 -57.09 -21.91 -5.04
N CYS E 136 -58.00 -21.17 -4.41
CA CYS E 136 -59.20 -20.69 -5.06
C CYS E 136 -58.86 -19.59 -6.06
N ASN E 137 -59.69 -19.46 -7.08
CA ASN E 137 -59.47 -18.43 -8.09
C ASN E 137 -60.12 -17.10 -7.70
N ASP E 138 -60.68 -17.02 -6.49
CA ASP E 138 -61.24 -15.80 -5.93
C ASP E 138 -61.22 -15.95 -4.41
N PRO E 139 -60.02 -16.02 -3.80
CA PRO E 139 -59.97 -16.24 -2.35
C PRO E 139 -60.39 -15.00 -1.58
N PHE E 140 -61.06 -15.21 -0.46
CA PHE E 140 -61.42 -14.10 0.42
C PHE E 140 -61.81 -14.60 1.80
N LEU E 141 -61.89 -13.66 2.72
CA LEU E 141 -62.35 -13.85 4.09
C LEU E 141 -63.61 -13.01 4.30
N GLY E 142 -64.34 -13.30 5.37
CA GLY E 142 -65.47 -12.43 5.68
C GLY E 142 -66.04 -12.74 7.04
N VAL E 143 -67.02 -11.92 7.43
CA VAL E 143 -67.66 -12.02 8.73
C VAL E 143 -69.13 -11.63 8.61
N GLU E 154 -65.23 -13.58 12.26
CA GLU E 154 -65.05 -14.35 11.04
C GLU E 154 -66.23 -15.30 10.85
N SER E 155 -66.77 -15.34 9.63
CA SER E 155 -67.85 -16.23 9.25
C SER E 155 -67.50 -17.20 8.12
N GLU E 156 -66.49 -16.89 7.31
CA GLU E 156 -66.13 -17.74 6.20
C GLU E 156 -64.63 -17.65 5.96
N PHE E 157 -64.01 -18.79 5.65
CA PHE E 157 -62.61 -18.86 5.26
C PHE E 157 -62.55 -19.80 4.05
N ARG E 158 -62.14 -19.27 2.89
CA ARG E 158 -61.99 -20.08 1.70
C ARG E 158 -60.51 -20.25 1.43
N VAL E 159 -59.85 -19.31 0.75
CA VAL E 159 -58.41 -19.26 0.52
C VAL E 159 -57.93 -20.41 -0.36
N TYR E 160 -58.16 -21.65 0.08
CA TYR E 160 -57.71 -22.84 -0.64
C TYR E 160 -58.75 -23.94 -0.49
N SER E 161 -58.66 -24.93 -1.39
CA SER E 161 -59.53 -26.10 -1.37
C SER E 161 -58.81 -27.28 -0.73
N SER E 162 -58.00 -27.98 -1.52
CA SER E 162 -57.20 -29.11 -1.04
C SER E 162 -55.97 -28.61 -0.30
N ALA E 163 -55.37 -29.51 0.49
CA ALA E 163 -54.15 -29.22 1.23
C ALA E 163 -53.20 -30.40 1.08
N ASN E 164 -52.01 -30.26 1.69
CA ASN E 164 -50.91 -31.20 1.48
C ASN E 164 -50.08 -31.26 2.76
N ASN E 165 -48.98 -32.00 2.69
CA ASN E 165 -48.08 -32.20 3.83
C ASN E 165 -47.22 -30.96 4.03
N CYS E 166 -47.54 -30.13 5.04
CA CYS E 166 -46.78 -28.89 5.23
C CYS E 166 -45.43 -29.15 5.87
N THR E 167 -44.45 -28.36 5.45
CA THR E 167 -43.12 -28.44 6.03
C THR E 167 -43.15 -28.05 7.51
N PHE E 168 -43.86 -26.96 7.82
CA PHE E 168 -44.00 -26.50 9.18
C PHE E 168 -45.27 -25.66 9.26
N GLU E 169 -45.74 -25.44 10.49
CA GLU E 169 -46.85 -24.53 10.73
C GLU E 169 -46.58 -23.75 12.01
N TYR E 170 -46.81 -22.44 11.95
CA TYR E 170 -46.72 -21.55 13.10
C TYR E 170 -48.07 -20.90 13.33
N VAL E 171 -48.53 -20.90 14.58
CA VAL E 171 -49.77 -20.26 14.96
C VAL E 171 -49.46 -19.34 16.14
N SER E 172 -49.85 -18.08 16.03
CA SER E 172 -49.62 -17.10 17.06
C SER E 172 -50.61 -17.29 18.22
N GLN E 173 -50.34 -16.59 19.31
CA GLN E 173 -51.19 -16.69 20.48
C GLN E 173 -52.58 -16.14 20.18
N PRO E 174 -53.64 -16.66 20.81
CA PRO E 174 -54.97 -16.14 20.52
C PRO E 174 -55.13 -14.68 20.92
N PHE E 175 -56.01 -13.98 20.21
CA PHE E 175 -56.30 -12.57 20.48
C PHE E 175 -57.72 -12.25 20.01
N ASN E 185 -61.22 9.26 6.66
CA ASN E 185 -59.82 9.00 6.39
C ASN E 185 -59.48 7.61 6.92
N PHE E 186 -58.19 7.32 7.13
CA PHE E 186 -57.75 6.05 7.68
C PHE E 186 -56.88 6.32 8.90
N LYS E 187 -56.91 5.40 9.86
CA LYS E 187 -56.16 5.55 11.10
C LYS E 187 -54.89 4.70 11.20
N ASN E 188 -54.74 3.64 10.40
CA ASN E 188 -53.60 2.74 10.56
C ASN E 188 -52.89 2.47 9.24
N LEU E 189 -51.62 2.88 9.16
CA LEU E 189 -50.76 2.62 8.01
C LEU E 189 -49.91 1.42 8.38
N ARG E 190 -49.99 0.36 7.60
CA ARG E 190 -49.20 -0.84 7.83
C ARG E 190 -48.30 -1.01 6.62
N GLU E 191 -46.99 -1.11 6.85
CA GLU E 191 -46.00 -1.25 5.80
C GLU E 191 -45.25 -2.55 6.04
N PHE E 192 -45.01 -3.29 4.95
CA PHE E 192 -44.28 -4.54 4.99
C PHE E 192 -43.31 -4.60 3.81
N VAL E 193 -42.16 -5.24 4.05
CA VAL E 193 -41.21 -5.60 3.00
C VAL E 193 -41.01 -7.11 3.06
N PHE E 194 -41.23 -7.77 1.93
CA PHE E 194 -41.13 -9.22 1.79
C PHE E 194 -39.95 -9.55 0.87
N LYS E 195 -38.98 -10.32 1.39
CA LYS E 195 -37.82 -10.74 0.61
C LYS E 195 -37.63 -12.25 0.73
N ASN E 196 -37.14 -12.86 -0.35
CA ASN E 196 -36.81 -14.29 -0.39
C ASN E 196 -35.31 -14.41 -0.70
N ILE E 197 -34.49 -14.61 0.34
CA ILE E 197 -33.03 -14.60 0.20
C ILE E 197 -32.47 -15.93 0.70
N ASP E 198 -31.82 -16.67 -0.22
CA ASP E 198 -31.17 -17.95 0.07
C ASP E 198 -32.06 -18.93 0.81
N GLY E 199 -33.34 -18.98 0.44
CA GLY E 199 -34.26 -19.91 1.06
C GLY E 199 -35.00 -19.37 2.26
N TYR E 200 -34.62 -18.20 2.76
CA TYR E 200 -35.27 -17.60 3.92
C TYR E 200 -36.24 -16.53 3.44
N PHE E 201 -37.42 -16.50 4.05
CA PHE E 201 -38.42 -15.50 3.73
C PHE E 201 -38.40 -14.49 4.87
N LYS E 202 -37.93 -13.30 4.57
CA LYS E 202 -37.71 -12.25 5.56
C LYS E 202 -38.84 -11.25 5.43
N ILE E 203 -39.42 -10.85 6.58
CA ILE E 203 -40.48 -9.86 6.60
C ILE E 203 -40.05 -8.75 7.55
N TYR E 204 -40.13 -7.51 7.07
CA TYR E 204 -39.87 -6.30 7.83
C TYR E 204 -41.19 -5.56 7.88
N SER E 205 -41.47 -4.82 8.97
CA SER E 205 -42.73 -4.09 8.99
C SER E 205 -42.72 -2.90 9.95
N LYS E 206 -43.71 -2.03 9.76
CA LYS E 206 -43.96 -0.88 10.63
C LYS E 206 -45.45 -0.55 10.63
N HIS E 207 -45.96 -0.14 11.80
CA HIS E 207 -47.33 0.36 11.97
C HIS E 207 -47.28 1.82 12.40
N THR E 208 -47.76 2.72 11.53
CA THR E 208 -47.73 4.17 11.76
C THR E 208 -49.15 4.76 11.81
N PRO E 209 -49.52 5.49 12.87
CA PRO E 209 -50.82 6.19 12.83
C PRO E 209 -50.85 7.23 11.70
N ILE E 210 -51.95 7.27 10.95
CA ILE E 210 -52.11 8.25 9.86
C ILE E 210 -53.48 8.91 9.93
N ASN E 211 -53.61 10.02 9.17
CA ASN E 211 -54.88 10.72 8.94
C ASN E 211 -54.98 11.16 7.47
N LEU E 212 -55.21 10.22 6.55
CA LEU E 212 -55.21 10.55 5.13
C LEU E 212 -56.05 9.52 4.39
N VAL E 213 -57.01 10.01 3.59
CA VAL E 213 -57.91 9.15 2.82
C VAL E 213 -57.38 8.78 1.42
N ARG E 214 -56.76 9.71 0.70
CA ARG E 214 -56.47 9.47 -0.72
C ARG E 214 -55.16 8.76 -1.04
N ASP E 215 -54.10 8.93 -0.25
CA ASP E 215 -52.80 8.43 -0.68
C ASP E 215 -51.92 8.11 0.53
N LEU E 216 -50.71 7.66 0.25
CA LEU E 216 -49.73 7.44 1.29
C LEU E 216 -49.27 8.79 1.85
N PRO E 217 -49.17 8.96 3.17
CA PRO E 217 -48.66 10.24 3.67
C PRO E 217 -47.18 10.35 3.40
N GLN E 218 -46.71 11.59 3.28
CA GLN E 218 -45.29 11.81 3.07
C GLN E 218 -44.57 11.85 4.41
N GLY E 219 -43.31 11.46 4.38
CA GLY E 219 -42.47 11.44 5.55
C GLY E 219 -41.50 10.28 5.43
N PHE E 220 -40.68 10.11 6.45
CA PHE E 220 -39.68 9.05 6.45
C PHE E 220 -39.77 8.27 7.75
N SER E 221 -39.74 6.95 7.64
CA SER E 221 -39.71 6.03 8.76
C SER E 221 -39.12 4.73 8.24
N ALA E 222 -38.22 4.14 9.00
CA ALA E 222 -37.61 2.88 8.58
C ALA E 222 -38.37 1.71 9.18
N LEU E 223 -38.52 0.66 8.37
CA LEU E 223 -39.20 -0.54 8.80
C LEU E 223 -38.23 -1.42 9.57
N GLU E 224 -38.76 -2.15 10.57
CA GLU E 224 -37.93 -2.99 11.41
C GLU E 224 -38.17 -4.47 11.08
N PRO E 225 -37.17 -5.33 11.22
CA PRO E 225 -37.39 -6.76 10.92
C PRO E 225 -38.45 -7.36 11.81
N LEU E 226 -39.31 -8.19 11.22
CA LEU E 226 -40.38 -8.86 11.94
C LEU E 226 -40.09 -10.34 12.08
N VAL E 227 -39.97 -11.07 10.96
CA VAL E 227 -39.65 -12.49 11.00
C VAL E 227 -38.60 -12.84 9.96
N ASP E 228 -37.96 -13.99 10.18
CA ASP E 228 -37.00 -14.60 9.25
C ASP E 228 -37.34 -16.09 9.23
N LEU E 229 -38.16 -16.52 8.24
CA LEU E 229 -38.71 -17.86 8.22
C LEU E 229 -37.90 -18.78 7.31
N PRO E 230 -37.46 -19.99 7.77
CA PRO E 230 -36.69 -20.91 6.88
C PRO E 230 -37.61 -21.66 5.91
N ILE E 231 -38.00 -21.00 4.82
CA ILE E 231 -39.02 -21.57 3.94
C ILE E 231 -38.41 -22.48 2.90
N GLY E 232 -37.38 -22.04 2.18
CA GLY E 232 -36.78 -22.90 1.17
C GLY E 232 -37.47 -23.09 -0.17
N ILE E 233 -38.35 -22.17 -0.61
CA ILE E 233 -39.05 -22.33 -1.88
C ILE E 233 -38.81 -21.08 -2.72
N ASN E 234 -39.05 -21.22 -4.02
CA ASN E 234 -38.99 -20.08 -4.92
C ASN E 234 -40.35 -19.40 -4.89
N ILE E 235 -40.34 -18.06 -4.85
CA ILE E 235 -41.54 -17.25 -4.91
C ILE E 235 -41.46 -16.32 -6.11
N THR E 236 -42.45 -16.42 -7.00
CA THR E 236 -42.50 -15.61 -8.22
C THR E 236 -43.75 -14.75 -8.29
N ARG E 237 -44.82 -15.10 -7.56
CA ARG E 237 -46.07 -14.38 -7.60
C ARG E 237 -46.69 -14.39 -6.21
N PHE E 238 -47.60 -13.44 -5.97
CA PHE E 238 -48.32 -13.41 -4.71
C PHE E 238 -49.71 -12.81 -4.93
N GLN E 239 -50.58 -13.05 -3.95
CA GLN E 239 -51.94 -12.54 -3.95
C GLN E 239 -52.30 -12.01 -2.57
N THR E 240 -53.01 -10.89 -2.54
CA THR E 240 -53.42 -10.27 -1.28
C THR E 240 -54.79 -10.79 -0.87
N LEU E 241 -54.93 -11.19 0.39
CA LEU E 241 -56.19 -11.68 0.95
C LEU E 241 -56.83 -10.61 1.81
N LEU E 242 -58.05 -10.23 1.43
CA LEU E 242 -58.84 -9.19 2.07
C LEU E 242 -60.14 -9.79 2.57
N ALA E 243 -60.63 -9.27 3.70
CA ALA E 243 -61.92 -9.66 4.25
C ALA E 243 -63.06 -8.94 3.55
N LEU E 244 -64.21 -9.60 3.49
CA LEU E 244 -65.43 -8.96 3.03
C LEU E 244 -66.06 -8.20 4.19
N HIS E 245 -66.52 -6.99 3.92
CA HIS E 245 -67.14 -6.18 4.95
C HIS E 245 -68.54 -6.67 5.27
N ARG E 246 -68.84 -6.73 6.57
CA ARG E 246 -70.14 -7.13 7.10
C ARG E 246 -70.23 -6.59 8.52
N SER E 247 -71.45 -6.64 9.07
CA SER E 247 -71.68 -6.24 10.46
C SER E 247 -70.76 -6.99 11.43
N ALA E 264 -57.74 -0.84 0.10
CA ALA E 264 -56.84 0.26 -0.24
C ALA E 264 -55.41 -0.08 0.13
N TYR E 265 -54.62 -0.50 -0.86
CA TYR E 265 -53.24 -0.90 -0.65
C TYR E 265 -52.39 -0.49 -1.83
N TYR E 266 -51.08 -0.44 -1.57
CA TYR E 266 -50.08 0.02 -2.52
C TYR E 266 -49.04 -1.10 -2.62
N VAL E 267 -48.60 -1.38 -3.86
CA VAL E 267 -47.59 -2.41 -4.10
C VAL E 267 -46.47 -1.83 -4.97
N GLY E 268 -45.23 -1.96 -4.49
CA GLY E 268 -44.07 -1.53 -5.23
C GLY E 268 -43.06 -2.67 -5.23
N TYR E 269 -42.00 -2.50 -6.02
CA TYR E 269 -40.96 -3.52 -6.13
C TYR E 269 -39.59 -3.00 -5.75
N LEU E 270 -38.79 -3.89 -5.16
CA LEU E 270 -37.45 -3.55 -4.73
C LEU E 270 -36.49 -3.70 -5.90
N GLN E 271 -35.44 -2.89 -5.89
CA GLN E 271 -34.40 -2.98 -6.91
C GLN E 271 -33.05 -2.89 -6.21
N PRO E 272 -31.98 -3.47 -6.78
CA PRO E 272 -30.66 -3.26 -6.19
C PRO E 272 -30.32 -1.77 -6.21
N ARG E 273 -30.07 -1.23 -5.03
CA ARG E 273 -29.75 0.19 -4.90
C ARG E 273 -28.79 0.38 -3.76
N THR E 274 -28.03 1.48 -3.83
CA THR E 274 -27.14 1.89 -2.77
C THR E 274 -27.80 3.09 -2.09
N PHE E 275 -27.90 3.01 -0.76
CA PHE E 275 -28.46 4.07 0.07
C PHE E 275 -27.47 4.48 1.15
N LEU E 276 -27.46 5.77 1.45
CA LEU E 276 -26.72 6.30 2.58
C LEU E 276 -27.76 6.55 3.67
N LEU E 277 -27.69 5.78 4.74
CA LEU E 277 -28.67 5.82 5.83
C LEU E 277 -28.12 6.61 7.01
N LYS E 278 -28.95 7.47 7.60
CA LYS E 278 -28.56 8.28 8.74
C LYS E 278 -29.13 7.69 10.03
N TYR E 279 -28.24 7.30 10.94
CA TYR E 279 -28.62 6.73 12.23
C TYR E 279 -28.51 7.83 13.28
N ASN E 280 -29.48 7.87 14.21
CA ASN E 280 -29.44 8.84 15.29
C ASN E 280 -28.68 8.27 16.49
N GLU E 281 -28.70 9.00 17.61
CA GLU E 281 -27.95 8.60 18.79
C GLU E 281 -28.42 7.25 19.33
N ASN E 282 -29.72 6.94 19.18
CA ASN E 282 -30.31 5.73 19.71
C ASN E 282 -30.32 4.58 18.71
N GLY E 283 -29.69 4.76 17.54
CA GLY E 283 -29.61 3.73 16.54
C GLY E 283 -30.80 3.62 15.62
N THR E 284 -31.68 4.62 15.60
CA THR E 284 -32.85 4.60 14.75
C THR E 284 -32.49 5.33 13.45
N ILE E 285 -32.92 4.77 12.32
CA ILE E 285 -32.69 5.41 11.04
C ILE E 285 -33.73 6.53 10.91
N THR E 286 -33.25 7.77 10.74
CA THR E 286 -34.12 8.93 10.66
C THR E 286 -34.19 9.55 9.28
N ASP E 287 -33.22 9.28 8.41
CA ASP E 287 -33.26 9.78 7.05
C ASP E 287 -32.44 8.86 6.16
N ALA E 288 -32.46 9.14 4.85
CA ALA E 288 -31.70 8.36 3.90
C ALA E 288 -31.59 9.12 2.59
N VAL E 289 -30.53 8.82 1.85
CA VAL E 289 -30.30 9.34 0.50
C VAL E 289 -30.23 8.16 -0.46
N ASP E 290 -31.06 8.22 -1.50
CA ASP E 290 -31.11 7.24 -2.59
C ASP E 290 -30.09 7.73 -3.61
N CYS E 291 -28.94 7.04 -3.67
CA CYS E 291 -27.80 7.56 -4.40
C CYS E 291 -28.09 7.74 -5.89
N ALA E 292 -28.93 6.90 -6.47
CA ALA E 292 -29.23 6.95 -7.89
C ALA E 292 -30.37 7.91 -8.23
N LEU E 293 -31.00 8.52 -7.23
CA LEU E 293 -32.17 9.35 -7.49
C LEU E 293 -31.84 10.62 -8.26
N ASP E 294 -30.72 11.26 -7.94
CA ASP E 294 -30.42 12.59 -8.47
C ASP E 294 -28.92 12.85 -8.36
N PRO E 295 -28.33 13.62 -9.29
CA PRO E 295 -26.92 14.02 -9.11
C PRO E 295 -26.60 14.60 -7.74
N LEU E 296 -27.55 15.29 -7.11
CA LEU E 296 -27.29 15.80 -5.78
C LEU E 296 -27.17 14.65 -4.81
N SER E 297 -27.97 13.59 -5.02
CA SER E 297 -27.90 12.45 -4.12
C SER E 297 -26.58 11.72 -4.33
N GLU E 298 -26.13 11.67 -5.59
CA GLU E 298 -24.84 11.02 -5.88
C GLU E 298 -23.72 11.78 -5.17
N THR E 299 -23.82 13.11 -5.16
CA THR E 299 -22.80 13.93 -4.50
C THR E 299 -22.83 13.68 -3.00
N LYS E 300 -24.03 13.65 -2.42
CA LYS E 300 -24.14 13.37 -0.99
C LYS E 300 -23.55 12.00 -0.65
N CYS E 301 -23.81 11.00 -1.50
CA CYS E 301 -23.32 9.65 -1.26
C CYS E 301 -21.80 9.56 -1.37
N THR E 302 -21.20 10.20 -2.38
CA THR E 302 -19.76 10.07 -2.54
C THR E 302 -19.01 10.75 -1.40
N LEU E 303 -19.57 11.82 -0.84
CA LEU E 303 -18.95 12.55 0.25
C LEU E 303 -19.32 12.01 1.63
N LYS E 304 -20.19 11.01 1.70
CA LYS E 304 -20.68 10.44 2.95
C LYS E 304 -21.21 11.54 3.88
N SER E 305 -22.02 12.42 3.31
CA SER E 305 -22.60 13.53 4.04
C SER E 305 -23.96 13.89 3.44
N PHE E 306 -24.86 14.38 4.29
CA PHE E 306 -26.14 14.91 3.82
C PHE E 306 -26.08 16.42 3.65
N THR E 307 -24.92 17.03 3.89
CA THR E 307 -24.68 18.45 3.70
C THR E 307 -23.47 18.55 2.77
N VAL E 308 -23.63 19.27 1.66
CA VAL E 308 -22.57 19.41 0.67
C VAL E 308 -22.15 20.87 0.63
N GLU E 309 -20.85 21.11 0.74
CA GLU E 309 -20.32 22.46 0.70
C GLU E 309 -20.27 22.96 -0.74
N LYS E 310 -20.29 24.28 -0.88
CA LYS E 310 -20.19 24.91 -2.19
C LYS E 310 -18.93 24.43 -2.90
N GLY E 311 -19.07 24.03 -4.15
CA GLY E 311 -17.94 23.56 -4.92
C GLY E 311 -18.36 22.60 -6.02
N ILE E 312 -17.36 22.06 -6.69
CA ILE E 312 -17.53 21.13 -7.80
C ILE E 312 -16.96 19.78 -7.35
N TYR E 313 -17.75 18.72 -7.51
CA TYR E 313 -17.39 17.38 -7.10
C TYR E 313 -17.60 16.43 -8.25
N GLN E 314 -16.67 15.50 -8.45
CA GLN E 314 -16.81 14.48 -9.49
C GLN E 314 -17.51 13.30 -8.84
N THR E 315 -18.66 12.92 -9.39
CA THR E 315 -19.47 11.84 -8.82
C THR E 315 -19.61 10.59 -9.66
N SER E 316 -19.50 10.67 -10.99
CA SER E 316 -19.76 9.44 -11.77
C SER E 316 -19.04 9.51 -13.11
N ASN E 317 -19.45 8.64 -14.03
CA ASN E 317 -18.88 8.59 -15.37
C ASN E 317 -20.01 8.42 -16.37
N PHE E 318 -20.02 9.26 -17.41
CA PHE E 318 -21.02 9.19 -18.46
C PHE E 318 -20.55 8.18 -19.50
N ARG E 319 -21.30 7.10 -19.67
CA ARG E 319 -20.92 6.03 -20.58
C ARG E 319 -22.02 5.83 -21.61
N VAL E 320 -21.68 5.90 -22.88
CA VAL E 320 -22.63 5.65 -23.95
C VAL E 320 -22.82 4.14 -24.03
N GLN E 321 -24.10 3.68 -24.05
CA GLN E 321 -24.29 2.23 -24.08
C GLN E 321 -24.49 1.75 -25.52
N PRO E 322 -24.00 0.56 -25.89
CA PRO E 322 -24.36 0.01 -27.20
C PRO E 322 -25.80 -0.47 -27.22
N THR E 323 -26.42 -0.35 -28.39
CA THR E 323 -27.78 -0.83 -28.60
C THR E 323 -27.90 -1.93 -29.64
N GLU E 324 -26.88 -2.14 -30.47
CA GLU E 324 -26.95 -3.14 -31.54
C GLU E 324 -25.65 -3.91 -31.60
N SER E 325 -25.74 -5.13 -32.13
CA SER E 325 -24.60 -6.00 -32.37
C SER E 325 -24.38 -6.22 -33.86
N ILE E 326 -23.11 -6.25 -34.25
CA ILE E 326 -22.68 -6.47 -35.63
C ILE E 326 -21.77 -7.69 -35.62
N VAL E 327 -22.06 -8.66 -36.47
CA VAL E 327 -21.23 -9.86 -36.64
C VAL E 327 -20.84 -9.93 -38.11
N ARG E 328 -19.54 -9.80 -38.42
CA ARG E 328 -19.10 -9.77 -39.82
C ARG E 328 -17.95 -10.74 -40.07
N PHE E 329 -18.14 -11.58 -41.09
CA PHE E 329 -17.20 -12.56 -41.59
C PHE E 329 -17.18 -12.46 -43.11
N PRO E 330 -16.10 -12.93 -43.76
CA PRO E 330 -16.07 -12.88 -45.23
C PRO E 330 -17.21 -13.68 -45.85
N ASN E 331 -17.61 -13.23 -47.04
CA ASN E 331 -18.69 -13.88 -47.78
C ASN E 331 -18.25 -15.25 -48.30
N THR E 531 -24.64 -10.58 -39.88
CA THR E 531 -25.74 -9.66 -40.11
C THR E 531 -25.27 -8.41 -40.85
N ASN E 532 -26.05 -7.34 -40.79
CA ASN E 532 -25.73 -6.11 -41.50
C ASN E 532 -24.77 -5.25 -40.70
N LEU E 533 -24.07 -4.37 -41.40
CA LEU E 533 -23.12 -3.44 -40.79
C LEU E 533 -23.83 -2.11 -40.50
N VAL E 534 -23.81 -1.71 -39.23
CA VAL E 534 -24.46 -0.49 -38.76
C VAL E 534 -23.35 0.52 -38.46
N LYS E 535 -23.38 1.65 -39.15
CA LYS E 535 -22.36 2.69 -39.07
C LYS E 535 -22.81 3.88 -38.24
N ASN E 536 -21.81 4.61 -37.73
CA ASN E 536 -22.00 5.87 -36.99
C ASN E 536 -22.87 5.71 -35.74
N LYS E 537 -22.75 4.57 -35.05
CA LYS E 537 -23.49 4.31 -33.83
C LYS E 537 -22.54 3.59 -32.87
N CYS E 538 -22.78 3.73 -31.56
CA CYS E 538 -22.00 2.95 -30.61
C CYS E 538 -22.61 1.55 -30.63
N VAL E 539 -21.81 0.59 -31.11
CA VAL E 539 -22.24 -0.78 -31.34
C VAL E 539 -21.23 -1.77 -30.80
N ASN E 540 -21.69 -3.01 -30.62
CA ASN E 540 -20.81 -4.13 -30.28
C ASN E 540 -20.46 -4.81 -31.60
N PHE E 541 -19.19 -4.75 -32.00
CA PHE E 541 -18.74 -5.22 -33.31
C PHE E 541 -17.80 -6.42 -33.18
N ASN E 542 -18.25 -7.55 -33.75
CA ASN E 542 -17.49 -8.80 -33.82
C ASN E 542 -16.90 -8.88 -35.22
N PHE E 543 -15.63 -8.51 -35.33
CA PHE E 543 -14.88 -8.48 -36.58
C PHE E 543 -13.97 -9.70 -36.60
N ASN E 544 -14.32 -10.71 -37.40
CA ASN E 544 -13.58 -11.96 -37.42
C ASN E 544 -13.44 -12.46 -35.98
N GLY E 545 -12.22 -12.58 -35.44
CA GLY E 545 -12.01 -13.04 -34.08
C GLY E 545 -11.80 -11.93 -33.07
N LEU E 546 -11.89 -10.67 -33.50
CA LEU E 546 -11.66 -9.50 -32.67
C LEU E 546 -13.03 -8.94 -32.32
N THR E 547 -13.32 -8.83 -31.03
CA THR E 547 -14.61 -8.30 -30.58
C THR E 547 -14.40 -7.10 -29.68
N GLY E 548 -15.34 -6.15 -29.77
CA GLY E 548 -15.28 -5.00 -28.88
C GLY E 548 -16.44 -4.06 -29.15
N THR E 549 -16.41 -2.93 -28.45
CA THR E 549 -17.45 -1.91 -28.53
C THR E 549 -16.86 -0.61 -29.06
N GLY E 550 -17.57 0.03 -29.99
CA GLY E 550 -17.09 1.29 -30.53
C GLY E 550 -18.02 1.80 -31.60
N VAL E 551 -17.59 2.88 -32.26
CA VAL E 551 -18.36 3.55 -33.31
C VAL E 551 -17.61 3.35 -34.62
N LEU E 552 -18.29 2.82 -35.62
CA LEU E 552 -17.67 2.51 -36.91
C LEU E 552 -17.97 3.63 -37.89
N THR E 553 -16.92 4.26 -38.42
CA THR E 553 -17.05 5.36 -39.37
C THR E 553 -16.21 5.04 -40.59
N GLU E 554 -16.50 5.69 -41.72
CA GLU E 554 -15.69 5.45 -42.91
C GLU E 554 -14.36 6.16 -42.76
N SER E 555 -13.28 5.46 -43.12
CA SER E 555 -11.93 5.98 -42.97
C SER E 555 -11.42 6.64 -44.24
N ASN E 556 -10.49 7.58 -44.08
CA ASN E 556 -9.81 8.22 -45.19
C ASN E 556 -8.39 7.69 -45.44
N LYS E 557 -8.00 6.59 -44.79
CA LYS E 557 -6.68 5.98 -44.98
C LYS E 557 -6.85 4.60 -45.60
N LYS E 558 -5.79 4.11 -46.21
CA LYS E 558 -5.79 2.81 -46.87
C LYS E 558 -4.87 1.82 -46.15
N PHE E 559 -5.24 0.55 -46.26
CA PHE E 559 -4.48 -0.59 -45.73
C PHE E 559 -3.97 -1.43 -46.89
N LEU E 560 -2.77 -1.97 -46.72
CA LEU E 560 -2.19 -2.78 -47.78
C LEU E 560 -3.09 -4.00 -48.02
N PRO E 561 -3.10 -4.57 -49.24
CA PRO E 561 -4.03 -5.67 -49.54
C PRO E 561 -4.06 -6.82 -48.54
N PHE E 562 -2.94 -7.13 -47.88
CA PHE E 562 -2.91 -8.22 -46.91
C PHE E 562 -3.31 -7.80 -45.50
N GLN E 563 -3.32 -6.50 -45.21
CA GLN E 563 -3.59 -6.02 -43.87
C GLN E 563 -5.09 -5.98 -43.58
N GLN E 564 -5.47 -6.54 -42.43
CA GLN E 564 -6.86 -6.64 -41.98
C GLN E 564 -7.19 -5.72 -40.82
N PHE E 565 -6.19 -5.35 -40.01
CA PHE E 565 -6.38 -4.56 -38.80
C PHE E 565 -5.42 -3.39 -38.84
N GLY E 566 -5.75 -2.31 -38.12
CA GLY E 566 -4.84 -1.21 -37.95
C GLY E 566 -4.69 -0.83 -36.50
N ARG E 567 -3.54 -0.21 -36.19
CA ARG E 567 -3.21 0.15 -34.82
C ARG E 567 -2.73 1.59 -34.70
N ASP E 568 -2.99 2.14 -33.51
CA ASP E 568 -2.57 3.46 -33.08
C ASP E 568 -1.18 3.35 -32.46
N ILE E 569 -0.63 4.48 -32.00
CA ILE E 569 0.68 4.47 -31.35
C ILE E 569 0.60 3.65 -30.07
N ALA E 570 -0.59 3.59 -29.46
CA ALA E 570 -0.89 2.88 -28.24
C ALA E 570 -1.29 1.42 -28.49
N ASP E 571 -1.25 0.97 -29.75
CA ASP E 571 -1.66 -0.37 -30.16
C ASP E 571 -3.14 -0.64 -29.85
N THR E 572 -3.98 0.38 -30.05
CA THR E 572 -5.42 0.24 -29.91
C THR E 572 -5.96 -0.17 -31.28
N THR E 573 -7.20 -0.66 -31.31
CA THR E 573 -7.80 -1.09 -32.59
C THR E 573 -8.28 0.15 -33.34
N ASP E 574 -7.36 0.76 -34.08
CA ASP E 574 -7.66 2.04 -34.72
C ASP E 574 -8.66 1.89 -35.86
N ALA E 575 -8.50 0.86 -36.70
CA ALA E 575 -9.36 0.69 -37.87
C ALA E 575 -9.27 -0.76 -38.34
N VAL E 576 -10.30 -1.19 -39.06
CA VAL E 576 -10.33 -2.52 -39.67
C VAL E 576 -10.81 -2.48 -41.11
N ARG E 577 -10.43 -3.53 -41.86
CA ARG E 577 -10.89 -3.74 -43.23
C ARG E 577 -12.11 -4.66 -43.23
N ASP E 578 -13.27 -4.13 -43.64
CA ASP E 578 -14.51 -4.88 -43.62
C ASP E 578 -14.33 -6.20 -44.40
N PRO E 579 -14.74 -7.34 -43.84
CA PRO E 579 -14.48 -8.62 -44.55
C PRO E 579 -15.14 -8.76 -45.92
N GLN E 580 -16.17 -7.97 -46.23
CA GLN E 580 -16.84 -8.07 -47.52
C GLN E 580 -16.61 -6.88 -48.44
N THR E 581 -16.52 -5.67 -47.89
CA THR E 581 -16.35 -4.45 -48.66
C THR E 581 -14.91 -3.96 -48.48
N LEU E 582 -14.22 -3.70 -49.60
CA LEU E 582 -12.82 -3.28 -49.53
C LEU E 582 -12.77 -1.80 -49.20
N GLU E 583 -13.09 -1.50 -47.94
CA GLU E 583 -13.11 -0.16 -47.37
C GLU E 583 -12.53 -0.27 -45.97
N ILE E 584 -11.96 0.83 -45.48
CA ILE E 584 -11.39 0.85 -44.14
C ILE E 584 -12.36 1.58 -43.23
N LEU E 585 -12.70 0.95 -42.11
CA LEU E 585 -13.59 1.49 -41.10
C LEU E 585 -12.80 1.91 -39.87
N ASP E 586 -12.86 3.19 -39.53
CA ASP E 586 -12.20 3.67 -38.33
C ASP E 586 -13.09 3.34 -37.15
N ILE E 587 -12.48 2.99 -36.02
CA ILE E 587 -13.20 2.70 -34.79
C ILE E 587 -12.92 3.84 -33.82
N THR E 588 -13.97 4.57 -33.50
CA THR E 588 -13.93 5.72 -32.60
C THR E 588 -14.42 5.23 -31.24
N PRO E 589 -13.76 5.50 -30.13
CA PRO E 589 -14.30 5.00 -28.85
C PRO E 589 -15.60 5.70 -28.50
N CYS E 590 -16.44 4.98 -27.77
CA CYS E 590 -17.67 5.55 -27.26
C CYS E 590 -17.30 6.45 -26.08
N SER E 591 -17.97 7.59 -25.97
CA SER E 591 -17.61 8.57 -24.95
C SER E 591 -17.69 7.97 -23.56
N PHE E 592 -16.73 8.36 -22.71
CA PHE E 592 -16.61 7.83 -21.36
C PHE E 592 -16.20 8.88 -20.33
N GLY E 593 -16.42 10.16 -20.58
CA GLY E 593 -15.94 11.17 -19.68
C GLY E 593 -16.64 11.16 -18.34
N GLY E 594 -16.03 11.84 -17.37
CA GLY E 594 -16.58 11.88 -16.04
C GLY E 594 -17.77 12.82 -15.94
N VAL E 595 -18.50 12.69 -14.84
CA VAL E 595 -19.66 13.51 -14.55
C VAL E 595 -19.40 14.17 -13.21
N SER E 596 -19.44 15.49 -13.18
CA SER E 596 -19.23 16.30 -11.99
C SER E 596 -20.47 17.10 -11.66
N VAL E 597 -20.77 17.24 -10.36
CA VAL E 597 -21.94 17.98 -9.91
C VAL E 597 -21.48 19.30 -9.29
N ILE E 598 -22.01 20.40 -9.81
CA ILE E 598 -21.69 21.76 -9.38
C ILE E 598 -22.88 22.21 -8.55
N THR E 599 -22.64 22.51 -7.27
CA THR E 599 -23.72 22.87 -6.35
C THR E 599 -23.41 24.15 -5.58
N PRO E 600 -24.40 25.04 -5.40
CA PRO E 600 -24.21 26.16 -4.47
C PRO E 600 -23.98 25.73 -3.03
N GLY E 601 -24.30 24.50 -2.68
CA GLY E 601 -24.19 23.96 -1.35
C GLY E 601 -25.56 23.71 -0.73
N THR E 602 -25.62 22.70 0.14
CA THR E 602 -26.87 22.28 0.76
C THR E 602 -27.55 23.42 1.49
N ASN E 603 -26.78 24.30 2.14
CA ASN E 603 -27.35 25.36 2.94
C ASN E 603 -27.70 26.60 2.14
N THR E 604 -27.54 26.58 0.81
CA THR E 604 -27.86 27.69 -0.07
C THR E 604 -28.99 27.35 -1.03
N SER E 605 -28.87 26.25 -1.76
CA SER E 605 -29.85 25.88 -2.77
C SER E 605 -29.68 24.40 -3.08
N ASN E 606 -30.79 23.76 -3.48
CA ASN E 606 -30.76 22.36 -3.91
C ASN E 606 -30.67 22.23 -5.42
N GLN E 607 -30.44 23.32 -6.15
CA GLN E 607 -30.26 23.26 -7.59
C GLN E 607 -28.82 22.85 -7.87
N VAL E 608 -28.62 22.01 -8.88
CA VAL E 608 -27.28 21.65 -9.32
C VAL E 608 -27.16 21.74 -10.83
N ALA E 609 -25.91 21.88 -11.26
CA ALA E 609 -25.50 21.82 -12.66
C ALA E 609 -24.65 20.57 -12.81
N VAL E 610 -24.70 19.94 -13.98
CA VAL E 610 -23.93 18.73 -14.22
C VAL E 610 -22.98 18.98 -15.39
N LEU E 611 -21.70 18.71 -15.15
CA LEU E 611 -20.64 18.88 -16.13
C LEU E 611 -20.19 17.52 -16.67
N TYR E 612 -20.16 17.41 -17.99
CA TYR E 612 -19.63 16.22 -18.68
C TYR E 612 -18.26 16.67 -19.18
N GLN E 613 -17.20 16.08 -18.62
CA GLN E 613 -15.86 16.63 -18.78
C GLN E 613 -15.39 16.75 -20.23
N ASP E 614 -15.69 15.77 -21.09
CA ASP E 614 -15.23 15.85 -22.47
C ASP E 614 -16.28 15.39 -23.48
N VAL E 615 -17.55 15.39 -23.10
CA VAL E 615 -18.63 14.89 -23.94
C VAL E 615 -19.30 16.09 -24.58
N ASN E 616 -19.44 16.05 -25.90
CA ASN E 616 -20.11 17.14 -26.60
C ASN E 616 -21.59 17.13 -26.28
N CYS E 617 -22.16 18.33 -26.14
CA CYS E 617 -23.58 18.47 -25.80
C CYS E 617 -24.50 17.79 -26.79
N THR E 618 -24.04 17.53 -28.02
CA THR E 618 -24.88 16.83 -28.99
C THR E 618 -25.07 15.37 -28.61
N GLU E 619 -24.10 14.78 -27.90
CA GLU E 619 -24.16 13.38 -27.51
C GLU E 619 -24.88 13.17 -26.19
N VAL E 620 -24.82 14.14 -25.28
CA VAL E 620 -25.46 14.00 -23.98
C VAL E 620 -26.97 13.97 -24.18
N SER E 640 -32.00 24.54 -23.18
CA SER E 640 -32.35 24.48 -21.77
C SER E 640 -31.11 24.61 -20.89
N ASN E 641 -30.48 25.78 -20.96
CA ASN E 641 -29.27 26.09 -20.18
C ASN E 641 -28.18 25.03 -20.40
N VAL E 642 -27.94 24.71 -21.67
CA VAL E 642 -26.90 23.77 -22.07
C VAL E 642 -25.81 24.60 -22.72
N PHE E 643 -24.65 24.67 -22.07
CA PHE E 643 -23.52 25.49 -22.48
C PHE E 643 -22.31 24.62 -22.76
N GLN E 644 -21.86 24.61 -24.01
CA GLN E 644 -20.69 23.84 -24.43
C GLN E 644 -19.46 24.70 -24.17
N THR E 645 -18.49 24.17 -23.41
CA THR E 645 -17.26 24.88 -23.11
C THR E 645 -16.06 24.01 -23.47
N ARG E 646 -14.89 24.63 -23.42
CA ARG E 646 -13.65 23.90 -23.67
C ARG E 646 -13.42 22.86 -22.59
N ALA E 647 -14.06 23.00 -21.43
CA ALA E 647 -13.89 22.09 -20.33
C ALA E 647 -14.98 21.02 -20.28
N GLY E 648 -15.89 20.99 -21.27
CA GLY E 648 -16.98 20.03 -21.27
C GLY E 648 -18.33 20.68 -21.46
N CYS E 649 -19.35 19.82 -21.45
CA CYS E 649 -20.74 20.25 -21.61
C CYS E 649 -21.37 20.49 -20.24
N LEU E 650 -21.79 21.72 -19.98
CA LEU E 650 -22.35 22.14 -18.70
C LEU E 650 -23.87 22.30 -18.87
N ILE E 651 -24.63 21.52 -18.11
CA ILE E 651 -26.10 21.54 -18.21
C ILE E 651 -26.66 22.00 -16.87
N GLY E 652 -27.52 23.02 -16.93
CA GLY E 652 -28.19 23.59 -15.78
C GLY E 652 -27.73 24.99 -15.41
N ALA E 653 -26.55 25.41 -15.86
CA ALA E 653 -26.07 26.76 -15.61
C ALA E 653 -26.43 27.67 -16.77
N GLU E 654 -26.80 28.91 -16.46
CA GLU E 654 -27.11 29.92 -17.46
C GLU E 654 -25.88 30.76 -17.73
N HIS E 655 -25.43 30.79 -18.99
CA HIS E 655 -24.27 31.59 -19.36
C HIS E 655 -24.66 33.06 -19.52
N VAL E 656 -23.81 33.95 -18.99
CA VAL E 656 -23.99 35.39 -19.10
C VAL E 656 -22.72 36.00 -19.68
N ASN E 657 -22.88 37.20 -20.25
CA ASN E 657 -21.73 37.91 -20.80
C ASN E 657 -20.89 38.58 -19.73
N ASN E 658 -21.50 38.95 -18.61
CA ASN E 658 -20.78 39.66 -17.56
C ASN E 658 -19.73 38.76 -16.91
N SER E 659 -18.54 39.32 -16.71
CA SER E 659 -17.45 38.62 -16.03
C SER E 659 -17.47 38.95 -14.54
N TYR E 660 -17.25 37.94 -13.72
CA TYR E 660 -17.27 38.05 -12.27
C TYR E 660 -16.04 37.34 -11.71
N GLU E 661 -15.72 37.64 -10.46
CA GLU E 661 -14.66 36.92 -9.78
C GLU E 661 -15.03 35.44 -9.72
N CYS E 662 -14.03 34.58 -9.90
CA CYS E 662 -14.27 33.14 -9.89
C CYS E 662 -14.73 32.68 -8.51
N ASP E 663 -15.77 31.84 -8.50
CA ASP E 663 -16.32 31.28 -7.28
C ASP E 663 -16.09 29.77 -7.29
N ILE E 664 -16.86 29.02 -8.07
CA ILE E 664 -16.66 27.59 -8.23
C ILE E 664 -15.93 27.37 -9.56
N PRO E 665 -14.68 26.92 -9.56
CA PRO E 665 -13.98 26.78 -10.84
C PRO E 665 -14.52 25.62 -11.65
N ILE E 666 -14.60 25.80 -12.97
CA ILE E 666 -14.94 24.73 -13.90
C ILE E 666 -13.73 24.35 -14.75
N GLY E 667 -13.07 25.34 -15.33
CA GLY E 667 -11.90 25.09 -16.16
C GLY E 667 -11.86 25.96 -17.40
N ALA E 668 -10.66 26.13 -17.94
CA ALA E 668 -10.42 26.89 -19.16
C ALA E 668 -10.97 28.30 -19.05
N GLY E 669 -10.82 28.90 -17.88
CA GLY E 669 -11.27 30.26 -17.68
C GLY E 669 -12.72 30.38 -17.28
N ILE E 670 -13.47 29.28 -17.24
CA ILE E 670 -14.89 29.31 -16.91
C ILE E 670 -15.09 28.90 -15.46
N CYS E 671 -15.89 29.70 -14.75
CA CYS E 671 -16.28 29.49 -13.37
C CYS E 671 -17.79 29.59 -13.29
N ALA E 672 -18.35 29.11 -12.18
CA ALA E 672 -19.79 29.21 -11.92
C ALA E 672 -20.04 29.68 -10.50
N SER E 673 -21.20 30.33 -10.33
CA SER E 673 -21.61 30.85 -9.03
C SER E 673 -23.12 30.85 -8.97
N TYR E 674 -23.66 31.07 -7.77
CA TYR E 674 -25.11 31.14 -7.56
C TYR E 674 -25.50 32.61 -7.44
N GLN E 675 -26.30 33.08 -8.40
CA GLN E 675 -26.64 34.51 -8.50
C GLN E 675 -28.12 34.66 -8.76
N THR E 676 -28.63 35.85 -8.42
CA THR E 676 -30.02 36.20 -8.69
C THR E 676 -30.29 36.12 -10.19
N SER E 689 -35.97 33.19 -9.26
CA SER E 689 -35.10 34.34 -9.51
C SER E 689 -33.63 33.95 -9.36
N GLN E 690 -33.35 33.06 -8.40
CA GLN E 690 -31.99 32.63 -8.11
C GLN E 690 -31.66 31.40 -8.97
N SER E 691 -30.47 31.40 -9.55
CA SER E 691 -30.05 30.29 -10.39
C SER E 691 -28.53 30.23 -10.42
N ILE E 692 -28.01 29.13 -10.99
CA ILE E 692 -26.58 28.96 -11.17
C ILE E 692 -26.20 29.63 -12.48
N ILE E 693 -25.19 30.50 -12.42
CA ILE E 693 -24.71 31.28 -13.54
C ILE E 693 -23.30 30.81 -13.88
N ALA E 694 -23.04 30.61 -15.18
CA ALA E 694 -21.74 30.26 -15.71
C ALA E 694 -21.15 31.51 -16.35
N TYR E 695 -19.86 31.74 -16.15
CA TYR E 695 -19.23 32.94 -16.68
C TYR E 695 -17.73 32.74 -16.86
N THR E 696 -17.14 33.64 -17.63
CA THR E 696 -15.69 33.71 -17.77
C THR E 696 -15.20 34.55 -16.59
N MET E 697 -14.25 34.02 -15.85
CA MET E 697 -13.82 34.68 -14.62
C MET E 697 -13.06 35.97 -14.87
N SER E 698 -13.29 36.94 -13.98
CA SER E 698 -12.56 38.19 -13.97
C SER E 698 -11.21 37.93 -13.31
N LEU E 699 -10.17 38.59 -13.80
CA LEU E 699 -8.84 38.40 -13.23
C LEU E 699 -8.49 39.44 -12.17
N GLY E 700 -9.10 40.62 -12.20
CA GLY E 700 -8.76 41.62 -11.23
C GLY E 700 -9.41 42.96 -11.55
N ALA E 701 -9.24 43.87 -10.61
CA ALA E 701 -9.75 45.23 -10.77
C ALA E 701 -8.92 45.96 -11.81
N GLU E 702 -9.54 46.89 -12.52
CA GLU E 702 -8.78 47.70 -13.47
C GLU E 702 -8.15 48.88 -12.73
N ASN E 703 -7.03 49.36 -13.28
CA ASN E 703 -6.39 50.55 -12.75
C ASN E 703 -5.69 51.30 -13.88
N SER E 704 -5.44 52.58 -13.61
CA SER E 704 -4.74 53.46 -14.55
C SER E 704 -3.24 53.47 -14.23
N CYS E 705 -2.42 53.05 -15.19
CA CYS E 705 -0.98 53.03 -14.99
C CYS E 705 -0.49 54.46 -14.84
N ALA E 706 -1.05 55.37 -15.64
CA ALA E 706 -0.76 56.80 -15.60
C ALA E 706 0.72 57.14 -15.70
N TYR E 707 1.41 56.52 -16.64
CA TYR E 707 2.83 56.82 -16.80
C TYR E 707 3.00 58.26 -17.25
N SER E 708 3.95 58.96 -16.64
CA SER E 708 4.31 60.31 -17.00
C SER E 708 5.81 60.46 -16.83
N ASN E 709 6.43 61.23 -17.72
CA ASN E 709 7.86 61.45 -17.67
C ASN E 709 8.26 62.66 -16.84
N ASN E 710 7.30 63.35 -16.22
CA ASN E 710 7.60 64.53 -15.42
C ASN E 710 6.85 64.61 -14.10
N SER E 711 6.21 63.54 -13.64
CA SER E 711 5.47 63.59 -12.38
C SER E 711 5.58 62.27 -11.64
N ILE E 712 5.57 62.38 -10.31
CA ILE E 712 5.72 61.27 -9.39
C ILE E 712 4.60 61.34 -8.36
N ALA E 713 4.10 60.18 -7.94
CA ALA E 713 3.12 60.13 -6.86
C ALA E 713 3.87 59.79 -5.60
N ILE E 714 3.63 60.56 -4.54
CA ILE E 714 4.32 60.40 -3.26
C ILE E 714 3.32 60.29 -2.10
N PRO E 715 3.48 59.31 -1.19
CA PRO E 715 2.53 59.20 -0.08
C PRO E 715 2.55 60.44 0.81
N THR E 716 1.36 60.83 1.26
CA THR E 716 1.17 61.90 2.23
C THR E 716 0.71 61.38 3.58
N ASN E 717 0.19 60.16 3.61
CA ASN E 717 -0.29 59.50 4.82
C ASN E 717 0.02 58.03 4.66
N PHE E 718 -0.09 57.29 5.76
CA PHE E 718 0.24 55.87 5.77
C PHE E 718 -0.61 55.16 6.78
N THR E 719 -0.67 53.84 6.66
CA THR E 719 -1.34 52.98 7.62
C THR E 719 -0.42 51.84 8.01
N ILE E 720 -0.82 51.15 9.08
CA ILE E 720 -0.15 49.96 9.58
C ILE E 720 -1.11 48.82 9.33
N SER E 721 -0.65 47.79 8.64
CA SER E 721 -1.46 46.63 8.32
C SER E 721 -0.89 45.42 9.03
N VAL E 722 -1.79 44.57 9.53
CA VAL E 722 -1.42 43.31 10.15
C VAL E 722 -2.14 42.22 9.38
N THR E 723 -1.38 41.23 8.91
CA THR E 723 -1.95 40.10 8.19
C THR E 723 -1.53 38.82 8.89
N THR E 724 -2.12 37.70 8.46
CA THR E 724 -1.91 36.41 9.09
C THR E 724 -1.44 35.39 8.06
N GLU E 725 -0.37 34.66 8.39
CA GLU E 725 0.15 33.58 7.56
C GLU E 725 0.13 32.33 8.43
N ILE E 726 -0.46 31.25 7.94
CA ILE E 726 -0.62 30.02 8.71
C ILE E 726 0.13 28.91 8.01
N LEU E 727 1.05 28.25 8.74
CA LEU E 727 1.85 27.17 8.17
C LEU E 727 1.77 25.91 9.04
N PRO E 728 1.59 24.73 8.45
CA PRO E 728 1.76 23.49 9.21
C PRO E 728 3.22 23.34 9.63
N VAL E 729 3.42 22.76 10.82
CA VAL E 729 4.75 22.46 11.33
C VAL E 729 4.95 20.96 11.54
N SER E 730 3.93 20.24 12.02
CA SER E 730 4.11 18.83 12.34
C SER E 730 2.88 18.03 11.95
N MET E 731 3.11 16.74 11.76
CA MET E 731 2.13 15.72 11.44
C MET E 731 1.85 14.92 12.70
N THR E 732 0.64 14.38 12.81
CA THR E 732 0.35 13.46 13.90
C THR E 732 1.30 12.27 13.81
N LYS E 733 1.94 11.94 14.93
CA LYS E 733 2.88 10.83 14.98
C LYS E 733 2.10 9.54 15.14
N THR E 734 2.30 8.60 14.22
CA THR E 734 1.59 7.33 14.24
C THR E 734 2.58 6.16 14.14
N SER E 735 2.09 4.98 14.53
CA SER E 735 2.86 3.75 14.44
C SER E 735 1.90 2.62 14.15
N VAL E 736 2.21 1.78 13.17
CA VAL E 736 1.35 0.67 12.79
C VAL E 736 2.15 -0.61 12.87
N ASP E 737 1.68 -1.55 13.69
CA ASP E 737 2.32 -2.85 13.85
C ASP E 737 1.96 -3.73 12.65
N CYS E 738 2.97 -4.22 11.94
CA CYS E 738 2.68 -5.01 10.75
C CYS E 738 2.00 -6.32 11.09
N THR E 739 2.31 -6.90 12.26
CA THR E 739 1.74 -8.20 12.60
C THR E 739 0.32 -8.05 13.11
N MET E 740 0.06 -7.11 14.02
CA MET E 740 -1.30 -6.97 14.51
C MET E 740 -2.24 -6.50 13.41
N TYR E 741 -1.74 -5.66 12.49
CA TYR E 741 -2.56 -5.19 11.38
C TYR E 741 -2.87 -6.29 10.38
N ILE E 742 -1.86 -7.06 9.96
CA ILE E 742 -2.10 -8.05 8.91
C ILE E 742 -2.64 -9.34 9.49
N CYS E 743 -2.02 -9.84 10.55
CA CYS E 743 -2.29 -11.14 11.14
C CYS E 743 -2.66 -11.05 12.62
N GLY E 744 -3.56 -10.16 12.99
CA GLY E 744 -3.90 -10.04 14.39
C GLY E 744 -4.52 -11.29 14.98
N ASP E 745 -3.97 -11.70 16.13
CA ASP E 745 -4.45 -12.86 16.88
C ASP E 745 -4.57 -14.13 16.03
N SER E 746 -3.65 -14.32 15.09
CA SER E 746 -3.65 -15.53 14.25
C SER E 746 -2.23 -16.07 14.13
N THR E 747 -1.99 -17.25 14.71
CA THR E 747 -0.67 -17.84 14.68
C THR E 747 -0.28 -18.27 13.26
N GLU E 748 -1.22 -18.88 12.54
CA GLU E 748 -0.95 -19.38 11.19
C GLU E 748 -0.62 -18.25 10.24
N CYS E 749 -1.35 -17.14 10.35
CA CYS E 749 -1.09 -16.00 9.47
C CYS E 749 0.31 -15.46 9.74
N SER E 750 0.68 -15.30 11.02
CA SER E 750 2.01 -14.80 11.35
C SER E 750 3.07 -15.75 10.78
N ASN E 751 2.83 -17.06 10.90
CA ASN E 751 3.78 -18.03 10.39
C ASN E 751 3.91 -17.89 8.88
N LEU E 752 2.84 -17.45 8.21
CA LEU E 752 2.94 -17.22 6.77
C LEU E 752 3.66 -15.90 6.51
N LEU E 753 3.61 -14.96 7.47
CA LEU E 753 4.36 -13.72 7.31
C LEU E 753 5.84 -13.98 7.42
N LEU E 754 6.21 -15.08 8.08
CA LEU E 754 7.63 -15.41 8.21
C LEU E 754 8.25 -15.86 6.89
N GLN E 755 7.43 -16.06 5.85
CA GLN E 755 7.93 -16.46 4.54
C GLN E 755 8.32 -15.25 3.69
N TYR E 756 8.05 -14.04 4.18
CA TYR E 756 8.34 -12.77 3.53
C TYR E 756 9.57 -12.17 4.20
N GLY E 757 10.21 -11.23 3.52
CA GLY E 757 11.41 -10.65 4.06
C GLY E 757 11.07 -9.61 5.11
N SER E 758 12.05 -8.76 5.42
CA SER E 758 11.90 -7.78 6.48
C SER E 758 11.02 -6.58 6.08
N PHE E 759 9.80 -6.88 5.65
CA PHE E 759 8.88 -5.79 5.30
C PHE E 759 8.45 -5.04 6.55
N CYS E 760 8.42 -5.74 7.69
CA CYS E 760 8.05 -5.10 8.94
C CYS E 760 9.10 -4.08 9.34
N THR E 761 10.37 -4.41 9.10
CA THR E 761 11.44 -3.51 9.46
C THR E 761 11.36 -2.24 8.62
N GLN E 762 11.12 -2.39 7.31
CA GLN E 762 11.05 -1.20 6.46
C GLN E 762 9.87 -0.33 6.83
N LEU E 763 8.72 -0.96 7.13
CA LEU E 763 7.53 -0.17 7.46
C LEU E 763 7.72 0.55 8.80
N ASN E 764 8.34 -0.13 9.77
CA ASN E 764 8.55 0.47 11.08
C ASN E 764 9.60 1.57 11.01
N ARG E 765 10.63 1.38 10.19
CA ARG E 765 11.65 2.40 10.04
C ARG E 765 11.06 3.63 9.37
N ALA E 766 10.20 3.43 8.37
CA ALA E 766 9.60 4.57 7.68
C ALA E 766 8.73 5.37 8.64
N LEU E 767 7.92 4.69 9.45
CA LEU E 767 7.05 5.43 10.36
C LEU E 767 7.83 6.05 11.50
N THR E 768 8.89 5.38 11.96
CA THR E 768 9.71 5.97 13.01
C THR E 768 10.41 7.21 12.48
N GLY E 769 10.96 7.11 11.27
CA GLY E 769 11.64 8.24 10.67
C GLY E 769 10.71 9.42 10.53
N ILE E 770 9.45 9.16 10.17
CA ILE E 770 8.49 10.25 10.05
C ILE E 770 8.25 10.88 11.41
N ALA E 771 8.01 10.06 12.45
CA ALA E 771 7.72 10.63 13.77
C ALA E 771 8.89 11.46 14.28
N VAL E 772 10.12 10.98 14.06
CA VAL E 772 11.30 11.71 14.50
C VAL E 772 11.39 13.01 13.72
N GLU E 773 11.15 12.95 12.42
CA GLU E 773 11.18 14.15 11.60
C GLU E 773 10.16 15.17 12.09
N GLN E 774 8.99 14.72 12.55
CA GLN E 774 7.99 15.68 13.01
C GLN E 774 8.46 16.37 14.28
N ASP E 775 9.21 15.65 15.12
CA ASP E 775 9.71 16.34 16.31
C ASP E 775 10.87 17.26 15.95
N LYS E 776 11.67 16.86 14.96
CA LYS E 776 12.76 17.71 14.50
C LYS E 776 12.19 19.00 13.92
N ASN E 777 11.10 18.88 13.16
CA ASN E 777 10.46 20.04 12.55
C ASN E 777 9.93 20.98 13.62
N THR E 778 9.34 20.43 14.68
CA THR E 778 8.81 21.30 15.74
C THR E 778 9.96 22.01 16.43
N GLN E 779 11.06 21.30 16.71
CA GLN E 779 12.20 21.94 17.36
C GLN E 779 12.79 23.04 16.47
N GLU E 780 12.89 22.78 15.17
CA GLU E 780 13.47 23.76 14.26
C GLU E 780 12.60 25.02 14.15
N VAL E 781 11.29 24.86 14.19
CA VAL E 781 10.43 26.04 14.07
C VAL E 781 10.37 26.82 15.37
N PHE E 782 10.19 26.15 16.51
CA PHE E 782 9.99 26.88 17.77
C PHE E 782 11.22 26.98 18.65
N ALA E 783 12.09 25.98 18.71
CA ALA E 783 13.20 26.01 19.65
C ALA E 783 14.44 26.63 19.01
N GLN E 784 14.29 27.87 18.53
CA GLN E 784 15.39 28.56 17.86
C GLN E 784 16.23 29.39 18.81
N VAL E 785 15.63 29.81 19.93
CA VAL E 785 16.28 30.64 20.95
C VAL E 785 16.19 29.86 22.25
N LYS E 786 17.33 29.64 22.91
CA LYS E 786 17.37 28.84 24.13
C LYS E 786 17.38 29.70 25.39
N GLN E 787 17.13 30.99 25.27
CA GLN E 787 16.98 31.90 26.40
C GLN E 787 15.48 32.10 26.57
N ILE E 788 14.97 31.83 27.76
CA ILE E 788 13.54 31.95 28.03
C ILE E 788 13.30 33.28 28.71
N TYR E 789 12.61 34.18 28.00
CA TYR E 789 12.34 35.53 28.47
C TYR E 789 10.95 35.56 29.12
N LYS E 790 10.81 36.37 30.16
CA LYS E 790 9.54 36.54 30.83
C LYS E 790 8.82 37.78 30.29
N THR E 791 7.49 37.72 30.28
CA THR E 791 6.71 38.86 29.84
C THR E 791 6.87 39.98 30.87
N PRO E 792 7.21 41.21 30.45
CA PRO E 792 7.30 42.30 31.42
C PRO E 792 5.99 42.51 32.13
N PRO E 793 6.01 42.98 33.39
CA PRO E 793 4.74 43.25 34.08
C PRO E 793 3.97 44.40 33.48
N ILE E 794 4.62 45.26 32.68
CA ILE E 794 3.98 46.40 32.05
C ILE E 794 3.53 45.98 30.65
N LYS E 795 2.29 46.29 30.31
CA LYS E 795 1.73 45.95 29.00
C LYS E 795 1.61 47.15 28.06
N ASP E 796 1.67 48.37 28.59
CA ASP E 796 1.59 49.58 27.77
C ASP E 796 3.02 49.94 27.37
N PHE E 797 3.36 49.73 26.11
CA PHE E 797 4.71 49.95 25.58
C PHE E 797 4.65 51.14 24.64
N GLY E 798 4.60 52.34 25.21
CA GLY E 798 4.53 53.52 24.37
C GLY E 798 3.20 53.66 23.65
N GLY E 799 2.11 53.14 24.24
CA GLY E 799 0.81 53.18 23.63
C GLY E 799 0.42 51.90 22.91
N PHE E 800 1.37 50.98 22.72
CA PHE E 800 1.10 49.71 22.08
C PHE E 800 0.51 48.73 23.09
N ASN E 801 -0.53 48.02 22.69
CA ASN E 801 -1.28 47.15 23.59
C ASN E 801 -0.66 45.76 23.77
N PHE E 802 -0.64 44.95 22.72
CA PHE E 802 -0.13 43.58 22.72
C PHE E 802 -0.88 42.63 23.63
N SER E 803 -2.04 43.01 24.20
CA SER E 803 -2.70 42.10 25.12
C SER E 803 -3.27 40.86 24.42
N GLN E 804 -3.42 40.88 23.10
CA GLN E 804 -3.98 39.75 22.38
C GLN E 804 -2.93 38.73 21.94
N ILE E 805 -1.64 39.08 22.02
CA ILE E 805 -0.57 38.20 21.61
C ILE E 805 0.18 37.59 22.80
N LEU E 806 0.28 38.32 23.91
CA LEU E 806 0.96 37.87 25.12
C LEU E 806 0.12 36.87 25.89
N PRO E 807 0.75 35.95 26.64
CA PRO E 807 -0.02 34.97 27.40
C PRO E 807 -0.86 35.64 28.48
N ASP E 808 -2.06 35.10 28.71
CA ASP E 808 -2.96 35.60 29.73
C ASP E 808 -2.79 34.78 31.02
N PRO E 809 -2.20 35.31 32.09
CA PRO E 809 -1.98 34.50 33.30
C PRO E 809 -3.23 33.97 33.98
N SER E 810 -4.41 34.51 33.69
CA SER E 810 -5.64 34.10 34.36
C SER E 810 -6.27 32.84 33.77
N LYS E 811 -5.80 32.35 32.63
CA LYS E 811 -6.43 31.19 32.00
C LYS E 811 -5.82 29.89 32.53
N PRO E 812 -6.54 28.76 32.43
CA PRO E 812 -5.96 27.47 32.84
C PRO E 812 -4.67 27.12 32.12
N SER E 813 -4.43 27.71 30.94
CA SER E 813 -3.25 27.49 30.14
C SER E 813 -2.86 28.88 29.63
N LYS E 814 -1.60 29.25 29.83
CA LYS E 814 -1.19 30.62 29.53
C LYS E 814 -1.00 30.81 28.03
N ARG E 815 -2.13 30.83 27.34
CA ARG E 815 -2.24 31.03 25.91
C ARG E 815 -2.73 32.46 25.68
N SER E 816 -2.32 33.05 24.57
CA SER E 816 -2.84 34.36 24.26
C SER E 816 -4.28 34.23 23.80
N PRO E 817 -5.06 35.32 23.86
CA PRO E 817 -6.42 35.27 23.26
C PRO E 817 -6.43 34.75 21.83
N ILE E 818 -5.43 35.10 21.04
CA ILE E 818 -5.35 34.60 19.68
C ILE E 818 -4.99 33.12 19.70
N GLU E 819 -4.02 32.72 20.52
CA GLU E 819 -3.67 31.30 20.58
C GLU E 819 -4.86 30.50 21.10
N ASP E 820 -5.57 31.04 22.10
CA ASP E 820 -6.71 30.33 22.65
C ASP E 820 -7.77 30.13 21.58
N LEU E 821 -7.97 31.16 20.75
CA LEU E 821 -8.92 31.05 19.65
C LEU E 821 -8.46 30.00 18.65
N LEU E 822 -7.17 30.02 18.29
CA LEU E 822 -6.67 29.07 17.30
C LEU E 822 -6.85 27.64 17.77
N PHE E 823 -6.61 27.40 19.06
CA PHE E 823 -6.80 26.05 19.61
C PHE E 823 -8.27 25.67 19.70
N ASN E 824 -9.16 26.64 19.91
CA ASN E 824 -10.59 26.33 19.99
C ASN E 824 -11.21 26.11 18.61
N LYS E 825 -10.71 26.77 17.57
CA LYS E 825 -11.31 26.63 16.25
C LYS E 825 -10.92 25.33 15.55
N VAL E 826 -9.69 24.86 15.72
CA VAL E 826 -9.22 23.64 15.06
C VAL E 826 -9.58 22.45 15.94
N THR E 827 -10.18 21.44 15.32
CA THR E 827 -10.62 20.24 16.03
C THR E 827 -9.59 19.12 15.89
N ASN E 856 -6.12 -3.49 16.24
CA ASN E 856 -5.66 -3.38 14.86
C ASN E 856 -4.17 -3.06 14.76
N GLY E 857 -3.54 -2.71 15.88
CA GLY E 857 -2.13 -2.41 15.89
C GLY E 857 -1.77 -0.99 15.50
N LEU E 858 -2.77 -0.11 15.38
CA LEU E 858 -2.57 1.27 14.98
C LEU E 858 -2.56 2.13 16.24
N THR E 859 -1.49 2.91 16.43
CA THR E 859 -1.42 3.82 17.57
C THR E 859 -0.92 5.18 17.13
N VAL E 860 -0.96 6.11 18.08
CA VAL E 860 -0.54 7.49 17.92
C VAL E 860 0.46 7.80 19.00
N LEU E 861 1.59 8.40 18.62
CA LEU E 861 2.61 8.72 19.60
C LEU E 861 2.46 10.18 20.01
N PRO E 862 2.67 10.57 21.27
CA PRO E 862 2.56 11.98 21.64
C PRO E 862 3.73 12.79 21.10
N PRO E 863 3.55 14.10 20.92
CA PRO E 863 4.69 14.94 20.54
C PRO E 863 5.66 15.07 21.71
N LEU E 864 6.92 15.35 21.37
CA LEU E 864 7.90 15.56 22.42
C LEU E 864 7.65 16.88 23.15
N LEU E 865 7.27 17.92 22.43
CA LEU E 865 6.96 19.22 23.02
C LEU E 865 5.45 19.36 23.12
N THR E 866 4.95 19.54 24.34
CA THR E 866 3.52 19.67 24.58
C THR E 866 3.06 21.09 24.23
N ASP E 867 1.74 21.26 24.17
CA ASP E 867 1.19 22.55 23.77
C ASP E 867 1.65 23.67 24.70
N GLU E 868 1.77 23.39 26.00
CA GLU E 868 2.25 24.45 26.89
C GLU E 868 3.73 24.72 26.70
N MET E 869 4.48 23.77 26.13
CA MET E 869 5.90 24.00 25.92
C MET E 869 6.11 24.84 24.68
N ILE E 870 5.25 24.64 23.69
CA ILE E 870 5.29 25.44 22.48
C ILE E 870 4.86 26.85 22.85
N ALA E 871 3.82 26.95 23.68
CA ALA E 871 3.34 28.25 24.14
C ALA E 871 4.44 28.99 24.90
N GLN E 872 5.22 28.27 25.73
CA GLN E 872 6.31 28.93 26.43
C GLN E 872 7.38 29.41 25.47
N TYR E 873 7.69 28.63 24.42
CA TYR E 873 8.66 29.12 23.45
C TYR E 873 8.14 30.37 22.74
N THR E 874 6.85 30.36 22.39
CA THR E 874 6.28 31.52 21.70
C THR E 874 6.31 32.74 22.61
N SER E 875 5.96 32.56 23.88
CA SER E 875 5.96 33.68 24.81
C SER E 875 7.38 34.20 25.01
N ALA E 876 8.35 33.29 25.06
CA ALA E 876 9.74 33.74 25.19
C ALA E 876 10.16 34.56 23.99
N LEU E 877 9.74 34.13 22.79
CA LEU E 877 10.10 34.88 21.59
C LEU E 877 9.43 36.26 21.59
N LEU E 878 8.18 36.32 22.05
CA LEU E 878 7.50 37.62 22.08
C LEU E 878 8.13 38.54 23.10
N ALA E 879 8.47 38.01 24.28
CA ALA E 879 9.09 38.84 25.30
C ALA E 879 10.44 39.32 24.82
N GLY E 880 11.18 38.44 24.15
CA GLY E 880 12.49 38.82 23.65
C GLY E 880 12.39 39.93 22.63
N THR E 881 11.44 39.80 21.69
CA THR E 881 11.28 40.80 20.65
C THR E 881 10.85 42.14 21.25
N ILE E 882 9.86 42.11 22.14
CA ILE E 882 9.37 43.36 22.73
C ILE E 882 10.45 44.03 23.57
N CYS E 883 11.16 43.26 24.40
CA CYS E 883 12.19 43.85 25.25
C CYS E 883 13.38 44.35 24.44
N SER E 884 13.89 43.54 23.51
CA SER E 884 15.15 43.82 22.82
C SER E 884 15.10 43.74 21.30
N GLY E 885 13.93 43.59 20.70
CA GLY E 885 13.85 43.55 19.25
C GLY E 885 14.59 42.39 18.58
N TRP E 886 15.45 42.74 17.64
CA TRP E 886 16.16 41.74 16.83
C TRP E 886 17.53 41.41 17.39
N THR E 887 17.88 41.92 18.56
CA THR E 887 19.22 41.70 19.09
C THR E 887 19.32 40.38 19.86
N PHE E 888 18.21 39.88 20.41
CA PHE E 888 18.27 38.64 21.17
C PHE E 888 18.38 37.41 20.28
N GLY E 889 18.33 37.56 18.95
CA GLY E 889 18.50 36.45 18.05
C GLY E 889 19.87 36.43 17.40
N ALA E 890 20.74 37.40 17.74
CA ALA E 890 22.06 37.52 17.16
C ALA E 890 22.96 38.09 18.27
N GLY E 891 23.38 37.21 19.18
CA GLY E 891 24.12 37.62 20.35
C GLY E 891 23.20 37.90 21.53
N PRO E 892 23.70 38.62 22.54
CA PRO E 892 22.89 38.86 23.74
C PRO E 892 21.77 39.84 23.46
N ALA E 893 20.70 39.74 24.24
CA ALA E 893 19.60 40.69 24.12
C ALA E 893 20.01 42.05 24.67
N LEU E 894 19.63 43.10 23.94
CA LEU E 894 19.85 44.48 24.35
C LEU E 894 18.49 45.16 24.51
N GLN E 895 18.16 45.56 25.73
CA GLN E 895 16.84 46.15 25.94
C GLN E 895 16.75 47.50 25.22
N ILE E 896 15.57 47.80 24.69
CA ILE E 896 15.33 49.06 24.00
C ILE E 896 13.89 49.53 24.23
N PRO E 897 13.62 50.82 24.52
CA PRO E 897 12.24 51.28 24.59
C PRO E 897 11.51 50.90 23.30
N PHE E 898 10.26 50.45 23.42
CA PHE E 898 9.55 49.99 22.24
C PHE E 898 9.48 51.06 21.15
N PRO E 899 9.08 52.31 21.42
CA PRO E 899 8.99 53.29 20.31
C PRO E 899 10.32 53.49 19.60
N MET E 900 11.44 53.15 20.25
CA MET E 900 12.75 53.36 19.68
C MET E 900 13.05 52.17 18.77
N GLN E 901 12.39 51.04 19.03
CA GLN E 901 12.50 49.88 18.18
C GLN E 901 11.65 50.07 16.94
N MET E 902 10.44 50.59 17.13
CA MET E 902 9.62 50.90 15.97
C MET E 902 10.25 52.03 15.14
N ALA E 903 11.12 52.82 15.75
CA ALA E 903 11.80 53.88 15.01
C ALA E 903 12.91 53.28 14.17
N TYR E 904 13.73 52.42 14.79
CA TYR E 904 14.75 51.70 14.01
C TYR E 904 14.08 50.95 12.86
N ARG E 905 12.90 50.39 13.12
CA ARG E 905 12.19 49.58 12.14
C ARG E 905 11.63 50.46 11.02
N PHE E 906 11.38 51.73 11.32
CA PHE E 906 10.91 52.68 10.32
C PHE E 906 12.07 53.11 9.45
N ASN E 907 13.21 53.39 10.09
CA ASN E 907 14.44 53.63 9.34
C ASN E 907 14.57 52.49 8.33
N GLY E 908 14.59 51.24 8.82
CA GLY E 908 14.62 50.04 7.99
C GLY E 908 13.75 50.22 6.77
N ILE E 909 12.45 50.55 7.00
CA ILE E 909 11.50 50.69 5.89
C ILE E 909 12.07 51.63 4.84
N GLY E 910 12.69 52.72 5.31
CA GLY E 910 13.25 53.79 4.53
C GLY E 910 12.50 55.07 4.83
N VAL E 911 12.00 55.18 6.07
CA VAL E 911 11.26 56.32 6.58
C VAL E 911 12.03 56.85 7.78
N THR E 912 12.19 58.15 7.86
CA THR E 912 12.99 58.72 8.94
C THR E 912 12.29 58.61 10.30
N GLN E 913 13.11 58.78 11.34
CA GLN E 913 12.65 58.66 12.73
C GLN E 913 11.57 59.68 13.08
N ASN E 914 11.68 60.90 12.54
CA ASN E 914 10.71 61.92 12.90
C ASN E 914 9.30 61.58 12.46
N VAL E 915 9.13 60.72 11.46
CA VAL E 915 7.78 60.43 11.03
C VAL E 915 7.08 59.65 12.12
N LEU E 916 7.77 58.64 12.65
CA LEU E 916 7.19 57.82 13.70
C LEU E 916 7.01 58.61 14.98
N TYR E 917 7.98 59.46 15.33
CA TYR E 917 7.84 60.14 16.62
C TYR E 917 6.77 61.21 16.56
N GLU E 918 6.59 61.87 15.42
CA GLU E 918 5.53 62.86 15.34
C GLU E 918 4.16 62.19 15.26
N ASN E 919 4.08 60.99 14.66
CA ASN E 919 2.85 60.23 14.48
C ASN E 919 2.75 59.01 15.39
N GLN E 920 3.48 58.98 16.51
CA GLN E 920 3.48 57.80 17.39
C GLN E 920 2.08 57.42 17.85
N LYS E 921 1.22 58.41 18.17
CA LYS E 921 -0.11 58.08 18.65
C LYS E 921 -0.94 57.40 17.57
N LEU E 922 -0.82 57.89 16.34
CA LEU E 922 -1.57 57.30 15.23
C LEU E 922 -1.09 55.89 14.97
N ILE E 923 0.22 55.67 14.98
CA ILE E 923 0.77 54.36 14.69
C ILE E 923 0.33 53.36 15.74
N ALA E 924 0.41 53.75 17.02
CA ALA E 924 -0.03 52.85 18.08
C ALA E 924 -1.51 52.53 17.97
N ASN E 925 -2.33 53.51 17.59
CA ASN E 925 -3.77 53.24 17.46
C ASN E 925 -4.05 52.33 16.27
N GLN E 926 -3.33 52.53 15.16
CA GLN E 926 -3.53 51.69 14.00
C GLN E 926 -3.12 50.27 14.29
N PHE E 927 -2.02 50.10 15.03
CA PHE E 927 -1.56 48.77 15.40
C PHE E 927 -2.60 48.06 16.25
N ASN E 928 -3.10 48.75 17.29
CA ASN E 928 -4.05 48.10 18.20
C ASN E 928 -5.33 47.74 17.47
N SER E 929 -5.77 48.60 16.54
CA SER E 929 -6.97 48.30 15.78
C SER E 929 -6.74 47.12 14.86
N ALA E 930 -5.55 47.06 14.24
CA ALA E 930 -5.25 45.95 13.34
C ALA E 930 -5.24 44.64 14.10
N ILE E 931 -4.73 44.64 15.34
CA ILE E 931 -4.71 43.39 16.10
C ILE E 931 -6.15 42.98 16.43
N GLY E 932 -6.99 43.94 16.83
CA GLY E 932 -8.37 43.59 17.12
C GLY E 932 -9.03 43.01 15.89
N LYS E 933 -8.71 43.57 14.70
CA LYS E 933 -9.26 43.02 13.47
C LYS E 933 -8.78 41.60 13.25
N ILE E 934 -7.54 41.29 13.64
CA ILE E 934 -7.04 39.93 13.46
C ILE E 934 -7.89 38.98 14.29
N GLN E 935 -8.18 39.38 15.53
CA GLN E 935 -8.95 38.50 16.40
C GLN E 935 -10.36 38.28 15.85
N ASP E 936 -10.96 39.35 15.31
CA ASP E 936 -12.31 39.19 14.77
C ASP E 936 -12.29 38.39 13.48
N SER E 937 -11.27 38.59 12.64
CA SER E 937 -11.20 37.87 11.38
C SER E 937 -11.04 36.37 11.61
N LEU E 938 -10.13 36.01 12.52
CA LEU E 938 -9.91 34.59 12.79
C LEU E 938 -11.13 33.97 13.47
N SER E 939 -11.80 34.72 14.34
CA SER E 939 -12.97 34.18 15.04
C SER E 939 -14.14 33.95 14.09
N SER E 940 -14.43 34.92 13.22
CA SER E 940 -15.59 34.83 12.34
C SER E 940 -15.40 33.99 11.07
N THR E 941 -14.17 33.80 10.58
CA THR E 941 -13.97 33.05 9.33
C THR E 941 -13.21 31.74 9.53
N PRO E 942 -13.89 30.60 9.72
CA PRO E 942 -13.17 29.36 10.06
C PRO E 942 -12.29 28.85 8.92
N SER E 943 -12.56 29.27 7.67
CA SER E 943 -11.78 28.78 6.55
C SER E 943 -10.37 29.33 6.60
N ALA E 944 -10.14 30.37 7.41
CA ALA E 944 -8.82 30.96 7.52
C ALA E 944 -7.83 29.91 8.00
N LEU E 945 -8.31 28.96 8.83
CA LEU E 945 -7.41 27.99 9.44
C LEU E 945 -7.45 26.66 8.68
N GLY E 946 -8.04 26.67 7.47
CA GLY E 946 -8.20 25.46 6.69
C GLY E 946 -6.91 24.71 6.44
N LYS E 947 -5.79 25.44 6.27
CA LYS E 947 -4.51 24.79 5.99
C LYS E 947 -4.14 23.80 7.08
N LEU E 948 -4.47 24.10 8.34
CA LEU E 948 -4.09 23.15 9.37
C LEU E 948 -5.11 22.03 9.48
N GLN E 949 -6.39 22.36 9.26
CA GLN E 949 -7.44 21.36 9.38
C GLN E 949 -7.31 20.31 8.30
N ASP E 950 -6.89 20.72 7.11
CA ASP E 950 -6.75 19.78 6.02
C ASP E 950 -5.70 18.74 6.35
N VAL E 951 -4.60 19.16 6.99
CA VAL E 951 -3.56 18.20 7.33
C VAL E 951 -4.13 17.18 8.30
N VAL E 952 -4.89 17.66 9.29
CA VAL E 952 -5.47 16.76 10.26
C VAL E 952 -6.43 15.82 9.56
N ASN E 953 -7.25 16.37 8.66
CA ASN E 953 -8.25 15.55 8.01
C ASN E 953 -7.59 14.54 7.10
N GLN E 954 -6.50 14.93 6.43
CA GLN E 954 -5.88 13.99 5.52
C GLN E 954 -5.32 12.82 6.29
N ASN E 955 -4.73 13.08 7.46
CA ASN E 955 -4.17 11.95 8.17
C ASN E 955 -5.28 11.10 8.75
N ALA E 956 -6.37 11.75 9.17
CA ALA E 956 -7.49 10.98 9.70
C ALA E 956 -8.06 10.08 8.62
N GLN E 957 -8.16 10.61 7.40
CA GLN E 957 -8.72 9.79 6.33
C GLN E 957 -7.80 8.62 6.04
N ALA E 958 -6.49 8.86 6.06
CA ALA E 958 -5.57 7.78 5.78
C ALA E 958 -5.70 6.68 6.82
N LEU E 959 -5.85 7.07 8.09
CA LEU E 959 -5.99 6.04 9.10
C LEU E 959 -7.31 5.32 8.96
N ASN E 960 -8.38 6.04 8.64
CA ASN E 960 -9.64 5.34 8.52
C ASN E 960 -9.62 4.45 7.29
N THR E 961 -8.91 4.89 6.24
CA THR E 961 -8.83 4.05 5.06
C THR E 961 -8.06 2.79 5.41
N LEU E 962 -6.95 2.97 6.15
CA LEU E 962 -6.13 1.83 6.54
C LEU E 962 -6.96 0.83 7.33
N VAL E 963 -7.82 1.33 8.23
CA VAL E 963 -8.66 0.41 8.98
C VAL E 963 -9.70 -0.23 8.07
N LYS E 964 -10.31 0.57 7.18
CA LYS E 964 -11.36 0.04 6.31
C LYS E 964 -10.85 -1.10 5.43
N GLN E 965 -9.58 -1.05 5.02
CA GLN E 965 -9.04 -2.11 4.18
C GLN E 965 -9.09 -3.47 4.85
N LEU E 966 -9.16 -3.50 6.19
CA LEU E 966 -9.20 -4.78 6.88
C LEU E 966 -10.52 -5.52 6.62
N SER E 967 -11.57 -4.82 6.20
CA SER E 967 -12.86 -5.43 5.97
C SER E 967 -13.01 -6.00 4.56
N SER E 968 -12.02 -5.82 3.69
CA SER E 968 -12.11 -6.31 2.32
C SER E 968 -11.66 -7.77 2.24
N ASN E 969 -12.22 -8.48 1.26
CA ASN E 969 -11.86 -9.87 1.02
C ASN E 969 -10.62 -10.01 0.14
N PHE E 970 -10.42 -9.10 -0.82
CA PHE E 970 -9.31 -9.19 -1.78
C PHE E 970 -9.37 -10.48 -2.58
N GLY E 971 -10.55 -11.07 -2.70
CA GLY E 971 -10.78 -12.31 -3.40
C GLY E 971 -10.94 -13.50 -2.47
N ALA E 972 -10.67 -13.33 -1.17
CA ALA E 972 -10.80 -14.39 -0.20
C ALA E 972 -12.27 -14.71 0.08
N ILE E 973 -12.50 -15.92 0.60
CA ILE E 973 -13.85 -16.31 0.97
C ILE E 973 -14.40 -15.48 2.13
N SER E 974 -13.52 -14.86 2.92
CA SER E 974 -13.98 -14.00 4.01
C SER E 974 -12.86 -13.05 4.42
N SER E 975 -13.27 -11.86 4.85
CA SER E 975 -12.34 -10.86 5.37
C SER E 975 -11.81 -11.21 6.75
N VAL E 976 -12.41 -12.16 7.46
CA VAL E 976 -12.01 -12.50 8.83
C VAL E 976 -11.14 -13.77 8.78
N LEU E 977 -9.93 -13.65 9.36
CA LEU E 977 -8.97 -14.73 9.36
C LEU E 977 -9.51 -15.97 10.09
N ASN E 978 -10.26 -15.74 11.17
CA ASN E 978 -10.81 -16.86 11.93
C ASN E 978 -11.90 -17.59 11.17
N ASP E 979 -12.59 -16.91 10.25
CA ASP E 979 -13.63 -17.61 9.51
C ASP E 979 -12.98 -18.54 8.51
N ILE E 980 -11.88 -18.10 7.90
CA ILE E 980 -11.17 -18.93 6.93
C ILE E 980 -10.60 -20.15 7.65
N LEU E 981 -9.98 -19.93 8.81
CA LEU E 981 -9.38 -21.04 9.54
C LEU E 981 -10.42 -22.03 10.03
N SER E 982 -11.59 -21.55 10.47
CA SER E 982 -12.63 -22.47 10.92
C SER E 982 -13.37 -23.17 9.78
N ARG E 983 -13.53 -22.52 8.63
CA ARG E 983 -14.29 -23.10 7.53
C ARG E 983 -13.50 -24.06 6.63
N LEU E 984 -12.21 -23.81 6.39
CA LEU E 984 -11.42 -24.60 5.46
C LEU E 984 -10.37 -25.49 6.10
N ASP E 985 -10.10 -26.59 5.39
CA ASP E 985 -9.04 -27.53 5.74
C ASP E 985 -7.70 -26.81 5.59
N PRO E 986 -6.75 -27.00 6.53
CA PRO E 986 -5.43 -26.27 6.53
C PRO E 986 -4.86 -25.92 5.16
N PRO E 987 -4.59 -26.87 4.26
CA PRO E 987 -3.94 -26.47 2.99
C PRO E 987 -4.76 -25.50 2.15
N GLU E 988 -6.08 -25.45 2.33
CA GLU E 988 -6.93 -24.50 1.60
C GLU E 988 -6.90 -23.16 2.29
N ALA E 989 -6.90 -23.20 3.63
CA ALA E 989 -6.86 -22.00 4.42
C ALA E 989 -5.56 -21.27 4.18
N GLU E 990 -4.45 -22.00 4.02
CA GLU E 990 -3.17 -21.35 3.78
C GLU E 990 -3.26 -20.45 2.55
N VAL E 991 -3.95 -20.92 1.51
CA VAL E 991 -4.07 -20.13 0.29
C VAL E 991 -4.93 -18.90 0.54
N GLN E 992 -6.08 -19.09 1.22
CA GLN E 992 -6.96 -17.94 1.45
C GLN E 992 -6.32 -16.91 2.39
N ILE E 993 -5.53 -17.38 3.37
CA ILE E 993 -4.87 -16.48 4.29
C ILE E 993 -3.76 -15.74 3.57
N ASP E 994 -3.00 -16.44 2.71
CA ASP E 994 -1.94 -15.76 1.98
C ASP E 994 -2.52 -14.69 1.08
N ARG E 995 -3.70 -14.94 0.52
CA ARG E 995 -4.35 -13.90 -0.29
C ARG E 995 -4.69 -12.68 0.58
N LEU E 996 -5.23 -12.91 1.77
CA LEU E 996 -5.52 -11.77 2.64
C LEU E 996 -4.24 -11.07 3.08
N ILE E 997 -3.16 -11.81 3.29
CA ILE E 997 -1.89 -11.21 3.69
C ILE E 997 -1.41 -10.28 2.58
N THR E 998 -1.49 -10.74 1.33
CA THR E 998 -1.05 -9.90 0.22
C THR E 998 -1.89 -8.63 0.16
N GLY E 999 -3.22 -8.75 0.33
CA GLY E 999 -4.07 -7.57 0.28
C GLY E 999 -3.76 -6.56 1.38
N ARG E 1000 -3.60 -7.06 2.60
CA ARG E 1000 -3.33 -6.15 3.73
C ARG E 1000 -1.95 -5.54 3.61
N LEU E 1001 -0.95 -6.31 3.17
CA LEU E 1001 0.38 -5.75 3.03
C LEU E 1001 0.41 -4.68 1.97
N GLN E 1002 -0.27 -4.91 0.84
CA GLN E 1002 -0.31 -3.88 -0.20
C GLN E 1002 -0.95 -2.61 0.33
N SER E 1003 -2.02 -2.76 1.12
CA SER E 1003 -2.69 -1.58 1.68
C SER E 1003 -1.79 -0.85 2.67
N LEU E 1004 -1.04 -1.60 3.48
CA LEU E 1004 -0.16 -0.97 4.45
C LEU E 1004 1.00 -0.26 3.77
N GLN E 1005 1.56 -0.85 2.71
CA GLN E 1005 2.64 -0.17 2.00
C GLN E 1005 2.11 1.08 1.33
N THR E 1006 0.87 1.04 0.81
CA THR E 1006 0.30 2.23 0.19
C THR E 1006 0.16 3.34 1.23
N TYR E 1007 -0.33 2.98 2.43
CA TYR E 1007 -0.44 3.95 3.51
C TYR E 1007 0.92 4.56 3.85
N VAL E 1008 1.94 3.72 4.02
CA VAL E 1008 3.25 4.25 4.39
C VAL E 1008 3.80 5.15 3.29
N THR E 1009 3.63 4.76 2.02
CA THR E 1009 4.14 5.60 0.94
C THR E 1009 3.47 6.97 0.94
N GLN E 1010 2.14 7.00 1.11
CA GLN E 1010 1.49 8.31 1.12
C GLN E 1010 1.89 9.10 2.36
N GLN E 1011 2.23 8.42 3.46
CA GLN E 1011 2.67 9.15 4.64
C GLN E 1011 4.06 9.73 4.41
N LEU E 1012 4.92 9.02 3.68
CA LEU E 1012 6.25 9.55 3.40
C LEU E 1012 6.15 10.77 2.50
N ILE E 1013 5.25 10.76 1.53
CA ILE E 1013 5.13 11.91 0.64
C ILE E 1013 4.52 13.09 1.40
N ARG E 1014 3.44 12.84 2.15
CA ARG E 1014 2.84 13.93 2.90
C ARG E 1014 3.82 14.46 3.93
N ALA E 1015 4.61 13.58 4.54
CA ALA E 1015 5.60 14.01 5.52
C ALA E 1015 6.63 14.92 4.85
N ALA E 1016 7.00 14.62 3.60
CA ALA E 1016 7.94 15.49 2.91
C ALA E 1016 7.32 16.87 2.70
N GLU E 1017 6.01 16.89 2.41
CA GLU E 1017 5.33 18.18 2.24
C GLU E 1017 5.32 18.96 3.54
N ILE E 1018 5.10 18.26 4.65
CA ILE E 1018 5.10 18.91 5.96
C ILE E 1018 6.50 19.40 6.28
N ARG E 1019 7.53 18.62 5.95
CA ARG E 1019 8.89 19.06 6.21
C ARG E 1019 9.18 20.35 5.46
N ALA E 1020 8.77 20.43 4.20
CA ALA E 1020 8.99 21.66 3.44
C ALA E 1020 8.26 22.83 4.07
N SER E 1021 7.04 22.60 4.56
CA SER E 1021 6.29 23.65 5.22
C SER E 1021 6.99 24.10 6.51
N ALA E 1022 7.45 23.13 7.30
CA ALA E 1022 8.15 23.46 8.54
C ALA E 1022 9.43 24.23 8.27
N ASN E 1023 10.13 23.88 7.18
CA ASN E 1023 11.35 24.59 6.85
C ASN E 1023 11.04 26.02 6.45
N LEU E 1024 9.92 26.23 5.75
CA LEU E 1024 9.54 27.59 5.40
C LEU E 1024 9.16 28.37 6.64
N ALA E 1025 8.43 27.73 7.56
CA ALA E 1025 8.03 28.40 8.79
C ALA E 1025 9.26 28.76 9.63
N ALA E 1026 10.24 27.87 9.69
CA ALA E 1026 11.45 28.17 10.45
C ALA E 1026 12.21 29.32 9.81
N THR E 1027 12.23 29.36 8.48
CA THR E 1027 12.92 30.44 7.78
C THR E 1027 12.25 31.77 8.09
N LYS E 1028 10.92 31.79 8.05
CA LYS E 1028 10.18 33.01 8.36
C LYS E 1028 10.37 33.41 9.81
N MET E 1029 10.41 32.44 10.72
CA MET E 1029 10.63 32.74 12.13
C MET E 1029 11.97 33.42 12.31
N SER E 1030 13.01 32.85 11.71
CA SER E 1030 14.35 33.41 11.85
C SER E 1030 14.49 34.77 11.18
N GLU E 1031 13.89 34.96 9.99
CA GLU E 1031 14.08 36.19 9.24
C GLU E 1031 13.13 37.34 9.58
N CYS E 1032 11.93 37.06 10.09
CA CYS E 1032 10.93 38.09 10.35
C CYS E 1032 10.61 38.28 11.82
N VAL E 1033 10.63 37.22 12.63
CA VAL E 1033 10.38 37.40 14.06
C VAL E 1033 11.66 37.88 14.73
N LEU E 1034 12.80 37.28 14.37
CA LEU E 1034 14.09 37.60 14.94
C LEU E 1034 14.86 38.61 14.09
N GLY E 1035 14.19 39.29 13.17
CA GLY E 1035 14.84 40.26 12.31
C GLY E 1035 13.81 40.98 11.47
N GLN E 1036 14.28 42.01 10.77
CA GLN E 1036 13.45 42.77 9.84
C GLN E 1036 13.86 42.36 8.43
N SER E 1037 12.99 41.61 7.77
CA SER E 1037 13.24 41.13 6.42
C SER E 1037 13.00 42.22 5.38
N LYS E 1038 13.84 42.23 4.35
CA LYS E 1038 13.70 43.12 3.21
C LYS E 1038 13.17 42.38 1.98
N ARG E 1039 12.75 41.12 2.14
CA ARG E 1039 12.22 40.33 1.04
C ARG E 1039 10.77 40.72 0.81
N VAL E 1040 10.44 41.11 -0.41
CA VAL E 1040 9.09 41.58 -0.73
C VAL E 1040 8.10 40.44 -0.67
N ASP E 1041 7.01 40.65 0.06
CA ASP E 1041 5.92 39.69 0.27
C ASP E 1041 6.37 38.41 0.96
N PHE E 1042 7.56 38.38 1.56
CA PHE E 1042 7.96 37.20 2.31
C PHE E 1042 7.16 37.08 3.59
N CYS E 1043 6.93 38.20 4.26
CA CYS E 1043 6.22 38.27 5.54
C CYS E 1043 5.17 39.38 5.49
N GLY E 1044 4.11 39.13 4.72
CA GLY E 1044 3.01 40.08 4.61
C GLY E 1044 3.16 41.02 3.44
N LYS E 1045 2.03 41.60 3.03
CA LYS E 1045 2.03 42.57 1.95
C LYS E 1045 2.40 43.91 2.54
N GLY E 1046 3.18 44.68 1.79
CA GLY E 1046 3.64 45.99 2.24
C GLY E 1046 5.09 45.86 2.64
N TYR E 1047 5.61 46.91 3.25
CA TYR E 1047 7.01 46.91 3.63
C TYR E 1047 7.05 46.34 5.05
N HIS E 1048 7.92 45.36 5.27
CA HIS E 1048 7.92 44.66 6.55
C HIS E 1048 8.45 45.52 7.68
N LEU E 1049 7.71 45.51 8.79
CA LEU E 1049 8.09 46.13 10.05
C LEU E 1049 8.49 45.09 11.08
N MET E 1050 7.62 44.11 11.33
CA MET E 1050 7.90 43.13 12.38
C MET E 1050 6.90 42.00 12.24
N SER E 1051 7.11 40.93 13.02
CA SER E 1051 6.14 39.86 13.06
C SER E 1051 6.12 39.24 14.45
N PHE E 1052 5.04 38.53 14.74
CA PHE E 1052 4.84 37.87 16.02
C PHE E 1052 4.37 36.44 15.82
N PRO E 1053 5.04 35.43 16.39
CA PRO E 1053 4.54 34.06 16.26
C PRO E 1053 3.39 33.79 17.22
N GLN E 1054 2.52 32.86 16.83
CA GLN E 1054 1.51 32.30 17.70
C GLN E 1054 1.47 30.79 17.47
N SER E 1055 1.34 30.05 18.56
CA SER E 1055 1.22 28.60 18.48
C SER E 1055 -0.16 28.21 17.95
N ALA E 1056 -0.21 27.13 17.19
CA ALA E 1056 -1.49 26.60 16.72
C ALA E 1056 -1.37 25.09 16.69
N PRO E 1057 -2.50 24.37 16.74
CA PRO E 1057 -2.42 22.91 16.65
C PRO E 1057 -1.68 22.48 15.39
N HIS E 1058 -0.64 21.67 15.59
CA HIS E 1058 0.18 21.15 14.51
C HIS E 1058 0.63 22.26 13.56
N GLY E 1059 0.97 23.41 14.10
CA GLY E 1059 1.49 24.46 13.23
C GLY E 1059 1.75 25.77 13.94
N VAL E 1060 2.11 26.76 13.13
CA VAL E 1060 2.44 28.09 13.61
C VAL E 1060 1.71 29.13 12.77
N VAL E 1061 1.23 30.17 13.43
CA VAL E 1061 0.57 31.30 12.80
C VAL E 1061 1.43 32.52 13.04
N PHE E 1062 1.77 33.24 11.98
CA PHE E 1062 2.57 34.44 12.08
C PHE E 1062 1.68 35.64 11.81
N LEU E 1063 1.78 36.64 12.67
CA LEU E 1063 1.09 37.92 12.49
C LEU E 1063 2.14 38.88 11.97
N HIS E 1064 1.99 39.32 10.72
CA HIS E 1064 3.00 40.15 10.07
C HIS E 1064 2.51 41.60 10.06
N VAL E 1065 3.33 42.49 10.64
CA VAL E 1065 3.03 43.90 10.78
C VAL E 1065 3.85 44.61 9.72
N THR E 1066 3.15 45.31 8.81
CA THR E 1066 3.77 46.00 7.69
C THR E 1066 3.30 47.45 7.61
N TYR E 1067 4.14 48.26 6.96
CA TYR E 1067 3.90 49.68 6.67
C TYR E 1067 3.31 49.76 5.27
N VAL E 1068 2.11 50.33 5.13
CA VAL E 1068 1.45 50.42 3.84
C VAL E 1068 1.05 51.85 3.52
N PRO E 1069 1.50 52.45 2.41
CA PRO E 1069 1.03 53.80 2.04
C PRO E 1069 -0.49 53.83 1.92
N ALA E 1070 -1.11 54.89 2.44
CA ALA E 1070 -2.57 55.01 2.49
C ALA E 1070 -3.11 56.11 1.58
N GLN E 1071 -2.45 57.26 1.53
CA GLN E 1071 -2.91 58.40 0.74
C GLN E 1071 -1.71 58.91 -0.04
N GLU E 1072 -1.97 59.44 -1.24
CA GLU E 1072 -0.91 59.91 -2.12
C GLU E 1072 -1.30 61.20 -2.82
N LYS E 1073 -0.30 61.96 -3.23
CA LYS E 1073 -0.51 63.12 -4.10
C LYS E 1073 0.46 63.07 -5.26
N ASN E 1074 0.05 63.66 -6.39
CA ASN E 1074 0.90 63.75 -7.57
C ASN E 1074 1.65 65.08 -7.56
N PHE E 1075 2.97 65.02 -7.77
CA PHE E 1075 3.82 66.20 -7.82
C PHE E 1075 4.64 66.16 -9.09
N THR E 1076 5.05 67.35 -9.56
CA THR E 1076 5.94 67.40 -10.71
C THR E 1076 7.34 67.14 -10.16
N THR E 1077 8.17 66.45 -10.94
CA THR E 1077 9.53 66.14 -10.54
C THR E 1077 10.54 66.48 -11.63
N ALA E 1078 11.81 66.26 -11.31
CA ALA E 1078 12.94 66.47 -12.19
C ALA E 1078 14.10 65.61 -11.68
N PRO E 1079 14.94 65.06 -12.56
CA PRO E 1079 16.09 64.27 -12.08
C PRO E 1079 17.17 65.09 -11.39
N ALA E 1080 17.25 66.39 -11.63
CA ALA E 1080 18.30 67.21 -11.04
C ALA E 1080 17.86 68.66 -11.12
N ILE E 1081 18.49 69.50 -10.30
CA ILE E 1081 18.30 70.94 -10.34
C ILE E 1081 19.58 71.64 -10.76
N CYS E 1082 19.45 72.55 -11.72
CA CYS E 1082 20.54 73.39 -12.20
C CYS E 1082 20.53 74.73 -11.46
N HIS E 1083 21.67 75.10 -10.86
CA HIS E 1083 21.72 76.33 -10.07
C HIS E 1083 22.79 77.30 -10.57
N ASP E 1084 24.05 77.05 -10.26
CA ASP E 1084 25.16 77.94 -10.64
C ASP E 1084 25.97 77.34 -11.79
N GLY E 1085 25.33 76.53 -12.63
CA GLY E 1085 25.96 75.88 -13.75
C GLY E 1085 26.30 74.43 -13.48
N LYS E 1086 26.14 73.98 -12.24
CA LYS E 1086 26.39 72.61 -11.80
C LYS E 1086 25.05 71.92 -11.55
N ALA E 1087 25.07 70.59 -11.62
CA ALA E 1087 23.88 69.77 -11.41
C ALA E 1087 23.82 69.25 -9.98
N HIS E 1088 22.69 69.48 -9.32
CA HIS E 1088 22.45 69.07 -7.94
C HIS E 1088 21.50 67.87 -7.92
N PHE E 1089 21.90 66.82 -7.20
CA PHE E 1089 21.11 65.60 -7.06
C PHE E 1089 20.76 65.39 -5.59
N PRO E 1090 19.62 64.80 -5.26
CA PRO E 1090 19.32 64.57 -3.84
C PRO E 1090 20.29 63.58 -3.22
N ARG E 1091 20.64 63.80 -1.95
CA ARG E 1091 21.46 62.78 -1.31
C ARG E 1091 20.62 61.56 -0.95
N GLU E 1092 19.45 61.79 -0.35
CA GLU E 1092 18.54 60.72 0.06
C GLU E 1092 17.10 61.23 -0.11
N GLY E 1093 16.62 61.25 -1.35
CA GLY E 1093 15.30 61.80 -1.58
C GLY E 1093 15.02 62.05 -3.04
N VAL E 1094 13.88 62.70 -3.27
CA VAL E 1094 13.39 63.05 -4.60
C VAL E 1094 12.99 64.52 -4.64
N PHE E 1095 13.30 65.20 -5.74
CA PHE E 1095 12.89 66.58 -5.91
C PHE E 1095 11.44 66.62 -6.41
N VAL E 1096 10.62 67.45 -5.78
CA VAL E 1096 9.22 67.59 -6.10
C VAL E 1096 8.90 69.07 -6.26
N SER E 1097 7.82 69.36 -6.97
CA SER E 1097 7.33 70.71 -7.17
C SER E 1097 5.85 70.75 -6.80
N ASN E 1098 5.43 71.83 -6.16
CA ASN E 1098 4.04 72.01 -5.77
C ASN E 1098 3.33 73.00 -6.69
N GLY E 1099 3.92 73.30 -7.86
CA GLY E 1099 3.35 74.18 -8.84
C GLY E 1099 4.06 75.51 -8.94
N THR E 1100 4.68 75.96 -7.83
CA THR E 1100 5.45 77.20 -7.81
C THR E 1100 6.81 77.12 -7.12
N HIS E 1101 7.04 76.17 -6.20
CA HIS E 1101 8.34 76.00 -5.57
C HIS E 1101 8.78 74.54 -5.55
N TRP E 1102 10.09 74.36 -5.70
CA TRP E 1102 10.76 73.06 -5.63
C TRP E 1102 11.22 72.74 -4.21
N PHE E 1103 10.99 71.50 -3.80
CA PHE E 1103 11.33 70.97 -2.49
C PHE E 1103 11.93 69.59 -2.69
N VAL E 1104 12.64 69.09 -1.68
CA VAL E 1104 13.16 67.72 -1.69
C VAL E 1104 12.48 66.97 -0.55
N THR E 1105 12.02 65.76 -0.85
CA THR E 1105 11.33 64.92 0.12
C THR E 1105 11.99 63.55 0.21
N GLN E 1106 11.64 62.83 1.27
CA GLN E 1106 12.00 61.43 1.35
C GLN E 1106 11.12 60.66 0.37
N ARG E 1107 11.59 59.49 -0.06
CA ARG E 1107 10.87 58.78 -1.12
C ARG E 1107 9.57 58.13 -0.64
N ASN E 1108 9.48 57.70 0.62
CA ASN E 1108 8.33 56.95 1.09
C ASN E 1108 7.34 57.77 1.92
N PHE E 1109 7.51 59.08 1.99
CA PHE E 1109 6.63 59.91 2.81
C PHE E 1109 6.80 61.36 2.38
N TYR E 1110 5.70 62.07 2.16
CA TYR E 1110 5.82 63.45 1.71
C TYR E 1110 6.17 64.35 2.90
N GLU E 1111 7.35 64.94 2.83
CA GLU E 1111 7.86 65.81 3.90
C GLU E 1111 8.73 66.88 3.25
N PRO E 1112 8.13 67.94 2.72
CA PRO E 1112 8.94 68.91 1.97
C PRO E 1112 9.87 69.70 2.87
N GLN E 1113 11.09 69.88 2.37
CA GLN E 1113 12.11 70.67 3.00
C GLN E 1113 12.75 71.59 1.96
N ILE E 1114 13.32 72.69 2.44
CA ILE E 1114 14.02 73.60 1.53
C ILE E 1114 15.23 72.86 0.96
N ILE E 1115 15.46 73.04 -0.34
CA ILE E 1115 16.58 72.40 -1.02
C ILE E 1115 17.84 73.21 -0.69
N THR E 1116 18.82 72.55 -0.10
CA THR E 1116 20.05 73.18 0.37
C THR E 1116 21.25 72.37 -0.07
N THR E 1117 22.44 72.92 0.19
CA THR E 1117 23.69 72.23 -0.15
C THR E 1117 23.97 71.04 0.78
N ASP E 1118 23.21 70.89 1.87
CA ASP E 1118 23.37 69.75 2.75
C ASP E 1118 22.48 68.58 2.32
N ASN E 1119 21.35 68.88 1.70
CA ASN E 1119 20.41 67.84 1.30
C ASN E 1119 20.82 67.22 -0.04
N THR E 1120 21.52 67.96 -0.88
CA THR E 1120 21.95 67.52 -2.20
C THR E 1120 23.47 67.38 -2.27
N PHE E 1121 23.91 66.73 -3.36
CA PHE E 1121 25.32 66.63 -3.73
C PHE E 1121 25.43 67.10 -5.17
N VAL E 1122 26.63 67.53 -5.55
CA VAL E 1122 26.88 68.08 -6.88
C VAL E 1122 27.82 67.16 -7.65
N SER E 1123 27.42 66.83 -8.88
CA SER E 1123 28.23 66.01 -9.78
C SER E 1123 27.88 66.38 -11.22
N GLY E 1124 28.86 66.88 -11.97
CA GLY E 1124 28.63 67.25 -13.36
C GLY E 1124 28.02 68.63 -13.51
N ASN E 1125 27.90 69.05 -14.78
CA ASN E 1125 27.34 70.36 -15.12
C ASN E 1125 25.87 70.22 -15.54
N CYS E 1126 25.25 71.36 -15.85
CA CYS E 1126 23.85 71.42 -16.25
C CYS E 1126 23.57 70.95 -17.67
N ASP E 1127 24.59 70.62 -18.46
CA ASP E 1127 24.40 70.27 -19.86
C ASP E 1127 24.14 68.79 -20.11
N VAL E 1128 24.55 67.91 -19.20
CA VAL E 1128 24.49 66.47 -19.46
C VAL E 1128 23.16 65.86 -19.02
N VAL E 1129 22.63 66.22 -17.86
CA VAL E 1129 21.42 65.57 -17.36
C VAL E 1129 20.23 65.97 -18.20
N ILE E 1130 19.47 64.97 -18.64
CA ILE E 1130 18.27 65.18 -19.45
C ILE E 1130 17.12 65.61 -18.52
N GLY E 1131 16.48 66.73 -18.85
CA GLY E 1131 15.37 67.20 -18.05
C GLY E 1131 15.74 67.96 -16.79
N ILE E 1132 16.92 68.57 -16.74
CA ILE E 1132 17.31 69.33 -15.56
C ILE E 1132 16.50 70.63 -15.52
N VAL E 1133 16.03 71.00 -14.32
CA VAL E 1133 15.21 72.20 -14.12
C VAL E 1133 16.01 73.25 -13.36
N ASN E 1134 15.89 74.50 -13.80
CA ASN E 1134 16.56 75.60 -13.13
C ASN E 1134 15.84 75.96 -11.83
N ASN E 1135 16.60 76.05 -10.73
CA ASN E 1135 16.02 76.43 -9.45
C ASN E 1135 17.11 76.95 -8.52
N THR E 1136 16.65 77.67 -7.51
CA THR E 1136 17.52 78.12 -6.42
C THR E 1136 17.90 76.98 -5.48
N VAL E 1137 19.16 76.99 -5.06
CA VAL E 1137 19.69 76.09 -4.03
C VAL E 1137 20.23 76.99 -2.93
N TYR E 1138 19.76 76.75 -1.71
CA TYR E 1138 20.09 77.58 -0.55
C TYR E 1138 21.40 77.13 0.09
N ASP E 1139 22.28 78.09 0.36
CA ASP E 1139 23.55 77.85 1.04
C ASP E 1139 23.42 78.32 2.49
N PRO E 1140 23.34 77.42 3.48
CA PRO E 1140 23.17 77.87 4.87
C PRO E 1140 24.26 78.80 5.41
N LEU E 1141 25.44 78.86 4.78
CA LEU E 1141 26.50 79.73 5.31
C LEU E 1141 26.38 81.18 4.86
N GLN E 1142 25.72 81.47 3.74
CA GLN E 1142 25.72 82.84 3.23
C GLN E 1142 25.10 83.85 4.19
N PRO E 1143 24.02 83.57 4.92
CA PRO E 1143 23.53 84.55 5.89
C PRO E 1143 24.44 84.74 7.10
N GLU E 1144 25.45 83.90 7.27
CA GLU E 1144 26.33 83.96 8.44
C GLU E 1144 27.76 83.62 8.04
C1 NAG F . -33.02 -17.39 29.97
C2 NAG F . -33.61 -16.03 29.55
C3 NAG F . -33.35 -14.98 30.64
C4 NAG F . -33.85 -15.48 31.98
C5 NAG F . -33.21 -16.83 32.30
C6 NAG F . -33.72 -17.43 33.59
C7 NAG F . -33.79 -15.44 27.17
C8 NAG F . -33.05 -14.97 25.96
N2 NAG F . -33.06 -15.60 28.28
O3 NAG F . -34.04 -13.78 30.29
O4 NAG F . -33.49 -14.56 33.00
O5 NAG F . -33.54 -17.76 31.26
O6 NAG F . -33.51 -16.56 34.69
O7 NAG F . -34.99 -15.65 27.14
C1 NAG G . 48.75 29.77 10.98
C2 NAG G . 50.14 30.40 10.82
C3 NAG G . 51.23 29.33 10.91
C4 NAG G . 51.06 28.48 12.16
C5 NAG G . 49.66 27.90 12.20
C6 NAG G . 49.38 27.10 13.46
C7 NAG G . 50.68 32.39 9.46
C8 NAG G . 50.70 32.96 8.08
N2 NAG G . 50.25 31.12 9.56
O3 NAG G . 52.51 29.95 10.92
O4 NAG G . 52.01 27.43 12.18
O5 NAG G . 48.71 28.97 12.18
O6 NAG G . 50.35 26.06 13.63
O7 NAG G . 51.02 33.04 10.45
C1 NAG H . -4.67 3.69 35.11
C2 NAG H . -5.21 5.06 34.74
C3 NAG H . -5.77 5.75 35.98
C4 NAG H . -6.83 4.87 36.62
C5 NAG H . -6.25 3.49 36.94
C6 NAG H . -7.28 2.52 37.47
C7 NAG H . -3.95 5.95 32.82
C8 NAG H . -2.84 6.85 32.38
N2 NAG H . -4.17 5.89 34.14
O3 NAG H . -6.34 7.00 35.62
O4 NAG H . -7.30 5.46 37.83
O5 NAG H . -5.71 2.91 35.75
O6 NAG H . -7.86 2.98 38.67
O7 NAG H . -4.62 5.30 32.02
C1 NAG I . 37.14 42.93 24.31
C2 NAG I . 38.26 43.47 25.21
C3 NAG I . 39.59 42.81 24.85
C4 NAG I . 39.46 41.29 24.85
C5 NAG I . 38.31 40.88 23.93
C6 NAG I . 38.06 39.38 23.94
C7 NAG I . 37.62 45.76 25.80
C8 NAG I . 37.87 47.22 25.57
N2 NAG I . 38.37 44.92 25.10
O3 NAG I . 40.58 43.19 25.80
O4 NAG I . 40.66 40.68 24.41
O5 NAG I . 37.10 41.50 24.37
O6 NAG I . 38.93 38.70 23.05
O7 NAG I . 36.76 45.37 26.59
C1 NAG J . -38.85 -41.38 28.52
C2 NAG J . -37.79 -40.34 28.15
C3 NAG J . -36.53 -40.53 29.00
C4 NAG J . -36.89 -40.56 30.48
C5 NAG J . -37.96 -41.62 30.74
C6 NAG J . -38.43 -41.65 32.17
C7 NAG J . -37.01 -39.36 26.05
C8 NAG J . -36.73 -39.61 24.60
N2 NAG J . -37.46 -40.41 26.74
O3 NAG J . -35.61 -39.48 28.74
O4 NAG J . -35.74 -40.86 31.26
O5 NAG J . -39.11 -41.33 29.93
O6 NAG J . -37.40 -42.09 33.05
O7 NAG J . -36.83 -38.27 26.56
C1 NAG K . 30.29 61.33 30.72
C2 NAG K . 30.84 61.53 32.13
C3 NAG K . 31.43 62.92 32.29
C4 NAG K . 32.50 63.16 31.22
C5 NAG K . 31.91 62.91 29.83
C6 NAG K . 32.95 63.00 28.73
C7 NAG K . 29.76 60.25 33.94
C8 NAG K . 28.61 60.20 34.89
N2 NAG K . 29.79 61.31 33.12
O3 NAG K . 32.01 63.05 33.58
O4 NAG K . 32.97 64.50 31.29
O5 NAG K . 31.34 61.60 29.75
O6 NAG K . 33.25 64.35 28.41
O7 NAG K . 30.61 59.37 33.89
C1 NAG L . 31.92 52.02 -21.74
C2 NAG L . 32.57 53.03 -22.69
C3 NAG L . 31.62 53.38 -23.83
C4 NAG L . 31.10 52.12 -24.50
C5 NAG L . 30.49 51.18 -23.47
C6 NAG L . 30.04 49.87 -24.05
C7 NAG L . 34.15 54.35 -21.34
C8 NAG L . 34.38 55.67 -20.66
N2 NAG L . 32.97 54.23 -21.98
O3 NAG L . 32.29 54.20 -24.77
O4 NAG L . 30.10 52.46 -25.47
O5 NAG L . 31.47 50.88 -22.47
O6 NAG L . 28.73 49.53 -23.60
O7 NAG L . 34.96 53.44 -21.31
C1 NAG M . 11.87 49.05 -30.42
C2 NAG M . 11.58 50.19 -31.39
C3 NAG M . 10.85 49.66 -32.62
C4 NAG M . 11.65 48.53 -33.25
C5 NAG M . 11.93 47.45 -32.23
C6 NAG M . 12.82 46.35 -32.76
C7 NAG M . 11.34 52.38 -30.29
C8 NAG M . 10.38 53.34 -29.66
N2 NAG M . 10.80 51.24 -30.76
O3 NAG M . 10.67 50.71 -33.56
O4 NAG M . 10.93 47.97 -34.34
O5 NAG M . 12.60 48.01 -31.09
O6 NAG M . 13.33 45.54 -31.70
O7 NAG M . 12.54 52.61 -30.36
C1 NAG N . 53.28 62.13 8.55
C2 NAG N . 54.22 60.93 8.67
C3 NAG N . 54.81 60.83 10.07
C4 NAG N . 55.43 62.17 10.50
C5 NAG N . 54.40 63.27 10.36
C6 NAG N . 54.96 64.64 10.68
C7 NAG N . 53.61 59.12 7.13
C8 NAG N . 52.83 57.84 6.96
N2 NAG N . 53.53 59.69 8.33
O3 NAG N . 55.80 59.81 10.10
O4 NAG N . 55.86 62.10 11.84
O5 NAG N . 53.95 63.33 8.99
O6 NAG N . 55.30 64.76 12.05
O7 NAG N . 54.27 59.59 6.21
C1 NAG O . 47.18 62.15 -11.91
C2 NAG O . 47.05 63.68 -11.90
C3 NAG O . 47.94 64.27 -12.99
C4 NAG O . 49.37 63.80 -12.81
C5 NAG O . 49.42 62.28 -12.78
C6 NAG O . 50.80 61.73 -12.50
C7 NAG O . 44.84 64.41 -11.10
C8 NAG O . 43.45 64.81 -11.50
N2 NAG O . 45.67 64.09 -12.10
O3 NAG O . 47.87 65.69 -12.93
O4 NAG O . 50.19 64.29 -13.87
O5 NAG O . 48.55 61.78 -11.76
O6 NAG O . 50.74 60.36 -12.14
O7 NAG O . 45.20 64.39 -9.92
C1 NAG P . -3.98 59.67 8.10
C2 NAG P . -4.72 60.92 8.60
C3 NAG P . -5.37 60.65 9.96
C4 NAG P . -6.21 59.39 9.90
C5 NAG P . -5.37 58.22 9.40
C6 NAG P . -6.16 56.94 9.26
C7 NAG P . -3.54 62.85 7.64
C8 NAG P . -2.60 63.98 7.91
N2 NAG P . -3.82 62.06 8.68
O3 NAG P . -6.19 61.77 10.31
O4 NAG P . -6.73 59.09 11.20
O5 NAG P . -4.86 58.53 8.11
O6 NAG P . -6.28 56.28 10.52
O7 NAG P . -4.03 62.66 6.53
C1 NAG Q . -5.62 46.43 25.39
C2 NAG Q . -5.57 47.08 26.79
C3 NAG Q . -6.63 46.45 27.69
C4 NAG Q . -7.99 46.47 27.02
C5 NAG Q . -7.91 45.81 25.66
C6 NAG Q . -9.22 45.85 24.90
C7 NAG Q . -3.29 47.88 27.21
C8 NAG Q . -1.99 47.59 27.91
N2 NAG Q . -4.25 46.96 27.38
O3 NAG Q . -6.67 47.17 28.92
O4 NAG Q . -8.94 45.78 27.83
O5 NAG Q . -6.94 46.48 24.86
O6 NAG Q . -10.31 45.50 25.74
O7 NAG Q . -3.46 48.88 26.54
C1 NAG R . 4.36 75.83 -2.62
C2 NAG R . 3.18 76.79 -2.77
C3 NAG R . 3.59 78.19 -2.32
C4 NAG R . 4.14 78.14 -0.90
C5 NAG R . 5.28 77.13 -0.80
C6 NAG R . 5.77 76.94 0.62
C7 NAG R . 1.61 76.17 -4.54
C8 NAG R . 1.25 76.32 -6.00
N2 NAG R . 2.70 76.83 -4.14
O3 NAG R . 2.47 79.06 -2.38
O4 NAG R . 4.61 79.43 -0.51
O5 NAG R . 4.85 75.84 -1.27
O6 NAG R . 4.76 76.36 1.44
O7 NAG R . 0.93 75.48 -3.78
#